data_6M16
#
_entry.id   6M16
#
_cell.length_a   1.00
_cell.length_b   1.00
_cell.length_c   1.00
_cell.angle_alpha   90.00
_cell.angle_beta   90.00
_cell.angle_gamma   90.00
#
_symmetry.space_group_name_H-M   'P 1'
#
loop_
_entity.id
_entity.type
_entity.pdbx_description
1 polymer 'Spike glycoprotein'
2 branched 2-acetamido-2-deoxy-beta-D-glucopyranose-(1-4)-2-acetamido-2-deoxy-beta-D-glucopyranose
3 branched beta-D-mannopyranose-(1-4)-2-acetamido-2-deoxy-beta-D-glucopyranose-(1-4)-2-acetamido-2-deoxy-beta-D-glucopyranose
4 non-polymer 2-acetamido-2-deoxy-beta-D-glucopyranose
#
_entity_poly.entity_id   1
_entity_poly.type   'polypeptide(L)'
_entity_poly.pdbx_seq_one_letter_code
;MKLFTVFTLLASIRVLYGCESVDFNLFNTIFSTHRGLSNTTSVITGAYPSTNKSDWSCNTRTGHLSGSGFGIGLYVQTPR
EQYQYDGSGAGGYTIAVSPIHVTNLTWELWIHRKWGVNSVVTVRLCRWWQFMSFNSTSHAADAGPTNAFECLINGSYPTH
RNTGYMFGVTWYNDLVRIVFPPTVLEMQLDGLQWERVQFNSPVNAGHATRFNVVKDISTVLVETNSGGSVFRYSYCADGF
VNGLQCKLRLFDIPPGVYSNSEVEYPTALYTVVHNMSACPERPDSYCGSNSCPFKRAVFSNCIVNYTTWVNPDQRDFQHL
ILSNGKFNPFTECNGLNRIVDGCVPGFVLRVGRGKAVNRTIVTPYLKPYECFGWSWNDNQDSIYDWWIADFVSTGAFVCE
SNPEAPKTGVCVTYTVEKVTFQGVLYESNFTFAQYYNLLYVGSQLRYVRILGKVYEVSSCFEASYDVLYRNNQSFGLLYR
SFDCNQLHIKSARFVDRLLPSHNGTATVLGCLFNASYAPNDTMVNCTNPLGDGFCADLLGNVAVRRMTFEKHDTTYVAPV
TNERYTEMPLDHQLILTEQFLQTTMPKFSVSCETYICDVSKACKNLLFRYGGFCQKVEADIRGAGILLDGDVSSLYSTIA
AKTSSVVPTTDRFNVSQFFLPKTQSSANKYESRSAIEDLLFSKIETTGPGFYGDYYNCKKNAIQDLTCAQYHNGILVIPP
IMDAETLGMYGGIAAASVTLGIFGGQAGMATWSVAMAGRLNALGVVQNALVDDVNKLANGFNQLTASVSKLALTTSSALQ
AIQAVVNQNAAQVESLVSGITENFGAISTNFKVISQRLDKLEADVQMDRLINGRMNVLQLFVTNYKLKIAELRNTHRYVQ
SLINECVYAQSLRNGFCGQGLHVLSLMQNAPSGIMFFHYSLIPNNTITVKTTPGLCESDELGSKCIVAKDGVLVSANLSY
WQWSPRNLYKPENLTFANVIAVSRGANYTTLNKTFDIPELNSTFPIEEEFREYFQNMSSELQVLKNLTADMSKLNISAEI
QLINEIAHNVSNMRVEVEKFQRYVNYVKLEVLFQGPGGGSGGGSGYIPEAPRDGQAYVRKDGEWVLLSTFLGWSHPQFEK
;
_entity_poly.pdbx_strand_id   B,A,C
#
loop_
_chem_comp.id
_chem_comp.type
_chem_comp.name
_chem_comp.formula
BMA D-saccharide, beta linking beta-D-mannopyranose 'C6 H12 O6'
NAG D-saccharide, beta linking 2-acetamido-2-deoxy-beta-D-glucopyranose 'C8 H15 N O6'
#
# COMPACT_ATOMS: atom_id res chain seq x y z
N CYS A 19 -42.24 33.65 13.78
CA CYS A 19 -43.55 33.36 14.33
C CYS A 19 -43.41 32.99 15.79
N GLU A 20 -44.46 32.44 16.38
CA GLU A 20 -44.46 32.07 17.78
C GLU A 20 -44.81 30.62 18.03
N SER A 21 -45.66 30.02 17.21
CA SER A 21 -46.11 28.65 17.44
C SER A 21 -45.54 27.68 16.41
N VAL A 22 -44.29 27.90 15.99
CA VAL A 22 -43.64 26.99 15.05
C VAL A 22 -43.37 25.66 15.75
N ASP A 23 -43.96 24.59 15.24
CA ASP A 23 -43.72 23.27 15.78
C ASP A 23 -42.37 22.78 15.26
N PHE A 24 -41.41 22.60 16.16
CA PHE A 24 -40.13 22.06 15.78
C PHE A 24 -40.09 20.54 15.81
N ASN A 25 -41.15 19.89 16.29
CA ASN A 25 -41.23 18.44 16.22
C ASN A 25 -41.85 17.96 14.92
N LEU A 26 -42.24 18.85 14.03
CA LEU A 26 -42.64 18.46 12.69
C LEU A 26 -41.49 18.49 11.71
N PHE A 27 -40.28 18.86 12.16
CA PHE A 27 -39.18 18.89 11.23
C PHE A 27 -38.68 17.49 10.92
N ASN A 28 -39.03 16.52 11.77
CA ASN A 28 -38.60 15.14 11.58
C ASN A 28 -39.15 14.52 10.31
N THR A 29 -40.31 14.99 9.86
CA THR A 29 -41.00 14.33 8.75
C THR A 29 -40.44 14.68 7.39
N ILE A 30 -39.50 15.62 7.29
CA ILE A 30 -39.03 16.08 6.00
C ILE A 30 -37.61 15.66 5.70
N PHE A 31 -36.85 15.17 6.68
CA PHE A 31 -35.47 14.82 6.44
C PHE A 31 -35.36 13.44 5.82
N SER A 32 -34.43 13.30 4.89
CA SER A 32 -34.17 12.03 4.24
C SER A 32 -32.67 11.84 4.10
N THR A 33 -32.21 10.61 4.31
CA THR A 33 -30.84 10.26 3.97
C THR A 33 -30.80 9.84 2.51
N HIS A 34 -29.60 9.63 1.99
CA HIS A 34 -29.50 9.32 0.57
C HIS A 34 -29.86 7.86 0.28
N ARG A 35 -29.69 6.98 1.25
CA ARG A 35 -30.13 5.59 1.18
C ARG A 35 -31.22 5.37 2.21
N GLY A 36 -31.71 4.15 2.26
CA GLY A 36 -32.58 3.75 3.36
C GLY A 36 -31.75 3.08 4.44
N LEU A 37 -31.62 3.71 5.59
CA LEU A 37 -30.74 3.24 6.65
C LEU A 37 -31.58 2.94 7.88
N SER A 38 -31.27 1.85 8.56
CA SER A 38 -32.05 1.42 9.71
C SER A 38 -31.22 1.53 10.98
N ASN A 39 -31.82 2.12 12.03
CA ASN A 39 -31.24 2.25 13.38
C ASN A 39 -29.89 2.96 13.37
N THR A 40 -29.83 4.12 12.72
CA THR A 40 -28.54 4.70 12.34
C THR A 40 -28.53 6.21 12.53
N THR A 41 -27.43 6.73 13.07
CA THR A 41 -27.18 8.17 13.16
C THR A 41 -26.32 8.62 11.98
N SER A 42 -26.82 9.58 11.21
CA SER A 42 -26.18 10.00 9.97
C SER A 42 -26.10 11.51 9.90
N VAL A 43 -25.20 12.01 9.06
CA VAL A 43 -24.99 13.44 8.85
C VAL A 43 -25.43 13.78 7.43
N ILE A 44 -26.46 14.61 7.31
CA ILE A 44 -26.99 15.00 6.00
C ILE A 44 -26.82 16.51 5.82
N THR A 45 -26.83 16.94 4.57
CA THR A 45 -26.68 18.35 4.24
C THR A 45 -27.56 18.71 3.06
N GLY A 46 -27.85 20.00 2.94
CA GLY A 46 -28.70 20.50 1.89
C GLY A 46 -29.53 21.64 2.41
N ALA A 47 -30.55 21.99 1.63
CA ALA A 47 -31.38 23.16 1.94
C ALA A 47 -32.51 22.75 2.87
N TYR A 48 -32.37 23.06 4.14
CA TYR A 48 -33.25 22.61 5.20
C TYR A 48 -33.73 23.81 6.01
N PRO A 49 -34.93 23.75 6.59
CA PRO A 49 -35.56 24.97 7.11
C PRO A 49 -34.92 25.46 8.40
N SER A 50 -34.85 26.78 8.54
CA SER A 50 -34.18 27.41 9.67
C SER A 50 -34.97 27.19 10.97
N THR A 51 -34.22 26.84 12.00
CA THR A 51 -34.73 26.68 13.35
C THR A 51 -34.90 28.00 14.09
N ASN A 52 -34.39 29.09 13.54
CA ASN A 52 -34.61 30.41 14.11
C ASN A 52 -36.08 30.81 13.94
N LYS A 53 -36.73 31.22 15.03
CA LYS A 53 -38.11 31.67 14.95
C LYS A 53 -38.25 33.00 14.23
N SER A 54 -37.16 33.73 14.02
CA SER A 54 -37.18 34.99 13.29
C SER A 54 -37.02 34.80 11.79
N ASP A 55 -37.39 33.64 11.27
CA ASP A 55 -37.40 33.38 9.83
C ASP A 55 -38.74 32.83 9.35
N TRP A 56 -39.72 32.69 10.22
CA TRP A 56 -41.03 32.14 9.89
C TRP A 56 -42.05 33.27 9.78
N SER A 57 -42.29 33.73 8.56
CA SER A 57 -43.26 34.80 8.30
C SER A 57 -44.66 34.24 8.49
N CYS A 58 -45.27 34.57 9.61
CA CYS A 58 -46.40 33.83 10.14
C CYS A 58 -47.59 34.72 10.50
N ASN A 59 -47.30 35.92 11.02
CA ASN A 59 -48.29 36.76 11.68
C ASN A 59 -48.46 38.13 11.00
N THR A 60 -48.62 38.13 9.68
CA THR A 60 -48.81 39.37 8.94
C THR A 60 -50.30 39.61 8.71
N ARG A 61 -50.82 40.71 9.25
CA ARG A 61 -52.20 41.12 9.04
C ARG A 61 -52.32 42.33 8.11
N THR A 62 -51.24 42.70 7.43
CA THR A 62 -51.19 43.90 6.60
C THR A 62 -51.65 43.67 5.17
N GLY A 63 -52.06 42.45 4.82
CA GLY A 63 -52.35 42.12 3.43
C GLY A 63 -51.14 41.75 2.61
N HIS A 64 -49.94 41.77 3.19
CA HIS A 64 -48.71 41.36 2.52
C HIS A 64 -48.19 40.05 3.11
N LEU A 65 -49.11 39.11 3.37
CA LEU A 65 -48.77 37.72 3.61
C LEU A 65 -48.22 37.04 2.36
N SER A 66 -48.47 37.63 1.18
CA SER A 66 -47.84 37.17 -0.04
C SER A 66 -46.33 37.26 0.06
N GLY A 67 -45.78 38.47 0.07
CA GLY A 67 -44.33 38.59 0.12
C GLY A 67 -43.60 37.96 -1.08
N SER A 68 -42.33 37.72 -0.86
CA SER A 68 -41.45 37.13 -1.86
C SER A 68 -40.21 36.64 -1.14
N GLY A 69 -39.30 36.04 -1.91
CA GLY A 69 -38.04 35.59 -1.37
C GLY A 69 -37.02 35.46 -2.48
N PHE A 70 -35.75 35.50 -2.09
CA PHE A 70 -34.61 35.34 -2.98
C PHE A 70 -33.74 34.19 -2.50
N GLY A 71 -34.39 33.09 -2.13
CA GLY A 71 -33.72 31.96 -1.53
C GLY A 71 -33.56 30.79 -2.47
N ILE A 72 -33.37 29.62 -1.88
CA ILE A 72 -33.17 28.38 -2.63
C ILE A 72 -34.24 27.34 -2.33
N GLY A 73 -35.24 27.69 -1.54
CA GLY A 73 -36.33 26.78 -1.29
C GLY A 73 -37.29 27.45 -0.35
N LEU A 74 -38.37 26.76 -0.06
CA LEU A 74 -39.36 27.30 0.87
C LEU A 74 -40.07 26.15 1.55
N TYR A 75 -40.38 26.32 2.83
CA TYR A 75 -41.04 25.30 3.64
C TYR A 75 -42.30 25.87 4.24
N VAL A 76 -43.37 25.09 4.20
CA VAL A 76 -44.71 25.51 4.59
C VAL A 76 -45.18 24.61 5.71
N GLN A 77 -45.82 25.19 6.71
CA GLN A 77 -46.28 24.43 7.87
C GLN A 77 -47.69 24.88 8.23
N THR A 78 -48.67 24.02 8.00
CA THR A 78 -50.01 24.32 8.46
C THR A 78 -50.10 24.07 9.96
N PRO A 79 -50.69 25.00 10.74
CA PRO A 79 -50.51 25.00 12.21
C PRO A 79 -51.03 23.79 12.95
N ARG A 80 -52.33 23.54 12.91
CA ARG A 80 -52.97 22.47 13.67
C ARG A 80 -54.41 22.40 13.19
N GLU A 81 -54.96 21.19 13.18
CA GLU A 81 -56.32 20.98 12.69
C GLU A 81 -57.26 20.33 13.69
N GLN A 82 -56.94 20.32 14.98
CA GLN A 82 -57.81 19.69 15.97
C GLN A 82 -58.34 20.70 16.99
N TYR A 83 -59.51 21.28 16.65
CA TYR A 83 -60.48 21.81 17.62
C TYR A 83 -59.93 22.96 18.47
N ASP A 86 -62.90 26.84 13.28
CA ASP A 86 -62.97 27.02 11.83
C ASP A 86 -63.44 25.76 11.12
N GLY A 87 -62.65 24.69 11.19
CA GLY A 87 -63.02 23.49 10.47
C GLY A 87 -62.53 23.51 9.04
N SER A 88 -63.40 23.96 8.13
CA SER A 88 -63.14 23.87 6.70
C SER A 88 -62.08 24.84 6.20
N GLY A 89 -61.66 25.80 7.03
CA GLY A 89 -60.66 26.75 6.59
C GLY A 89 -59.25 26.20 6.62
N ALA A 90 -58.73 25.83 5.45
CA ALA A 90 -57.38 25.28 5.34
C ALA A 90 -56.51 26.21 4.50
N GLY A 91 -55.26 25.81 4.34
CA GLY A 91 -54.30 26.67 3.68
C GLY A 91 -54.50 26.75 2.19
N GLY A 92 -53.99 27.82 1.61
CA GLY A 92 -54.09 28.00 0.17
C GLY A 92 -52.75 27.88 -0.51
N TYR A 93 -51.76 28.51 0.12
CA TYR A 93 -50.32 28.49 -0.20
C TYR A 93 -50.00 28.48 -1.69
N THR A 94 -50.47 29.48 -2.40
CA THR A 94 -50.15 29.61 -3.80
C THR A 94 -48.69 30.02 -3.93
N ILE A 95 -47.89 29.19 -4.59
CA ILE A 95 -46.44 29.36 -4.68
C ILE A 95 -46.08 29.40 -6.15
N ALA A 96 -45.33 30.42 -6.57
CA ALA A 96 -45.00 30.57 -7.98
C ALA A 96 -43.51 30.85 -8.15
N VAL A 97 -42.70 29.80 -8.17
CA VAL A 97 -41.26 29.97 -8.09
C VAL A 97 -40.72 30.38 -9.45
N SER A 98 -39.96 31.47 -9.47
CA SER A 98 -39.64 32.14 -10.72
C SER A 98 -38.16 32.03 -11.08
N PRO A 99 -37.86 31.82 -12.35
CA PRO A 99 -36.47 31.85 -12.82
C PRO A 99 -35.95 33.25 -13.10
N ILE A 100 -35.40 33.95 -12.11
CA ILE A 100 -35.46 35.40 -11.88
C ILE A 100 -35.50 36.30 -13.12
N HIS A 101 -34.73 35.99 -14.17
CA HIS A 101 -34.81 36.68 -15.45
C HIS A 101 -35.57 35.79 -16.42
N VAL A 102 -36.87 36.03 -16.56
CA VAL A 102 -37.77 35.11 -17.22
C VAL A 102 -37.75 35.32 -18.73
N THR A 103 -37.72 34.22 -19.48
CA THR A 103 -37.94 34.25 -20.91
C THR A 103 -39.08 33.29 -21.23
N ASN A 104 -39.22 32.94 -22.50
CA ASN A 104 -40.29 32.04 -22.93
C ASN A 104 -39.94 30.57 -22.72
N LEU A 105 -38.66 30.21 -22.73
CA LEU A 105 -38.26 28.81 -22.65
C LEU A 105 -37.76 28.40 -21.27
N THR A 106 -37.91 29.26 -20.26
CA THR A 106 -37.59 28.91 -18.89
C THR A 106 -38.73 28.15 -18.26
N TRP A 107 -38.52 27.67 -17.03
CA TRP A 107 -39.47 26.82 -16.34
C TRP A 107 -39.97 27.51 -15.08
N GLU A 108 -41.28 27.45 -14.86
CA GLU A 108 -41.88 27.93 -13.62
C GLU A 108 -42.58 26.76 -12.92
N LEU A 109 -42.86 26.97 -11.64
CA LEU A 109 -43.63 26.04 -10.82
C LEU A 109 -44.83 26.77 -10.26
N TRP A 110 -45.97 26.10 -10.14
CA TRP A 110 -47.14 26.76 -9.55
C TRP A 110 -47.94 25.77 -8.70
N ILE A 111 -47.61 25.70 -7.44
CA ILE A 111 -48.31 24.82 -6.51
C ILE A 111 -49.49 25.58 -5.92
N HIS A 112 -50.67 24.96 -5.95
CA HIS A 112 -51.89 25.67 -5.60
C HIS A 112 -52.78 24.76 -4.78
N ARG A 113 -53.51 25.38 -3.87
CA ARG A 113 -54.46 24.71 -3.00
C ARG A 113 -55.55 25.73 -2.67
N LYS A 114 -56.75 25.24 -2.41
CA LYS A 114 -57.85 26.07 -1.96
C LYS A 114 -58.23 25.67 -0.55
N TRP A 115 -59.35 26.20 -0.05
CA TRP A 115 -59.77 25.97 1.33
C TRP A 115 -60.08 24.50 1.63
N GLY A 116 -60.38 23.70 0.62
CA GLY A 116 -60.63 22.30 0.86
C GLY A 116 -62.05 22.07 1.38
N VAL A 117 -62.20 21.37 2.50
CA VAL A 117 -61.10 20.90 3.35
C VAL A 117 -60.67 19.50 2.89
N ASN A 118 -61.17 19.08 1.74
CA ASN A 118 -60.73 17.84 1.13
C ASN A 118 -59.35 18.05 0.50
N SER A 119 -58.88 17.00 -0.18
CA SER A 119 -57.46 16.74 -0.24
C SER A 119 -56.75 17.51 -1.34
N VAL A 120 -57.46 17.84 -2.42
CA VAL A 120 -56.83 18.04 -3.73
C VAL A 120 -55.92 19.25 -3.81
N VAL A 121 -54.63 18.97 -4.03
CA VAL A 121 -53.61 19.97 -4.29
C VAL A 121 -53.20 19.77 -5.76
N THR A 122 -52.35 20.67 -6.26
CA THR A 122 -51.86 20.56 -7.63
C THR A 122 -50.48 21.17 -7.71
N VAL A 123 -49.65 20.65 -8.62
CA VAL A 123 -48.24 21.00 -8.67
C VAL A 123 -47.89 21.72 -9.98
N ARG A 124 -48.08 21.06 -11.11
CA ARG A 124 -47.97 21.60 -12.49
C ARG A 124 -46.73 22.46 -12.72
N LEU A 125 -45.58 21.81 -12.83
CA LEU A 125 -44.35 22.47 -13.29
C LEU A 125 -44.40 22.54 -14.79
N CYS A 126 -44.82 23.68 -15.33
CA CYS A 126 -45.05 23.80 -16.77
C CYS A 126 -44.09 24.85 -17.34
N ARG A 127 -44.24 25.13 -18.62
CA ARG A 127 -43.46 26.14 -19.31
C ARG A 127 -44.40 27.20 -19.87
N TRP A 128 -44.52 28.32 -19.16
CA TRP A 128 -45.46 29.37 -19.53
C TRP A 128 -44.78 30.39 -20.44
N TRP A 129 -45.54 31.43 -20.78
CA TRP A 129 -45.12 32.44 -21.72
C TRP A 129 -45.28 33.86 -21.20
N GLN A 130 -45.78 34.04 -19.98
CA GLN A 130 -45.90 35.34 -19.35
C GLN A 130 -45.51 35.19 -17.89
N PHE A 131 -45.38 36.33 -17.21
CA PHE A 131 -44.90 36.35 -15.84
C PHE A 131 -45.97 36.71 -14.82
N MET A 132 -46.93 37.57 -15.17
CA MET A 132 -47.91 38.05 -14.21
C MET A 132 -48.93 36.96 -13.88
N SER A 133 -49.43 36.98 -12.65
CA SER A 133 -50.31 35.94 -12.15
C SER A 133 -51.76 36.41 -12.08
N GLY A 144 -51.28 31.90 -13.45
CA GLY A 144 -51.61 30.49 -13.60
C GLY A 144 -52.89 30.25 -14.37
N PRO A 145 -52.79 30.16 -15.71
CA PRO A 145 -53.98 30.01 -16.56
C PRO A 145 -54.64 28.64 -16.50
N THR A 146 -55.54 28.39 -17.45
CA THR A 146 -56.20 27.10 -17.52
C THR A 146 -55.22 26.02 -17.98
N ASN A 147 -54.38 26.35 -18.96
CA ASN A 147 -53.47 25.36 -19.53
C ASN A 147 -52.29 26.09 -20.14
N ALA A 148 -51.15 25.41 -20.14
CA ALA A 148 -49.91 25.91 -20.72
C ALA A 148 -49.30 24.81 -21.58
N PHE A 149 -48.23 25.16 -22.28
CA PHE A 149 -47.55 24.21 -23.12
C PHE A 149 -46.33 23.62 -22.42
N GLU A 150 -46.05 22.34 -22.73
CA GLU A 150 -44.81 21.66 -22.40
C GLU A 150 -44.60 21.58 -20.89
N CYS A 151 -45.43 20.77 -20.24
CA CYS A 151 -45.49 20.69 -18.78
C CYS A 151 -44.94 19.35 -18.29
N LEU A 152 -43.88 19.40 -17.48
CA LEU A 152 -43.17 18.19 -17.06
C LEU A 152 -43.98 17.31 -16.11
N ILE A 153 -44.32 17.82 -14.94
CA ILE A 153 -45.19 17.12 -14.01
C ILE A 153 -46.51 17.88 -13.93
N ASN A 154 -47.60 17.14 -13.89
CA ASN A 154 -48.93 17.73 -13.89
C ASN A 154 -49.84 16.72 -13.22
N GLY A 155 -50.07 16.89 -11.93
CA GLY A 155 -50.83 15.89 -11.22
C GLY A 155 -51.52 16.48 -10.02
N SER A 156 -52.36 15.65 -9.40
CA SER A 156 -53.08 16.06 -8.21
C SER A 156 -52.27 15.76 -6.96
N TYR A 157 -51.94 14.48 -6.73
CA TYR A 157 -51.24 13.94 -5.57
C TYR A 157 -51.93 14.37 -4.29
N PRO A 158 -53.08 13.80 -3.96
CA PRO A 158 -53.88 14.31 -2.84
C PRO A 158 -53.24 14.04 -1.48
N THR A 159 -53.37 15.01 -0.59
CA THR A 159 -52.82 14.93 0.76
C THR A 159 -53.92 15.07 1.78
N HIS A 160 -53.86 14.26 2.84
CA HIS A 160 -54.82 14.31 3.91
C HIS A 160 -54.27 15.16 5.05
N ARG A 161 -55.16 15.88 5.73
CA ARG A 161 -54.75 16.68 6.86
C ARG A 161 -54.39 15.77 8.03
N ASN A 162 -53.45 16.23 8.86
CA ASN A 162 -52.98 15.49 10.01
C ASN A 162 -53.28 16.30 11.27
N THR A 163 -52.68 15.88 12.38
CA THR A 163 -52.58 16.72 13.57
C THR A 163 -51.96 18.07 13.25
N GLY A 164 -50.90 18.06 12.45
CA GLY A 164 -50.28 19.24 11.89
C GLY A 164 -49.39 18.79 10.75
N TYR A 165 -49.35 19.55 9.66
CA TYR A 165 -48.66 19.10 8.46
C TYR A 165 -47.59 20.09 8.07
N MET A 166 -46.52 19.58 7.46
CA MET A 166 -45.38 20.40 7.06
C MET A 166 -44.81 19.86 5.78
N PHE A 167 -44.58 20.73 4.80
CA PHE A 167 -43.97 20.32 3.55
C PHE A 167 -43.01 21.40 3.07
N GLY A 168 -42.43 21.16 1.90
CA GLY A 168 -41.55 22.12 1.30
C GLY A 168 -40.97 21.67 -0.01
N VAL A 169 -40.64 22.61 -0.87
CA VAL A 169 -40.05 22.32 -2.17
C VAL A 169 -38.70 23.03 -2.24
N THR A 170 -37.77 22.44 -2.97
CA THR A 170 -36.35 22.75 -2.84
C THR A 170 -35.71 22.78 -4.21
N TRP A 171 -35.00 23.86 -4.49
CA TRP A 171 -34.23 24.01 -5.72
C TRP A 171 -32.81 24.39 -5.31
N TYR A 172 -31.98 23.40 -5.07
CA TYR A 172 -30.58 23.69 -4.77
C TYR A 172 -29.71 23.01 -5.81
N ASN A 173 -29.03 23.83 -6.62
CA ASN A 173 -28.32 23.44 -7.83
C ASN A 173 -29.23 22.63 -8.74
N ASP A 174 -30.45 23.13 -8.92
CA ASP A 174 -31.39 22.72 -9.94
C ASP A 174 -31.86 21.28 -9.73
N LEU A 175 -31.81 20.81 -8.50
CA LEU A 175 -32.34 19.50 -8.10
C LEU A 175 -33.67 19.76 -7.42
N VAL A 176 -34.74 19.59 -8.16
CA VAL A 176 -36.07 19.89 -7.63
C VAL A 176 -36.49 18.74 -6.71
N ARG A 177 -36.80 19.07 -5.47
CA ARG A 177 -37.28 18.08 -4.51
C ARG A 177 -38.59 18.56 -3.92
N ILE A 178 -39.69 17.96 -4.37
CA ILE A 178 -41.00 18.23 -3.80
C ILE A 178 -41.24 17.24 -2.69
N VAL A 179 -41.20 17.70 -1.45
CA VAL A 179 -41.32 16.81 -0.30
C VAL A 179 -42.71 17.02 0.27
N PHE A 180 -43.60 16.08 0.01
CA PHE A 180 -44.89 15.98 0.67
C PHE A 180 -44.80 14.67 1.43
N PRO A 181 -44.66 14.70 2.76
CA PRO A 181 -44.55 13.45 3.52
C PRO A 181 -45.81 12.61 3.41
N PRO A 182 -45.67 11.29 3.25
CA PRO A 182 -44.45 10.48 3.28
C PRO A 182 -43.60 10.43 2.01
N THR A 183 -44.18 10.62 0.83
CA THR A 183 -43.45 10.39 -0.40
C THR A 183 -42.53 11.57 -0.71
N VAL A 184 -41.97 11.56 -1.92
CA VAL A 184 -41.02 12.57 -2.37
C VAL A 184 -41.01 12.51 -3.90
N LEU A 185 -40.47 13.55 -4.53
CA LEU A 185 -40.35 13.58 -5.98
C LEU A 185 -39.10 14.35 -6.33
N GLU A 186 -38.22 13.75 -7.12
CA GLU A 186 -36.92 14.32 -7.41
C GLU A 186 -36.66 14.39 -8.92
N MET A 187 -36.29 15.58 -9.39
CA MET A 187 -35.94 15.75 -10.80
C MET A 187 -34.75 16.68 -10.93
N GLN A 188 -33.68 16.17 -11.51
CA GLN A 188 -32.46 16.96 -11.74
C GLN A 188 -32.57 17.61 -13.10
N LEU A 189 -32.93 18.88 -13.11
CA LEU A 189 -32.97 19.64 -14.35
C LEU A 189 -31.62 20.32 -14.55
N ASP A 190 -31.30 20.61 -15.81
CA ASP A 190 -29.95 21.06 -16.13
C ASP A 190 -29.74 22.52 -15.72
N GLY A 191 -30.71 23.38 -15.98
CA GLY A 191 -30.61 24.75 -15.57
C GLY A 191 -31.96 25.38 -15.35
N LEU A 192 -32.17 25.93 -14.16
CA LEU A 192 -33.38 26.69 -13.87
C LEU A 192 -33.07 28.10 -13.45
N GLN A 193 -32.13 28.27 -12.51
CA GLN A 193 -31.81 29.52 -11.83
C GLN A 193 -33.08 30.13 -11.22
N TRP A 194 -33.68 29.39 -10.31
CA TRP A 194 -34.85 29.86 -9.57
C TRP A 194 -34.38 30.63 -8.35
N GLU A 195 -34.80 31.88 -8.24
CA GLU A 195 -34.66 32.66 -7.01
C GLU A 195 -35.98 33.18 -6.48
N ARG A 196 -36.77 33.83 -7.31
CA ARG A 196 -37.99 34.48 -6.83
C ARG A 196 -39.05 33.45 -6.50
N VAL A 197 -39.67 33.59 -5.33
CA VAL A 197 -40.60 32.60 -4.80
C VAL A 197 -42.05 33.00 -5.04
N GLN A 198 -42.44 34.22 -4.64
CA GLN A 198 -43.79 34.76 -4.82
C GLN A 198 -44.88 33.88 -4.19
N PHE A 199 -44.59 33.38 -3.00
CA PHE A 199 -45.57 32.61 -2.23
C PHE A 199 -46.72 33.52 -1.81
N ASN A 200 -47.85 32.89 -1.44
CA ASN A 200 -49.04 33.63 -1.00
C ASN A 200 -50.06 32.70 -0.35
N SER A 201 -50.58 33.10 0.80
CA SER A 201 -51.64 32.40 1.51
C SER A 201 -52.84 33.33 1.63
N PRO A 202 -54.07 32.78 1.77
CA PRO A 202 -55.21 33.65 2.08
C PRO A 202 -55.05 34.35 3.42
N VAL A 203 -54.87 35.68 3.35
CA VAL A 203 -54.57 36.48 4.52
C VAL A 203 -55.87 36.69 5.31
N ASN A 204 -55.72 36.93 6.62
CA ASN A 204 -56.82 37.17 7.56
C ASN A 204 -57.77 35.98 7.62
N ALA A 205 -57.23 34.78 7.48
CA ALA A 205 -58.02 33.56 7.37
C ALA A 205 -58.46 33.09 8.76
N GLY A 206 -58.96 31.85 8.80
CA GLY A 206 -59.30 31.24 10.07
C GLY A 206 -58.09 30.99 10.94
N HIS A 207 -56.96 30.68 10.32
CA HIS A 207 -55.67 30.57 10.98
C HIS A 207 -54.62 31.19 10.07
N ALA A 208 -53.36 31.11 10.48
CA ALA A 208 -52.26 31.72 9.74
C ALA A 208 -51.19 30.66 9.49
N THR A 209 -51.07 30.20 8.26
CA THR A 209 -50.05 29.24 7.92
C THR A 209 -48.69 29.94 7.85
N ARG A 210 -47.66 29.25 8.32
CA ARG A 210 -46.33 29.82 8.43
C ARG A 210 -45.42 29.30 7.34
N PHE A 211 -44.50 30.17 6.91
CA PHE A 211 -43.67 30.01 5.72
C PHE A 211 -42.23 30.28 6.08
N ASN A 212 -41.30 29.57 5.44
CA ASN A 212 -39.88 29.73 5.76
C ASN A 212 -39.08 29.67 4.48
N VAL A 213 -38.44 30.78 4.12
CA VAL A 213 -37.65 30.87 2.90
C VAL A 213 -36.20 30.56 3.27
N VAL A 214 -35.65 29.50 2.72
CA VAL A 214 -34.30 29.11 3.11
C VAL A 214 -33.30 29.80 2.19
N LYS A 215 -32.18 30.23 2.75
CA LYS A 215 -31.18 31.00 2.02
C LYS A 215 -29.91 30.22 1.76
N ASP A 216 -29.36 29.56 2.76
CA ASP A 216 -28.13 28.80 2.64
C ASP A 216 -28.40 27.36 3.03
N ILE A 217 -27.55 26.46 2.57
CA ILE A 217 -27.65 25.06 3.00
C ILE A 217 -27.09 24.93 4.40
N SER A 218 -27.54 23.88 5.08
CA SER A 218 -27.15 23.58 6.45
C SER A 218 -26.47 22.22 6.47
N THR A 219 -26.12 21.78 7.67
CA THR A 219 -25.69 20.41 7.92
C THR A 219 -26.39 19.95 9.18
N VAL A 220 -27.02 18.79 9.12
CA VAL A 220 -27.89 18.30 10.18
C VAL A 220 -27.42 16.91 10.58
N LEU A 221 -27.42 16.64 11.87
CA LEU A 221 -27.19 15.30 12.41
C LEU A 221 -28.54 14.67 12.69
N VAL A 222 -28.87 13.60 11.97
CA VAL A 222 -30.17 12.96 12.13
C VAL A 222 -29.98 11.55 12.66
N GLU A 223 -31.01 11.02 13.30
CA GLU A 223 -31.03 9.64 13.75
C GLU A 223 -32.33 9.00 13.28
N THR A 224 -32.21 7.89 12.58
CA THR A 224 -33.34 7.18 12.01
C THR A 224 -33.78 6.04 12.91
N ASN A 225 -35.05 5.66 12.78
CA ASN A 225 -35.63 4.63 13.61
C ASN A 225 -35.51 3.27 12.94
N SER A 226 -36.34 2.32 13.41
CA SER A 226 -36.40 0.96 12.90
C SER A 226 -36.57 0.90 11.38
N GLY A 227 -37.57 1.58 10.86
CA GLY A 227 -37.87 1.56 9.44
C GLY A 227 -37.23 2.63 8.59
N GLY A 228 -36.47 3.54 9.17
CA GLY A 228 -35.79 4.55 8.38
C GLY A 228 -36.32 5.95 8.55
N SER A 229 -37.15 6.21 9.53
CA SER A 229 -37.75 7.52 9.73
C SER A 229 -36.96 8.29 10.77
N VAL A 230 -36.66 9.54 10.46
CA VAL A 230 -35.92 10.41 11.36
C VAL A 230 -36.80 10.79 12.54
N PHE A 231 -36.25 10.70 13.75
CA PHE A 231 -36.98 11.11 14.94
C PHE A 231 -36.18 12.00 15.87
N ARG A 232 -34.92 12.30 15.56
CA ARG A 232 -34.10 13.25 16.31
C ARG A 232 -33.27 14.02 15.30
N TYR A 233 -33.05 15.30 15.56
CA TYR A 233 -32.15 16.07 14.72
C TYR A 233 -31.41 17.10 15.58
N SER A 234 -30.28 17.58 15.07
CA SER A 234 -29.61 18.74 15.62
C SER A 234 -28.83 19.39 14.50
N TYR A 235 -29.00 20.69 14.31
CA TYR A 235 -28.27 21.36 13.25
C TYR A 235 -26.87 21.65 13.75
N CYS A 236 -25.88 21.55 12.86
CA CYS A 236 -24.50 21.53 13.33
C CYS A 236 -23.99 22.90 13.70
N ALA A 237 -24.61 23.96 13.20
CA ALA A 237 -24.10 25.31 13.41
C ALA A 237 -24.93 26.10 14.41
N ASP A 238 -25.73 25.43 15.24
CA ASP A 238 -26.58 26.11 16.21
C ASP A 238 -26.00 26.09 17.61
N GLY A 239 -24.69 26.07 17.74
CA GLY A 239 -24.07 26.06 19.04
C GLY A 239 -22.72 25.36 18.98
N PHE A 240 -22.11 25.23 20.16
CA PHE A 240 -20.81 24.61 20.28
C PHE A 240 -20.91 23.09 20.40
N VAL A 241 -21.84 22.62 21.22
CA VAL A 241 -22.01 21.19 21.44
C VAL A 241 -22.55 20.51 20.19
N ASN A 242 -23.37 21.23 19.42
CA ASN A 242 -23.96 20.69 18.20
C ASN A 242 -22.89 20.44 17.15
N GLY A 243 -21.82 21.22 17.16
CA GLY A 243 -20.73 20.98 16.23
C GLY A 243 -19.86 19.83 16.66
N LEU A 244 -19.78 19.59 17.96
CA LEU A 244 -19.06 18.42 18.44
C LEU A 244 -19.87 17.16 18.20
N GLN A 245 -21.19 17.29 18.17
CA GLN A 245 -22.06 16.15 17.85
C GLN A 245 -21.89 15.72 16.41
N CYS A 246 -21.79 16.67 15.48
CA CYS A 246 -21.68 16.30 14.08
C CYS A 246 -20.30 15.77 13.73
N LYS A 247 -19.30 16.09 14.55
CA LYS A 247 -17.99 15.50 14.34
C LYS A 247 -17.95 14.09 14.91
N LEU A 248 -18.63 13.85 16.01
CA LEU A 248 -18.62 12.56 16.69
C LEU A 248 -19.75 11.64 16.29
N ARG A 249 -20.78 12.17 15.62
CA ARG A 249 -21.96 11.42 15.18
C ARG A 249 -22.69 10.77 16.35
N LEU A 250 -22.91 11.55 17.39
CA LEU A 250 -23.62 11.12 18.58
C LEU A 250 -24.54 12.23 19.03
N PHE A 251 -25.53 11.88 19.84
CA PHE A 251 -26.41 12.86 20.45
C PHE A 251 -26.15 13.03 21.93
N ASP A 252 -25.77 11.97 22.62
CA ASP A 252 -25.39 12.04 24.02
C ASP A 252 -23.90 11.73 24.14
N ILE A 253 -23.09 12.77 24.20
CA ILE A 253 -21.64 12.62 24.18
C ILE A 253 -21.16 12.22 25.57
N PRO A 254 -20.42 11.13 25.70
CA PRO A 254 -19.89 10.73 27.01
C PRO A 254 -18.66 11.55 27.34
N PRO A 255 -18.24 11.61 28.61
CA PRO A 255 -17.06 12.41 28.96
C PRO A 255 -15.78 11.83 28.39
N GLY A 256 -14.96 12.71 27.84
CA GLY A 256 -13.74 12.26 27.21
C GLY A 256 -12.92 13.43 26.72
N VAL A 257 -11.92 13.14 25.91
CA VAL A 257 -11.07 14.16 25.31
C VAL A 257 -11.17 13.98 23.80
N TYR A 258 -11.64 15.02 23.11
CA TYR A 258 -12.01 14.91 21.71
C TYR A 258 -11.18 15.91 20.92
N SER A 259 -10.41 15.41 19.96
CA SER A 259 -9.29 16.17 19.43
C SER A 259 -9.56 16.71 18.04
N ASN A 260 -8.73 17.71 17.69
CA ASN A 260 -8.57 18.25 16.35
C ASN A 260 -9.87 18.83 15.79
N SER A 261 -10.60 19.56 16.62
CA SER A 261 -11.70 20.37 16.12
C SER A 261 -11.12 21.66 15.56
N GLU A 262 -11.63 22.11 14.43
CA GLU A 262 -10.98 23.18 13.70
C GLU A 262 -11.82 24.45 13.63
N VAL A 263 -11.18 25.52 13.15
CA VAL A 263 -11.70 26.88 13.16
C VAL A 263 -11.66 27.41 11.74
N GLU A 264 -12.75 28.03 11.29
CA GLU A 264 -12.82 28.58 9.95
C GLU A 264 -12.23 29.99 9.86
N TYR A 265 -11.78 30.34 8.66
CA TYR A 265 -11.12 31.61 8.41
C TYR A 265 -11.50 32.07 7.01
N PRO A 266 -11.36 33.39 6.71
CA PRO A 266 -11.74 33.90 5.37
C PRO A 266 -10.89 33.41 4.21
N THR A 267 -11.21 33.86 3.00
CA THR A 267 -10.53 33.46 1.77
C THR A 267 -10.12 34.69 0.98
N ALA A 268 -8.88 34.69 0.50
CA ALA A 268 -8.35 35.78 -0.33
C ALA A 268 -7.68 35.19 -1.56
N LEU A 269 -8.27 35.41 -2.73
CA LEU A 269 -7.76 34.87 -3.99
C LEU A 269 -7.06 35.94 -4.80
N TYR A 270 -5.77 35.73 -5.08
CA TYR A 270 -5.00 36.66 -5.90
C TYR A 270 -4.58 35.92 -7.17
N THR A 271 -5.04 36.41 -8.32
CA THR A 271 -4.56 35.86 -9.59
C THR A 271 -3.26 36.53 -10.00
N VAL A 272 -3.13 37.82 -9.74
CA VAL A 272 -1.91 38.59 -9.99
C VAL A 272 -1.64 39.44 -8.76
N VAL A 273 -0.35 39.71 -8.54
CA VAL A 273 0.08 40.31 -7.29
C VAL A 273 0.52 41.76 -7.47
N HIS A 274 0.42 42.29 -8.68
CA HIS A 274 0.83 43.66 -8.95
C HIS A 274 -0.30 44.38 -9.67
N ASN A 275 -0.34 45.70 -9.52
CA ASN A 275 -1.36 46.49 -10.19
C ASN A 275 -1.05 46.62 -11.69
N MET A 276 -2.07 47.00 -12.43
CA MET A 276 -2.02 47.00 -13.88
C MET A 276 -2.51 48.35 -14.40
N SER A 277 -2.61 48.45 -15.72
CA SER A 277 -3.15 49.63 -16.39
C SER A 277 -4.59 49.36 -16.81
N ALA A 278 -5.15 50.27 -17.59
CA ALA A 278 -6.50 50.10 -18.11
C ALA A 278 -6.47 49.53 -19.53
N CYS A 279 -7.53 48.81 -19.88
CA CYS A 279 -7.62 48.17 -21.19
C CYS A 279 -8.00 49.18 -22.27
N PRO A 280 -7.76 48.83 -23.54
CA PRO A 280 -8.37 49.58 -24.63
C PRO A 280 -9.87 49.32 -24.73
N GLU A 281 -10.51 50.07 -25.62
CA GLU A 281 -11.96 50.00 -25.81
C GLU A 281 -12.28 49.04 -26.96
N ARG A 282 -13.52 49.06 -27.42
CA ARG A 282 -13.83 48.31 -28.62
C ARG A 282 -13.83 49.24 -29.83
N PRO A 283 -13.52 48.74 -31.03
CA PRO A 283 -13.41 49.61 -32.21
C PRO A 283 -14.69 49.93 -32.95
N ASP A 284 -15.86 49.77 -32.31
CA ASP A 284 -17.19 50.22 -32.76
C ASP A 284 -17.77 49.45 -33.95
N SER A 285 -16.94 48.66 -34.65
CA SER A 285 -17.32 47.82 -35.79
C SER A 285 -18.03 48.60 -36.89
N TYR A 286 -17.60 49.85 -37.10
CA TYR A 286 -18.10 50.68 -38.20
C TYR A 286 -16.97 51.04 -39.14
N CYS A 287 -17.23 51.01 -40.44
CA CYS A 287 -16.22 51.26 -41.45
C CYS A 287 -16.55 52.53 -42.23
N GLY A 288 -15.52 53.14 -42.82
CA GLY A 288 -15.70 54.46 -43.41
C GLY A 288 -16.34 54.45 -44.79
N SER A 289 -15.65 53.87 -45.78
CA SER A 289 -16.10 54.05 -47.16
C SER A 289 -17.18 53.04 -47.54
N ASN A 290 -16.82 51.77 -47.70
CA ASN A 290 -17.80 50.73 -47.96
C ASN A 290 -17.57 49.50 -47.10
N SER A 291 -16.30 49.12 -46.95
CA SER A 291 -15.86 47.90 -46.28
C SER A 291 -14.35 47.94 -46.11
N CYS A 292 -13.89 47.69 -44.90
CA CYS A 292 -12.47 47.74 -44.55
C CYS A 292 -12.20 46.64 -43.54
N PRO A 293 -10.93 46.22 -43.38
CA PRO A 293 -10.62 45.22 -42.35
C PRO A 293 -10.93 45.73 -40.94
N PHE A 294 -11.70 44.93 -40.21
CA PHE A 294 -12.21 45.32 -38.90
C PHE A 294 -11.07 45.41 -37.89
N LYS A 295 -11.09 46.48 -37.10
CA LYS A 295 -9.99 46.77 -36.21
C LYS A 295 -10.07 45.83 -35.01
N ARG A 296 -8.91 45.37 -34.56
CA ARG A 296 -8.81 44.43 -33.46
C ARG A 296 -8.22 45.14 -32.24
N ALA A 297 -8.31 44.47 -31.10
CA ALA A 297 -7.71 44.95 -29.86
C ALA A 297 -7.09 43.78 -29.10
N VAL A 298 -5.88 43.98 -28.60
CA VAL A 298 -5.20 43.00 -27.76
C VAL A 298 -5.45 43.36 -26.30
N PHE A 299 -6.05 42.44 -25.56
CA PHE A 299 -6.33 42.60 -24.13
C PHE A 299 -5.39 41.71 -23.35
N SER A 300 -4.49 42.32 -22.58
CA SER A 300 -3.57 41.60 -21.72
C SER A 300 -3.05 42.54 -20.65
N ASN A 301 -3.02 42.05 -19.40
CA ASN A 301 -2.44 42.75 -18.25
C ASN A 301 -3.13 44.09 -17.98
N CYS A 302 -4.45 44.10 -18.06
CA CYS A 302 -5.23 45.32 -17.90
C CYS A 302 -6.57 45.01 -17.26
N ILE A 303 -7.39 46.04 -17.16
CA ILE A 303 -8.60 46.04 -16.34
C ILE A 303 -9.78 46.34 -17.26
N VAL A 304 -10.55 45.31 -17.62
CA VAL A 304 -11.73 45.54 -18.43
C VAL A 304 -12.80 46.19 -17.54
N ASN A 305 -13.69 46.97 -18.15
CA ASN A 305 -14.60 47.81 -17.39
C ASN A 305 -16.04 47.40 -17.71
N TYR A 306 -16.96 47.88 -16.89
CA TYR A 306 -18.32 47.34 -16.90
C TYR A 306 -19.10 47.87 -18.09
N THR A 307 -19.56 46.94 -18.93
CA THR A 307 -20.59 47.13 -19.97
C THR A 307 -20.24 48.26 -20.94
N THR A 308 -18.95 48.53 -21.09
CA THR A 308 -18.45 49.54 -22.00
C THR A 308 -18.13 48.92 -23.36
N TRP A 309 -18.78 47.80 -23.66
CA TRP A 309 -18.75 47.23 -25.00
C TRP A 309 -20.12 47.27 -25.66
N VAL A 310 -21.11 47.90 -25.02
CA VAL A 310 -22.44 48.05 -25.60
C VAL A 310 -22.83 49.52 -25.53
N ASN A 311 -23.92 49.84 -26.23
CA ASN A 311 -24.46 51.19 -26.20
C ASN A 311 -25.19 51.42 -24.86
N PRO A 312 -25.19 52.64 -24.34
CA PRO A 312 -25.75 52.89 -23.00
C PRO A 312 -27.26 52.73 -22.87
N ASP A 313 -27.99 52.42 -23.94
CA ASP A 313 -29.40 52.08 -23.82
C ASP A 313 -29.57 50.67 -23.27
N GLN A 314 -30.55 50.52 -22.37
CA GLN A 314 -30.70 49.30 -21.57
C GLN A 314 -31.92 48.51 -22.04
N ARG A 315 -32.10 48.43 -23.36
CA ARG A 315 -33.13 47.58 -23.95
C ARG A 315 -32.51 46.61 -24.94
N ASP A 316 -31.50 47.08 -25.67
CA ASP A 316 -31.00 46.34 -26.81
C ASP A 316 -30.13 45.14 -26.39
N PHE A 317 -29.16 45.36 -25.49
CA PHE A 317 -28.17 44.33 -25.21
C PHE A 317 -28.68 43.24 -24.28
N GLN A 318 -29.95 43.28 -23.89
CA GLN A 318 -30.42 42.48 -22.76
C GLN A 318 -30.62 41.00 -23.08
N HIS A 319 -30.31 40.58 -24.30
CA HIS A 319 -30.30 39.16 -24.61
C HIS A 319 -29.05 38.45 -24.08
N LEU A 320 -28.06 39.21 -23.60
CA LEU A 320 -26.88 38.66 -22.94
C LEU A 320 -26.99 38.74 -21.43
N ILE A 321 -28.21 38.80 -20.90
CA ILE A 321 -28.45 38.86 -19.47
C ILE A 321 -28.91 37.49 -18.99
N LEU A 322 -28.32 37.02 -17.90
CA LEU A 322 -28.60 35.69 -17.36
C LEU A 322 -29.36 35.75 -16.04
N SER A 323 -28.84 36.51 -15.08
CA SER A 323 -29.27 36.51 -13.69
C SER A 323 -28.90 37.86 -13.09
N ASN A 324 -28.85 37.95 -11.76
CA ASN A 324 -28.38 39.17 -11.11
C ASN A 324 -26.92 39.46 -11.47
N GLY A 325 -26.12 38.41 -11.59
CA GLY A 325 -24.83 38.51 -12.24
C GLY A 325 -25.04 38.35 -13.73
N LYS A 326 -24.93 39.46 -14.47
CA LYS A 326 -25.42 39.53 -15.84
C LYS A 326 -24.41 40.05 -16.84
N PHE A 327 -23.19 40.38 -16.42
CA PHE A 327 -22.19 41.03 -17.27
C PHE A 327 -21.45 39.94 -18.03
N ASN A 328 -22.12 39.33 -19.01
CA ASN A 328 -21.55 38.16 -19.70
C ASN A 328 -21.54 38.44 -21.21
N PRO A 329 -20.38 38.70 -21.78
CA PRO A 329 -20.33 39.06 -23.20
C PRO A 329 -20.22 37.89 -24.17
N PHE A 330 -20.48 36.67 -23.73
CA PHE A 330 -20.31 35.50 -24.58
C PHE A 330 -21.61 34.71 -24.62
N THR A 331 -21.82 34.01 -25.75
CA THR A 331 -23.05 33.28 -25.99
C THR A 331 -22.83 31.77 -26.04
N GLU A 332 -21.96 31.29 -26.92
CA GLU A 332 -21.61 29.88 -26.98
C GLU A 332 -20.09 29.78 -27.01
N CYS A 333 -19.53 28.95 -26.14
CA CYS A 333 -18.10 28.97 -25.86
C CYS A 333 -17.47 27.64 -26.25
N ASN A 334 -16.23 27.70 -26.72
CA ASN A 334 -15.54 26.53 -27.26
C ASN A 334 -14.07 26.66 -26.91
N GLY A 335 -13.56 25.78 -26.05
CA GLY A 335 -14.34 24.80 -25.32
C GLY A 335 -14.28 25.11 -23.85
N LEU A 336 -13.86 26.34 -23.55
CA LEU A 336 -13.70 26.83 -22.20
C LEU A 336 -15.06 27.05 -21.55
N ASN A 337 -15.06 27.21 -20.23
CA ASN A 337 -16.30 27.34 -19.48
C ASN A 337 -16.89 28.74 -19.70
N ARG A 338 -18.18 28.79 -20.00
CA ARG A 338 -18.78 29.95 -20.69
C ARG A 338 -18.87 31.19 -19.81
N ILE A 339 -19.20 31.02 -18.53
CA ILE A 339 -19.42 32.18 -17.67
C ILE A 339 -18.09 32.84 -17.36
N VAL A 340 -18.04 34.16 -17.53
CA VAL A 340 -16.85 34.93 -17.22
C VAL A 340 -17.06 35.67 -15.91
N ASP A 341 -16.47 35.15 -14.85
CA ASP A 341 -16.46 35.80 -13.55
C ASP A 341 -15.04 35.75 -13.00
N GLY A 342 -14.45 36.91 -12.73
CA GLY A 342 -13.10 36.93 -12.21
C GLY A 342 -12.04 37.35 -13.20
N CYS A 343 -11.32 36.38 -13.77
CA CYS A 343 -10.21 36.66 -14.67
C CYS A 343 -10.21 35.66 -15.83
N VAL A 344 -9.66 36.12 -16.96
CA VAL A 344 -9.58 35.34 -18.19
C VAL A 344 -8.18 35.48 -18.76
N PRO A 345 -7.69 34.51 -19.53
CA PRO A 345 -6.24 34.44 -19.79
C PRO A 345 -5.69 35.42 -20.82
N GLY A 346 -6.38 36.48 -21.23
CA GLY A 346 -5.72 37.43 -22.10
C GLY A 346 -5.93 37.26 -23.60
N PHE A 347 -7.18 37.30 -24.02
CA PHE A 347 -7.59 37.09 -25.41
C PHE A 347 -7.15 38.24 -26.32
N VAL A 348 -7.39 38.03 -27.62
CA VAL A 348 -7.40 39.11 -28.61
C VAL A 348 -8.81 39.18 -29.19
N LEU A 349 -9.30 40.40 -29.37
CA LEU A 349 -10.70 40.66 -29.67
C LEU A 349 -10.85 41.26 -31.06
N ARG A 350 -11.71 40.67 -31.89
CA ARG A 350 -12.10 41.28 -33.15
C ARG A 350 -13.61 41.40 -33.22
N VAL A 351 -14.07 42.52 -33.76
CA VAL A 351 -15.48 42.88 -33.74
C VAL A 351 -16.04 42.85 -35.15
N GLY A 352 -17.34 43.04 -35.27
CA GLY A 352 -17.98 43.01 -36.57
C GLY A 352 -19.41 43.49 -36.48
N ARG A 353 -20.07 43.49 -37.64
CA ARG A 353 -21.38 44.09 -37.79
C ARG A 353 -22.06 43.48 -39.02
N GLY A 354 -23.37 43.25 -38.90
CA GLY A 354 -24.14 42.71 -40.00
C GLY A 354 -25.60 43.06 -39.87
N LYS A 355 -26.31 42.97 -40.99
CA LYS A 355 -27.75 43.21 -41.01
C LYS A 355 -28.48 42.02 -40.41
N ALA A 356 -29.54 42.31 -39.66
CA ALA A 356 -30.31 41.28 -38.97
C ALA A 356 -31.63 41.06 -39.69
N VAL A 357 -31.78 39.89 -40.29
CA VAL A 357 -33.03 39.44 -40.88
C VAL A 357 -33.47 38.25 -40.05
N ASN A 358 -34.79 38.02 -39.98
CA ASN A 358 -35.52 36.91 -39.35
C ASN A 358 -35.52 37.05 -37.82
N ARG A 359 -34.86 38.08 -37.27
CA ARG A 359 -34.62 38.30 -35.84
C ARG A 359 -33.90 37.14 -35.18
N THR A 360 -33.14 36.36 -35.96
CA THR A 360 -32.45 35.17 -35.48
C THR A 360 -30.98 35.29 -35.87
N ILE A 361 -30.09 35.13 -34.91
CA ILE A 361 -28.67 35.37 -35.13
C ILE A 361 -27.91 34.06 -35.03
N VAL A 362 -27.14 33.75 -36.07
CA VAL A 362 -26.57 32.43 -36.28
C VAL A 362 -25.22 32.31 -35.58
N THR A 363 -24.78 31.07 -35.39
CA THR A 363 -23.53 30.78 -34.70
C THR A 363 -22.50 30.31 -35.73
N PRO A 364 -21.41 31.06 -35.96
CA PRO A 364 -20.31 30.51 -36.73
C PRO A 364 -19.57 29.45 -35.93
N TYR A 365 -18.98 28.49 -36.65
CA TYR A 365 -18.25 27.42 -35.99
C TYR A 365 -16.99 27.98 -35.34
N LEU A 366 -16.60 27.36 -34.23
CA LEU A 366 -15.54 27.88 -33.37
C LEU A 366 -14.42 26.86 -33.28
N LYS A 367 -13.21 27.31 -33.47
CA LYS A 367 -12.05 26.59 -32.98
C LYS A 367 -12.05 26.68 -31.46
N PRO A 368 -11.46 25.72 -30.75
CA PRO A 368 -11.27 25.89 -29.29
C PRO A 368 -10.48 27.13 -28.94
N TYR A 369 -10.75 27.63 -27.72
CA TYR A 369 -10.32 28.93 -27.22
C TYR A 369 -10.78 30.08 -28.10
N GLU A 370 -11.98 29.96 -28.67
CA GLU A 370 -12.67 31.04 -29.37
C GLU A 370 -14.12 31.04 -28.92
N CYS A 371 -14.52 32.12 -28.24
CA CYS A 371 -15.88 32.22 -27.74
C CYS A 371 -16.41 33.60 -28.12
N PHE A 372 -17.68 33.68 -28.50
CA PHE A 372 -18.20 34.91 -29.07
C PHE A 372 -19.57 35.21 -28.52
N GLY A 373 -19.97 36.47 -28.66
CA GLY A 373 -21.32 36.91 -28.40
C GLY A 373 -21.79 37.88 -29.46
N TRP A 374 -22.94 38.53 -29.25
CA TRP A 374 -23.41 39.58 -30.14
C TRP A 374 -24.36 40.48 -29.35
N SER A 375 -24.26 41.78 -29.59
CA SER A 375 -25.16 42.78 -29.02
C SER A 375 -25.96 43.41 -30.14
N TRP A 376 -26.76 44.43 -29.82
CA TRP A 376 -27.43 45.23 -30.82
C TRP A 376 -26.79 46.61 -30.89
N ASN A 377 -26.40 47.02 -32.09
CA ASN A 377 -26.16 48.44 -32.35
C ASN A 377 -27.45 49.22 -32.14
N ASP A 378 -28.51 48.83 -32.85
CA ASP A 378 -29.83 49.41 -32.67
C ASP A 378 -30.87 48.35 -33.00
N ASN A 379 -31.84 48.19 -32.09
CA ASN A 379 -32.72 47.04 -32.12
C ASN A 379 -33.93 47.23 -33.02
N GLN A 380 -34.49 48.44 -33.06
CA GLN A 380 -35.65 48.67 -33.92
C GLN A 380 -35.26 48.76 -35.38
N ASP A 381 -33.97 49.00 -35.66
CA ASP A 381 -33.50 48.97 -37.04
C ASP A 381 -32.92 47.61 -37.41
N SER A 382 -32.68 46.75 -36.41
CA SER A 382 -32.14 45.40 -36.57
C SER A 382 -30.77 45.39 -37.25
N ILE A 383 -29.80 46.00 -36.56
CA ILE A 383 -28.39 45.87 -36.89
C ILE A 383 -27.67 45.45 -35.61
N TYR A 384 -26.96 44.33 -35.68
CA TYR A 384 -26.31 43.75 -34.53
C TYR A 384 -24.80 43.85 -34.71
N ASP A 385 -24.10 44.19 -33.62
CA ASP A 385 -22.66 44.08 -33.58
C ASP A 385 -22.24 42.91 -32.69
N TRP A 386 -21.11 42.31 -33.01
CA TRP A 386 -20.64 41.12 -32.35
C TRP A 386 -19.16 41.24 -32.08
N TRP A 387 -18.63 40.27 -31.33
CA TRP A 387 -17.20 40.21 -31.03
C TRP A 387 -16.86 38.78 -30.62
N ILE A 388 -15.72 38.30 -31.10
CA ILE A 388 -15.19 37.00 -30.72
C ILE A 388 -13.85 37.20 -30.04
N ALA A 389 -13.62 36.46 -28.95
CA ALA A 389 -12.37 36.53 -28.20
C ALA A 389 -11.54 35.28 -28.50
N ASP A 390 -10.28 35.50 -28.86
CA ASP A 390 -9.35 34.44 -29.21
C ASP A 390 -8.25 34.44 -28.14
N PHE A 391 -8.31 33.47 -27.22
CA PHE A 391 -7.34 33.41 -26.15
C PHE A 391 -6.02 32.88 -26.67
N VAL A 392 -5.15 33.80 -27.11
CA VAL A 392 -3.90 33.40 -27.75
C VAL A 392 -2.89 32.87 -26.74
N SER A 393 -2.94 33.35 -25.50
CA SER A 393 -2.02 32.92 -24.47
C SER A 393 -2.81 32.45 -23.26
N THR A 394 -2.24 31.51 -22.53
CA THR A 394 -2.71 31.21 -21.19
C THR A 394 -1.80 31.91 -20.20
N GLY A 395 -2.40 32.70 -19.32
CA GLY A 395 -1.65 33.39 -18.30
C GLY A 395 -1.25 34.81 -18.59
N ALA A 396 -2.09 35.57 -19.30
CA ALA A 396 -1.87 37.01 -19.39
C ALA A 396 -2.65 37.77 -18.36
N PHE A 397 -3.84 37.27 -18.01
CA PHE A 397 -4.62 37.67 -16.83
C PHE A 397 -5.05 39.13 -16.89
N VAL A 398 -5.99 39.38 -17.81
CA VAL A 398 -6.83 40.57 -17.72
C VAL A 398 -7.82 40.40 -16.57
N CYS A 399 -7.84 41.36 -15.65
CA CYS A 399 -8.58 41.25 -14.42
C CYS A 399 -9.14 42.60 -14.01
N GLU A 400 -10.40 42.63 -13.59
CA GLU A 400 -10.96 43.83 -13.00
C GLU A 400 -10.36 44.05 -11.62
N SER A 401 -10.29 45.33 -11.23
CA SER A 401 -10.10 45.76 -9.83
C SER A 401 -8.78 45.25 -9.25
N ASN A 402 -7.68 45.93 -9.62
CA ASN A 402 -6.32 45.71 -9.15
C ASN A 402 -6.23 45.37 -7.67
N PRO A 403 -5.47 44.34 -7.30
CA PRO A 403 -5.51 43.84 -5.93
C PRO A 403 -4.85 44.81 -4.95
N GLU A 404 -5.26 44.70 -3.70
CA GLU A 404 -4.90 45.64 -2.65
C GLU A 404 -4.16 44.91 -1.54
N ALA A 405 -3.55 45.72 -0.66
CA ALA A 405 -2.65 45.19 0.35
C ALA A 405 -3.43 44.36 1.36
N PRO A 406 -2.92 43.18 1.71
CA PRO A 406 -3.69 42.28 2.58
C PRO A 406 -3.61 42.72 4.03
N LYS A 407 -4.40 42.04 4.86
CA LYS A 407 -4.53 42.39 6.27
C LYS A 407 -3.51 41.58 7.06
N THR A 408 -2.60 42.26 7.73
CA THR A 408 -1.50 41.59 8.42
C THR A 408 -1.89 41.34 9.87
N GLY A 409 -2.07 40.08 10.23
CA GLY A 409 -2.33 39.72 11.60
C GLY A 409 -3.64 38.99 11.80
N VAL A 410 -4.07 38.26 10.79
CA VAL A 410 -5.28 37.44 10.90
C VAL A 410 -5.09 36.21 10.01
N CYS A 411 -5.51 35.05 10.51
CA CYS A 411 -5.42 33.84 9.72
C CYS A 411 -6.50 33.87 8.65
N VAL A 412 -6.10 33.48 7.43
CA VAL A 412 -6.95 33.52 6.24
C VAL A 412 -6.28 32.62 5.22
N THR A 413 -7.09 31.82 4.51
CA THR A 413 -6.53 30.93 3.51
C THR A 413 -6.31 31.69 2.19
N TYR A 414 -5.06 32.06 1.94
CA TYR A 414 -4.73 32.80 0.73
C TYR A 414 -4.70 31.88 -0.48
N THR A 415 -4.61 32.50 -1.65
CA THR A 415 -4.32 31.80 -2.89
C THR A 415 -3.55 32.76 -3.77
N VAL A 416 -2.24 32.59 -3.82
CA VAL A 416 -1.34 33.53 -4.47
C VAL A 416 -0.55 32.75 -5.50
N GLU A 417 -0.82 33.01 -6.79
CA GLU A 417 -0.08 32.46 -7.94
C GLU A 417 -0.10 30.93 -7.95
N LYS A 418 -1.31 30.38 -8.15
CA LYS A 418 -1.63 28.95 -8.25
C LYS A 418 -1.31 28.14 -7.00
N VAL A 419 -0.95 28.77 -5.88
CA VAL A 419 -0.56 28.09 -4.66
C VAL A 419 -1.46 28.57 -3.54
N THR A 420 -2.37 27.73 -3.09
CA THR A 420 -3.22 28.07 -1.97
C THR A 420 -2.59 27.59 -0.65
N PHE A 421 -2.72 28.43 0.38
CA PHE A 421 -2.07 28.19 1.66
C PHE A 421 -2.82 28.97 2.72
N GLN A 422 -2.54 28.66 3.99
CA GLN A 422 -3.25 29.26 5.10
C GLN A 422 -2.24 29.80 6.11
N GLY A 423 -2.49 31.01 6.60
CA GLY A 423 -1.64 31.55 7.66
C GLY A 423 -1.89 33.02 7.85
N VAL A 424 -0.99 33.64 8.60
CA VAL A 424 -1.02 35.08 8.80
C VAL A 424 0.18 35.68 8.09
N LEU A 425 0.14 36.99 7.87
CA LEU A 425 1.24 37.70 7.22
C LEU A 425 1.70 38.84 8.10
N TYR A 426 2.94 39.25 7.91
CA TYR A 426 3.51 40.39 8.62
C TYR A 426 4.51 41.07 7.71
N GLU A 427 4.73 42.35 7.92
CA GLU A 427 5.71 43.09 7.14
C GLU A 427 7.12 42.61 7.47
N SER A 428 7.96 42.49 6.45
CA SER A 428 9.34 42.05 6.63
C SER A 428 10.30 43.00 5.93
N ASN A 429 11.54 43.01 6.40
CA ASN A 429 12.65 43.66 5.69
C ASN A 429 13.50 42.64 4.97
N PHE A 430 12.92 41.53 4.55
CA PHE A 430 13.65 40.50 3.83
C PHE A 430 13.41 40.70 2.34
N THR A 431 14.49 40.67 1.57
CA THR A 431 14.43 40.87 0.13
C THR A 431 14.99 39.64 -0.57
N PHE A 432 14.27 39.17 -1.58
CA PHE A 432 14.73 38.03 -2.36
C PHE A 432 14.58 38.34 -3.84
N ALA A 433 14.84 37.33 -4.67
CA ALA A 433 15.08 37.54 -6.08
C ALA A 433 13.82 37.96 -6.82
N GLN A 434 14.00 38.89 -7.76
CA GLN A 434 12.89 39.47 -8.50
C GLN A 434 12.25 38.52 -9.49
N TYR A 435 12.87 37.37 -9.77
CA TYR A 435 12.23 36.38 -10.63
C TYR A 435 11.01 35.77 -9.98
N TYR A 436 10.95 35.78 -8.65
CA TYR A 436 10.04 34.96 -7.88
C TYR A 436 9.20 35.84 -6.97
N ASN A 437 7.92 35.49 -6.85
CA ASN A 437 7.07 36.10 -5.84
C ASN A 437 6.92 35.26 -4.58
N LEU A 438 6.89 33.95 -4.72
CA LEU A 438 6.86 33.01 -3.62
C LEU A 438 8.27 32.61 -3.24
N LEU A 439 8.46 32.20 -1.98
CA LEU A 439 9.76 31.73 -1.51
C LEU A 439 9.62 30.55 -0.58
N TYR A 440 10.45 29.54 -0.76
CA TYR A 440 10.41 28.31 0.02
C TYR A 440 11.70 28.15 0.81
N VAL A 441 11.59 27.85 2.09
CA VAL A 441 12.72 27.41 2.89
C VAL A 441 12.51 25.92 3.14
N GLY A 442 13.21 25.09 2.40
CA GLY A 442 12.86 23.69 2.34
C GLY A 442 11.62 23.46 1.50
N SER A 443 10.52 23.10 2.14
CA SER A 443 9.28 22.83 1.43
C SER A 443 8.11 23.63 1.95
N GLN A 444 8.31 24.51 2.91
CA GLN A 444 7.25 25.34 3.43
C GLN A 444 7.37 26.74 2.86
N LEU A 445 6.21 27.35 2.61
CA LEU A 445 6.17 28.72 2.11
C LEU A 445 6.54 29.67 3.23
N ARG A 446 7.55 30.48 2.99
CA ARG A 446 8.07 31.36 4.02
C ARG A 446 7.82 32.83 3.74
N TYR A 447 7.86 33.26 2.49
CA TYR A 447 7.62 34.65 2.13
C TYR A 447 6.71 34.73 0.91
N VAL A 448 5.87 35.75 0.88
CA VAL A 448 5.17 36.13 -0.34
C VAL A 448 5.49 37.60 -0.61
N ARG A 449 5.30 37.99 -1.87
CA ARG A 449 5.55 39.36 -2.31
C ARG A 449 4.30 39.87 -3.00
N ILE A 450 3.58 40.78 -2.35
CA ILE A 450 2.31 41.31 -2.85
C ILE A 450 2.43 42.81 -2.99
N LEU A 451 2.23 43.31 -4.22
CA LEU A 451 2.32 44.74 -4.58
C LEU A 451 3.68 45.34 -4.19
N GLY A 452 4.73 44.55 -4.36
CA GLY A 452 6.07 44.99 -4.02
C GLY A 452 6.42 44.92 -2.55
N LYS A 453 5.52 44.45 -1.69
CA LYS A 453 5.78 44.32 -0.28
C LYS A 453 5.99 42.85 0.06
N VAL A 454 7.05 42.55 0.79
CA VAL A 454 7.37 41.18 1.18
C VAL A 454 6.73 40.86 2.52
N TYR A 455 5.94 39.79 2.57
CA TYR A 455 5.29 39.37 3.80
C TYR A 455 5.77 37.98 4.20
N GLU A 456 6.27 37.85 5.42
CA GLU A 456 6.67 36.55 5.96
C GLU A 456 5.46 35.77 6.44
N VAL A 457 5.29 34.56 5.91
CA VAL A 457 4.13 33.72 6.19
C VAL A 457 4.38 32.98 7.50
N SER A 458 3.42 33.05 8.40
CA SER A 458 3.47 32.31 9.65
C SER A 458 2.26 31.41 9.71
N SER A 459 2.40 30.29 10.40
CA SER A 459 1.27 29.40 10.59
C SER A 459 0.37 29.96 11.68
N CYS A 460 -0.92 29.98 11.42
CA CYS A 460 -1.85 30.43 12.43
C CYS A 460 -2.06 29.31 13.44
N PHE A 461 -1.75 29.60 14.70
CA PHE A 461 -1.62 28.58 15.73
C PHE A 461 -2.92 28.23 16.43
N GLU A 462 -4.01 28.90 16.10
CA GLU A 462 -5.28 28.65 16.76
C GLU A 462 -6.27 27.92 15.89
N ALA A 463 -5.79 27.19 14.90
CA ALA A 463 -6.70 26.54 13.97
C ALA A 463 -7.25 25.23 14.50
N SER A 464 -6.80 24.76 15.65
CA SER A 464 -7.16 23.43 16.10
C SER A 464 -7.17 23.38 17.61
N TYR A 465 -8.09 22.63 18.19
CA TYR A 465 -8.20 22.55 19.64
C TYR A 465 -8.79 21.22 20.05
N ASP A 466 -8.52 20.82 21.28
CA ASP A 466 -9.18 19.66 21.88
C ASP A 466 -10.22 20.14 22.87
N VAL A 467 -11.21 19.31 23.12
CA VAL A 467 -12.23 19.58 24.11
C VAL A 467 -12.10 18.57 25.24
N LEU A 468 -12.00 19.07 26.46
CA LEU A 468 -11.97 18.24 27.66
C LEU A 468 -13.40 18.16 28.17
N TYR A 469 -14.18 17.26 27.58
CA TYR A 469 -15.63 17.31 27.70
C TYR A 469 -16.12 16.57 28.94
N ARG A 470 -16.99 17.21 29.70
CA ARG A 470 -17.64 16.60 30.84
C ARG A 470 -19.15 16.55 30.72
N ASN A 471 -19.82 17.66 30.44
CA ASN A 471 -21.25 17.66 30.14
C ASN A 471 -21.56 18.88 29.27
N ASN A 472 -22.83 19.25 29.18
CA ASN A 472 -23.25 20.38 28.33
C ASN A 472 -22.74 21.71 28.85
N GLN A 473 -22.60 21.85 30.16
CA GLN A 473 -22.26 23.14 30.73
C GLN A 473 -20.87 23.19 31.34
N SER A 474 -20.09 22.14 31.21
CA SER A 474 -18.74 22.10 31.75
C SER A 474 -17.85 21.34 30.80
N PHE A 475 -16.98 22.06 30.11
CA PHE A 475 -15.93 21.47 29.29
C PHE A 475 -14.74 22.40 29.34
N GLY A 476 -13.58 21.89 28.95
CA GLY A 476 -12.37 22.67 28.87
C GLY A 476 -11.78 22.59 27.49
N LEU A 477 -10.99 23.61 27.15
CA LEU A 477 -10.37 23.71 25.83
C LEU A 477 -8.85 23.74 25.94
N LEU A 478 -8.20 23.04 25.03
CA LEU A 478 -6.75 22.92 24.98
C LEU A 478 -6.30 23.16 23.56
N TYR A 479 -5.46 24.17 23.36
CA TYR A 479 -4.98 24.45 22.01
C TYR A 479 -3.57 23.92 21.92
N ARG A 480 -3.40 22.74 21.34
CA ARG A 480 -2.15 22.00 21.46
C ARG A 480 -1.00 22.64 20.71
N SER A 481 -1.24 23.56 19.81
CA SER A 481 -0.14 24.11 19.02
C SER A 481 0.02 25.61 19.20
N PHE A 482 -0.62 26.20 20.19
CA PHE A 482 -0.57 27.64 20.41
C PHE A 482 0.23 27.95 21.65
N ASP A 483 1.10 28.95 21.55
CA ASP A 483 1.96 29.39 22.63
C ASP A 483 1.41 30.70 23.19
N CYS A 484 0.75 30.63 24.35
CA CYS A 484 0.14 31.81 24.95
C CYS A 484 0.98 32.38 26.09
N ASN A 485 2.28 32.48 25.86
CA ASN A 485 3.18 33.14 26.79
C ASN A 485 2.83 34.61 26.95
N GLN A 486 2.50 35.28 25.85
CA GLN A 486 2.27 36.72 25.88
C GLN A 486 0.89 37.14 25.43
N LEU A 487 0.43 36.67 24.29
CA LEU A 487 -0.75 37.24 23.66
C LEU A 487 -1.82 36.20 23.37
N SER A 491 -9.60 36.32 19.67
CA SER A 491 -10.02 35.87 20.99
C SER A 491 -11.53 35.86 21.14
N ALA A 492 -12.23 36.37 20.12
CA ALA A 492 -13.68 36.47 20.20
C ALA A 492 -14.38 35.13 20.09
N ARG A 493 -13.67 34.10 19.64
CA ARG A 493 -14.21 32.75 19.59
C ARG A 493 -14.45 32.19 20.99
N PHE A 494 -13.68 32.66 21.97
CA PHE A 494 -13.75 32.10 23.31
C PHE A 494 -14.46 33.04 24.28
N VAL A 495 -14.71 34.29 23.91
CA VAL A 495 -15.45 35.19 24.78
C VAL A 495 -16.93 34.82 24.79
N ASP A 496 -17.42 34.13 23.77
CA ASP A 496 -18.83 33.77 23.69
C ASP A 496 -19.04 32.28 23.91
N ARG A 497 -18.15 31.69 24.71
CA ARG A 497 -18.30 30.32 25.19
C ARG A 497 -18.07 30.23 26.70
N LEU A 498 -17.12 31.01 27.21
CA LEU A 498 -16.67 30.89 28.59
C LEU A 498 -16.12 32.23 29.03
N LEU A 499 -15.93 32.39 30.35
CA LEU A 499 -15.85 33.71 30.97
C LEU A 499 -14.61 34.53 30.64
N PRO A 500 -13.34 34.04 30.79
CA PRO A 500 -12.22 34.95 30.51
C PRO A 500 -11.90 35.07 29.02
N SER A 501 -11.69 36.29 28.53
CA SER A 501 -11.16 36.47 27.17
C SER A 501 -9.75 35.90 27.09
N HIS A 502 -8.86 36.49 27.86
CA HIS A 502 -7.49 36.06 28.11
C HIS A 502 -7.51 34.93 29.13
N ASN A 503 -6.37 34.79 29.83
CA ASN A 503 -6.21 33.86 30.95
C ASN A 503 -6.24 32.42 30.42
N GLY A 504 -5.50 32.22 29.35
CA GLY A 504 -5.07 30.90 28.98
C GLY A 504 -3.77 30.59 29.70
N THR A 505 -3.73 29.41 30.28
CA THR A 505 -2.54 28.93 30.96
C THR A 505 -1.58 28.36 29.92
N ALA A 506 -0.31 28.74 30.01
CA ALA A 506 0.71 28.20 29.12
C ALA A 506 1.28 26.92 29.73
N THR A 507 1.05 25.80 29.06
CA THR A 507 1.50 24.50 29.51
C THR A 507 2.48 23.94 28.49
N VAL A 508 3.02 22.76 28.79
CA VAL A 508 3.84 22.06 27.81
C VAL A 508 2.98 21.34 26.78
N LEU A 509 1.70 21.17 27.07
CA LEU A 509 0.78 20.56 26.12
C LEU A 509 0.19 21.57 25.15
N GLY A 510 0.18 22.84 25.48
CA GLY A 510 -0.47 23.85 24.70
C GLY A 510 -1.08 24.88 25.61
N CYS A 511 -2.01 25.67 25.08
CA CYS A 511 -2.67 26.71 25.84
C CYS A 511 -3.99 26.17 26.36
N LEU A 512 -4.18 26.26 27.66
CA LEU A 512 -5.30 25.65 28.34
C LEU A 512 -6.33 26.72 28.68
N PHE A 513 -7.61 26.39 28.52
CA PHE A 513 -8.68 27.35 28.75
C PHE A 513 -9.77 26.74 29.59
N ASN A 514 -10.07 27.41 30.69
CA ASN A 514 -11.19 27.10 31.58
C ASN A 514 -11.08 25.69 32.11
N ALA A 515 -9.86 25.35 32.47
CA ALA A 515 -9.47 24.07 33.04
C ALA A 515 -8.39 24.35 34.06
N SER A 516 -8.32 23.51 35.08
CA SER A 516 -7.31 23.68 36.11
C SER A 516 -6.03 22.96 35.72
N TYR A 517 -4.89 23.59 35.96
CA TYR A 517 -3.59 23.01 35.66
C TYR A 517 -2.88 22.76 36.98
N ALA A 518 -2.80 21.49 37.37
CA ALA A 518 -2.19 21.07 38.63
C ALA A 518 -1.06 20.11 38.32
N PRO A 519 0.12 20.63 37.97
CA PRO A 519 1.25 19.74 37.67
C PRO A 519 1.82 19.02 38.87
N ASN A 520 1.47 19.43 40.10
CA ASN A 520 1.92 18.73 41.29
C ASN A 520 1.21 17.39 41.45
N ASP A 521 -0.11 17.41 41.32
CA ASP A 521 -0.94 16.27 41.70
C ASP A 521 -0.81 15.15 40.68
N THR A 522 -0.92 13.92 41.17
CA THR A 522 -0.73 12.75 40.34
C THR A 522 -1.96 11.87 40.38
N MET A 523 -2.14 11.09 39.32
CA MET A 523 -3.20 10.09 39.20
C MET A 523 -2.54 8.77 38.86
N VAL A 524 -3.06 7.68 39.41
CA VAL A 524 -2.48 6.37 39.14
C VAL A 524 -3.27 5.60 38.09
N ASN A 525 -4.57 5.81 37.98
CA ASN A 525 -5.37 5.24 36.88
C ASN A 525 -5.80 6.39 36.00
N CYS A 526 -5.14 6.53 34.86
CA CYS A 526 -5.47 7.57 33.90
C CYS A 526 -6.34 6.96 32.83
N THR A 527 -7.63 7.25 32.88
CA THR A 527 -8.56 6.80 31.85
C THR A 527 -8.74 7.83 30.75
N ASN A 528 -8.13 9.00 30.89
CA ASN A 528 -8.17 10.06 29.88
C ASN A 528 -6.78 10.68 29.75
N PRO A 529 -5.89 10.08 28.98
CA PRO A 529 -4.55 10.65 28.82
C PRO A 529 -4.54 11.83 27.86
N LEU A 530 -3.70 12.81 28.18
CA LEU A 530 -3.52 13.96 27.31
C LEU A 530 -2.25 13.89 26.47
N GLY A 531 -1.28 13.11 26.88
CA GLY A 531 0.00 13.06 26.22
C GLY A 531 1.06 13.65 27.13
N ASP A 532 2.31 13.19 26.92
CA ASP A 532 3.52 13.75 27.53
C ASP A 532 3.53 13.64 29.05
N GLY A 533 2.77 12.69 29.61
CA GLY A 533 2.77 12.44 31.03
C GLY A 533 1.59 12.98 31.80
N PHE A 534 0.58 13.49 31.12
CA PHE A 534 -0.53 14.21 31.74
C PHE A 534 -1.82 13.45 31.58
N CYS A 535 -2.82 13.87 32.36
CA CYS A 535 -4.09 13.17 32.43
C CYS A 535 -5.19 14.21 32.58
N ALA A 536 -6.34 13.92 32.01
CA ALA A 536 -7.51 14.79 32.14
C ALA A 536 -8.44 14.18 33.17
N ASP A 537 -8.62 14.88 34.29
CA ASP A 537 -9.54 14.46 35.33
C ASP A 537 -10.89 15.13 35.08
N LEU A 538 -11.92 14.33 34.86
CA LEU A 538 -13.21 14.81 34.39
C LEU A 538 -14.33 14.30 35.28
N LEU A 539 -14.17 14.40 36.59
CA LEU A 539 -15.08 13.77 37.52
C LEU A 539 -15.79 14.74 38.46
N GLY A 540 -15.07 15.69 39.05
CA GLY A 540 -15.72 16.77 39.77
C GLY A 540 -15.85 18.01 38.91
N ASN A 541 -14.74 18.45 38.35
CA ASN A 541 -14.71 19.45 37.30
C ASN A 541 -13.52 19.14 36.41
N VAL A 542 -13.08 20.13 35.63
CA VAL A 542 -12.06 19.89 34.62
C VAL A 542 -10.71 20.28 35.20
N ALA A 543 -9.76 19.34 35.16
CA ALA A 543 -8.44 19.52 35.76
C ALA A 543 -7.42 18.68 35.02
N VAL A 544 -6.21 19.21 34.90
CA VAL A 544 -5.13 18.54 34.19
C VAL A 544 -4.06 18.19 35.21
N ARG A 545 -3.85 16.89 35.43
CA ARG A 545 -2.95 16.37 36.44
C ARG A 545 -1.83 15.58 35.77
N ARG A 546 -0.96 15.00 36.59
CA ARG A 546 0.22 14.27 36.14
C ARG A 546 -0.03 12.76 36.24
N MET A 547 0.50 12.00 35.29
CA MET A 547 0.41 10.55 35.34
C MET A 547 1.56 9.93 36.13
N THR A 548 1.25 8.88 36.88
CA THR A 548 2.28 8.12 37.59
C THR A 548 2.03 6.63 37.43
N PHE A 549 3.07 5.84 37.73
CA PHE A 549 3.06 4.40 37.56
C PHE A 549 3.41 3.75 38.89
N GLU A 550 2.82 2.59 39.14
CA GLU A 550 3.16 1.78 40.30
C GLU A 550 4.50 1.08 40.09
N LYS A 551 5.38 1.16 41.08
CA LYS A 551 6.74 0.63 40.98
C LYS A 551 6.79 -0.85 41.35
N HIS A 552 7.61 -1.60 40.62
CA HIS A 552 7.77 -3.02 40.85
C HIS A 552 9.16 -3.29 41.41
N ASP A 553 9.45 -4.56 41.64
CA ASP A 553 10.70 -5.03 42.19
C ASP A 553 11.26 -6.12 41.27
N THR A 554 12.26 -6.84 41.73
CA THR A 554 12.92 -7.88 40.96
C THR A 554 13.08 -9.13 41.80
N THR A 555 13.19 -10.28 41.15
CA THR A 555 13.48 -11.51 41.86
C THR A 555 14.96 -11.76 41.98
N TYR A 556 15.78 -10.89 41.47
CA TYR A 556 17.22 -11.00 41.66
C TYR A 556 17.59 -10.62 43.08
N VAL A 557 18.36 -11.48 43.72
CA VAL A 557 18.88 -11.23 45.07
C VAL A 557 20.39 -11.31 44.99
N ALA A 558 21.05 -10.24 45.37
CA ALA A 558 22.50 -10.22 45.36
C ALA A 558 23.02 -11.08 46.50
N PRO A 559 24.00 -11.94 46.24
CA PRO A 559 24.47 -12.85 47.29
C PRO A 559 25.30 -12.14 48.34
N VAL A 560 25.23 -12.66 49.56
CA VAL A 560 25.79 -12.00 50.73
C VAL A 560 27.20 -12.51 50.95
N THR A 561 28.18 -11.60 50.87
CA THR A 561 29.58 -11.97 51.01
C THR A 561 30.22 -11.42 52.27
N ASN A 562 29.52 -10.59 53.03
CA ASN A 562 30.01 -10.15 54.33
C ASN A 562 28.81 -9.84 55.21
N GLU A 563 29.08 -9.55 56.48
CA GLU A 563 27.99 -9.25 57.39
C GLU A 563 27.47 -7.84 57.15
N ARG A 564 26.18 -7.73 56.88
CA ARG A 564 25.56 -6.43 56.68
C ARG A 564 24.07 -6.53 56.95
N TYR A 565 23.38 -5.42 56.74
CA TYR A 565 21.92 -5.38 56.80
C TYR A 565 21.31 -5.70 55.44
N THR A 566 20.18 -6.39 55.48
CA THR A 566 19.41 -6.74 54.29
C THR A 566 17.97 -6.40 54.57
N GLU A 567 17.21 -6.13 53.52
CA GLU A 567 15.80 -5.80 53.67
C GLU A 567 14.97 -6.95 53.10
N MET A 568 14.48 -7.78 53.94
CA MET A 568 13.75 -8.98 53.62
C MET A 568 12.26 -8.76 53.76
N PRO A 569 11.45 -9.41 52.94
CA PRO A 569 10.00 -9.27 53.06
C PRO A 569 9.40 -10.04 54.22
N LEU A 570 8.36 -9.45 54.83
CA LEU A 570 7.59 -10.12 55.88
C LEU A 570 6.45 -10.98 55.36
N ASP A 571 5.79 -10.57 54.28
CA ASP A 571 4.79 -11.42 53.65
C ASP A 571 4.69 -11.08 52.18
N HIS A 572 3.87 -11.86 51.49
CA HIS A 572 3.72 -11.75 50.04
C HIS A 572 2.26 -11.52 49.69
N GLN A 573 2.07 -10.93 48.52
CA GLN A 573 0.77 -10.77 47.91
C GLN A 573 0.73 -11.63 46.66
N LEU A 574 -0.34 -12.40 46.49
CA LEU A 574 -0.55 -13.11 45.24
C LEU A 574 -1.25 -12.17 44.26
N ILE A 575 -0.67 -12.02 43.08
CA ILE A 575 -1.28 -11.19 42.05
C ILE A 575 -1.63 -12.08 40.87
N LEU A 576 -2.46 -11.56 39.98
CA LEU A 576 -2.82 -12.22 38.74
C LEU A 576 -2.60 -11.28 37.58
N THR A 577 -1.87 -11.75 36.57
CA THR A 577 -1.55 -10.98 35.38
C THR A 577 -2.13 -11.69 34.17
N GLU A 578 -3.11 -11.07 33.51
CA GLU A 578 -3.61 -11.55 32.24
C GLU A 578 -2.82 -10.94 31.10
N GLN A 579 -2.41 -11.76 30.15
CA GLN A 579 -1.63 -11.31 29.00
C GLN A 579 -2.27 -11.85 27.74
N PHE A 580 -2.76 -10.96 26.88
CA PHE A 580 -3.41 -11.39 25.66
C PHE A 580 -2.48 -11.27 24.47
N LEU A 581 -2.50 -12.29 23.62
CA LEU A 581 -1.67 -12.35 22.43
C LEU A 581 -2.50 -12.89 21.29
N GLN A 582 -2.42 -12.24 20.13
CA GLN A 582 -3.24 -12.64 18.99
C GLN A 582 -2.54 -13.71 18.20
N THR A 583 -3.23 -14.80 17.92
CA THR A 583 -2.60 -15.90 17.20
C THR A 583 -3.23 -16.23 15.86
N THR A 584 -4.40 -15.69 15.53
CA THR A 584 -5.05 -16.21 14.35
C THR A 584 -5.89 -15.12 13.69
N MET A 585 -6.17 -15.34 12.42
CA MET A 585 -7.12 -14.60 11.61
C MET A 585 -7.99 -15.57 10.86
N PRO A 586 -9.12 -15.13 10.31
CA PRO A 586 -9.86 -16.00 9.39
C PRO A 586 -9.22 -16.00 8.01
N LYS A 587 -9.11 -17.17 7.41
CA LYS A 587 -8.62 -17.26 6.06
C LYS A 587 -9.64 -16.69 5.08
N PHE A 588 -9.15 -16.20 3.96
CA PHE A 588 -10.03 -15.66 2.93
C PHE A 588 -9.72 -16.36 1.62
N SER A 589 -10.72 -16.40 0.76
CA SER A 589 -10.54 -16.87 -0.60
C SER A 589 -11.21 -15.85 -1.49
N VAL A 590 -10.43 -15.22 -2.36
CA VAL A 590 -10.89 -14.08 -3.13
C VAL A 590 -10.84 -14.41 -4.61
N SER A 591 -11.99 -14.31 -5.27
CA SER A 591 -12.07 -14.35 -6.72
C SER A 591 -12.07 -12.89 -7.17
N CYS A 592 -11.00 -12.49 -7.86
CA CYS A 592 -10.79 -11.08 -8.16
C CYS A 592 -11.76 -10.57 -9.20
N GLU A 593 -12.11 -11.44 -10.16
CA GLU A 593 -12.95 -10.98 -11.26
C GLU A 593 -14.37 -10.73 -10.80
N THR A 594 -14.89 -11.56 -9.91
CA THR A 594 -16.26 -11.41 -9.45
C THR A 594 -16.42 -10.20 -8.55
N TYR A 595 -15.38 -9.84 -7.80
CA TYR A 595 -15.45 -8.64 -6.98
C TYR A 595 -15.50 -7.40 -7.85
N ILE A 596 -14.67 -7.34 -8.88
CA ILE A 596 -14.51 -6.13 -9.66
C ILE A 596 -15.50 -6.11 -10.81
N CYS A 597 -15.50 -7.14 -11.63
CA CYS A 597 -16.28 -7.19 -12.86
C CYS A 597 -17.28 -8.31 -12.73
N ASP A 598 -18.41 -8.05 -12.05
CA ASP A 598 -19.27 -9.10 -11.50
C ASP A 598 -19.75 -10.17 -12.48
N VAL A 599 -20.50 -9.81 -13.51
CA VAL A 599 -20.92 -10.72 -14.56
C VAL A 599 -20.64 -10.10 -15.92
N SER A 600 -20.18 -8.87 -15.92
CA SER A 600 -20.03 -8.12 -17.16
C SER A 600 -18.84 -8.63 -17.94
N LYS A 601 -19.09 -9.14 -19.14
CA LYS A 601 -18.01 -9.53 -20.03
C LYS A 601 -17.34 -8.29 -20.61
N ALA A 602 -18.06 -7.18 -20.69
CA ALA A 602 -17.47 -5.92 -21.10
C ALA A 602 -16.45 -5.41 -20.10
N CYS A 603 -16.62 -5.71 -18.81
CA CYS A 603 -15.67 -5.35 -17.78
C CYS A 603 -14.49 -6.29 -17.74
N LYS A 604 -14.73 -7.59 -17.97
CA LYS A 604 -13.67 -8.58 -17.85
C LYS A 604 -12.66 -8.45 -18.96
N ASN A 605 -13.00 -7.77 -20.06
CA ASN A 605 -12.02 -7.51 -21.10
C ASN A 605 -11.07 -6.39 -20.71
N LEU A 606 -11.51 -5.49 -19.83
CA LEU A 606 -10.66 -4.35 -19.49
C LEU A 606 -9.75 -4.65 -18.30
N LEU A 607 -10.14 -5.59 -17.43
CA LEU A 607 -9.21 -6.10 -16.44
C LEU A 607 -8.02 -6.81 -17.08
N PHE A 608 -8.21 -7.34 -18.27
CA PHE A 608 -7.13 -8.02 -18.96
C PHE A 608 -6.00 -7.07 -19.35
N ARG A 609 -6.29 -5.78 -19.50
CA ARG A 609 -5.28 -4.82 -19.89
C ARG A 609 -4.40 -4.37 -18.73
N TYR A 610 -4.82 -4.58 -17.49
CA TYR A 610 -3.99 -4.20 -16.36
C TYR A 610 -2.92 -5.25 -16.11
N GLY A 611 -1.82 -4.80 -15.53
CA GLY A 611 -0.62 -5.60 -15.63
C GLY A 611 -0.58 -6.68 -14.57
N GLY A 612 -1.15 -7.83 -14.93
CA GLY A 612 -1.27 -8.99 -14.05
C GLY A 612 -1.88 -8.67 -12.70
N PHE A 613 -3.06 -8.06 -12.67
CA PHE A 613 -3.65 -7.69 -11.39
C PHE A 613 -4.35 -8.87 -10.75
N CYS A 614 -5.17 -9.58 -11.52
CA CYS A 614 -5.97 -10.65 -10.96
C CYS A 614 -5.15 -11.86 -10.57
N GLN A 615 -4.02 -12.07 -11.24
CA GLN A 615 -3.12 -13.13 -10.83
C GLN A 615 -2.41 -12.77 -9.55
N LYS A 616 -2.12 -11.48 -9.35
CA LYS A 616 -1.32 -11.04 -8.23
C LYS A 616 -2.11 -11.05 -6.93
N VAL A 617 -3.41 -10.75 -7.01
CA VAL A 617 -4.23 -10.69 -5.80
C VAL A 617 -4.48 -12.08 -5.27
N GLU A 618 -4.69 -13.04 -6.16
CA GLU A 618 -4.97 -14.40 -5.71
C GLU A 618 -3.71 -15.10 -5.23
N ALA A 619 -2.55 -14.71 -5.73
CA ALA A 619 -1.32 -15.34 -5.28
C ALA A 619 -0.90 -14.84 -3.92
N ASP A 620 -1.34 -13.65 -3.54
CA ASP A 620 -0.96 -13.09 -2.26
C ASP A 620 -1.90 -13.55 -1.16
N ILE A 621 -3.18 -13.74 -1.48
CA ILE A 621 -4.11 -14.28 -0.51
C ILE A 621 -3.80 -15.73 -0.23
N ARG A 622 -3.50 -16.49 -1.27
CA ARG A 622 -3.19 -17.90 -1.09
C ARG A 622 -1.81 -18.09 -0.47
N GLY A 623 -0.91 -17.15 -0.71
CA GLY A 623 0.39 -17.23 -0.09
C GLY A 623 0.35 -16.86 1.38
N ALA A 624 -0.50 -15.90 1.75
CA ALA A 624 -0.61 -15.52 3.14
C ALA A 624 -1.48 -16.49 3.92
N GLY A 625 -2.34 -17.23 3.22
CA GLY A 625 -3.10 -18.26 3.89
C GLY A 625 -2.28 -19.51 4.14
N ILE A 626 -1.20 -19.69 3.39
CA ILE A 626 -0.27 -20.78 3.64
C ILE A 626 0.57 -20.49 4.87
N LEU A 627 1.07 -19.27 5.00
CA LEU A 627 1.96 -18.94 6.12
C LEU A 627 1.21 -18.96 7.43
N LEU A 628 -0.05 -18.55 7.42
CA LEU A 628 -0.86 -18.61 8.62
C LEU A 628 -1.19 -20.04 9.00
N ASP A 629 -1.41 -20.91 8.03
CA ASP A 629 -1.62 -22.33 8.34
C ASP A 629 -0.34 -23.00 8.79
N GLY A 630 0.82 -22.45 8.44
CA GLY A 630 2.06 -23.02 8.91
C GLY A 630 2.31 -22.68 10.37
N ASP A 631 1.91 -21.48 10.79
CA ASP A 631 2.16 -21.01 12.15
C ASP A 631 1.17 -21.60 13.14
N VAL A 632 -0.07 -21.78 12.72
CA VAL A 632 -1.07 -22.34 13.61
C VAL A 632 -0.81 -23.82 13.81
N SER A 633 -0.22 -24.47 12.81
CA SER A 633 0.08 -25.89 12.91
C SER A 633 1.25 -26.15 13.84
N SER A 634 2.26 -25.27 13.84
CA SER A 634 3.37 -25.45 14.76
C SER A 634 2.96 -25.05 16.17
N LEU A 635 1.97 -24.18 16.29
CA LEU A 635 1.47 -23.77 17.60
C LEU A 635 0.72 -24.90 18.28
N TYR A 636 -0.11 -25.62 17.56
CA TYR A 636 -0.87 -26.70 18.14
C TYR A 636 -0.07 -27.97 18.28
N SER A 637 1.13 -27.99 17.73
CA SER A 637 2.08 -29.05 18.05
C SER A 637 2.83 -28.73 19.33
N THR A 638 2.66 -27.52 19.87
CA THR A 638 3.28 -27.14 21.12
C THR A 638 2.25 -27.17 22.26
N ILE A 639 1.00 -26.87 21.95
CA ILE A 639 -0.09 -26.97 22.91
C ILE A 639 -0.33 -28.41 23.30
N ALA A 640 -0.26 -29.32 22.33
CA ALA A 640 -0.54 -30.73 22.53
C ALA A 640 0.50 -31.39 23.42
N ALA A 641 0.13 -31.72 24.63
CA ALA A 641 1.05 -32.20 25.63
C ALA A 641 0.54 -33.48 26.25
N LYS A 642 1.47 -34.25 26.82
CA LYS A 642 1.12 -35.50 27.48
C LYS A 642 0.51 -35.26 28.83
N THR A 643 -0.55 -36.01 29.14
CA THR A 643 -1.18 -35.91 30.44
C THR A 643 -1.04 -37.23 31.17
N SER A 644 -1.19 -37.18 32.49
CA SER A 644 -1.13 -38.38 33.30
C SER A 644 -2.36 -39.23 33.04
N SER A 645 -2.20 -40.54 33.22
CA SER A 645 -3.37 -41.40 33.25
C SER A 645 -4.11 -41.29 34.56
N VAL A 646 -3.39 -41.05 35.65
CA VAL A 646 -4.00 -40.83 36.96
C VAL A 646 -4.08 -39.33 37.19
N VAL A 647 -5.28 -38.77 37.11
CA VAL A 647 -5.47 -37.33 37.22
C VAL A 647 -5.40 -36.93 38.69
N PRO A 648 -4.52 -36.01 39.07
CA PRO A 648 -4.48 -35.56 40.46
C PRO A 648 -5.72 -34.76 40.82
N THR A 649 -6.10 -34.86 42.08
CA THR A 649 -7.26 -34.16 42.57
C THR A 649 -6.88 -32.73 42.90
N THR A 650 -7.75 -31.80 42.55
CA THR A 650 -7.60 -30.40 42.91
C THR A 650 -8.32 -30.24 44.25
N ASP A 651 -7.57 -30.09 45.33
CA ASP A 651 -8.15 -30.12 46.66
C ASP A 651 -9.07 -28.94 46.96
N ARG A 652 -8.51 -27.76 47.09
CA ARG A 652 -9.30 -26.56 47.30
C ARG A 652 -9.02 -25.51 46.24
N PHE A 653 -8.19 -25.81 45.26
CA PHE A 653 -8.00 -24.99 44.09
C PHE A 653 -9.15 -25.28 43.14
N ASN A 654 -9.91 -24.26 42.75
CA ASN A 654 -11.08 -24.49 41.91
C ASN A 654 -10.68 -24.41 40.44
N VAL A 655 -9.84 -25.35 40.02
CA VAL A 655 -9.36 -25.39 38.65
C VAL A 655 -10.45 -25.85 37.69
N SER A 656 -11.10 -26.97 37.99
CA SER A 656 -12.07 -27.55 37.08
C SER A 656 -13.33 -26.70 36.93
N GLN A 657 -13.60 -25.83 37.90
CA GLN A 657 -14.70 -24.89 37.80
C GLN A 657 -14.41 -23.77 36.80
N PHE A 658 -13.18 -23.25 36.77
CA PHE A 658 -12.84 -22.08 35.98
C PHE A 658 -12.16 -22.39 34.67
N PHE A 659 -11.28 -23.37 34.62
CA PHE A 659 -10.51 -23.62 33.41
C PHE A 659 -10.87 -24.83 32.56
N LEU A 660 -11.26 -25.92 33.19
CA LEU A 660 -11.60 -27.13 32.45
C LEU A 660 -12.96 -27.00 31.78
N PRO A 661 -13.12 -27.65 30.63
CA PRO A 661 -14.38 -27.61 29.90
C PRO A 661 -15.57 -28.08 30.72
N LYS A 662 -16.70 -27.44 30.50
CA LYS A 662 -17.86 -27.64 31.34
C LYS A 662 -18.48 -29.00 31.05
N THR A 663 -18.73 -29.76 32.11
CA THR A 663 -18.93 -31.20 32.04
C THR A 663 -20.18 -31.55 31.25
N GLN A 664 -19.98 -32.29 30.16
CA GLN A 664 -21.02 -32.46 29.16
C GLN A 664 -22.14 -33.33 29.70
N SER A 665 -23.36 -32.91 29.44
CA SER A 665 -24.53 -33.64 29.89
C SER A 665 -24.80 -34.80 28.94
N SER A 666 -25.83 -35.56 29.27
CA SER A 666 -26.32 -36.63 28.39
C SER A 666 -27.38 -36.09 27.44
N ALA A 667 -27.04 -35.05 26.69
CA ALA A 667 -27.98 -34.33 25.85
C ALA A 667 -27.21 -33.67 24.70
N ASN A 668 -27.92 -32.83 23.95
CA ASN A 668 -27.33 -32.10 22.82
C ASN A 668 -26.83 -30.72 23.22
N LYS A 669 -26.00 -30.69 24.26
CA LYS A 669 -25.33 -29.46 24.72
C LYS A 669 -23.87 -29.82 24.97
N TYR A 670 -23.04 -29.72 23.93
CA TYR A 670 -21.60 -29.92 24.08
C TYR A 670 -20.94 -28.54 24.14
N GLU A 671 -20.95 -27.96 25.32
CA GLU A 671 -20.23 -26.71 25.57
C GLU A 671 -18.77 -27.07 25.75
N SER A 672 -17.99 -26.88 24.69
CA SER A 672 -16.58 -27.22 24.72
C SER A 672 -15.73 -26.17 25.41
N ARG A 673 -16.26 -24.98 25.66
CA ARG A 673 -15.47 -23.98 26.33
C ARG A 673 -15.54 -24.18 27.84
N SER A 674 -14.64 -23.51 28.54
CA SER A 674 -14.62 -23.49 29.98
C SER A 674 -15.52 -22.36 30.48
N ALA A 675 -15.42 -22.03 31.75
CA ALA A 675 -16.21 -20.93 32.29
C ALA A 675 -15.55 -19.58 32.04
N ILE A 676 -14.21 -19.54 32.04
CA ILE A 676 -13.50 -18.33 31.69
C ILE A 676 -13.60 -18.04 30.20
N GLU A 677 -13.48 -19.08 29.36
CA GLU A 677 -13.57 -18.92 27.91
C GLU A 677 -14.94 -18.42 27.47
N ASP A 678 -16.00 -18.76 28.22
CA ASP A 678 -17.31 -18.19 27.93
C ASP A 678 -17.43 -16.76 28.41
N LEU A 679 -16.73 -16.39 29.49
CA LEU A 679 -16.77 -15.01 29.95
C LEU A 679 -15.99 -14.10 29.03
N LEU A 680 -15.00 -14.62 28.33
CA LEU A 680 -14.20 -13.77 27.47
C LEU A 680 -14.91 -13.51 26.15
N PHE A 681 -15.83 -14.38 25.74
CA PHE A 681 -16.56 -14.11 24.50
C PHE A 681 -17.75 -13.21 24.74
N SER A 682 -18.30 -13.22 25.94
CA SER A 682 -19.48 -12.42 26.21
C SER A 682 -19.16 -10.98 26.58
N LYS A 683 -18.03 -10.73 27.22
CA LYS A 683 -17.66 -9.37 27.55
C LYS A 683 -17.13 -8.59 26.35
N ILE A 684 -16.77 -9.27 25.28
CA ILE A 684 -16.33 -8.60 24.07
C ILE A 684 -17.56 -8.34 23.21
N GLU A 685 -17.86 -7.07 23.01
CA GLU A 685 -19.01 -6.68 22.20
C GLU A 685 -18.66 -6.71 20.72
N THR A 686 -19.66 -7.03 19.91
CA THR A 686 -19.48 -6.87 18.49
C THR A 686 -19.87 -5.44 18.08
N THR A 687 -19.39 -5.04 16.92
CA THR A 687 -19.34 -3.62 16.58
C THR A 687 -20.71 -3.09 16.20
N GLY A 688 -21.51 -3.91 15.53
CA GLY A 688 -22.81 -3.52 15.06
C GLY A 688 -23.30 -4.57 14.10
N PRO A 689 -24.46 -4.34 13.47
CA PRO A 689 -24.91 -5.28 12.45
C PRO A 689 -24.04 -5.21 11.21
N GLY A 690 -23.92 -6.34 10.52
CA GLY A 690 -23.01 -6.40 9.40
C GLY A 690 -22.61 -7.83 9.13
N PHE A 691 -21.53 -7.98 8.38
CA PHE A 691 -21.07 -9.29 7.95
C PHE A 691 -20.03 -9.89 8.88
N TYR A 692 -19.28 -9.07 9.60
CA TYR A 692 -18.40 -9.61 10.62
C TYR A 692 -19.18 -9.90 11.89
N GLY A 693 -20.24 -9.15 12.14
CA GLY A 693 -21.06 -9.41 13.32
C GLY A 693 -21.85 -10.71 13.20
N ASP A 694 -22.24 -11.05 11.97
CA ASP A 694 -22.87 -12.35 11.75
C ASP A 694 -21.87 -13.48 11.89
N TYR A 695 -20.62 -13.24 11.50
CA TYR A 695 -19.60 -14.26 11.60
C TYR A 695 -19.16 -14.47 13.03
N TYR A 696 -19.07 -13.37 13.78
CA TYR A 696 -18.62 -13.44 15.16
C TYR A 696 -19.65 -14.11 16.05
N ASN A 697 -20.93 -13.85 15.79
CA ASN A 697 -21.99 -14.42 16.62
C ASN A 697 -22.21 -15.89 16.33
N CYS A 698 -21.79 -16.36 15.15
CA CYS A 698 -21.84 -17.80 14.89
C CYS A 698 -20.82 -18.54 15.73
N LYS A 699 -19.65 -17.94 15.91
CA LYS A 699 -18.62 -18.54 16.74
C LYS A 699 -18.95 -18.43 18.22
N LYS A 700 -19.56 -17.32 18.63
CA LYS A 700 -19.91 -17.13 20.03
C LYS A 700 -21.04 -18.05 20.45
N ASN A 701 -21.99 -18.34 19.57
CA ASN A 701 -23.10 -19.21 19.93
C ASN A 701 -22.68 -20.67 19.97
N ALA A 702 -21.89 -21.11 18.99
CA ALA A 702 -21.33 -22.46 18.87
C ALA A 702 -22.43 -23.54 18.88
N ILE A 703 -23.27 -23.47 17.88
CA ILE A 703 -24.32 -24.47 17.66
C ILE A 703 -23.72 -25.64 16.90
N GLN A 704 -24.09 -26.86 17.32
CA GLN A 704 -23.44 -28.07 16.87
C GLN A 704 -23.81 -28.39 15.42
N ASP A 705 -22.79 -28.69 14.61
CA ASP A 705 -22.90 -29.00 13.18
C ASP A 705 -23.55 -27.88 12.38
N LEU A 706 -23.10 -26.65 12.65
CA LEU A 706 -23.61 -25.46 11.97
C LEU A 706 -22.45 -24.70 11.38
N THR A 707 -22.52 -24.42 10.08
CA THR A 707 -21.43 -23.74 9.40
C THR A 707 -21.40 -22.25 9.76
N CYS A 708 -20.20 -21.71 9.83
CA CYS A 708 -20.02 -20.30 10.07
C CYS A 708 -19.40 -19.59 8.89
N ALA A 709 -19.01 -20.31 7.85
CA ALA A 709 -18.44 -19.74 6.65
C ALA A 709 -19.46 -18.90 5.92
N GLN A 710 -18.99 -17.87 5.23
CA GLN A 710 -19.87 -16.94 4.55
C GLN A 710 -19.28 -16.53 3.22
N TYR A 711 -20.17 -16.28 2.26
CA TYR A 711 -19.80 -15.89 0.91
C TYR A 711 -20.54 -14.63 0.54
N HIS A 712 -19.82 -13.60 0.13
CA HIS A 712 -20.43 -12.43 -0.47
C HIS A 712 -19.51 -11.90 -1.54
N ASN A 713 -20.03 -11.83 -2.78
CA ASN A 713 -19.43 -11.07 -3.88
C ASN A 713 -18.08 -11.60 -4.30
N GLY A 714 -17.89 -12.90 -4.17
CA GLY A 714 -16.62 -13.51 -4.49
C GLY A 714 -15.62 -13.57 -3.36
N ILE A 715 -16.05 -13.42 -2.11
CA ILE A 715 -15.14 -13.42 -0.97
C ILE A 715 -15.67 -14.39 0.06
N LEU A 716 -14.96 -15.49 0.25
CA LEU A 716 -15.35 -16.56 1.15
C LEU A 716 -14.55 -16.45 2.43
N VAL A 717 -15.17 -16.73 3.57
CA VAL A 717 -14.49 -16.71 4.86
C VAL A 717 -14.34 -18.14 5.33
N ILE A 718 -13.11 -18.65 5.27
CA ILE A 718 -12.78 -20.05 5.53
C ILE A 718 -12.20 -20.14 6.93
N PRO A 719 -12.55 -21.13 7.74
CA PRO A 719 -11.90 -21.27 9.04
C PRO A 719 -10.45 -21.68 8.87
N PRO A 720 -9.60 -21.40 9.84
CA PRO A 720 -8.20 -21.81 9.70
C PRO A 720 -8.03 -23.29 10.03
N ILE A 721 -6.78 -23.76 10.06
CA ILE A 721 -6.51 -25.18 10.18
C ILE A 721 -6.94 -25.76 11.52
N MET A 722 -6.98 -24.98 12.58
CA MET A 722 -7.43 -25.53 13.84
C MET A 722 -8.58 -24.77 14.48
N ASP A 723 -8.63 -23.45 14.30
CA ASP A 723 -9.76 -22.59 14.67
C ASP A 723 -10.04 -22.65 16.17
N ALA A 724 -9.16 -21.99 16.92
CA ALA A 724 -9.23 -21.87 18.37
C ALA A 724 -10.55 -21.33 18.90
N GLU A 725 -11.29 -20.55 18.12
CA GLU A 725 -12.52 -19.94 18.61
C GLU A 725 -13.66 -20.93 18.78
N THR A 726 -13.52 -22.14 18.28
CA THR A 726 -14.49 -23.19 18.52
C THR A 726 -14.09 -24.14 19.64
N LEU A 727 -12.81 -24.13 20.04
CA LEU A 727 -12.23 -25.14 20.91
C LEU A 727 -12.22 -24.71 22.37
N GLY A 728 -11.91 -25.68 23.23
CA GLY A 728 -11.46 -25.43 24.58
C GLY A 728 -10.01 -25.85 24.68
N MET A 729 -9.25 -25.11 25.48
CA MET A 729 -7.80 -25.30 25.54
C MET A 729 -7.45 -26.62 26.20
N TYR A 730 -8.22 -27.02 27.20
CA TYR A 730 -7.90 -28.20 27.97
C TYR A 730 -8.81 -29.36 27.66
N GLY A 731 -9.33 -29.45 26.45
CA GLY A 731 -10.15 -30.57 26.07
C GLY A 731 -10.10 -30.78 24.58
N GLY A 732 -10.34 -32.02 24.15
CA GLY A 732 -10.45 -32.36 22.75
C GLY A 732 -9.24 -33.14 22.28
N ILE A 733 -8.92 -32.96 21.01
CA ILE A 733 -7.89 -33.75 20.36
C ILE A 733 -6.52 -33.08 20.45
N ALA A 734 -6.47 -31.76 20.37
CA ALA A 734 -5.23 -31.01 20.55
C ALA A 734 -5.13 -30.45 21.96
N ALA A 735 -5.59 -31.22 22.94
CA ALA A 735 -5.81 -30.70 24.28
C ALA A 735 -4.50 -30.45 25.01
N ALA A 736 -4.46 -29.34 25.73
CA ALA A 736 -3.33 -28.99 26.55
C ALA A 736 -3.37 -29.76 27.86
N SER A 737 -2.24 -29.82 28.51
CA SER A 737 -2.10 -30.48 29.79
C SER A 737 -2.22 -29.44 30.90
N VAL A 738 -3.06 -29.72 31.90
CA VAL A 738 -3.20 -28.78 33.01
C VAL A 738 -2.09 -29.02 34.02
N THR A 739 -1.51 -30.21 34.00
CA THR A 739 -0.63 -30.68 35.05
C THR A 739 0.84 -30.66 34.68
N LEU A 740 1.18 -30.50 33.40
CA LEU A 740 2.56 -30.68 32.95
C LEU A 740 3.49 -29.60 33.45
N GLY A 741 2.96 -28.47 33.88
CA GLY A 741 3.81 -27.37 34.31
C GLY A 741 4.14 -27.31 35.78
N ILE A 742 3.28 -27.89 36.62
CA ILE A 742 3.56 -27.93 38.05
C ILE A 742 3.76 -29.34 38.59
N PHE A 743 3.18 -30.37 37.98
CA PHE A 743 3.58 -31.73 38.33
C PHE A 743 4.79 -32.19 37.55
N GLY A 744 5.15 -31.50 36.47
CA GLY A 744 6.37 -31.78 35.76
C GLY A 744 6.30 -33.00 34.89
N GLY A 745 7.45 -33.35 34.32
CA GLY A 745 7.50 -34.38 33.31
C GLY A 745 7.45 -35.79 33.83
N GLN A 746 7.68 -36.00 35.11
CA GLN A 746 7.63 -37.32 35.71
C GLN A 746 6.50 -37.37 36.71
N ALA A 747 5.40 -37.99 36.32
CA ALA A 747 4.15 -37.95 37.05
C ALA A 747 4.22 -38.81 38.31
N GLY A 748 3.29 -38.56 39.23
CA GLY A 748 3.27 -39.31 40.47
C GLY A 748 2.81 -38.60 41.73
N MET A 749 2.88 -37.27 41.81
CA MET A 749 2.36 -36.59 42.98
C MET A 749 0.84 -36.66 43.00
N ALA A 750 0.28 -36.74 44.20
CA ALA A 750 -1.09 -37.20 44.32
C ALA A 750 -2.09 -36.07 44.13
N THR A 751 -1.91 -34.95 44.83
CA THR A 751 -2.87 -33.86 44.82
C THR A 751 -2.19 -32.56 44.43
N TRP A 752 -2.99 -31.51 44.26
CA TRP A 752 -2.49 -30.16 44.04
C TRP A 752 -1.97 -29.49 45.30
N SER A 753 -2.38 -29.97 46.47
CA SER A 753 -1.83 -29.44 47.71
C SER A 753 -0.40 -29.89 47.93
N VAL A 754 -0.07 -31.10 47.49
CA VAL A 754 1.30 -31.60 47.56
C VAL A 754 2.16 -30.89 46.53
N ALA A 755 1.59 -30.61 45.36
CA ALA A 755 2.35 -29.98 44.30
C ALA A 755 2.65 -28.53 44.62
N MET A 756 1.66 -27.78 45.08
CA MET A 756 1.84 -26.39 45.45
C MET A 756 2.66 -26.22 46.72
N ALA A 757 2.80 -27.28 47.52
CA ALA A 757 3.68 -27.20 48.68
C ALA A 757 5.13 -27.28 48.28
N GLY A 758 5.45 -28.07 47.25
CA GLY A 758 6.82 -28.15 46.79
C GLY A 758 7.21 -26.98 45.91
N ARG A 759 6.22 -26.33 45.28
CA ARG A 759 6.50 -25.13 44.52
C ARG A 759 6.79 -23.96 45.46
N LEU A 760 6.15 -23.91 46.63
CA LEU A 760 6.47 -22.86 47.58
C LEU A 760 7.84 -23.07 48.22
N ASN A 761 8.31 -24.31 48.27
CA ASN A 761 9.65 -24.60 48.76
C ASN A 761 10.69 -24.18 47.75
N ALA A 762 10.45 -24.42 46.47
CA ALA A 762 11.39 -24.03 45.43
C ALA A 762 11.44 -22.53 45.25
N LEU A 763 10.36 -21.83 45.56
CA LEU A 763 10.36 -20.38 45.50
C LEU A 763 11.07 -19.74 46.68
N GLY A 764 11.37 -20.50 47.72
CA GLY A 764 12.07 -19.98 48.88
C GLY A 764 11.23 -19.21 49.85
N VAL A 765 9.96 -19.54 50.01
CA VAL A 765 9.09 -18.81 50.91
C VAL A 765 8.64 -19.64 52.10
N VAL A 766 8.55 -20.96 51.97
CA VAL A 766 8.23 -21.84 53.09
C VAL A 766 9.19 -23.01 53.02
N GLN A 767 9.81 -23.36 54.15
CA GLN A 767 10.66 -24.55 54.19
C GLN A 767 9.85 -25.83 54.06
N ASN A 768 8.86 -26.01 54.92
CA ASN A 768 7.94 -27.14 54.78
C ASN A 768 6.55 -26.57 54.93
N ALA A 769 5.71 -26.70 53.90
CA ALA A 769 4.40 -26.08 53.91
C ALA A 769 3.40 -26.95 54.65
N LEU A 770 2.68 -26.35 55.59
CA LEU A 770 1.59 -27.03 56.26
C LEU A 770 0.29 -26.76 55.51
N VAL A 771 -0.83 -27.20 56.08
CA VAL A 771 -2.12 -27.06 55.39
C VAL A 771 -2.63 -25.62 55.43
N ASP A 772 -2.20 -24.81 56.39
CA ASP A 772 -2.68 -23.43 56.43
C ASP A 772 -1.88 -22.54 55.49
N ASP A 773 -0.67 -22.95 55.15
CA ASP A 773 0.11 -22.17 54.18
C ASP A 773 -0.37 -22.44 52.77
N VAL A 774 -0.87 -23.65 52.52
CA VAL A 774 -1.37 -24.00 51.20
C VAL A 774 -2.79 -23.49 51.01
N ASN A 775 -3.61 -23.53 52.07
CA ASN A 775 -4.97 -23.01 51.96
C ASN A 775 -4.98 -21.50 51.78
N LYS A 776 -3.97 -20.83 52.31
CA LYS A 776 -3.84 -19.39 52.08
C LYS A 776 -3.48 -19.12 50.64
N LEU A 777 -2.76 -20.05 50.01
CA LEU A 777 -2.46 -19.92 48.59
C LEU A 777 -3.65 -20.32 47.73
N ALA A 778 -4.52 -21.20 48.25
CA ALA A 778 -5.68 -21.63 47.48
C ALA A 778 -6.78 -20.58 47.51
N ASN A 779 -6.91 -19.85 48.62
CA ASN A 779 -7.93 -18.83 48.72
C ASN A 779 -7.59 -17.64 47.84
N GLY A 780 -6.31 -17.27 47.78
CA GLY A 780 -5.90 -16.17 46.93
C GLY A 780 -6.07 -16.51 45.47
N PHE A 781 -5.79 -17.76 45.11
CA PHE A 781 -6.01 -18.26 43.76
C PHE A 781 -7.48 -18.21 43.38
N ASN A 782 -8.35 -18.59 44.31
CA ASN A 782 -9.78 -18.67 43.99
C ASN A 782 -10.41 -17.30 43.87
N GLN A 783 -9.99 -16.35 44.72
CA GLN A 783 -10.58 -15.02 44.68
C GLN A 783 -10.09 -14.26 43.46
N LEU A 784 -8.86 -14.50 43.03
CA LEU A 784 -8.34 -13.78 41.88
C LEU A 784 -8.91 -14.30 40.58
N THR A 785 -9.38 -15.54 40.57
CA THR A 785 -9.96 -16.08 39.36
C THR A 785 -11.45 -15.76 39.28
N ALA A 786 -12.13 -15.70 40.41
CA ALA A 786 -13.52 -15.27 40.41
C ALA A 786 -13.65 -13.79 40.13
N SER A 787 -12.58 -13.02 40.34
CA SER A 787 -12.57 -11.60 40.00
C SER A 787 -12.44 -11.35 38.52
N VAL A 788 -12.13 -12.37 37.71
CA VAL A 788 -12.10 -12.23 36.26
C VAL A 788 -13.51 -11.97 35.74
N SER A 789 -14.52 -12.52 36.41
CA SER A 789 -15.92 -12.28 36.11
C SER A 789 -16.34 -10.81 36.22
N LYS A 790 -15.59 -9.99 36.93
CA LYS A 790 -15.93 -8.59 37.13
C LYS A 790 -15.07 -7.65 36.29
N LEU A 791 -14.37 -8.16 35.28
CA LEU A 791 -13.56 -7.28 34.46
C LEU A 791 -14.45 -6.42 33.58
N ALA A 792 -14.08 -5.16 33.45
CA ALA A 792 -14.80 -4.19 32.65
C ALA A 792 -13.91 -3.72 31.53
N LEU A 793 -14.51 -3.48 30.37
CA LEU A 793 -13.72 -3.18 29.19
C LEU A 793 -13.17 -1.76 29.22
N THR A 794 -13.72 -0.91 30.07
CA THR A 794 -13.21 0.43 30.31
C THR A 794 -12.00 0.46 31.22
N THR A 795 -11.71 -0.63 31.93
CA THR A 795 -10.61 -0.67 32.89
C THR A 795 -9.57 -1.72 32.60
N SER A 796 -9.97 -2.88 32.07
CA SER A 796 -9.03 -3.98 31.87
C SER A 796 -8.25 -3.76 30.58
N SER A 797 -6.94 -3.74 30.68
CA SER A 797 -6.11 -3.58 29.50
C SER A 797 -6.01 -4.85 28.68
N ALA A 798 -6.46 -5.99 29.21
CA ALA A 798 -6.45 -7.22 28.46
C ALA A 798 -7.70 -7.37 27.62
N LEU A 799 -8.84 -6.84 28.07
CA LEU A 799 -10.03 -6.83 27.23
C LEU A 799 -9.94 -5.78 26.14
N GLN A 800 -9.23 -4.69 26.37
CA GLN A 800 -9.05 -3.68 25.35
C GLN A 800 -8.17 -4.19 24.23
N ALA A 801 -7.27 -5.13 24.52
CA ALA A 801 -6.46 -5.70 23.45
C ALA A 801 -7.27 -6.67 22.60
N ILE A 802 -8.23 -7.38 23.21
CA ILE A 802 -9.11 -8.26 22.45
C ILE A 802 -10.08 -7.44 21.63
N GLN A 803 -10.58 -6.34 22.20
CA GLN A 803 -11.53 -5.47 21.51
C GLN A 803 -10.86 -4.71 20.37
N ALA A 804 -9.58 -4.42 20.50
CA ALA A 804 -8.85 -3.78 19.42
C ALA A 804 -8.69 -4.70 18.22
N VAL A 805 -8.63 -6.01 18.45
CA VAL A 805 -8.53 -6.97 17.36
C VAL A 805 -9.89 -7.15 16.70
N VAL A 806 -10.95 -7.18 17.50
CA VAL A 806 -12.30 -7.31 16.97
C VAL A 806 -12.72 -6.05 16.22
N ASN A 807 -12.25 -4.89 16.66
CA ASN A 807 -12.64 -3.66 15.97
C ASN A 807 -11.88 -3.48 14.66
N GLN A 808 -10.67 -4.03 14.56
CA GLN A 808 -9.96 -3.87 13.31
C GLN A 808 -10.28 -4.97 12.33
N ASN A 809 -10.86 -6.08 12.79
CA ASN A 809 -11.36 -7.08 11.86
C ASN A 809 -12.63 -6.61 11.19
N ALA A 810 -13.48 -5.90 11.94
CA ALA A 810 -14.78 -5.51 11.43
C ALA A 810 -14.68 -4.23 10.60
N ALA A 811 -13.63 -3.46 10.81
CA ALA A 811 -13.43 -2.27 9.99
C ALA A 811 -12.78 -2.63 8.67
N GLN A 812 -12.23 -3.83 8.58
CA GLN A 812 -11.59 -4.28 7.35
C GLN A 812 -12.60 -4.94 6.44
N VAL A 813 -13.53 -5.69 7.03
CA VAL A 813 -14.63 -6.28 6.26
C VAL A 813 -15.53 -5.18 5.72
N GLU A 814 -15.74 -4.13 6.50
CA GLU A 814 -16.67 -3.09 6.09
C GLU A 814 -16.08 -2.18 5.02
N SER A 815 -14.75 -2.07 4.93
CA SER A 815 -14.17 -1.36 3.79
C SER A 815 -14.33 -2.16 2.52
N LEU A 816 -14.45 -3.47 2.64
CA LEU A 816 -14.50 -4.33 1.48
C LEU A 816 -15.92 -4.46 0.97
N VAL A 817 -16.90 -4.10 1.80
CA VAL A 817 -18.31 -4.13 1.42
C VAL A 817 -18.77 -2.74 0.99
N SER A 818 -18.20 -1.70 1.58
CA SER A 818 -18.41 -0.34 1.11
C SER A 818 -17.77 -0.10 -0.26
N GLY A 819 -16.86 -0.94 -0.69
CA GLY A 819 -16.24 -0.70 -1.97
C GLY A 819 -17.05 -1.13 -3.17
N ILE A 820 -18.18 -1.79 -2.97
CA ILE A 820 -18.99 -2.27 -4.09
C ILE A 820 -20.44 -1.84 -3.93
N THR A 821 -20.68 -0.78 -3.19
CA THR A 821 -21.98 -0.15 -3.19
C THR A 821 -21.91 1.28 -3.69
N GLU A 822 -20.76 1.71 -4.21
CA GLU A 822 -20.68 3.10 -4.58
C GLU A 822 -19.87 3.29 -5.85
N ASN A 823 -20.40 4.14 -6.73
CA ASN A 823 -19.65 4.63 -7.86
C ASN A 823 -18.51 5.50 -7.38
N PHE A 824 -17.45 5.53 -8.16
CA PHE A 824 -16.24 6.24 -7.76
C PHE A 824 -16.08 7.49 -8.61
N GLY A 825 -17.20 8.13 -8.92
CA GLY A 825 -17.25 9.18 -9.92
C GLY A 825 -17.98 8.75 -11.17
N ALA A 826 -18.41 7.51 -11.25
CA ALA A 826 -19.18 7.05 -12.40
C ALA A 826 -20.64 7.42 -12.22
N ILE A 827 -21.46 7.01 -13.16
CA ILE A 827 -22.88 7.33 -13.09
C ILE A 827 -23.70 6.24 -12.43
N SER A 828 -23.19 5.01 -12.41
CA SER A 828 -23.88 3.87 -11.84
C SER A 828 -22.84 2.79 -11.56
N THR A 829 -23.30 1.63 -11.12
CA THR A 829 -22.43 0.49 -10.87
C THR A 829 -22.60 -0.64 -11.85
N ASN A 830 -23.46 -0.47 -12.86
CA ASN A 830 -23.68 -1.51 -13.85
C ASN A 830 -22.91 -1.16 -15.11
N PHE A 831 -22.13 -2.13 -15.60
CA PHE A 831 -21.19 -1.84 -16.67
C PHE A 831 -21.86 -1.84 -18.03
N LYS A 832 -23.04 -2.47 -18.12
CA LYS A 832 -23.79 -2.45 -19.37
C LYS A 832 -24.49 -1.11 -19.54
N VAL A 833 -25.05 -0.60 -18.44
CA VAL A 833 -25.78 0.67 -18.46
C VAL A 833 -24.86 1.83 -18.81
N ILE A 834 -23.63 1.80 -18.29
CA ILE A 834 -22.66 2.87 -18.57
C ILE A 834 -22.29 2.89 -20.05
N SER A 835 -22.21 1.72 -20.67
CA SER A 835 -21.80 1.68 -22.06
C SER A 835 -22.96 1.78 -23.04
N GLN A 836 -24.21 1.65 -22.58
CA GLN A 836 -25.37 1.81 -23.44
C GLN A 836 -26.08 3.14 -23.21
N ARG A 837 -25.46 4.06 -22.49
CA ARG A 837 -26.04 5.37 -22.25
C ARG A 837 -25.13 6.50 -22.69
N LEU A 838 -23.83 6.24 -22.80
CA LEU A 838 -22.87 7.28 -23.15
C LEU A 838 -22.13 6.89 -24.42
N ASP A 839 -21.42 7.86 -24.99
CA ASP A 839 -20.55 7.58 -26.11
C ASP A 839 -19.27 6.88 -25.66
N LYS A 840 -18.51 6.36 -26.61
CA LYS A 840 -17.38 5.50 -26.27
C LYS A 840 -16.15 6.26 -25.82
N LEU A 841 -16.20 7.58 -25.74
CA LEU A 841 -15.19 8.34 -25.03
C LEU A 841 -15.54 8.54 -23.56
N GLU A 842 -16.82 8.71 -23.24
CA GLU A 842 -17.23 8.84 -21.85
C GLU A 842 -17.51 7.50 -21.20
N ALA A 843 -17.95 6.52 -21.98
CA ALA A 843 -18.16 5.20 -21.38
C ALA A 843 -16.90 4.41 -21.26
N ASP A 844 -15.73 4.97 -21.54
CA ASP A 844 -14.48 4.30 -21.24
C ASP A 844 -13.62 5.05 -20.25
N VAL A 845 -13.98 6.29 -19.89
CA VAL A 845 -13.32 6.93 -18.77
C VAL A 845 -14.15 6.77 -17.51
N GLN A 846 -15.41 6.37 -17.63
CA GLN A 846 -16.19 6.07 -16.46
C GLN A 846 -16.27 4.59 -16.17
N MET A 847 -15.81 3.74 -17.08
CA MET A 847 -15.52 2.37 -16.70
C MET A 847 -14.11 2.25 -16.15
N ASP A 848 -13.24 3.21 -16.42
CA ASP A 848 -11.97 3.27 -15.70
C ASP A 848 -12.08 3.96 -14.36
N ARG A 849 -13.27 4.29 -13.89
CA ARG A 849 -13.41 4.82 -12.54
C ARG A 849 -13.97 3.77 -11.59
N LEU A 850 -14.90 2.96 -12.07
CA LEU A 850 -15.33 1.81 -11.29
C LEU A 850 -14.21 0.82 -11.12
N ILE A 851 -13.47 0.56 -12.19
CA ILE A 851 -12.44 -0.47 -12.14
C ILE A 851 -11.25 0.01 -11.33
N ASN A 852 -10.78 1.24 -11.56
CA ASN A 852 -9.68 1.76 -10.76
C ASN A 852 -10.11 2.02 -9.32
N GLY A 853 -11.38 2.31 -9.11
CA GLY A 853 -11.87 2.44 -7.75
C GLY A 853 -11.92 1.12 -7.01
N ARG A 854 -12.39 0.07 -7.67
CA ARG A 854 -12.53 -1.22 -7.00
C ARG A 854 -11.20 -1.94 -6.85
N MET A 855 -10.27 -1.70 -7.77
CA MET A 855 -8.94 -2.28 -7.63
C MET A 855 -8.21 -1.73 -6.42
N ASN A 856 -8.51 -0.50 -6.00
CA ASN A 856 -7.85 0.06 -4.83
C ASN A 856 -8.37 -0.54 -3.53
N VAL A 857 -9.66 -0.78 -3.45
CA VAL A 857 -10.25 -1.33 -2.23
C VAL A 857 -9.78 -2.75 -2.03
N LEU A 858 -9.67 -3.50 -3.12
CA LEU A 858 -9.19 -4.86 -3.02
C LEU A 858 -7.69 -4.91 -2.74
N GLN A 859 -6.93 -3.95 -3.27
CA GLN A 859 -5.49 -3.94 -3.03
C GLN A 859 -5.16 -3.47 -1.62
N LEU A 860 -5.97 -2.58 -1.06
CA LEU A 860 -5.74 -2.14 0.31
C LEU A 860 -6.09 -3.24 1.30
N PHE A 861 -7.02 -4.12 0.93
CA PHE A 861 -7.31 -5.29 1.73
C PHE A 861 -6.10 -6.22 1.79
N VAL A 862 -5.46 -6.47 0.64
CA VAL A 862 -4.40 -7.46 0.56
C VAL A 862 -3.15 -6.97 1.27
N THR A 863 -2.92 -5.66 1.26
CA THR A 863 -1.77 -5.10 1.96
C THR A 863 -1.96 -5.16 3.47
N ASN A 864 -3.16 -4.82 3.96
CA ASN A 864 -3.43 -4.89 5.39
C ASN A 864 -3.48 -6.32 5.88
N TYR A 865 -3.76 -7.27 5.00
CA TYR A 865 -3.82 -8.67 5.38
C TYR A 865 -2.42 -9.26 5.48
N LYS A 866 -1.54 -8.87 4.57
CA LYS A 866 -0.15 -9.28 4.63
C LYS A 866 0.60 -8.54 5.74
N LEU A 867 0.12 -7.37 6.13
CA LEU A 867 0.72 -6.65 7.24
C LEU A 867 0.41 -7.34 8.55
N LYS A 868 -0.68 -8.09 8.61
CA LYS A 868 -1.00 -8.80 9.84
C LYS A 868 -0.30 -10.15 9.91
N ILE A 869 -0.11 -10.81 8.77
CA ILE A 869 0.62 -12.06 8.75
C ILE A 869 2.07 -11.84 9.14
N ALA A 870 2.69 -10.79 8.60
CA ALA A 870 4.08 -10.49 8.91
C ALA A 870 4.28 -10.08 10.35
N GLU A 871 3.26 -9.55 10.99
CA GLU A 871 3.34 -9.29 12.41
C GLU A 871 3.23 -10.57 13.22
N LEU A 872 2.34 -11.47 12.83
CA LEU A 872 2.13 -12.68 13.61
C LEU A 872 3.18 -13.76 13.39
N ARG A 873 4.14 -13.56 12.49
CA ARG A 873 5.19 -14.55 12.35
C ARG A 873 6.06 -14.57 13.59
N ASN A 874 6.29 -13.40 14.15
CA ASN A 874 7.12 -13.24 15.32
C ASN A 874 6.33 -13.24 16.61
N THR A 875 5.04 -12.93 16.57
CA THR A 875 4.20 -13.10 17.75
C THR A 875 4.03 -14.57 18.08
N HIS A 876 4.07 -15.44 17.08
CA HIS A 876 4.03 -16.88 17.30
C HIS A 876 5.30 -17.41 17.94
N ARG A 877 6.45 -16.78 17.69
CA ARG A 877 7.67 -17.23 18.35
C ARG A 877 7.71 -16.75 19.77
N TYR A 878 6.85 -15.81 20.12
CA TYR A 878 6.75 -15.36 21.50
C TYR A 878 5.69 -16.14 22.26
N VAL A 879 4.66 -16.60 21.57
CA VAL A 879 3.64 -17.44 22.21
C VAL A 879 4.22 -18.81 22.51
N GLN A 880 5.04 -19.35 21.61
CA GLN A 880 5.63 -20.66 21.85
C GLN A 880 6.67 -20.65 22.94
N SER A 881 7.24 -19.50 23.25
CA SER A 881 8.16 -19.44 24.37
C SER A 881 7.42 -19.36 25.70
N LEU A 882 6.25 -18.74 25.73
CA LEU A 882 5.49 -18.65 26.97
C LEU A 882 4.77 -19.94 27.29
N ILE A 883 4.54 -20.79 26.29
CA ILE A 883 3.94 -22.09 26.58
C ILE A 883 5.00 -23.05 27.11
N ASN A 884 6.22 -22.98 26.57
CA ASN A 884 7.21 -23.98 26.94
C ASN A 884 7.94 -23.65 28.22
N GLU A 885 7.94 -22.38 28.64
CA GLU A 885 8.77 -21.93 29.73
C GLU A 885 7.97 -21.39 30.90
N CYS A 886 6.79 -20.86 30.66
CA CYS A 886 5.90 -20.43 31.73
C CYS A 886 4.81 -21.44 32.04
N VAL A 887 4.28 -22.14 31.05
CA VAL A 887 3.09 -22.96 31.26
C VAL A 887 3.48 -24.42 31.45
N TYR A 888 4.52 -24.90 30.76
CA TYR A 888 4.92 -26.29 30.80
C TYR A 888 6.24 -26.50 31.50
N ALA A 889 6.76 -25.48 32.16
CA ALA A 889 7.99 -25.59 32.93
C ALA A 889 7.96 -24.55 34.02
N GLN A 890 9.05 -24.44 34.76
CA GLN A 890 9.29 -23.38 35.73
C GLN A 890 10.48 -22.59 35.25
N SER A 891 10.31 -21.28 35.08
CA SER A 891 11.30 -20.49 34.38
C SER A 891 12.18 -19.72 35.37
N LEU A 892 13.39 -19.40 34.93
CA LEU A 892 14.36 -18.67 35.72
C LEU A 892 14.60 -17.28 35.17
N ARG A 893 13.71 -16.76 34.35
CA ARG A 893 13.85 -15.46 33.72
C ARG A 893 13.04 -14.43 34.48
N ASN A 894 13.70 -13.38 34.94
CA ASN A 894 13.04 -12.33 35.70
C ASN A 894 12.00 -11.60 34.86
N GLY A 895 10.76 -11.58 35.35
CA GLY A 895 9.73 -10.80 34.73
C GLY A 895 9.11 -11.38 33.49
N PHE A 896 9.45 -12.61 33.13
CA PHE A 896 8.99 -13.17 31.88
C PHE A 896 7.57 -13.70 32.01
N CYS A 897 7.26 -14.33 33.12
CA CYS A 897 5.92 -14.84 33.40
C CYS A 897 5.17 -13.92 34.34
N GLY A 898 5.27 -12.61 34.13
CA GLY A 898 4.78 -11.65 35.09
C GLY A 898 5.83 -11.28 36.11
N GLN A 899 5.51 -10.29 36.93
CA GLN A 899 6.45 -9.83 37.94
C GLN A 899 6.37 -10.66 39.20
N GLY A 900 7.51 -11.13 39.67
CA GLY A 900 7.57 -11.76 40.97
C GLY A 900 7.90 -13.22 40.89
N LEU A 901 7.73 -13.89 42.03
CA LEU A 901 8.06 -15.30 42.17
C LEU A 901 6.94 -16.14 41.57
N HIS A 902 7.25 -16.85 40.48
CA HIS A 902 6.23 -17.44 39.64
C HIS A 902 5.68 -18.71 40.24
N VAL A 903 4.38 -18.72 40.52
CA VAL A 903 3.72 -19.88 41.09
C VAL A 903 3.15 -20.74 39.96
N LEU A 904 2.38 -20.15 39.07
CA LEU A 904 1.62 -20.94 38.10
C LEU A 904 1.22 -20.08 36.92
N SER A 905 1.18 -20.69 35.75
CA SER A 905 0.58 -20.09 34.58
C SER A 905 -0.34 -21.08 33.91
N LEU A 906 -1.55 -20.63 33.57
CA LEU A 906 -2.57 -21.37 32.86
C LEU A 906 -2.95 -20.58 31.61
N MET A 907 -3.61 -21.22 30.65
CA MET A 907 -3.86 -20.58 29.38
C MET A 907 -5.24 -20.92 28.85
N GLN A 908 -5.91 -19.91 28.32
CA GLN A 908 -7.28 -20.01 27.86
C GLN A 908 -7.41 -19.45 26.45
N ASN A 909 -8.46 -19.84 25.76
CA ASN A 909 -8.77 -19.28 24.45
C ASN A 909 -9.47 -17.95 24.62
N ALA A 910 -9.14 -17.02 23.76
CA ALA A 910 -9.77 -15.73 23.68
C ALA A 910 -10.27 -15.55 22.25
N PRO A 911 -11.14 -14.56 21.99
CA PRO A 911 -11.46 -14.27 20.59
C PRO A 911 -10.25 -13.84 19.79
N SER A 912 -9.89 -14.68 18.82
CA SER A 912 -8.79 -14.50 17.88
C SER A 912 -7.43 -14.47 18.57
N GLY A 913 -7.19 -15.37 19.51
CA GLY A 913 -5.89 -15.42 20.16
C GLY A 913 -5.93 -16.27 21.40
N ILE A 914 -4.93 -16.10 22.25
CA ILE A 914 -4.73 -16.90 23.43
C ILE A 914 -4.51 -15.97 24.62
N MET A 915 -5.02 -16.35 25.78
CA MET A 915 -4.82 -15.56 26.98
C MET A 915 -4.14 -16.37 28.07
N PHE A 916 -3.07 -15.81 28.62
CA PHE A 916 -2.27 -16.42 29.67
C PHE A 916 -2.62 -15.81 31.02
N PHE A 917 -2.77 -16.65 32.02
CA PHE A 917 -3.07 -16.17 33.37
C PHE A 917 -1.84 -16.47 34.21
N HIS A 918 -1.19 -15.46 34.74
CA HIS A 918 0.05 -15.64 35.48
C HIS A 918 -0.18 -15.33 36.95
N TYR A 919 0.28 -16.20 37.82
CA TYR A 919 0.12 -16.06 39.27
C TYR A 919 1.49 -15.91 39.91
N SER A 920 1.68 -14.84 40.67
CA SER A 920 3.00 -14.54 41.19
C SER A 920 2.90 -13.95 42.59
N LEU A 921 3.96 -14.14 43.37
CA LEU A 921 4.07 -13.64 44.73
C LEU A 921 4.96 -12.41 44.74
N ILE A 922 4.41 -11.25 45.06
CA ILE A 922 5.23 -10.05 45.16
C ILE A 922 5.28 -9.62 46.62
N PRO A 923 6.37 -9.00 47.10
CA PRO A 923 6.46 -8.67 48.51
C PRO A 923 5.59 -7.50 48.94
N ASN A 924 5.21 -7.54 50.20
CA ASN A 924 4.16 -6.68 50.74
C ASN A 924 4.67 -5.82 51.90
N ASN A 925 5.14 -6.42 52.99
CA ASN A 925 5.78 -5.73 54.09
C ASN A 925 7.23 -6.18 54.16
N THR A 926 8.13 -5.30 54.61
CA THR A 926 9.53 -5.65 54.67
C THR A 926 10.06 -5.46 56.10
N ILE A 927 11.30 -5.87 56.29
CA ILE A 927 11.97 -5.79 57.59
C ILE A 927 13.48 -5.77 57.36
N THR A 928 14.19 -4.95 58.13
CA THR A 928 15.63 -4.85 58.00
C THR A 928 16.27 -5.67 59.12
N VAL A 929 17.09 -6.65 58.72
CA VAL A 929 17.76 -7.56 59.64
C VAL A 929 19.22 -7.64 59.25
N LYS A 930 20.02 -8.19 60.14
CA LYS A 930 21.43 -8.44 59.91
C LYS A 930 21.56 -9.83 59.31
N THR A 931 22.55 -10.04 58.46
CA THR A 931 22.73 -11.31 57.76
C THR A 931 24.22 -11.51 57.50
N THR A 932 24.62 -12.77 57.29
CA THR A 932 26.03 -13.10 57.23
C THR A 932 26.18 -14.35 56.37
N PRO A 933 27.32 -14.52 55.70
CA PRO A 933 27.51 -15.77 54.93
C PRO A 933 27.67 -16.99 55.78
N GLY A 934 28.11 -16.86 57.02
CA GLY A 934 28.23 -18.01 57.87
C GLY A 934 28.89 -17.63 59.17
N LEU A 935 28.97 -18.59 60.06
CA LEU A 935 29.34 -18.36 61.45
C LEU A 935 30.49 -19.27 61.83
N CYS A 936 31.49 -18.71 62.51
CA CYS A 936 32.60 -19.51 63.01
C CYS A 936 32.75 -19.31 64.51
N GLU A 937 33.21 -20.36 65.18
CA GLU A 937 33.45 -20.31 66.63
C GLU A 937 34.59 -19.38 66.99
N SER A 938 35.73 -19.52 66.31
CA SER A 938 36.85 -18.64 66.58
C SER A 938 37.44 -18.19 65.26
N ASP A 939 38.17 -17.08 65.33
CA ASP A 939 38.78 -16.50 64.13
C ASP A 939 40.12 -17.11 63.77
N GLU A 940 40.39 -18.35 64.18
CA GLU A 940 41.58 -19.04 63.73
C GLU A 940 41.24 -20.02 62.60
N LEU A 941 42.16 -20.19 61.66
CA LEU A 941 41.96 -21.15 60.58
C LEU A 941 41.99 -22.57 61.11
N GLY A 942 40.88 -23.29 60.95
CA GLY A 942 40.72 -24.61 61.51
C GLY A 942 39.61 -24.72 62.53
N SER A 943 38.92 -23.64 62.81
CA SER A 943 37.75 -23.66 63.68
C SER A 943 36.56 -24.26 62.95
N LYS A 944 35.59 -24.74 63.73
CA LYS A 944 34.35 -25.25 63.15
C LYS A 944 33.49 -24.11 62.68
N CYS A 945 32.99 -24.19 61.46
CA CYS A 945 32.14 -23.15 60.91
C CYS A 945 30.85 -23.76 60.39
N ILE A 946 29.80 -22.95 60.38
CA ILE A 946 28.52 -23.34 59.82
C ILE A 946 28.10 -22.33 58.78
N VAL A 947 27.25 -22.77 57.87
CA VAL A 947 26.49 -21.94 56.94
C VAL A 947 25.07 -22.47 57.00
N ALA A 948 24.15 -21.75 56.40
CA ALA A 948 22.77 -22.21 56.46
C ALA A 948 22.48 -23.23 55.36
N LYS A 949 21.57 -24.13 55.66
CA LYS A 949 21.11 -25.15 54.74
C LYS A 949 19.77 -24.70 54.17
N ASP A 950 19.73 -24.47 52.86
CA ASP A 950 18.54 -24.16 52.07
C ASP A 950 17.94 -22.81 52.46
N GLY A 951 18.68 -21.95 53.13
CA GLY A 951 18.16 -20.67 53.52
C GLY A 951 19.25 -19.71 53.93
N VAL A 952 18.90 -18.64 54.62
CA VAL A 952 19.85 -17.61 54.98
C VAL A 952 19.98 -17.56 56.49
N LEU A 953 21.07 -16.97 56.96
CA LEU A 953 21.29 -16.72 58.38
C LEU A 953 20.92 -15.29 58.68
N VAL A 954 20.02 -15.07 59.63
CA VAL A 954 19.56 -13.73 59.98
C VAL A 954 19.63 -13.55 61.48
N SER A 955 19.50 -12.32 61.95
CA SER A 955 19.47 -12.15 63.40
C SER A 955 18.34 -11.27 63.90
N ALA A 956 18.00 -10.17 63.22
CA ALA A 956 17.04 -9.13 63.65
C ALA A 956 17.44 -8.48 64.98
N ASN A 957 18.69 -8.01 65.02
CA ASN A 957 19.25 -7.17 66.07
C ASN A 957 19.15 -7.86 67.43
N LEU A 958 19.45 -9.16 67.44
CA LEU A 958 19.41 -9.97 68.63
C LEU A 958 20.81 -10.38 69.00
N SER A 959 20.94 -10.97 70.19
CA SER A 959 22.22 -11.48 70.64
C SER A 959 22.57 -12.83 70.05
N TYR A 960 21.66 -13.45 69.31
CA TYR A 960 21.89 -14.78 68.76
C TYR A 960 21.34 -14.83 67.34
N TRP A 961 21.90 -15.74 66.56
CA TRP A 961 21.58 -15.85 65.14
C TRP A 961 20.46 -16.85 64.89
N GLN A 962 19.81 -16.71 63.74
CA GLN A 962 18.65 -17.53 63.42
C GLN A 962 18.67 -17.89 61.93
N TRP A 963 17.77 -18.81 61.57
CA TRP A 963 17.62 -19.31 60.21
C TRP A 963 16.30 -18.82 59.63
N SER A 964 16.31 -18.37 58.39
CA SER A 964 15.10 -17.95 57.70
C SER A 964 15.12 -18.49 56.28
N PRO A 965 13.95 -18.73 55.65
CA PRO A 965 13.93 -18.99 54.22
C PRO A 965 14.43 -17.79 53.44
N ARG A 966 14.96 -18.05 52.25
CA ARG A 966 15.74 -17.03 51.57
C ARG A 966 14.91 -15.91 50.97
N ASN A 967 13.59 -16.08 50.79
CA ASN A 967 12.76 -15.04 50.20
C ASN A 967 11.61 -14.63 51.11
N LEU A 968 11.65 -14.99 52.39
CA LEU A 968 10.65 -14.59 53.34
C LEU A 968 11.29 -14.61 54.71
N TYR A 969 11.08 -13.58 55.50
CA TYR A 969 11.59 -13.56 56.86
C TYR A 969 10.64 -14.36 57.74
N LYS A 970 11.07 -15.53 58.17
CA LYS A 970 10.29 -16.39 59.06
C LYS A 970 11.27 -17.17 59.91
N PRO A 971 11.70 -16.60 61.03
CA PRO A 971 12.90 -17.11 61.70
C PRO A 971 12.69 -18.36 62.53
N GLU A 972 13.73 -19.19 62.55
CA GLU A 972 13.84 -20.40 63.35
C GLU A 972 15.18 -20.40 64.07
N ASN A 973 15.23 -21.05 65.23
CA ASN A 973 16.50 -21.27 65.91
C ASN A 973 17.37 -22.26 65.15
N LEU A 974 18.67 -22.24 65.46
CA LEU A 974 19.61 -23.07 64.74
C LEU A 974 19.64 -24.46 65.36
N THR A 975 19.77 -25.47 64.52
CA THR A 975 19.58 -26.86 64.91
C THR A 975 20.53 -27.68 64.05
N PHE A 976 20.87 -28.87 64.52
CA PHE A 976 21.37 -29.91 63.63
C PHE A 976 20.33 -30.17 62.55
N ALA A 977 20.79 -30.53 61.36
CA ALA A 977 19.98 -30.70 60.16
C ALA A 977 19.22 -29.44 59.77
N ASN A 978 19.76 -28.28 60.13
CA ASN A 978 19.28 -26.98 59.69
C ASN A 978 20.42 -26.14 59.17
N VAL A 979 21.64 -26.43 59.60
CA VAL A 979 22.87 -25.80 59.14
C VAL A 979 23.74 -26.91 58.55
N ILE A 980 24.83 -26.51 57.93
CA ILE A 980 25.79 -27.42 57.32
C ILE A 980 27.13 -27.14 57.96
N ALA A 981 27.86 -28.18 58.33
CA ALA A 981 29.20 -28.05 58.90
C ALA A 981 30.19 -27.94 57.74
N VAL A 982 30.88 -26.81 57.65
CA VAL A 982 31.77 -26.53 56.53
C VAL A 982 33.14 -26.12 57.05
N SER A 983 34.04 -25.80 56.13
CA SER A 983 35.27 -25.08 56.44
C SER A 983 34.97 -23.59 56.49
N ARG A 984 36.00 -22.75 56.44
CA ARG A 984 35.74 -21.32 56.44
C ARG A 984 35.38 -20.84 55.04
N GLY A 985 35.30 -19.54 54.89
CA GLY A 985 35.11 -18.92 53.59
C GLY A 985 35.54 -17.48 53.67
N ALA A 986 35.16 -16.71 52.66
CA ALA A 986 35.46 -15.29 52.64
C ALA A 986 34.58 -14.58 53.66
N ASN A 987 35.19 -14.21 54.79
CA ASN A 987 34.62 -13.30 55.79
C ASN A 987 33.38 -13.87 56.48
N TYR A 988 33.55 -14.97 57.20
CA TYR A 988 32.48 -15.41 58.08
C TYR A 988 32.51 -14.65 59.39
N THR A 989 31.42 -14.75 60.14
CA THR A 989 31.23 -13.98 61.36
C THR A 989 31.58 -14.82 62.58
N THR A 990 32.47 -14.30 63.41
CA THR A 990 32.94 -15.00 64.59
C THR A 990 32.06 -14.72 65.79
N LEU A 991 31.74 -15.77 66.54
CA LEU A 991 30.93 -15.62 67.73
C LEU A 991 31.75 -15.48 68.99
N ASN A 992 32.98 -16.00 68.99
CA ASN A 992 33.82 -16.26 70.17
C ASN A 992 33.07 -17.06 71.23
N LYS A 993 32.25 -18.00 70.80
CA LYS A 993 31.51 -18.90 71.66
C LYS A 993 31.59 -20.28 71.03
N THR A 994 30.83 -21.24 71.56
CA THR A 994 30.64 -22.52 70.89
C THR A 994 29.17 -22.68 70.57
N PHE A 995 28.88 -23.41 69.51
CA PHE A 995 27.50 -23.57 69.05
C PHE A 995 26.71 -24.42 70.03
N ASP A 996 25.45 -24.07 70.23
CA ASP A 996 24.58 -24.84 71.11
C ASP A 996 24.16 -26.17 70.50
N ILE A 997 24.40 -26.36 69.21
CA ILE A 997 24.05 -27.57 68.46
C ILE A 997 24.90 -28.74 68.97
N PRO A 998 24.29 -29.77 69.57
CA PRO A 998 25.07 -30.88 70.10
C PRO A 998 25.60 -31.81 69.02
N CYS B 19 34.00 32.93 -29.41
CA CYS B 19 34.70 34.16 -29.06
C CYS B 19 35.85 33.84 -28.13
N GLU B 20 36.41 34.86 -27.50
CA GLU B 20 37.55 34.68 -26.61
C GLU B 20 37.32 35.23 -25.22
N SER B 21 36.54 36.30 -25.07
CA SER B 21 36.35 36.93 -23.77
C SER B 21 34.95 36.72 -23.23
N VAL B 22 34.36 35.54 -23.47
CA VAL B 22 33.04 35.23 -22.95
C VAL B 22 33.14 35.08 -21.44
N ASP B 23 32.41 35.91 -20.71
CA ASP B 23 32.36 35.81 -19.27
C ASP B 23 31.42 34.68 -18.90
N PHE B 24 31.96 33.63 -18.29
CA PHE B 24 31.13 32.53 -17.82
C PHE B 24 30.60 32.76 -16.41
N ASN B 25 31.03 33.82 -15.74
CA ASN B 25 30.45 34.16 -14.44
C ASN B 25 29.23 35.05 -14.57
N LEU B 26 28.85 35.43 -15.78
CA LEU B 26 27.57 36.11 -15.98
C LEU B 26 26.45 35.16 -16.28
N PHE B 27 26.72 33.84 -16.32
CA PHE B 27 25.65 32.92 -16.61
C PHE B 27 24.75 32.73 -15.41
N ASN B 28 25.24 33.10 -14.21
CA ASN B 28 24.47 32.94 -12.99
C ASN B 28 23.22 33.80 -12.97
N THR B 29 23.23 34.91 -13.69
CA THR B 29 22.15 35.88 -13.58
C THR B 29 20.92 35.51 -14.39
N ILE B 30 20.96 34.44 -15.19
CA ILE B 30 19.86 34.12 -16.07
C ILE B 30 19.12 32.86 -15.67
N PHE B 31 19.67 32.06 -14.77
CA PHE B 31 19.02 30.81 -14.41
C PHE B 31 17.93 31.05 -13.38
N SER B 32 16.83 30.32 -13.53
CA SER B 32 15.73 30.40 -12.59
C SER B 32 15.19 29.00 -12.33
N THR B 33 14.84 28.73 -11.08
CA THR B 33 14.10 27.52 -10.77
C THR B 33 12.62 27.79 -10.95
N HIS B 34 11.80 26.75 -10.84
CA HIS B 34 10.38 26.94 -11.11
C HIS B 34 9.67 27.59 -9.93
N ARG B 35 10.19 27.41 -8.72
CA ARG B 35 9.72 28.10 -7.52
C ARG B 35 10.81 29.02 -7.01
N GLY B 36 10.53 29.70 -5.92
CA GLY B 36 11.57 30.42 -5.21
C GLY B 36 12.10 29.56 -4.09
N LEU B 37 13.35 29.13 -4.21
CA LEU B 37 13.95 28.19 -3.27
C LEU B 37 15.13 28.84 -2.61
N SER B 38 15.28 28.62 -1.31
CA SER B 38 16.33 29.26 -0.54
C SER B 38 17.35 28.22 -0.06
N ASN B 39 18.64 28.53 -0.25
CA ASN B 39 19.79 27.73 0.22
C ASN B 39 19.74 26.29 -0.32
N THR B 40 19.56 26.14 -1.62
CA THR B 40 19.14 24.85 -2.18
C THR B 40 19.87 24.55 -3.48
N THR B 41 20.31 23.30 -3.64
CA THR B 41 20.85 22.80 -4.90
C THR B 41 19.76 22.08 -5.70
N SER B 42 19.52 22.53 -6.93
CA SER B 42 18.42 22.04 -7.73
C SER B 42 18.89 21.71 -9.14
N VAL B 43 18.11 20.89 -9.84
CA VAL B 43 18.39 20.47 -11.21
C VAL B 43 17.33 21.09 -12.11
N ILE B 44 17.75 21.96 -13.02
CA ILE B 44 16.82 22.62 -13.94
C ILE B 44 17.17 22.23 -15.37
N THR B 45 16.19 22.37 -16.25
CA THR B 45 16.39 22.05 -17.66
C THR B 45 15.65 23.04 -18.54
N GLY B 46 16.06 23.11 -19.79
CA GLY B 46 15.48 24.02 -20.74
C GLY B 46 16.56 24.54 -21.67
N ALA B 47 16.21 25.61 -22.39
CA ALA B 47 17.10 26.16 -23.41
C ALA B 47 18.03 27.17 -22.78
N TYR B 48 19.27 26.77 -22.56
CA TYR B 48 20.25 27.53 -21.81
C TYR B 48 21.52 27.65 -22.64
N PRO B 49 22.30 28.73 -22.47
CA PRO B 49 23.34 29.04 -23.44
C PRO B 49 24.56 28.13 -23.33
N SER B 50 25.14 27.80 -24.48
CA SER B 50 26.25 26.86 -24.54
C SER B 50 27.51 27.44 -23.91
N THR B 51 28.15 26.60 -23.11
CA THR B 51 29.44 26.91 -22.49
C THR B 51 30.62 26.72 -23.42
N ASN B 52 30.41 26.12 -24.59
CA ASN B 52 31.46 26.03 -25.59
C ASN B 52 31.77 27.40 -26.17
N LYS B 53 33.04 27.79 -26.17
CA LYS B 53 33.45 29.06 -26.75
C LYS B 53 33.32 29.09 -28.27
N SER B 54 33.15 27.94 -28.91
CA SER B 54 32.94 27.86 -30.35
C SER B 54 31.49 28.00 -30.75
N ASP B 55 30.66 28.64 -29.92
CA ASP B 55 29.28 28.94 -30.24
C ASP B 55 28.93 30.41 -30.06
N TRP B 56 29.89 31.24 -29.68
CA TRP B 56 29.67 32.66 -29.44
C TRP B 56 30.21 33.47 -30.61
N SER B 57 29.33 33.83 -31.53
CA SER B 57 29.70 34.63 -32.71
C SER B 57 29.97 36.06 -32.26
N CYS B 58 31.25 36.41 -32.18
CA CYS B 58 31.70 37.54 -31.40
C CYS B 58 32.61 38.47 -32.19
N ASN B 59 33.45 37.90 -33.05
CA ASN B 59 34.57 38.61 -33.66
C ASN B 59 34.49 38.65 -35.19
N THR B 60 33.33 39.03 -35.73
CA THR B 60 33.16 39.12 -37.16
C THR B 60 33.37 40.57 -37.61
N ARG B 61 34.37 40.79 -38.46
CA ARG B 61 34.63 42.11 -39.05
C ARG B 61 34.27 42.16 -40.53
N THR B 62 33.54 41.16 -41.03
CA THR B 62 33.22 41.05 -42.45
C THR B 62 31.94 41.78 -42.85
N GLY B 63 31.26 42.44 -41.91
CA GLY B 63 29.95 43.00 -42.18
C GLY B 63 28.81 42.03 -42.04
N HIS B 64 29.08 40.78 -41.72
CA HIS B 64 28.05 39.75 -41.49
C HIS B 64 27.99 39.38 -40.01
N LEU B 65 28.09 40.39 -39.14
CA LEU B 65 27.72 40.25 -37.74
C LEU B 65 26.23 40.05 -37.56
N SER B 66 25.43 40.38 -38.58
CA SER B 66 24.02 40.06 -38.58
C SER B 66 23.81 38.56 -38.48
N GLY B 67 24.14 37.81 -39.53
CA GLY B 67 23.91 36.38 -39.48
C GLY B 67 22.45 35.98 -39.31
N SER B 68 22.27 34.75 -38.87
CA SER B 68 20.95 34.17 -38.64
C SER B 68 21.15 32.92 -37.80
N GLY B 69 20.04 32.27 -37.47
CA GLY B 69 20.08 31.03 -36.72
C GLY B 69 18.81 30.25 -36.94
N PHE B 70 18.91 28.94 -36.71
CA PHE B 70 17.79 28.02 -36.80
C PHE B 70 17.61 27.30 -35.47
N GLY B 71 17.69 28.05 -34.39
CA GLY B 71 17.67 27.49 -33.06
C GLY B 71 16.35 27.70 -32.33
N ILE B 72 16.41 27.61 -31.01
CA ILE B 72 15.25 27.76 -30.15
C ILE B 72 15.38 28.92 -29.19
N GLY B 73 16.43 29.71 -29.29
CA GLY B 73 16.57 30.88 -28.47
C GLY B 73 17.89 31.54 -28.80
N LEU B 74 18.13 32.66 -28.15
CA LEU B 74 19.37 33.37 -28.37
C LEU B 74 19.73 34.15 -27.13
N TYR B 75 21.02 34.21 -26.82
CA TYR B 75 21.53 34.88 -25.63
C TYR B 75 22.56 35.91 -26.03
N VAL B 76 22.47 37.10 -25.43
CA VAL B 76 23.28 38.25 -25.80
C VAL B 76 24.07 38.68 -24.58
N GLN B 77 25.33 39.04 -24.78
CA GLN B 77 26.19 39.41 -23.68
C GLN B 77 26.99 40.65 -24.07
N THR B 78 26.68 41.79 -23.47
CA THR B 78 27.50 42.96 -23.70
C THR B 78 28.79 42.83 -22.89
N PRO B 79 29.96 43.12 -23.49
CA PRO B 79 31.25 42.71 -22.90
C PRO B 79 31.60 43.29 -21.54
N ARG B 80 31.76 44.61 -21.46
CA ARG B 80 32.19 45.29 -20.24
C ARG B 80 32.06 46.78 -20.50
N GLU B 81 31.73 47.53 -19.45
CA GLU B 81 31.49 48.96 -19.58
C GLU B 81 32.37 49.82 -18.68
N GLN B 82 33.47 49.29 -18.14
CA GLN B 82 34.32 50.08 -17.26
C GLN B 82 35.74 50.25 -17.84
N TYR B 83 35.90 51.34 -18.61
CA TYR B 83 37.17 52.04 -18.81
C TYR B 83 38.24 51.16 -19.47
N ASP B 86 35.61 54.25 -25.34
CA ASP B 86 34.39 54.52 -26.08
C ASP B 86 33.39 55.31 -25.25
N GLY B 87 32.89 54.72 -24.17
CA GLY B 87 31.88 55.40 -23.38
C GLY B 87 30.48 55.16 -23.92
N SER B 88 30.01 56.08 -24.77
CA SER B 88 28.63 56.08 -25.22
C SER B 88 28.30 54.97 -26.21
N GLY B 89 29.30 54.26 -26.72
CA GLY B 89 29.04 53.19 -27.67
C GLY B 89 28.55 51.92 -27.02
N ALA B 90 27.25 51.66 -27.09
CA ALA B 90 26.65 50.48 -26.50
C ALA B 90 26.04 49.61 -27.60
N GLY B 91 25.47 48.49 -27.17
CA GLY B 91 24.97 47.51 -28.12
C GLY B 91 23.70 47.95 -28.80
N GLY B 92 23.46 47.37 -29.97
CA GLY B 92 22.24 47.67 -30.69
C GLY B 92 21.28 46.50 -30.73
N TYR B 93 21.86 45.33 -30.96
CA TYR B 93 21.25 43.98 -30.93
C TYR B 93 19.82 43.92 -31.47
N THR B 94 19.67 44.33 -32.72
CA THR B 94 18.36 44.22 -33.35
C THR B 94 18.08 42.76 -33.64
N ILE B 95 17.01 42.24 -33.07
CA ILE B 95 16.67 40.83 -33.11
C ILE B 95 15.26 40.70 -33.70
N ALA B 96 15.10 39.87 -34.72
CA ALA B 96 13.81 39.75 -35.39
C ALA B 96 13.42 38.29 -35.57
N VAL B 97 12.85 37.69 -34.53
CA VAL B 97 12.66 36.24 -34.51
C VAL B 97 11.47 35.88 -35.38
N SER B 98 11.67 34.95 -36.31
CA SER B 98 10.72 34.74 -37.38
C SER B 98 10.03 33.38 -37.27
N PRO B 99 8.74 33.34 -37.55
CA PRO B 99 8.02 32.06 -37.64
C PRO B 99 8.15 31.36 -38.98
N ILE B 100 9.19 30.54 -39.17
CA ILE B 100 9.94 30.31 -40.43
C ILE B 100 9.16 30.40 -41.73
N HIS B 101 7.92 29.88 -41.79
CA HIS B 101 7.04 30.06 -42.93
C HIS B 101 6.00 31.11 -42.57
N VAL B 102 6.25 32.34 -42.97
CA VAL B 102 5.51 33.50 -42.46
C VAL B 102 4.22 33.68 -43.25
N THR B 103 3.14 33.97 -42.54
CA THR B 103 1.89 34.42 -43.14
C THR B 103 1.51 35.75 -42.50
N ASN B 104 0.26 36.16 -42.68
CA ASN B 104 -0.23 37.41 -42.13
C ASN B 104 -0.64 37.29 -40.67
N LEU B 105 -1.06 36.12 -40.23
CA LEU B 105 -1.59 35.96 -38.87
C LEU B 105 -0.60 35.32 -37.91
N THR B 106 0.66 35.15 -38.32
CA THR B 106 1.70 34.65 -37.44
C THR B 106 2.25 35.80 -36.59
N TRP B 107 3.13 35.47 -35.66
CA TRP B 107 3.66 36.42 -34.70
C TRP B 107 5.16 36.59 -34.88
N GLU B 108 5.62 37.83 -34.87
CA GLU B 108 7.04 38.12 -34.87
C GLU B 108 7.41 38.88 -33.60
N LEU B 109 8.72 38.91 -33.32
CA LEU B 109 9.28 39.68 -32.22
C LEU B 109 10.33 40.62 -32.78
N TRP B 110 10.44 41.83 -32.23
CA TRP B 110 11.46 42.75 -32.71
C TRP B 110 12.05 43.55 -31.55
N ILE B 111 13.09 43.04 -30.96
CA ILE B 111 13.76 43.73 -29.85
C ILE B 111 14.83 44.64 -30.43
N HIS B 112 14.84 45.89 -29.99
CA HIS B 112 15.68 46.89 -30.62
C HIS B 112 16.29 47.78 -29.55
N ARG B 113 17.51 48.23 -29.83
CA ARG B 113 18.25 49.12 -28.97
C ARG B 113 19.16 49.95 -29.87
N LYS B 114 19.48 51.15 -29.44
CA LYS B 114 20.44 52.01 -30.13
C LYS B 114 21.65 52.21 -29.24
N TRP B 115 22.54 53.12 -29.64
CA TRP B 115 23.80 53.34 -28.92
C TRP B 115 23.60 53.84 -27.50
N GLY B 116 22.46 54.44 -27.18
CA GLY B 116 22.23 54.89 -25.83
C GLY B 116 22.92 56.21 -25.56
N VAL B 117 23.71 56.30 -24.48
CA VAL B 117 24.07 55.17 -23.62
C VAL B 117 23.05 55.07 -22.47
N ASN B 118 21.97 55.83 -22.59
CA ASN B 118 20.86 55.71 -21.65
C ASN B 118 20.06 54.45 -21.96
N SER B 119 18.97 54.27 -21.23
CA SER B 119 18.49 52.95 -20.87
C SER B 119 17.64 52.30 -21.95
N VAL B 120 16.93 53.11 -22.74
CA VAL B 120 15.68 52.70 -23.37
C VAL B 120 15.84 51.61 -24.43
N VAL B 121 15.26 50.45 -24.13
CA VAL B 121 15.17 49.33 -25.05
C VAL B 121 13.69 49.21 -25.41
N THR B 122 13.37 48.31 -26.34
CA THR B 122 11.98 48.08 -26.73
C THR B 122 11.83 46.64 -27.19
N VAL B 123 10.64 46.09 -26.99
CA VAL B 123 10.40 44.66 -27.21
C VAL B 123 9.41 44.42 -28.34
N ARG B 124 8.18 44.90 -28.20
CA ARG B 124 7.11 44.93 -29.21
C ARG B 124 6.93 43.61 -29.98
N LEU B 125 6.35 42.63 -29.32
CA LEU B 125 5.91 41.41 -29.98
C LEU B 125 4.58 41.69 -30.65
N CYS B 126 4.60 41.99 -31.94
CA CYS B 126 3.39 42.42 -32.64
C CYS B 126 3.05 41.41 -33.72
N ARG B 127 2.02 41.73 -34.49
CA ARG B 127 1.59 40.90 -35.63
C ARG B 127 1.68 41.74 -36.89
N TRP B 128 2.75 41.55 -37.65
CA TRP B 128 3.01 42.33 -38.85
C TRP B 128 2.41 41.65 -40.08
N TRP B 129 2.66 42.26 -41.23
CA TRP B 129 2.08 41.84 -42.49
C TRP B 129 3.10 41.66 -43.60
N GLN B 130 4.38 41.91 -43.33
CA GLN B 130 5.45 41.70 -44.28
C GLN B 130 6.64 41.10 -43.54
N PHE B 131 7.64 40.68 -44.30
CA PHE B 131 8.78 39.98 -43.74
C PHE B 131 10.08 40.78 -43.77
N MET B 132 10.27 41.62 -44.79
CA MET B 132 11.53 42.33 -44.94
C MET B 132 11.65 43.45 -43.91
N SER B 133 12.89 43.72 -43.50
CA SER B 133 13.16 44.68 -42.44
C SER B 133 13.71 46.00 -42.97
N GLY B 144 10.72 46.54 -39.33
CA GLY B 144 10.15 47.13 -38.14
C GLY B 144 9.64 48.54 -38.33
N PRO B 145 8.36 48.67 -38.77
CA PRO B 145 7.81 50.00 -39.08
C PRO B 145 7.52 50.86 -37.87
N THR B 146 6.76 51.95 -38.10
CA THR B 146 6.36 52.82 -37.00
C THR B 146 5.34 52.14 -36.10
N ASN B 147 4.39 51.42 -36.71
CA ASN B 147 3.32 50.80 -35.94
C ASN B 147 2.76 49.63 -36.73
N ALA B 148 2.28 48.64 -36.01
CA ALA B 148 1.65 47.45 -36.56
C ALA B 148 0.34 47.19 -35.85
N PHE B 149 -0.40 46.20 -36.34
CA PHE B 149 -1.66 45.84 -35.73
C PHE B 149 -1.50 44.65 -34.80
N GLU B 150 -2.31 44.65 -33.73
CA GLU B 150 -2.54 43.50 -32.85
C GLU B 150 -1.24 43.06 -32.17
N CYS B 151 -0.77 43.90 -31.25
CA CYS B 151 0.54 43.73 -30.62
C CYS B 151 0.37 43.34 -29.15
N LEU B 152 0.90 42.17 -28.77
CA LEU B 152 0.68 41.63 -27.43
C LEU B 152 1.39 42.40 -26.34
N ILE B 153 2.71 42.44 -26.38
CA ILE B 153 3.48 43.26 -25.45
C ILE B 153 4.13 44.39 -26.24
N ASN B 154 4.13 45.58 -25.65
CA ASN B 154 4.64 46.77 -26.32
C ASN B 154 5.09 47.71 -25.22
N GLY B 155 6.36 47.69 -24.90
CA GLY B 155 6.80 48.48 -23.77
C GLY B 155 8.25 48.85 -23.90
N SER B 156 8.69 49.71 -22.98
CA SER B 156 10.08 50.13 -22.96
C SER B 156 10.93 49.19 -22.12
N TYR B 157 10.59 49.06 -20.82
CA TYR B 157 11.30 48.28 -19.81
C TYR B 157 12.76 48.66 -19.77
N PRO B 158 13.10 49.83 -19.22
CA PRO B 158 14.48 50.33 -19.33
C PRO B 158 15.47 49.52 -18.49
N THR B 159 16.67 49.34 -19.04
CA THR B 159 17.73 48.59 -18.38
C THR B 159 18.95 49.47 -18.22
N HIS B 160 19.59 49.36 -17.06
CA HIS B 160 20.80 50.11 -16.78
C HIS B 160 22.01 49.24 -17.05
N ARG B 161 23.08 49.87 -17.53
CA ARG B 161 24.32 49.14 -17.78
C ARG B 161 24.96 48.76 -16.46
N ASN B 162 25.67 47.63 -16.46
CA ASN B 162 26.34 47.11 -15.29
C ASN B 162 27.84 47.05 -15.56
N THR B 163 28.56 46.35 -14.69
CA THR B 163 29.92 45.92 -14.98
C THR B 163 29.98 45.13 -16.28
N GLY B 164 29.02 44.24 -16.49
CA GLY B 164 28.81 43.52 -17.73
C GLY B 164 27.43 42.93 -17.68
N TYR B 165 26.70 42.94 -18.79
CA TYR B 165 25.30 42.56 -18.78
C TYR B 165 25.07 41.40 -19.75
N MET B 166 24.11 40.55 -19.42
CA MET B 166 23.80 39.37 -20.22
C MET B 166 22.30 39.12 -20.17
N PHE B 167 21.70 38.92 -21.33
CA PHE B 167 20.28 38.60 -21.39
C PHE B 167 20.02 37.57 -22.47
N GLY B 168 18.75 37.24 -22.65
CA GLY B 168 18.37 36.32 -23.69
C GLY B 168 16.88 36.05 -23.73
N VAL B 169 16.37 35.70 -24.90
CA VAL B 169 14.96 35.40 -25.09
C VAL B 169 14.86 33.98 -25.63
N THR B 170 13.78 33.30 -25.29
CA THR B 170 13.71 31.85 -25.39
C THR B 170 12.34 31.45 -25.90
N TRP B 171 12.32 30.62 -26.93
CA TRP B 171 11.09 30.05 -27.46
C TRP B 171 11.29 28.55 -27.52
N TYR B 172 10.97 27.86 -26.44
CA TYR B 172 11.03 26.40 -26.45
C TYR B 172 9.65 25.85 -26.16
N ASN B 173 9.07 25.19 -27.16
CA ASN B 173 7.68 24.76 -27.20
C ASN B 173 6.77 25.93 -26.91
N ASP B 174 7.05 27.06 -27.56
CA ASP B 174 6.18 28.22 -27.66
C ASP B 174 5.94 28.89 -26.31
N LEU B 175 6.89 28.72 -25.40
CA LEU B 175 6.88 29.38 -24.09
C LEU B 175 7.88 30.52 -24.19
N VAL B 176 7.39 31.72 -24.43
CA VAL B 176 8.27 32.86 -24.62
C VAL B 176 8.76 33.31 -23.25
N ARG B 177 10.09 33.36 -23.09
CA ARG B 177 10.69 33.83 -21.85
C ARG B 177 11.69 34.92 -22.19
N ILE B 178 11.32 36.17 -21.92
CA ILE B 178 12.20 37.30 -22.07
C ILE B 178 12.91 37.53 -20.75
N VAL B 179 14.18 37.19 -20.68
CA VAL B 179 14.93 37.27 -19.43
C VAL B 179 15.83 38.50 -19.53
N PHE B 180 15.44 39.57 -18.86
CA PHE B 180 16.29 40.73 -18.63
C PHE B 180 16.48 40.73 -17.13
N PRO B 181 17.66 40.37 -16.62
CA PRO B 181 17.87 40.36 -15.16
C PRO B 181 17.74 41.74 -14.56
N PRO B 182 17.09 41.86 -13.40
CA PRO B 182 16.55 40.80 -12.53
C PRO B 182 15.19 40.20 -12.90
N THR B 183 14.32 40.93 -13.59
CA THR B 183 12.97 40.46 -13.80
C THR B 183 12.91 39.41 -14.91
N VAL B 184 11.69 39.08 -15.32
CA VAL B 184 11.44 38.06 -16.33
C VAL B 184 10.04 38.31 -16.87
N LEU B 185 9.72 37.72 -18.02
CA LEU B 185 8.39 37.83 -18.60
C LEU B 185 8.09 36.55 -19.33
N GLU B 186 6.95 35.93 -19.00
CA GLU B 186 6.62 34.61 -19.52
C GLU B 186 5.23 34.61 -20.14
N MET B 187 5.14 34.12 -21.38
CA MET B 187 3.86 33.98 -22.06
C MET B 187 3.82 32.68 -22.85
N GLN B 188 2.88 31.83 -22.51
CA GLN B 188 2.68 30.55 -23.20
C GLN B 188 1.71 30.77 -24.34
N LEU B 189 2.24 30.90 -25.54
CA LEU B 189 1.41 31.02 -26.73
C LEU B 189 1.19 29.63 -27.30
N ASP B 190 0.08 29.48 -28.03
CA ASP B 190 -0.34 28.14 -28.44
C ASP B 190 0.51 27.61 -29.59
N GLY B 191 0.80 28.46 -30.57
CA GLY B 191 1.65 28.05 -31.67
C GLY B 191 2.38 29.22 -32.28
N LEU B 192 3.70 29.13 -32.34
CA LEU B 192 4.51 30.13 -33.03
C LEU B 192 5.34 29.50 -34.13
N GLN B 193 6.04 28.41 -33.83
CA GLN B 193 7.05 27.78 -34.67
C GLN B 193 8.09 28.79 -35.12
N TRP B 194 8.78 29.36 -34.14
CA TRP B 194 9.88 30.30 -34.38
C TRP B 194 11.16 29.49 -34.58
N GLU B 195 11.82 29.67 -35.72
CA GLU B 195 13.17 29.20 -35.92
C GLU B 195 14.14 30.29 -36.33
N ARG B 196 13.79 31.09 -37.32
CA ARG B 196 14.73 32.09 -37.84
C ARG B 196 14.89 33.24 -36.87
N VAL B 197 16.14 33.62 -36.60
CA VAL B 197 16.46 34.61 -35.58
C VAL B 197 16.71 35.99 -36.17
N GLN B 198 17.59 36.08 -37.16
CA GLN B 198 17.93 37.34 -37.86
C GLN B 198 18.41 38.43 -36.91
N PHE B 199 19.25 38.05 -35.96
CA PHE B 199 19.88 38.99 -35.05
C PHE B 199 20.84 39.89 -35.82
N ASN B 200 21.20 41.03 -35.21
CA ASN B 200 22.13 41.99 -35.83
C ASN B 200 22.61 43.03 -34.83
N SER B 201 23.91 43.28 -34.79
CA SER B 201 24.52 44.31 -33.97
C SER B 201 25.23 45.30 -34.89
N PRO B 202 25.42 46.56 -34.45
CA PRO B 202 26.28 47.46 -35.24
C PRO B 202 27.71 46.96 -35.33
N VAL B 203 28.08 46.58 -36.56
CA VAL B 203 29.38 45.96 -36.80
C VAL B 203 30.45 47.05 -36.81
N ASN B 204 31.69 46.64 -36.50
CA ASN B 204 32.86 47.51 -36.45
C ASN B 204 32.70 48.64 -35.43
N ALA B 205 32.01 48.34 -34.33
CA ALA B 205 31.65 49.33 -33.35
C ALA B 205 32.83 49.61 -32.41
N GLY B 206 32.52 50.29 -31.30
CA GLY B 206 33.53 50.53 -30.29
C GLY B 206 33.96 49.25 -29.60
N HIS B 207 33.03 48.30 -29.45
CA HIS B 207 33.30 46.96 -28.96
C HIS B 207 32.48 45.98 -29.80
N ALA B 208 32.54 44.71 -29.43
CA ALA B 208 31.86 43.66 -30.18
C ALA B 208 31.01 42.84 -29.21
N THR B 209 29.70 43.01 -29.26
CA THR B 209 28.81 42.24 -28.41
C THR B 209 28.71 40.82 -28.95
N ARG B 210 28.67 39.86 -28.04
CA ARG B 210 28.67 38.45 -28.39
C ARG B 210 27.29 37.82 -28.25
N PHE B 211 27.03 36.86 -29.13
CA PHE B 211 25.70 36.29 -29.38
C PHE B 211 25.81 34.77 -29.34
N ASN B 212 24.77 34.10 -28.85
CA ASN B 212 24.81 32.64 -28.73
C ASN B 212 23.45 32.09 -29.11
N VAL B 213 23.39 31.34 -30.21
CA VAL B 213 22.14 30.75 -30.70
C VAL B 213 22.05 29.35 -30.13
N VAL B 214 21.05 29.08 -29.32
CA VAL B 214 20.95 27.77 -28.69
C VAL B 214 20.16 26.84 -29.58
N LYS B 215 20.57 25.59 -29.64
CA LYS B 215 19.98 24.60 -30.54
C LYS B 215 19.18 23.54 -29.82
N ASP B 216 19.72 22.97 -28.75
CA ASP B 216 19.06 21.91 -28.00
C ASP B 216 18.96 22.36 -26.55
N ILE B 217 18.02 21.77 -25.83
CA ILE B 217 17.91 22.03 -24.39
C ILE B 217 19.02 21.28 -23.66
N SER B 218 19.34 21.78 -22.48
CA SER B 218 20.38 21.23 -21.63
C SER B 218 19.77 20.79 -20.32
N THR B 219 20.61 20.34 -19.41
CA THR B 219 20.25 20.11 -18.02
C THR B 219 21.37 20.65 -17.17
N VAL B 220 21.03 21.48 -16.18
CA VAL B 220 22.01 22.23 -15.41
C VAL B 220 21.76 21.95 -13.94
N LEU B 221 22.83 21.79 -13.18
CA LEU B 221 22.77 21.70 -11.73
C LEU B 221 23.09 23.07 -11.16
N VAL B 222 22.14 23.71 -10.51
CA VAL B 222 22.32 25.05 -9.98
C VAL B 222 22.25 25.00 -8.47
N GLU B 223 22.86 25.99 -7.82
CA GLU B 223 22.77 26.18 -6.39
C GLU B 223 22.40 27.63 -6.10
N THR B 224 21.32 27.81 -5.35
CA THR B 224 20.80 29.13 -5.04
C THR B 224 21.30 29.61 -3.68
N ASN B 225 21.33 30.92 -3.51
CA ASN B 225 21.83 31.53 -2.29
C ASN B 225 20.70 31.76 -1.30
N SER B 226 20.96 32.65 -0.33
CA SER B 226 20.01 33.03 0.71
C SER B 226 18.66 33.45 0.16
N GLY B 227 18.65 34.40 -0.77
CA GLY B 227 17.43 34.94 -1.33
C GLY B 227 16.90 34.27 -2.58
N GLY B 228 17.60 33.28 -3.11
CA GLY B 228 17.11 32.57 -4.28
C GLY B 228 17.88 32.82 -5.55
N SER B 229 19.05 33.42 -5.48
CA SER B 229 19.83 33.73 -6.66
C SER B 229 20.88 32.66 -6.88
N VAL B 230 21.00 32.21 -8.12
CA VAL B 230 21.96 31.19 -8.49
C VAL B 230 23.36 31.78 -8.45
N PHE B 231 24.30 31.06 -7.85
CA PHE B 231 25.69 31.50 -7.83
C PHE B 231 26.68 30.42 -8.20
N ARG B 232 26.23 29.20 -8.48
CA ARG B 232 27.07 28.12 -8.97
C ARG B 232 26.26 27.34 -9.99
N TYR B 233 26.91 26.86 -11.05
CA TYR B 233 26.24 25.99 -12.00
C TYR B 233 27.22 24.96 -12.53
N SER B 234 26.69 23.87 -13.06
CA SER B 234 27.47 22.92 -13.84
C SER B 234 26.52 22.25 -14.81
N TYR B 235 26.86 22.21 -16.09
CA TYR B 235 25.97 21.57 -17.04
C TYR B 235 26.23 20.07 -16.99
N CYS B 236 25.17 19.28 -17.15
CA CYS B 236 25.28 17.86 -16.81
C CYS B 236 26.01 17.06 -17.87
N ALA B 237 26.09 17.57 -19.10
CA ALA B 237 26.66 16.81 -20.20
C ALA B 237 28.03 17.31 -20.62
N ASP B 238 28.71 18.07 -19.75
CA ASP B 238 30.02 18.61 -20.08
C ASP B 238 31.15 17.82 -19.45
N GLY B 239 30.97 16.53 -19.25
CA GLY B 239 32.01 15.71 -18.67
C GLY B 239 31.41 14.53 -17.93
N PHE B 240 32.29 13.76 -17.30
CA PHE B 240 31.89 12.59 -16.55
C PHE B 240 31.47 12.93 -15.13
N VAL B 241 32.24 13.78 -14.46
CA VAL B 241 31.95 14.16 -13.08
C VAL B 241 30.70 15.00 -13.01
N ASN B 242 30.45 15.80 -14.04
CA ASN B 242 29.27 16.67 -14.08
C ASN B 242 27.99 15.85 -14.16
N GLY B 243 28.05 14.68 -14.77
CA GLY B 243 26.89 13.82 -14.81
C GLY B 243 26.66 13.10 -13.50
N LEU B 244 27.73 12.85 -12.77
CA LEU B 244 27.58 12.27 -11.44
C LEU B 244 27.09 13.31 -10.46
N GLN B 245 27.40 14.59 -10.71
CA GLN B 245 26.89 15.66 -9.89
C GLN B 245 25.38 15.82 -10.03
N CYS B 246 24.87 15.71 -11.26
CA CYS B 246 23.44 15.90 -11.47
C CYS B 246 22.63 14.72 -10.98
N LYS B 247 23.26 13.54 -10.86
CA LYS B 247 22.58 12.42 -10.27
C LYS B 247 22.56 12.52 -8.76
N LEU B 248 23.63 13.05 -8.16
CA LEU B 248 23.77 13.13 -6.73
C LEU B 248 23.32 14.46 -6.15
N ARG B 249 23.14 15.49 -6.99
CA ARG B 249 22.72 16.84 -6.59
C ARG B 249 23.70 17.46 -5.61
N LEU B 250 24.98 17.36 -5.94
CA LEU B 250 26.06 17.93 -5.14
C LEU B 250 27.07 18.55 -6.07
N PHE B 251 27.89 19.44 -5.52
CA PHE B 251 28.99 20.02 -6.27
C PHE B 251 30.34 19.50 -5.83
N ASP B 252 30.49 19.19 -4.54
CA ASP B 252 31.70 18.58 -4.02
C ASP B 252 31.36 17.17 -3.55
N ILE B 253 31.63 16.20 -4.40
CA ILE B 253 31.23 14.81 -4.13
C ILE B 253 32.24 14.18 -3.18
N PRO B 254 31.80 13.64 -2.06
CA PRO B 254 32.72 12.96 -1.14
C PRO B 254 33.06 11.58 -1.64
N PRO B 255 34.12 10.95 -1.15
CA PRO B 255 34.48 9.61 -1.63
C PRO B 255 33.46 8.56 -1.20
N GLY B 256 33.11 7.70 -2.14
CA GLY B 256 32.10 6.70 -1.86
C GLY B 256 31.91 5.79 -3.05
N VAL B 257 30.85 5.01 -3.01
CA VAL B 257 30.49 4.10 -4.09
C VAL B 257 29.09 4.48 -4.53
N TYR B 258 28.93 4.87 -5.79
CA TYR B 258 27.72 5.49 -6.28
C TYR B 258 27.18 4.64 -7.42
N SER B 259 25.97 4.14 -7.27
CA SER B 259 25.52 3.01 -8.06
C SER B 259 24.51 3.40 -9.13
N ASN B 260 24.39 2.49 -10.10
CA ASN B 260 23.33 2.46 -11.11
C ASN B 260 23.32 3.71 -11.99
N SER B 261 24.50 4.16 -12.40
CA SER B 261 24.59 5.17 -13.45
C SER B 261 24.42 4.47 -14.78
N GLU B 262 23.67 5.09 -15.69
CA GLU B 262 23.25 4.39 -16.89
C GLU B 262 23.85 5.01 -18.16
N VAL B 263 23.65 4.28 -19.26
CA VAL B 263 24.27 4.55 -20.55
C VAL B 263 23.17 4.64 -21.59
N GLU B 264 23.23 5.67 -22.44
CA GLU B 264 22.23 5.87 -23.47
C GLU B 264 22.53 5.07 -24.74
N TYR B 265 21.48 4.78 -25.49
CA TYR B 265 21.56 3.95 -26.69
C TYR B 265 20.56 4.48 -27.70
N PRO B 266 20.74 4.16 -29.01
CA PRO B 266 19.80 4.67 -30.04
C PRO B 266 18.38 4.12 -29.96
N THR B 267 17.52 4.55 -30.88
CA THR B 267 16.11 4.17 -30.93
C THR B 267 15.74 3.69 -32.32
N ALA B 268 15.04 2.57 -32.39
CA ALA B 268 14.58 2.00 -33.67
C ALA B 268 13.10 1.66 -33.54
N LEU B 269 12.25 2.38 -34.26
CA LEU B 269 10.80 2.20 -34.21
C LEU B 269 10.30 1.47 -35.45
N TYR B 270 9.69 0.31 -35.24
CA TYR B 270 9.12 -0.48 -36.34
C TYR B 270 7.60 -0.55 -36.11
N THR B 271 6.84 0.01 -37.05
CA THR B 271 5.40 -0.15 -37.01
C THR B 271 4.97 -1.46 -37.65
N VAL B 272 5.66 -1.86 -38.72
CA VAL B 272 5.44 -3.12 -39.41
C VAL B 272 6.79 -3.75 -39.68
N VAL B 273 6.83 -5.07 -39.72
CA VAL B 273 8.08 -5.81 -39.74
C VAL B 273 8.35 -6.45 -41.08
N HIS B 274 7.47 -6.25 -42.06
CA HIS B 274 7.64 -6.83 -43.38
C HIS B 274 7.50 -5.75 -44.44
N ASN B 275 8.12 -5.95 -45.58
CA ASN B 275 8.02 -4.98 -46.66
C ASN B 275 6.65 -5.05 -47.34
N MET B 276 6.33 -4.01 -48.07
CA MET B 276 5.02 -3.82 -48.65
C MET B 276 5.14 -3.50 -50.13
N SER B 277 4.01 -3.19 -50.75
CA SER B 277 3.95 -2.76 -52.14
C SER B 277 3.78 -1.24 -52.19
N ALA B 278 3.54 -0.72 -53.38
CA ALA B 278 3.31 0.70 -53.55
C ALA B 278 1.81 1.01 -53.59
N CYS B 279 1.45 2.22 -53.17
CA CYS B 279 0.06 2.63 -53.11
C CYS B 279 -0.47 3.01 -54.49
N PRO B 280 -1.79 3.04 -54.64
CA PRO B 280 -2.38 3.69 -55.82
C PRO B 280 -2.23 5.21 -55.76
N GLU B 281 -2.63 5.85 -56.86
CA GLU B 281 -2.51 7.30 -57.01
C GLU B 281 -3.82 7.96 -56.61
N ARG B 282 -3.96 9.25 -56.92
CA ARG B 282 -5.25 9.88 -56.74
C ARG B 282 -6.00 9.91 -58.07
N PRO B 283 -7.34 9.90 -58.04
CA PRO B 283 -8.12 9.83 -59.29
C PRO B 283 -8.39 11.16 -60.00
N ASP B 284 -7.62 12.21 -59.71
CA ASP B 284 -7.57 13.50 -60.42
C ASP B 284 -8.80 14.39 -60.24
N SER B 285 -9.89 13.84 -59.72
CA SER B 285 -11.16 14.54 -59.43
C SER B 285 -11.71 15.28 -60.64
N TYR B 286 -11.54 14.68 -61.82
CA TYR B 286 -12.12 15.21 -63.06
C TYR B 286 -13.08 14.20 -63.65
N CYS B 287 -14.22 14.68 -64.17
CA CYS B 287 -15.26 13.82 -64.69
C CYS B 287 -15.43 14.05 -66.19
N GLY B 288 -15.97 13.05 -66.88
CA GLY B 288 -15.98 13.09 -68.34
C GLY B 288 -17.09 13.94 -68.93
N SER B 289 -18.36 13.54 -68.72
CA SER B 289 -19.44 14.18 -69.46
C SER B 289 -19.92 15.46 -68.80
N ASN B 290 -20.61 15.35 -67.66
CA ASN B 290 -21.01 16.52 -66.90
C ASN B 290 -20.71 16.37 -65.42
N SER B 291 -21.00 15.18 -64.89
CA SER B 291 -20.94 14.86 -63.47
C SER B 291 -21.10 13.35 -63.30
N CYS B 292 -20.21 12.74 -62.55
CA CYS B 292 -20.17 11.31 -62.32
C CYS B 292 -19.73 11.06 -60.90
N PRO B 293 -20.01 9.87 -60.33
CA PRO B 293 -19.50 9.57 -58.99
C PRO B 293 -17.98 9.55 -58.93
N PHE B 294 -17.44 10.32 -57.98
CA PHE B 294 -16.00 10.53 -57.88
C PHE B 294 -15.31 9.24 -57.45
N LYS B 295 -14.20 8.94 -58.12
CA LYS B 295 -13.53 7.67 -57.93
C LYS B 295 -12.76 7.70 -56.62
N ARG B 296 -12.78 6.59 -55.91
CA ARG B 296 -12.14 6.47 -54.61
C ARG B 296 -10.92 5.58 -54.71
N ALA B 297 -10.11 5.59 -53.67
CA ALA B 297 -8.95 4.72 -53.56
C ALA B 297 -8.82 4.19 -52.13
N VAL B 298 -8.56 2.90 -52.01
CA VAL B 298 -8.30 2.27 -50.72
C VAL B 298 -6.80 2.20 -50.51
N PHE B 299 -6.33 2.82 -49.42
CA PHE B 299 -4.92 2.83 -49.04
C PHE B 299 -4.75 1.94 -47.83
N SER B 300 -4.03 0.83 -48.00
CA SER B 300 -3.72 -0.08 -46.91
C SER B 300 -2.51 -0.92 -47.31
N ASN B 301 -1.57 -1.08 -46.37
CA ASN B 301 -0.39 -1.95 -46.50
C ASN B 301 0.48 -1.56 -47.69
N CYS B 302 0.71 -0.26 -47.86
CA CYS B 302 1.47 0.25 -48.99
C CYS B 302 2.23 1.50 -48.58
N ILE B 303 2.88 2.11 -49.56
CA ILE B 303 3.89 3.15 -49.35
C ILE B 303 3.41 4.39 -50.09
N VAL B 304 2.88 5.38 -49.37
CA VAL B 304 2.50 6.62 -50.01
C VAL B 304 3.77 7.40 -50.35
N ASN B 305 3.70 8.23 -51.39
CA ASN B 305 4.89 8.84 -51.95
C ASN B 305 4.77 10.36 -51.84
N TYR B 306 5.90 11.04 -52.04
CA TYR B 306 5.99 12.45 -51.68
C TYR B 306 5.28 13.31 -52.71
N THR B 307 4.28 14.06 -52.23
CA THR B 307 3.63 15.19 -52.91
C THR B 307 3.09 14.83 -54.30
N THR B 308 2.76 13.55 -54.48
CA THR B 308 2.20 13.05 -55.71
C THR B 308 0.68 13.07 -55.64
N TRP B 309 0.14 13.94 -54.80
CA TRP B 309 -1.29 14.24 -54.79
C TRP B 309 -1.57 15.66 -55.22
N VAL B 310 -0.55 16.41 -55.64
CA VAL B 310 -0.72 17.78 -56.13
C VAL B 310 -0.04 17.89 -57.49
N ASN B 311 -0.32 19.01 -58.17
CA ASN B 311 0.33 19.29 -59.43
C ASN B 311 1.77 19.75 -59.18
N PRO B 312 2.70 19.45 -60.11
CA PRO B 312 4.12 19.72 -59.86
C PRO B 312 4.51 21.20 -59.80
N ASP B 313 3.59 22.14 -60.01
CA ASP B 313 3.89 23.54 -59.80
C ASP B 313 3.91 23.85 -58.30
N GLN B 314 4.88 24.69 -57.90
CA GLN B 314 5.19 24.90 -56.48
C GLN B 314 4.75 26.30 -56.06
N ARG B 315 3.56 26.72 -56.52
CA ARG B 315 2.95 27.96 -56.07
C ARG B 315 1.56 27.69 -55.52
N ASP B 316 0.85 26.75 -56.14
CA ASP B 316 -0.57 26.58 -55.85
C ASP B 316 -0.80 25.88 -54.52
N PHE B 317 -0.13 24.75 -54.27
CA PHE B 317 -0.47 23.92 -53.12
C PHE B 317 0.09 24.45 -51.81
N GLN B 318 0.73 25.61 -51.81
CA GLN B 318 1.56 26.01 -50.68
C GLN B 318 0.79 26.52 -49.47
N HIS B 319 -0.55 26.49 -49.53
CA HIS B 319 -1.34 26.77 -48.36
C HIS B 319 -1.39 25.59 -47.39
N LEU B 320 -0.91 24.42 -47.79
CA LEU B 320 -0.77 23.26 -46.92
C LEU B 320 0.65 23.10 -46.41
N ILE B 321 1.42 24.19 -46.37
CA ILE B 321 2.80 24.17 -45.90
C ILE B 321 2.83 24.78 -44.49
N LEU B 322 3.51 24.11 -43.58
CA LEU B 322 3.58 24.51 -42.18
C LEU B 322 4.97 25.02 -41.79
N SER B 323 6.00 24.23 -42.06
CA SER B 323 7.35 24.41 -41.55
C SER B 323 8.30 23.73 -42.52
N ASN B 324 9.53 23.44 -42.08
CA ASN B 324 10.45 22.66 -42.89
C ASN B 324 9.92 21.26 -43.16
N GLY B 325 9.25 20.67 -42.17
CA GLY B 325 8.41 19.51 -42.40
C GLY B 325 7.05 19.99 -42.86
N LYS B 326 6.76 19.82 -44.15
CA LYS B 326 5.66 20.52 -44.79
C LYS B 326 4.72 19.61 -45.57
N PHE B 327 4.95 18.30 -45.59
CA PHE B 327 4.20 17.36 -46.42
C PHE B 327 2.95 16.95 -45.66
N ASN B 328 1.98 17.87 -45.53
CA ASN B 328 0.81 17.63 -44.69
C ASN B 328 -0.45 17.83 -45.53
N PRO B 329 -1.13 16.75 -45.88
CA PRO B 329 -2.30 16.87 -46.77
C PRO B 329 -3.63 17.13 -46.06
N PHE B 330 -3.61 17.52 -44.80
CA PHE B 330 -4.84 17.71 -44.04
C PHE B 330 -4.89 19.10 -43.46
N THR B 331 -6.11 19.61 -43.28
CA THR B 331 -6.32 20.98 -42.83
C THR B 331 -6.97 21.03 -41.45
N GLU B 332 -8.13 20.42 -41.27
CA GLU B 332 -8.78 20.32 -39.97
C GLU B 332 -9.17 18.87 -39.75
N CYS B 333 -8.81 18.33 -38.59
CA CYS B 333 -8.87 16.89 -38.37
C CYS B 333 -9.84 16.58 -37.24
N ASN B 334 -10.52 15.43 -37.36
CA ASN B 334 -11.58 15.06 -36.44
C ASN B 334 -11.54 13.54 -36.28
N GLY B 335 -11.20 13.06 -35.09
CA GLY B 335 -10.73 13.86 -33.97
C GLY B 335 -9.29 13.51 -33.68
N LEU B 336 -8.68 12.83 -34.64
CA LEU B 336 -7.30 12.38 -34.55
C LEU B 336 -6.33 13.56 -34.63
N ASN B 337 -5.08 13.29 -34.27
CA ASN B 337 -4.08 14.36 -34.21
C ASN B 337 -3.64 14.72 -35.62
N ARG B 338 -3.62 16.03 -35.91
CA ARG B 338 -3.69 16.52 -37.29
C ARG B 338 -2.41 16.25 -38.10
N ILE B 339 -1.25 16.39 -37.47
CA ILE B 339 0.00 16.25 -38.22
C ILE B 339 0.23 14.79 -38.58
N VAL B 340 0.55 14.55 -39.84
CA VAL B 340 0.85 13.21 -40.31
C VAL B 340 2.35 13.08 -40.49
N ASP B 341 2.99 12.40 -39.55
CA ASP B 341 4.40 12.08 -39.63
C ASP B 341 4.57 10.61 -39.24
N GLY B 342 5.11 9.79 -40.14
CA GLY B 342 5.29 8.39 -39.82
C GLY B 342 4.32 7.46 -40.49
N CYS B 343 3.29 7.02 -39.77
CA CYS B 343 2.33 6.04 -40.26
C CYS B 343 0.92 6.41 -39.81
N VAL B 344 -0.06 5.99 -40.62
CA VAL B 344 -1.48 6.25 -40.38
C VAL B 344 -2.25 4.95 -40.60
N PRO B 345 -3.41 4.77 -39.96
CA PRO B 345 -3.98 3.42 -39.87
C PRO B 345 -4.68 2.88 -41.12
N GLY B 346 -4.51 3.45 -42.31
CA GLY B 346 -5.10 2.79 -43.45
C GLY B 346 -6.47 3.27 -43.91
N PHE B 347 -6.56 4.55 -44.23
CA PHE B 347 -7.80 5.20 -44.62
C PHE B 347 -8.31 4.74 -45.98
N VAL B 348 -9.51 5.22 -46.33
CA VAL B 348 -10.01 5.22 -47.70
C VAL B 348 -10.20 6.67 -48.13
N LEU B 349 -9.81 6.96 -49.36
CA LEU B 349 -9.68 8.33 -49.85
C LEU B 349 -10.68 8.60 -50.96
N ARG B 350 -11.46 9.68 -50.82
CA ARG B 350 -12.30 10.16 -51.91
C ARG B 350 -11.98 11.61 -52.20
N VAL B 351 -11.97 11.96 -53.47
CA VAL B 351 -11.50 13.26 -53.93
C VAL B 351 -12.67 14.03 -54.51
N GLY B 352 -12.42 15.30 -54.85
CA GLY B 352 -13.47 16.13 -55.40
C GLY B 352 -12.89 17.43 -55.94
N ARG B 353 -13.80 18.26 -56.46
CA ARG B 353 -13.43 19.46 -57.18
C ARG B 353 -14.61 20.43 -57.18
N GLY B 354 -14.31 21.71 -57.04
CA GLY B 354 -15.33 22.74 -57.04
C GLY B 354 -14.77 24.08 -57.46
N LYS B 355 -15.66 24.97 -57.88
CA LYS B 355 -15.27 26.32 -58.25
C LYS B 355 -14.99 27.14 -56.99
N ALA B 356 -13.98 28.00 -57.06
CA ALA B 356 -13.55 28.81 -55.93
C ALA B 356 -13.99 30.25 -56.13
N VAL B 357 -14.94 30.69 -55.31
CA VAL B 357 -15.37 32.08 -55.25
C VAL B 357 -14.95 32.58 -53.87
N ASN B 358 -14.67 33.88 -53.77
CA ASN B 358 -14.35 34.68 -52.57
C ASN B 358 -12.92 34.40 -52.10
N ARG B 359 -12.19 33.49 -52.76
CA ARG B 359 -10.86 32.99 -52.39
C ARG B 359 -10.85 32.37 -51.00
N THR B 360 -12.01 31.90 -50.51
CA THR B 360 -12.16 31.35 -49.17
C THR B 360 -12.80 29.98 -49.29
N ILE B 361 -12.18 28.97 -48.69
CA ILE B 361 -12.60 27.59 -48.85
C ILE B 361 -13.15 27.06 -47.54
N VAL B 362 -14.38 26.54 -47.59
CA VAL B 362 -15.18 26.25 -46.41
C VAL B 362 -14.88 24.85 -45.90
N THR B 363 -15.26 24.60 -44.65
CA THR B 363 -15.02 23.32 -44.00
C THR B 363 -16.34 22.57 -43.87
N PRO B 364 -16.51 21.43 -44.55
CA PRO B 364 -17.66 20.57 -44.24
C PRO B 364 -17.48 19.91 -42.88
N TYR B 365 -18.61 19.63 -42.23
CA TYR B 365 -18.56 18.99 -40.93
C TYR B 365 -18.05 17.56 -41.06
N LEU B 366 -17.35 17.10 -40.03
CA LEU B 366 -16.63 15.83 -40.06
C LEU B 366 -17.16 14.92 -38.99
N LYS B 367 -17.44 13.69 -39.35
CA LYS B 367 -17.51 12.61 -38.40
C LYS B 367 -16.09 12.34 -37.89
N PRO B 368 -15.93 11.81 -36.67
CA PRO B 368 -14.61 11.36 -36.23
C PRO B 368 -13.99 10.32 -37.17
N TYR B 369 -12.66 10.29 -37.17
CA TYR B 369 -11.82 9.56 -38.12
C TYR B 369 -12.10 9.97 -39.56
N GLU B 370 -12.40 11.25 -39.78
CA GLU B 370 -12.48 11.85 -41.11
C GLU B 370 -11.74 13.17 -41.08
N CYS B 371 -10.66 13.26 -41.83
CA CYS B 371 -9.88 14.49 -41.86
C CYS B 371 -9.60 14.82 -43.32
N PHE B 372 -9.64 16.11 -43.66
CA PHE B 372 -9.59 16.49 -45.06
C PHE B 372 -8.67 17.69 -45.26
N GLY B 373 -8.26 17.87 -46.50
CA GLY B 373 -7.57 19.07 -46.93
C GLY B 373 -8.06 19.53 -48.28
N TRP B 374 -7.39 20.51 -48.90
CA TRP B 374 -7.70 20.93 -50.25
C TRP B 374 -6.45 21.56 -50.86
N SER B 375 -6.22 21.29 -52.14
CA SER B 375 -5.14 21.89 -52.91
C SER B 375 -5.75 22.75 -54.00
N TRP B 376 -4.91 23.30 -54.88
CA TRP B 376 -5.39 23.97 -56.07
C TRP B 376 -5.08 23.13 -57.30
N ASN B 377 -6.10 22.88 -58.11
CA ASN B 377 -5.88 22.45 -59.49
C ASN B 377 -5.11 23.53 -60.25
N ASP B 378 -5.67 24.74 -60.26
CA ASP B 378 -5.01 25.89 -60.85
C ASP B 378 -5.46 27.14 -60.10
N ASN B 379 -4.48 27.96 -59.70
CA ASN B 379 -4.73 29.02 -58.74
C ASN B 379 -5.22 30.31 -59.38
N GLN B 380 -4.69 30.64 -60.57
CA GLN B 380 -5.12 31.88 -61.22
C GLN B 380 -6.50 31.72 -61.84
N ASP B 381 -6.95 30.49 -62.04
CA ASP B 381 -8.31 30.25 -62.50
C ASP B 381 -9.27 29.98 -61.36
N SER B 382 -8.73 29.74 -60.16
CA SER B 382 -9.48 29.48 -58.92
C SER B 382 -10.40 28.25 -59.06
N ILE B 383 -9.77 27.10 -59.26
CA ILE B 383 -10.43 25.81 -59.13
C ILE B 383 -9.58 24.96 -58.18
N TYR B 384 -10.20 24.48 -57.11
CA TYR B 384 -9.52 23.75 -56.07
C TYR B 384 -9.97 22.31 -56.08
N ASP B 385 -9.02 21.39 -55.90
CA ASP B 385 -9.34 19.99 -55.65
C ASP B 385 -9.05 19.65 -54.19
N TRP B 386 -9.82 18.70 -53.66
CA TRP B 386 -9.75 18.35 -52.26
C TRP B 386 -9.79 16.83 -52.14
N TRP B 387 -9.58 16.36 -50.91
CA TRP B 387 -9.65 14.95 -50.59
C TRP B 387 -9.87 14.78 -49.09
N ILE B 388 -10.73 13.84 -48.73
CA ILE B 388 -10.98 13.49 -47.34
C ILE B 388 -10.59 12.04 -47.13
N ALA B 389 -9.93 11.76 -46.00
CA ALA B 389 -9.50 10.42 -45.65
C ALA B 389 -10.40 9.88 -44.55
N ASP B 390 -10.92 8.67 -44.76
CA ASP B 390 -11.83 8.01 -43.84
C ASP B 390 -11.11 6.77 -43.32
N PHE B 391 -10.61 6.84 -42.09
CA PHE B 391 -9.87 5.72 -41.51
C PHE B 391 -10.83 4.62 -41.12
N VAL B 392 -11.09 3.69 -42.04
CA VAL B 392 -12.09 2.65 -41.81
C VAL B 392 -11.58 1.59 -40.84
N SER B 393 -10.27 1.36 -40.78
CA SER B 393 -9.71 0.37 -39.90
C SER B 393 -8.62 1.01 -39.07
N THR B 394 -8.42 0.50 -37.87
CA THR B 394 -7.20 0.79 -37.12
C THR B 394 -6.25 -0.39 -37.29
N GLY B 395 -5.03 -0.08 -37.72
CA GLY B 395 -4.03 -1.10 -37.88
C GLY B 395 -3.86 -1.69 -39.26
N ALA B 396 -4.04 -0.89 -40.31
CA ALA B 396 -3.66 -1.34 -41.64
C ALA B 396 -2.26 -0.88 -42.01
N PHE B 397 -1.86 0.31 -41.53
CA PHE B 397 -0.49 0.80 -41.50
C PHE B 397 0.09 0.98 -42.90
N VAL B 398 -0.45 1.99 -43.58
CA VAL B 398 0.25 2.59 -44.72
C VAL B 398 1.45 3.40 -44.20
N CYS B 399 2.63 3.09 -44.72
CA CYS B 399 3.88 3.63 -44.21
C CYS B 399 4.86 3.87 -45.35
N GLU B 400 5.52 5.02 -45.32
CA GLU B 400 6.62 5.26 -46.24
C GLU B 400 7.82 4.41 -45.85
N SER B 401 8.62 4.05 -46.86
CA SER B 401 10.00 3.57 -46.69
C SER B 401 10.05 2.28 -45.86
N ASN B 402 9.72 1.16 -46.53
CA ASN B 402 9.77 -0.22 -46.02
C ASN B 402 10.96 -0.48 -45.12
N PRO B 403 10.76 -1.12 -43.96
CA PRO B 403 11.83 -1.21 -42.97
C PRO B 403 12.91 -2.18 -43.40
N GLU B 404 14.09 -1.98 -42.85
CA GLU B 404 15.31 -2.66 -43.27
C GLU B 404 15.90 -3.44 -42.10
N ALA B 405 16.84 -4.31 -42.43
CA ALA B 405 17.38 -5.27 -41.47
C ALA B 405 18.14 -4.54 -40.38
N PRO B 406 17.93 -4.88 -39.12
CA PRO B 406 18.54 -4.13 -38.03
C PRO B 406 20.01 -4.52 -37.85
N LYS B 407 20.68 -3.77 -36.99
CA LYS B 407 22.12 -3.95 -36.77
C LYS B 407 22.32 -4.92 -35.61
N THR B 408 22.96 -6.04 -35.89
CA THR B 408 23.11 -7.10 -34.90
C THR B 408 24.41 -6.93 -34.14
N GLY B 409 24.31 -6.60 -32.86
CA GLY B 409 25.49 -6.50 -32.02
C GLY B 409 25.68 -5.15 -31.40
N VAL B 410 24.59 -4.42 -31.17
CA VAL B 410 24.66 -3.13 -30.49
C VAL B 410 23.38 -2.95 -29.70
N CYS B 411 23.50 -2.44 -28.48
CA CYS B 411 22.32 -2.18 -27.68
C CYS B 411 21.59 -0.96 -28.23
N VAL B 412 20.27 -1.07 -28.31
CA VAL B 412 19.40 -0.07 -28.90
C VAL B 412 17.99 -0.38 -28.40
N THR B 413 17.23 0.65 -28.03
CA THR B 413 15.87 0.43 -27.55
C THR B 413 14.92 0.30 -28.74
N TYR B 414 14.54 -0.93 -29.06
CA TYR B 414 13.65 -1.17 -30.17
C TYR B 414 12.22 -0.84 -29.80
N THR B 415 11.36 -0.85 -30.83
CA THR B 415 9.92 -0.80 -30.64
C THR B 415 9.30 -1.56 -31.79
N VAL B 416 8.91 -2.81 -31.54
CA VAL B 416 8.47 -3.73 -32.57
C VAL B 416 7.07 -4.20 -32.18
N GLU B 417 6.07 -3.75 -32.94
CA GLU B 417 4.67 -4.19 -32.83
C GLU B 417 4.10 -3.90 -31.43
N LYS B 418 3.99 -2.60 -31.12
CA LYS B 418 3.44 -2.03 -29.88
C LYS B 418 4.21 -2.41 -28.62
N VAL B 419 5.37 -3.05 -28.73
CA VAL B 419 6.14 -3.52 -27.59
C VAL B 419 7.53 -2.92 -27.68
N THR B 420 7.83 -1.95 -26.81
CA THR B 420 9.16 -1.38 -26.77
C THR B 420 10.04 -2.12 -25.75
N PHE B 421 11.30 -2.32 -26.12
CA PHE B 421 12.23 -3.12 -25.34
C PHE B 421 13.64 -2.70 -25.71
N GLN B 422 14.60 -3.13 -24.90
CA GLN B 422 15.99 -2.73 -25.09
C GLN B 422 16.89 -3.96 -25.09
N GLY B 423 17.83 -4.02 -26.03
CA GLY B 423 18.78 -5.11 -26.02
C GLY B 423 19.56 -5.15 -27.32
N VAL B 424 20.26 -6.27 -27.51
CA VAL B 424 20.98 -6.52 -28.75
C VAL B 424 20.29 -7.68 -29.47
N LEU B 425 20.57 -7.82 -30.75
CA LEU B 425 20.01 -8.89 -31.55
C LEU B 425 21.11 -9.68 -32.21
N TYR B 426 20.82 -10.93 -32.54
CA TYR B 426 21.74 -11.80 -33.25
C TYR B 426 20.95 -12.73 -34.14
N GLU B 427 21.56 -13.20 -35.21
CA GLU B 427 20.90 -14.16 -36.09
C GLU B 427 20.72 -15.50 -35.39
N SER B 428 19.57 -16.12 -35.60
CA SER B 428 19.28 -17.41 -35.00
C SER B 428 18.78 -18.39 -36.05
N ASN B 429 18.93 -19.68 -35.76
CA ASN B 429 18.29 -20.75 -36.52
C ASN B 429 17.07 -21.28 -35.80
N PHE B 430 16.41 -20.45 -34.99
CA PHE B 430 15.22 -20.86 -34.26
C PHE B 430 14.01 -20.42 -35.05
N THR B 431 13.06 -21.33 -35.23
CA THR B 431 11.84 -21.07 -35.98
C THR B 431 10.64 -21.29 -35.08
N PHE B 432 9.71 -20.34 -35.11
CA PHE B 432 8.49 -20.46 -34.33
C PHE B 432 7.29 -20.12 -35.20
N ALA B 433 6.12 -20.05 -34.58
CA ALA B 433 4.86 -20.09 -35.30
C ALA B 433 4.63 -18.82 -36.09
N GLN B 434 4.07 -19.00 -37.29
CA GLN B 434 3.87 -17.90 -38.23
C GLN B 434 2.76 -16.95 -37.81
N TYR B 435 1.95 -17.30 -36.80
CA TYR B 435 0.94 -16.37 -36.29
C TYR B 435 1.59 -15.19 -35.59
N TYR B 436 2.81 -15.36 -35.09
CA TYR B 436 3.41 -14.45 -34.13
C TYR B 436 4.74 -13.94 -34.65
N ASN B 437 5.00 -12.66 -34.41
CA ASN B 437 6.32 -12.11 -34.65
C ASN B 437 7.19 -12.04 -33.41
N LEU B 438 6.58 -11.75 -32.26
CA LEU B 438 7.25 -11.73 -30.98
C LEU B 438 7.14 -13.11 -30.32
N LEU B 439 8.08 -13.43 -29.44
CA LEU B 439 8.05 -14.70 -28.71
C LEU B 439 8.50 -14.49 -27.27
N TYR B 440 7.77 -15.11 -26.34
CA TYR B 440 8.05 -14.98 -24.91
C TYR B 440 8.42 -16.34 -24.34
N VAL B 441 9.49 -16.39 -23.56
CA VAL B 441 9.80 -17.55 -22.74
C VAL B 441 9.54 -17.13 -21.31
N GLY B 442 8.40 -17.55 -20.76
CA GLY B 442 7.92 -16.95 -19.54
C GLY B 442 7.34 -15.58 -19.78
N SER B 443 8.04 -14.55 -19.30
CA SER B 443 7.57 -13.18 -19.45
C SER B 443 8.59 -12.27 -20.09
N GLN B 444 9.74 -12.78 -20.50
CA GLN B 444 10.75 -11.98 -21.15
C GLN B 444 10.71 -12.23 -22.65
N LEU B 445 10.96 -11.18 -23.42
CA LEU B 445 11.02 -11.28 -24.86
C LEU B 445 12.30 -12.00 -25.26
N ARG B 446 12.15 -13.08 -26.00
CA ARG B 446 13.30 -13.90 -26.36
C ARG B 446 13.64 -13.87 -27.83
N TYR B 447 12.65 -13.78 -28.72
CA TYR B 447 12.88 -13.72 -30.15
C TYR B 447 12.01 -12.64 -30.78
N VAL B 448 12.53 -12.00 -31.81
CA VAL B 448 11.72 -11.19 -32.71
C VAL B 448 11.94 -11.70 -34.12
N ARG B 449 10.99 -11.38 -35.00
CA ARG B 449 11.04 -11.78 -36.40
C ARG B 449 10.88 -10.54 -37.25
N ILE B 450 11.95 -10.11 -37.90
CA ILE B 450 11.96 -8.89 -38.70
C ILE B 450 12.35 -9.24 -40.12
N LEU B 451 11.47 -8.93 -41.08
CA LEU B 451 11.64 -9.19 -42.51
C LEU B 451 11.91 -10.68 -42.78
N GLY B 452 11.25 -11.54 -42.02
CA GLY B 452 11.43 -12.97 -42.17
C GLY B 452 12.65 -13.55 -41.50
N LYS B 453 13.46 -12.74 -40.82
CA LYS B 453 14.63 -13.20 -40.12
C LYS B 453 14.36 -13.20 -38.62
N VAL B 454 14.68 -14.30 -37.96
CA VAL B 454 14.45 -14.44 -36.52
C VAL B 454 15.70 -13.99 -35.77
N TYR B 455 15.53 -13.05 -34.85
CA TYR B 455 16.62 -12.54 -34.03
C TYR B 455 16.38 -12.84 -32.56
N GLU B 456 17.33 -13.51 -31.92
CA GLU B 456 17.24 -13.76 -30.48
C GLU B 456 17.66 -12.53 -29.69
N VAL B 457 16.79 -12.07 -28.81
CA VAL B 457 16.98 -10.85 -28.04
C VAL B 457 17.83 -11.18 -26.82
N SER B 458 18.89 -10.40 -26.63
CA SER B 458 19.76 -10.54 -25.46
C SER B 458 19.73 -9.21 -24.72
N SER B 459 19.92 -9.28 -23.41
CA SER B 459 20.02 -8.06 -22.64
C SER B 459 21.40 -7.46 -22.80
N CYS B 460 21.46 -6.16 -23.05
CA CYS B 460 22.76 -5.51 -23.16
C CYS B 460 23.30 -5.27 -21.75
N PHE B 461 24.47 -5.84 -21.49
CA PHE B 461 25.01 -5.97 -20.15
C PHE B 461 25.79 -4.76 -19.67
N GLU B 462 25.98 -3.76 -20.52
CA GLU B 462 26.78 -2.60 -20.16
C GLU B 462 25.92 -1.36 -19.92
N ALA B 463 24.65 -1.54 -19.60
CA ALA B 463 23.78 -0.39 -19.45
C ALA B 463 23.90 0.28 -18.10
N SER B 464 24.68 -0.26 -17.18
CA SER B 464 24.68 0.24 -15.81
C SER B 464 26.04 0.00 -15.18
N TYR B 465 26.48 0.94 -14.35
CA TYR B 465 27.80 0.81 -13.72
C TYR B 465 27.80 1.54 -12.40
N ASP B 466 28.71 1.15 -11.53
CA ASP B 466 28.98 1.88 -10.30
C ASP B 466 30.28 2.65 -10.45
N VAL B 467 30.42 3.71 -9.67
CA VAL B 467 31.64 4.50 -9.63
C VAL B 467 32.26 4.34 -8.26
N LEU B 468 33.53 3.96 -8.23
CA LEU B 468 34.31 3.88 -6.99
C LEU B 468 35.05 5.20 -6.86
N TYR B 469 34.36 6.20 -6.34
CA TYR B 469 34.80 7.59 -6.47
C TYR B 469 35.76 7.98 -5.36
N ARG B 470 36.87 8.59 -5.73
CA ARG B 470 37.83 9.14 -4.78
C ARG B 470 38.04 10.63 -4.92
N ASN B 471 38.33 11.13 -6.12
CA ASN B 471 38.38 12.57 -6.38
C ASN B 471 38.10 12.81 -7.87
N ASN B 472 38.43 14.00 -8.35
CA ASN B 472 38.16 14.35 -9.76
C ASN B 472 39.01 13.54 -10.72
N GLN B 473 40.22 13.16 -10.33
CA GLN B 473 41.13 12.51 -11.25
C GLN B 473 41.39 11.06 -10.93
N SER B 474 40.72 10.50 -9.94
CA SER B 474 40.91 9.11 -9.57
C SER B 474 39.56 8.53 -9.15
N PHE B 475 39.02 7.68 -10.01
CA PHE B 475 37.84 6.90 -9.69
C PHE B 475 37.95 5.57 -10.41
N GLY B 476 37.16 4.60 -9.98
CA GLY B 476 37.11 3.31 -10.61
C GLY B 476 35.69 2.97 -11.03
N LEU B 477 35.58 2.08 -12.01
CA LEU B 477 34.29 1.69 -12.57
C LEU B 477 34.07 0.20 -12.40
N LEU B 478 32.84 -0.16 -12.05
CA LEU B 478 32.44 -1.54 -11.83
C LEU B 478 31.15 -1.80 -12.56
N TYR B 479 31.14 -2.74 -13.48
CA TYR B 479 29.93 -3.04 -14.23
C TYR B 479 29.34 -4.31 -13.64
N ARG B 480 28.34 -4.16 -12.77
CA ARG B 480 27.91 -5.27 -11.94
C ARG B 480 27.21 -6.38 -12.69
N SER B 481 26.78 -6.15 -13.92
CA SER B 481 26.03 -7.17 -14.63
C SER B 481 26.70 -7.63 -15.92
N PHE B 482 27.95 -7.27 -16.13
CA PHE B 482 28.66 -7.60 -17.35
C PHE B 482 29.73 -8.65 -17.08
N ASP B 483 29.81 -9.64 -17.95
CA ASP B 483 30.77 -10.73 -17.85
C ASP B 483 31.86 -10.51 -18.87
N CYS B 484 33.03 -10.06 -18.42
CA CYS B 484 34.14 -9.76 -19.32
C CYS B 484 35.19 -10.86 -19.32
N ASN B 485 34.73 -12.11 -19.37
CA ASN B 485 35.62 -13.25 -19.53
C ASN B 485 36.39 -13.18 -20.85
N GLN B 486 35.70 -12.81 -21.93
CA GLN B 486 36.30 -12.83 -23.25
C GLN B 486 36.35 -11.49 -23.94
N LEU B 487 35.24 -10.77 -24.00
CA LEU B 487 35.14 -9.62 -24.88
C LEU B 487 34.73 -8.35 -24.14
N SER B 491 33.14 -0.20 -26.44
CA SER B 491 34.26 0.07 -25.55
C SER B 491 34.72 1.50 -25.63
N ALA B 492 34.15 2.27 -26.56
CA ALA B 492 34.58 3.64 -26.76
C ALA B 492 34.14 4.58 -25.65
N ARG B 493 33.20 4.13 -24.81
CA ARG B 493 32.78 4.91 -23.64
C ARG B 493 33.90 4.99 -22.61
N PHE B 494 34.79 4.00 -22.58
CA PHE B 494 35.81 3.94 -21.56
C PHE B 494 37.20 4.31 -22.09
N VAL B 495 37.36 4.41 -23.41
CA VAL B 495 38.65 4.82 -23.96
C VAL B 495 38.85 6.32 -23.76
N ASP B 496 37.77 7.08 -23.58
CA ASP B 496 37.89 8.52 -23.42
C ASP B 496 37.59 8.95 -21.98
N ARG B 497 37.89 8.06 -21.04
CA ARG B 497 37.87 8.35 -19.62
C ARG B 497 39.14 7.89 -18.93
N LEU B 498 39.68 6.76 -19.35
CA LEU B 498 40.79 6.11 -18.65
C LEU B 498 41.56 5.27 -19.66
N LEU B 499 42.76 4.85 -19.26
CA LEU B 499 43.79 4.44 -20.21
C LEU B 499 43.52 3.14 -20.98
N PRO B 500 43.19 1.97 -20.36
CA PRO B 500 43.03 0.77 -21.20
C PRO B 500 41.66 0.69 -21.86
N SER B 501 41.61 0.35 -23.14
CA SER B 501 40.33 0.04 -23.78
C SER B 501 39.74 -1.22 -23.17
N HIS B 502 40.46 -2.31 -23.32
CA HIS B 502 40.23 -3.61 -22.70
C HIS B 502 40.75 -3.58 -21.27
N ASN B 503 41.07 -4.76 -20.76
CA ASN B 503 41.70 -4.95 -19.45
C ASN B 503 40.71 -4.59 -18.35
N GLY B 504 39.51 -5.09 -18.51
CA GLY B 504 38.60 -5.23 -17.41
C GLY B 504 38.85 -6.55 -16.72
N THR B 505 38.93 -6.48 -15.40
CA THR B 505 39.11 -7.67 -14.59
C THR B 505 37.75 -8.33 -14.38
N ALA B 506 37.69 -9.64 -14.57
CA ALA B 506 36.47 -10.39 -14.33
C ALA B 506 36.43 -10.82 -12.87
N THR B 507 35.47 -10.30 -12.13
CA THR B 507 35.31 -10.58 -10.72
C THR B 507 33.96 -11.27 -10.51
N VAL B 508 33.68 -11.64 -9.26
CA VAL B 508 32.35 -12.15 -8.92
C VAL B 508 31.36 -11.03 -8.76
N LEU B 509 31.83 -9.80 -8.61
CA LEU B 509 30.96 -8.65 -8.51
C LEU B 509 30.57 -8.08 -9.87
N GLY B 510 31.34 -8.34 -10.90
CA GLY B 510 31.14 -7.76 -12.20
C GLY B 510 32.47 -7.50 -12.83
N CYS B 511 32.48 -6.64 -13.85
CA CYS B 511 33.70 -6.30 -14.57
C CYS B 511 34.27 -5.01 -14.01
N LEU B 512 35.52 -5.06 -13.59
CA LEU B 512 36.15 -3.98 -12.87
C LEU B 512 37.08 -3.22 -13.81
N PHE B 513 37.09 -1.90 -13.70
CA PHE B 513 37.88 -1.07 -14.59
C PHE B 513 38.67 -0.04 -13.81
N ASN B 514 39.97 -0.04 -14.01
CA ASN B 514 40.91 0.95 -13.49
C ASN B 514 40.85 0.99 -11.98
N ALA B 515 40.78 -0.19 -11.40
CA ALA B 515 40.75 -0.45 -9.98
C ALA B 515 41.54 -1.71 -9.74
N SER B 516 42.13 -1.81 -8.57
CA SER B 516 42.91 -2.99 -8.22
C SER B 516 42.01 -4.04 -7.59
N TYR B 517 42.21 -5.30 -7.96
CA TYR B 517 41.44 -6.41 -7.42
C TYR B 517 42.39 -7.28 -6.61
N ALA B 518 42.26 -7.19 -5.29
CA ALA B 518 43.12 -7.93 -4.36
C ALA B 518 42.24 -8.81 -3.49
N PRO B 519 41.85 -9.99 -3.99
CA PRO B 519 41.00 -10.88 -3.19
C PRO B 519 41.70 -11.51 -2.00
N ASN B 520 43.04 -11.44 -1.93
CA ASN B 520 43.75 -11.96 -0.78
C ASN B 520 43.58 -11.07 0.43
N ASP B 521 43.76 -9.76 0.24
CA ASP B 521 43.86 -8.83 1.35
C ASP B 521 42.51 -8.60 2.00
N THR B 522 42.52 -8.36 3.31
CA THR B 522 41.31 -8.20 4.07
C THR B 522 41.30 -6.85 4.77
N MET B 523 40.09 -6.38 5.05
CA MET B 523 39.86 -5.16 5.82
C MET B 523 38.92 -5.51 6.96
N VAL B 524 39.13 -4.91 8.13
CA VAL B 524 38.28 -5.21 9.27
C VAL B 524 37.21 -4.13 9.49
N ASN B 525 37.48 -2.88 9.13
CA ASN B 525 36.47 -1.83 9.14
C ASN B 525 36.17 -1.46 7.70
N CYS B 526 35.05 -1.93 7.19
CA CYS B 526 34.64 -1.64 5.83
C CYS B 526 33.63 -0.51 5.89
N THR B 527 34.07 0.69 5.52
CA THR B 527 33.18 1.84 5.44
C THR B 527 32.60 2.02 4.05
N ASN B 528 33.02 1.20 3.09
CA ASN B 528 32.51 1.22 1.72
C ASN B 528 32.30 -0.20 1.24
N PRO B 529 31.18 -0.84 1.57
CA PRO B 529 30.97 -2.21 1.11
C PRO B 529 30.51 -2.27 -0.34
N LEU B 530 30.98 -3.30 -1.04
CA LEU B 530 30.56 -3.53 -2.41
C LEU B 530 29.50 -4.61 -2.55
N GLY B 531 29.38 -5.49 -1.59
CA GLY B 531 28.49 -6.61 -1.68
C GLY B 531 29.28 -7.89 -1.76
N ASP B 532 28.66 -8.99 -1.30
CA ASP B 532 29.15 -10.36 -1.46
C ASP B 532 30.49 -10.60 -0.76
N GLY B 533 30.81 -9.80 0.25
CA GLY B 533 32.01 -9.99 1.04
C GLY B 533 33.15 -9.07 0.73
N PHE B 534 32.95 -8.06 -0.10
CA PHE B 534 34.01 -7.21 -0.62
C PHE B 534 33.88 -5.79 -0.10
N CYS B 535 34.95 -5.03 -0.28
CA CYS B 535 35.04 -3.69 0.26
C CYS B 535 35.80 -2.82 -0.72
N ALA B 536 35.42 -1.57 -0.80
CA ALA B 536 36.11 -0.60 -1.65
C ALA B 536 37.03 0.23 -0.78
N ASP B 537 38.33 0.10 -1.00
CA ASP B 537 39.33 0.89 -0.30
C ASP B 537 39.65 2.14 -1.14
N LEU B 538 39.38 3.30 -0.59
CA LEU B 538 39.42 4.56 -1.34
C LEU B 538 40.28 5.58 -0.63
N LEU B 539 41.47 5.19 -0.19
CA LEU B 539 42.28 6.04 0.68
C LEU B 539 43.64 6.39 0.08
N GLY B 540 44.36 5.42 -0.49
CA GLY B 540 45.55 5.76 -1.26
C GLY B 540 45.25 5.82 -2.74
N ASN B 541 44.66 4.75 -3.26
CA ASN B 541 44.07 4.72 -4.59
C ASN B 541 42.89 3.77 -4.54
N VAL B 542 42.45 3.31 -5.70
CA VAL B 542 41.22 2.52 -5.79
C VAL B 542 41.59 1.05 -5.79
N ALA B 543 41.01 0.30 -4.85
CA ALA B 543 41.33 -1.11 -4.65
C ALA B 543 40.13 -1.84 -4.09
N VAL B 544 39.95 -3.08 -4.50
CA VAL B 544 38.82 -3.90 -4.06
C VAL B 544 39.37 -5.05 -3.24
N ARG B 545 39.06 -5.06 -1.94
CA ARG B 545 39.59 -6.02 -0.99
C ARG B 545 38.45 -6.86 -0.42
N ARG B 546 38.78 -7.74 0.52
CA ARG B 546 37.85 -8.68 1.12
C ARG B 546 37.45 -8.20 2.51
N MET B 547 36.19 -8.43 2.89
CA MET B 547 35.73 -8.09 4.24
C MET B 547 35.97 -9.23 5.22
N THR B 548 36.33 -8.88 6.44
CA THR B 548 36.46 -9.87 7.51
C THR B 548 35.83 -9.34 8.80
N PHE B 549 35.59 -10.26 9.73
CA PHE B 549 34.91 -9.97 10.99
C PHE B 549 35.80 -10.43 12.13
N GLU B 550 35.73 -9.70 13.24
CA GLU B 550 36.42 -10.07 14.47
C GLU B 550 35.67 -11.22 15.15
N LYS B 551 36.41 -12.26 15.55
CA LYS B 551 35.83 -13.47 16.12
C LYS B 551 35.61 -13.34 17.62
N HIS B 552 34.50 -13.86 18.11
CA HIS B 552 34.15 -13.82 19.51
C HIS B 552 34.25 -15.22 20.11
N ASP B 553 33.93 -15.32 21.38
CA ASP B 553 33.99 -16.54 22.15
C ASP B 553 32.64 -16.75 22.84
N THR B 554 32.57 -17.68 23.77
CA THR B 554 31.35 -18.00 24.49
C THR B 554 31.62 -18.09 25.97
N THR B 555 30.59 -17.88 26.79
CA THR B 555 30.72 -18.08 28.22
C THR B 555 30.40 -19.48 28.64
N TYR B 556 30.08 -20.36 27.71
CA TYR B 556 29.90 -21.76 28.03
C TYR B 556 31.24 -22.43 28.27
N VAL B 557 31.35 -23.13 29.38
CA VAL B 557 32.53 -23.90 29.73
C VAL B 557 32.10 -25.34 29.91
N ALA B 558 32.70 -26.23 29.14
CA ALA B 558 32.37 -27.63 29.26
C ALA B 558 32.98 -28.19 30.55
N PRO B 559 32.22 -28.94 31.32
CA PRO B 559 32.73 -29.42 32.61
C PRO B 559 33.76 -30.52 32.45
N VAL B 560 34.68 -30.57 33.40
CA VAL B 560 35.86 -31.42 33.31
C VAL B 560 35.57 -32.74 33.99
N THR B 561 35.61 -33.83 33.22
CA THR B 561 35.29 -35.14 33.76
C THR B 561 36.49 -36.08 33.81
N ASN B 562 37.64 -35.67 33.28
CA ASN B 562 38.87 -36.43 33.42
C ASN B 562 40.04 -35.47 33.38
N GLU B 563 41.23 -35.99 33.64
CA GLU B 563 42.41 -35.14 33.61
C GLU B 563 42.82 -34.83 32.18
N ARG B 564 42.90 -33.55 31.84
CA ARG B 564 43.33 -33.15 30.52
C ARG B 564 43.85 -31.73 30.58
N TYR B 565 44.23 -31.20 29.42
CA TYR B 565 44.61 -29.81 29.27
C TYR B 565 43.40 -28.94 28.97
N THR B 566 43.43 -27.73 29.50
CA THR B 566 42.41 -26.73 29.28
C THR B 566 43.10 -25.42 28.95
N GLU B 567 42.41 -24.57 28.21
CA GLU B 567 42.98 -23.27 27.84
C GLU B 567 42.23 -22.18 28.59
N MET B 568 42.79 -21.70 29.62
CA MET B 568 42.22 -20.74 30.53
C MET B 568 42.76 -19.34 30.24
N PRO B 569 41.95 -18.31 30.44
CA PRO B 569 42.42 -16.94 30.23
C PRO B 569 43.34 -16.42 31.33
N LEU B 570 44.32 -15.62 30.93
CA LEU B 570 45.21 -14.93 31.87
C LEU B 570 44.67 -13.60 32.34
N ASP B 571 43.98 -12.84 31.49
CA ASP B 571 43.32 -11.61 31.93
C ASP B 571 42.14 -11.32 31.03
N HIS B 572 41.41 -10.28 31.39
CA HIS B 572 40.19 -9.92 30.71
C HIS B 572 40.26 -8.48 30.23
N GLN B 573 39.46 -8.20 29.21
CA GLN B 573 39.25 -6.87 28.70
C GLN B 573 37.82 -6.47 28.99
N LEU B 574 37.62 -5.28 29.53
CA LEU B 574 36.28 -4.74 29.67
C LEU B 574 35.88 -4.06 28.36
N ILE B 575 34.75 -4.46 27.81
CA ILE B 575 34.24 -3.83 26.59
C ILE B 575 32.93 -3.14 26.91
N LEU B 576 32.50 -2.27 26.01
CA LEU B 576 31.21 -1.61 26.10
C LEU B 576 30.46 -1.80 24.80
N THR B 577 29.22 -2.26 24.90
CA THR B 577 28.35 -2.49 23.76
C THR B 577 27.12 -1.61 23.88
N GLU B 578 26.96 -0.66 22.96
CA GLU B 578 25.75 0.14 22.86
C GLU B 578 24.77 -0.56 21.93
N GLN B 579 23.52 -0.66 22.35
CA GLN B 579 22.47 -1.30 21.56
C GLN B 579 21.28 -0.37 21.50
N PHE B 580 20.93 0.09 20.30
CA PHE B 580 19.82 1.00 20.15
C PHE B 580 18.58 0.28 19.67
N LEU B 581 17.44 0.61 20.26
CA LEU B 581 16.17 0.01 19.92
C LEU B 581 15.10 1.10 19.90
N GLN B 582 14.28 1.11 18.86
CA GLN B 582 13.29 2.16 18.70
C GLN B 582 12.02 1.80 19.44
N THR B 583 11.52 2.70 20.26
CA THR B 583 10.34 2.40 21.04
C THR B 583 9.14 3.29 20.76
N THR B 584 9.29 4.39 20.03
CA THR B 584 8.18 5.30 19.97
C THR B 584 8.16 6.03 18.64
N MET B 585 7.00 6.57 18.32
CA MET B 585 6.75 7.49 17.23
C MET B 585 5.90 8.63 17.75
N PRO B 586 5.82 9.75 17.02
CA PRO B 586 4.82 10.76 17.38
C PRO B 586 3.44 10.37 16.90
N LYS B 587 2.45 10.56 17.75
CA LYS B 587 1.08 10.33 17.35
C LYS B 587 0.62 11.38 16.36
N PHE B 588 -0.32 11.02 15.51
CA PHE B 588 -0.86 11.94 14.53
C PHE B 588 -2.36 11.98 14.68
N SER B 589 -2.94 13.10 14.29
CA SER B 589 -4.38 13.24 14.20
C SER B 589 -4.67 13.85 12.86
N VAL B 590 -5.40 13.13 12.01
CA VAL B 590 -5.58 13.52 10.62
C VAL B 590 -7.05 13.77 10.36
N SER B 591 -7.36 14.97 9.89
CA SER B 591 -8.66 15.31 9.35
C SER B 591 -8.55 15.13 7.84
N CYS B 592 -9.25 14.13 7.31
CA CYS B 592 -9.05 13.74 5.92
C CYS B 592 -9.61 14.76 4.96
N GLU B 593 -10.70 15.42 5.33
CA GLU B 593 -11.35 16.33 4.41
C GLU B 593 -10.53 17.60 4.23
N THR B 594 -9.92 18.09 5.28
CA THR B 594 -9.14 19.33 5.20
C THR B 594 -7.85 19.12 4.42
N TYR B 595 -7.27 17.92 4.49
CA TYR B 595 -6.08 17.64 3.70
C TYR B 595 -6.40 17.62 2.22
N ILE B 596 -7.49 16.98 1.85
CA ILE B 596 -7.80 16.75 0.45
C ILE B 596 -8.61 17.90 -0.12
N CYS B 597 -9.72 18.22 0.51
CA CYS B 597 -10.69 19.19 0.00
C CYS B 597 -10.76 20.34 0.98
N ASP B 598 -9.80 21.27 0.91
CA ASP B 598 -9.49 22.19 1.99
C ASP B 598 -10.67 23.00 2.54
N VAL B 599 -11.29 23.84 1.73
CA VAL B 599 -12.50 24.57 2.13
C VAL B 599 -13.55 24.43 1.05
N SER B 600 -13.21 23.76 -0.04
CA SER B 600 -14.10 23.70 -1.19
C SER B 600 -15.25 22.75 -0.92
N LYS B 601 -16.47 23.29 -0.94
CA LYS B 601 -17.64 22.45 -0.84
C LYS B 601 -17.88 21.68 -2.14
N ALA B 602 -17.38 22.22 -3.25
CA ALA B 602 -17.41 21.49 -4.51
C ALA B 602 -16.56 20.24 -4.49
N CYS B 603 -15.46 20.25 -3.72
CA CYS B 603 -14.60 19.09 -3.56
C CYS B 603 -15.17 18.11 -2.57
N LYS B 604 -15.79 18.60 -1.49
CA LYS B 604 -16.28 17.72 -0.44
C LYS B 604 -17.47 16.89 -0.90
N ASN B 605 -18.13 17.29 -1.98
CA ASN B 605 -19.20 16.47 -2.53
C ASN B 605 -18.64 15.30 -3.31
N LEU B 606 -17.43 15.41 -3.84
CA LEU B 606 -16.88 14.34 -4.67
C LEU B 606 -16.11 13.32 -3.84
N LEU B 607 -15.59 13.71 -2.68
CA LEU B 607 -15.08 12.73 -1.73
C LEU B 607 -16.17 11.80 -1.22
N PHE B 608 -17.41 12.27 -1.22
CA PHE B 608 -18.53 11.45 -0.76
C PHE B 608 -18.78 10.26 -1.67
N ARG B 609 -18.38 10.35 -2.95
CA ARG B 609 -18.60 9.26 -3.88
C ARG B 609 -17.57 8.13 -3.77
N TYR B 610 -16.45 8.37 -3.11
CA TYR B 610 -15.45 7.32 -2.94
C TYR B 610 -15.85 6.42 -1.79
N GLY B 611 -15.41 5.17 -1.86
CA GLY B 611 -16.06 4.16 -1.06
C GLY B 611 -15.50 4.12 0.35
N GLY B 612 -16.12 4.95 1.22
CA GLY B 612 -15.71 5.12 2.60
C GLY B 612 -14.25 5.43 2.78
N PHE B 613 -13.73 6.46 2.12
CA PHE B 613 -12.31 6.76 2.23
C PHE B 613 -12.01 7.53 3.49
N CYS B 614 -12.78 8.58 3.76
CA CYS B 614 -12.49 9.45 4.89
C CYS B 614 -12.77 8.79 6.22
N GLN B 615 -13.70 7.85 6.27
CA GLN B 615 -13.91 7.09 7.48
C GLN B 615 -12.77 6.12 7.72
N LYS B 616 -12.19 5.59 6.64
CA LYS B 616 -11.19 4.55 6.76
C LYS B 616 -9.84 5.11 7.20
N VAL B 617 -9.51 6.32 6.77
CA VAL B 617 -8.22 6.91 7.11
C VAL B 617 -8.19 7.31 8.57
N GLU B 618 -9.31 7.82 9.08
CA GLU B 618 -9.32 8.25 10.46
C GLU B 618 -9.43 7.07 11.41
N ALA B 619 -9.99 5.96 10.97
CA ALA B 619 -10.09 4.80 11.85
C ALA B 619 -8.77 4.07 11.96
N ASP B 620 -7.89 4.24 10.97
CA ASP B 620 -6.61 3.56 11.01
C ASP B 620 -5.58 4.37 11.76
N ILE B 621 -5.66 5.70 11.70
CA ILE B 621 -4.76 6.53 12.47
C ILE B 621 -5.12 6.43 13.95
N ARG B 622 -6.40 6.44 14.26
CA ARG B 622 -6.82 6.36 15.65
C ARG B 622 -6.63 4.96 16.20
N GLY B 623 -6.70 3.95 15.33
CA GLY B 623 -6.45 2.59 15.77
C GLY B 623 -4.98 2.33 16.00
N ALA B 624 -4.11 2.92 15.19
CA ALA B 624 -2.69 2.74 15.38
C ALA B 624 -2.15 3.62 16.48
N GLY B 625 -2.85 4.70 16.80
CA GLY B 625 -2.47 5.50 17.94
C GLY B 625 -2.88 4.88 19.26
N ILE B 626 -3.86 3.98 19.23
CA ILE B 626 -4.22 3.23 20.42
C ILE B 626 -3.19 2.16 20.72
N LEU B 627 -2.74 1.44 19.70
CA LEU B 627 -1.80 0.34 19.92
C LEU B 627 -0.46 0.85 20.38
N LEU B 628 -0.05 2.01 19.89
CA LEU B 628 1.20 2.60 20.33
C LEU B 628 1.10 3.10 21.75
N ASP B 629 -0.06 3.63 22.15
CA ASP B 629 -0.24 4.02 23.54
C ASP B 629 -0.36 2.82 24.47
N GLY B 630 -0.74 1.66 23.93
CA GLY B 630 -0.78 0.48 24.76
C GLY B 630 0.60 -0.07 25.03
N ASP B 631 1.50 0.04 24.07
CA ASP B 631 2.85 -0.51 24.20
C ASP B 631 3.75 0.39 25.03
N VAL B 632 3.58 1.69 24.90
CA VAL B 632 4.40 2.61 25.68
C VAL B 632 3.99 2.58 27.13
N SER B 633 2.72 2.30 27.40
CA SER B 633 2.22 2.22 28.76
C SER B 633 2.70 0.98 29.47
N SER B 634 2.82 -0.14 28.77
CA SER B 634 3.33 -1.34 29.40
C SER B 634 4.84 -1.26 29.54
N LEU B 635 5.49 -0.46 28.70
CA LEU B 635 6.93 -0.26 28.79
C LEU B 635 7.30 0.54 30.02
N TYR B 636 6.56 1.59 30.32
CA TYR B 636 6.87 2.42 31.47
C TYR B 636 6.36 1.85 32.75
N SER B 637 5.59 0.76 32.67
CA SER B 637 5.29 -0.01 33.86
C SER B 637 6.39 -1.02 34.14
N THR B 638 7.35 -1.15 33.23
CA THR B 638 8.50 -2.03 33.42
C THR B 638 9.73 -1.22 33.80
N ILE B 639 9.84 0.00 33.28
CA ILE B 639 10.92 0.91 33.65
C ILE B 639 10.79 1.33 35.10
N ALA B 640 9.56 1.59 35.55
CA ALA B 640 9.30 2.06 36.90
C ALA B 640 9.63 1.02 37.95
N ALA B 641 10.69 1.24 38.69
CA ALA B 641 11.22 0.25 39.60
C ALA B 641 11.42 0.87 40.98
N LYS B 642 11.45 0.01 41.99
CA LYS B 642 11.66 0.45 43.37
C LYS B 642 13.13 0.78 43.61
N THR B 643 13.35 1.87 44.32
CA THR B 643 14.70 2.26 44.68
C THR B 643 14.85 2.24 46.19
N SER B 644 16.10 2.14 46.64
CA SER B 644 16.38 2.16 48.06
C SER B 644 16.11 3.55 48.63
N SER B 645 15.76 3.58 49.91
CA SER B 645 15.72 4.86 50.60
C SER B 645 17.12 5.35 50.94
N VAL B 646 18.04 4.43 51.21
CA VAL B 646 19.44 4.77 51.47
C VAL B 646 20.20 4.54 50.17
N VAL B 647 20.60 5.62 49.52
CA VAL B 647 21.27 5.54 48.22
C VAL B 647 22.73 5.16 48.44
N PRO B 648 23.22 4.08 47.83
CA PRO B 648 24.63 3.74 47.97
C PRO B 648 25.52 4.74 47.26
N THR B 649 26.70 4.92 47.81
CA THR B 649 27.66 5.85 47.25
C THR B 649 28.39 5.17 46.11
N THR B 650 28.62 5.92 45.04
CA THR B 650 29.42 5.47 43.91
C THR B 650 30.84 5.92 44.22
N ASP B 651 31.70 4.98 44.58
CA ASP B 651 33.03 5.33 45.07
C ASP B 651 33.93 5.97 44.02
N ARG B 652 34.36 5.20 43.04
CA ARG B 652 35.16 5.73 41.95
C ARG B 652 34.52 5.45 40.60
N PHE B 653 33.34 4.86 40.58
CA PHE B 653 32.54 4.73 39.38
C PHE B 653 31.83 6.06 39.17
N ASN B 654 32.01 6.68 38.00
CA ASN B 654 31.43 8.00 37.78
C ASN B 654 30.04 7.84 37.17
N VAL B 655 29.13 7.26 37.94
CA VAL B 655 27.76 7.02 37.49
C VAL B 655 26.98 8.32 37.42
N SER B 656 26.98 9.09 38.51
CA SER B 656 26.16 10.29 38.60
C SER B 656 26.60 11.39 37.64
N GLN B 657 27.86 11.35 37.20
CA GLN B 657 28.35 12.26 36.19
C GLN B 657 27.80 11.96 34.80
N PHE B 658 27.69 10.69 34.44
CA PHE B 658 27.33 10.28 33.09
C PHE B 658 25.88 9.89 32.91
N PHE B 659 25.29 9.21 33.88
CA PHE B 659 23.92 8.71 33.70
C PHE B 659 22.80 9.41 34.45
N LEU B 660 23.05 9.87 35.66
CA LEU B 660 22.02 10.53 36.44
C LEU B 660 21.75 11.94 35.93
N PRO B 661 20.51 12.39 36.06
CA PRO B 661 20.14 13.74 35.62
C PRO B 661 20.98 14.84 36.25
N LYS B 662 21.27 15.86 35.47
CA LYS B 662 22.21 16.88 35.87
C LYS B 662 21.58 17.76 36.94
N THR B 663 22.32 17.96 38.03
CA THR B 663 21.78 18.42 39.30
C THR B 663 21.20 19.82 39.20
N GLN B 664 19.90 19.93 39.47
CA GLN B 664 19.17 21.14 39.13
C GLN B 664 19.58 22.29 40.04
N SER B 665 19.78 23.44 39.43
CA SER B 665 20.17 24.62 40.17
C SER B 665 18.95 25.25 40.83
N SER B 666 19.19 26.33 41.56
CA SER B 666 18.11 27.12 42.14
C SER B 666 17.69 28.23 41.18
N ALA B 667 17.30 27.84 39.96
CA ALA B 667 17.01 28.77 38.89
C ALA B 667 16.06 28.11 37.91
N ASN B 668 15.83 28.77 36.78
CA ASN B 668 14.94 28.27 35.72
C ASN B 668 15.71 27.47 34.66
N LYS B 669 16.48 26.48 35.12
CA LYS B 669 17.19 25.55 34.24
C LYS B 669 16.96 24.15 34.81
N TYR B 670 15.88 23.50 34.38
CA TYR B 670 15.62 22.11 34.76
C TYR B 670 16.02 21.22 33.60
N GLU B 671 17.32 20.94 33.51
CA GLU B 671 17.83 19.99 32.54
C GLU B 671 17.55 18.60 33.08
N SER B 672 16.49 17.99 32.57
CA SER B 672 16.08 16.67 33.02
C SER B 672 16.90 15.55 32.41
N ARG B 673 17.68 15.81 31.37
CA ARG B 673 18.49 14.76 30.79
C ARG B 673 19.79 14.61 31.56
N SER B 674 20.46 13.51 31.30
CA SER B 674 21.78 13.25 31.85
C SER B 674 22.83 13.85 30.93
N ALA B 675 24.09 13.48 31.13
CA ALA B 675 25.15 13.97 30.27
C ALA B 675 25.26 13.14 29.00
N ILE B 676 24.98 11.83 29.09
CA ILE B 676 24.95 10.98 27.90
C ILE B 676 23.73 11.29 27.05
N GLU B 677 22.57 11.49 27.68
CA GLU B 677 21.34 11.79 26.95
C GLU B 677 21.43 13.11 26.20
N ASP B 678 22.21 14.07 26.71
CA ASP B 678 22.45 15.29 25.94
C ASP B 678 23.42 15.08 24.81
N LEU B 679 24.38 14.17 24.97
CA LEU B 679 25.31 13.88 23.87
C LEU B 679 24.64 13.13 22.75
N LEU B 680 23.60 12.36 23.06
CA LEU B 680 22.95 11.59 22.02
C LEU B 680 22.02 12.45 21.19
N PHE B 681 21.52 13.57 21.74
CA PHE B 681 20.66 14.43 20.94
C PHE B 681 21.46 15.39 20.10
N SER B 682 22.66 15.73 20.52
CA SER B 682 23.47 16.69 19.78
C SER B 682 24.25 16.07 18.65
N LYS B 683 24.67 14.82 18.77
CA LYS B 683 25.39 14.16 17.68
C LYS B 683 24.47 13.72 16.55
N ILE B 684 23.17 13.67 16.79
CA ILE B 684 22.22 13.32 15.74
C ILE B 684 21.81 14.62 15.06
N GLU B 685 22.17 14.73 13.78
CA GLU B 685 21.83 15.91 13.01
C GLU B 685 20.40 15.83 12.49
N THR B 686 19.77 16.99 12.36
CA THR B 686 18.50 17.01 11.68
C THR B 686 18.73 17.22 10.18
N THR B 687 17.72 16.88 9.40
CA THR B 687 17.92 16.65 7.98
C THR B 687 18.08 17.95 7.21
N GLY B 688 17.36 18.97 7.62
CA GLY B 688 17.35 20.25 6.96
C GLY B 688 16.20 21.06 7.50
N PRO B 689 15.97 22.25 6.93
CA PRO B 689 14.80 23.03 7.35
C PRO B 689 13.52 22.37 6.88
N GLY B 690 12.46 22.56 7.65
CA GLY B 690 11.23 21.88 7.35
C GLY B 690 10.37 21.77 8.59
N PHE B 691 9.40 20.88 8.54
CA PHE B 691 8.43 20.73 9.62
C PHE B 691 8.82 19.67 10.62
N TYR B 692 9.62 18.68 10.23
CA TYR B 692 10.14 17.76 11.21
C TYR B 692 11.36 18.35 11.90
N GLY B 693 12.09 19.21 11.21
CA GLY B 693 13.24 19.85 11.83
C GLY B 693 12.83 20.85 12.89
N ASP B 694 11.69 21.50 12.69
CA ASP B 694 11.15 22.38 13.73
C ASP B 694 10.64 21.57 14.92
N TYR B 695 10.11 20.38 14.66
CA TYR B 695 9.59 19.55 15.73
C TYR B 695 10.73 18.93 16.52
N TYR B 696 11.78 18.52 15.83
CA TYR B 696 12.90 17.86 16.47
C TYR B 696 13.69 18.83 17.33
N ASN B 697 13.84 20.07 16.87
CA ASN B 697 14.61 21.07 17.62
C ASN B 697 13.86 21.58 18.83
N CYS B 698 12.53 21.45 18.84
CA CYS B 698 11.78 21.79 20.04
C CYS B 698 12.05 20.78 21.15
N LYS B 699 12.17 19.52 20.79
CA LYS B 699 12.48 18.48 21.76
C LYS B 699 13.93 18.54 22.20
N LYS B 700 14.84 18.87 21.29
CA LYS B 700 16.26 18.95 21.63
C LYS B 700 16.54 20.13 22.54
N ASN B 701 15.85 21.25 22.36
CA ASN B 701 16.10 22.42 23.19
C ASN B 701 15.51 22.25 24.58
N ALA B 702 14.29 21.73 24.68
CA ALA B 702 13.57 21.44 25.92
C ALA B 702 13.42 22.68 26.81
N ILE B 703 12.73 23.66 26.27
CA ILE B 703 12.40 24.88 27.00
C ILE B 703 11.16 24.63 27.83
N GLN B 704 11.17 25.12 29.07
CA GLN B 704 10.17 24.78 30.07
C GLN B 704 8.84 25.44 29.75
N ASP B 705 7.76 24.63 29.82
CA ASP B 705 6.38 25.04 29.53
C ASP B 705 6.20 25.59 28.12
N LEU B 706 6.81 24.91 27.15
CA LEU B 706 6.73 25.32 25.75
C LEU B 706 6.22 24.15 24.93
N THR B 707 5.17 24.39 24.15
CA THR B 707 4.55 23.33 23.38
C THR B 707 5.42 22.99 22.16
N CYS B 708 5.41 21.72 21.80
CA CYS B 708 6.11 21.26 20.61
C CYS B 708 5.16 20.72 19.57
N ALA B 709 3.87 20.65 19.86
CA ALA B 709 2.87 20.19 18.92
C ALA B 709 2.73 21.16 17.77
N GLN B 710 2.39 20.64 16.59
CA GLN B 710 2.30 21.45 15.39
C GLN B 710 1.12 21.02 14.56
N TYR B 711 0.53 22.00 13.87
CA TYR B 711 -0.63 21.81 13.02
C TYR B 711 -0.33 22.37 11.65
N HIS B 712 -0.49 21.56 10.61
CA HIS B 712 -0.46 22.05 9.24
C HIS B 712 -1.46 21.25 8.44
N ASN B 713 -2.43 21.95 7.83
CA ASN B 713 -3.28 21.42 6.77
C ASN B 713 -4.15 20.26 7.22
N GLY B 714 -4.55 20.28 8.48
CA GLY B 714 -5.34 19.21 9.03
C GLY B 714 -4.56 18.06 9.61
N ILE B 715 -3.28 18.24 9.93
CA ILE B 715 -2.45 17.17 10.46
C ILE B 715 -1.75 17.69 11.70
N LEU B 716 -2.13 17.15 12.85
CA LEU B 716 -1.63 17.56 14.15
C LEU B 716 -0.60 16.55 14.62
N VAL B 717 0.47 17.02 15.27
CA VAL B 717 1.49 16.13 15.82
C VAL B 717 1.36 16.15 17.33
N ILE B 718 0.85 15.06 17.89
CA ILE B 718 0.50 14.94 19.30
C ILE B 718 1.60 14.15 19.98
N PRO B 719 2.05 14.53 21.18
CA PRO B 719 3.04 13.71 21.87
C PRO B 719 2.41 12.41 22.33
N PRO B 720 3.20 11.37 22.53
CA PRO B 720 2.62 10.11 22.98
C PRO B 720 2.35 10.14 24.48
N ILE B 721 1.93 9.00 25.04
CA ILE B 721 1.45 8.96 26.42
C ILE B 721 2.56 9.26 27.43
N MET B 722 3.80 8.98 27.12
CA MET B 722 4.85 9.31 28.08
C MET B 722 5.95 10.17 27.52
N ASP B 723 6.28 10.04 26.24
CA ASP B 723 7.18 10.92 25.50
C ASP B 723 8.59 10.96 26.11
N ALA B 724 9.29 9.85 25.88
CA ALA B 724 10.67 9.67 26.33
C ALA B 724 11.64 10.76 25.93
N GLU B 725 11.38 11.48 24.83
CA GLU B 725 12.32 12.49 24.35
C GLU B 725 12.36 13.74 25.21
N THR B 726 11.42 13.90 26.14
CA THR B 726 11.49 14.98 27.10
C THR B 726 12.06 14.56 28.44
N LEU B 727 12.14 13.26 28.72
CA LEU B 727 12.44 12.73 30.04
C LEU B 727 13.92 12.40 30.22
N GLY B 728 14.27 12.13 31.48
CA GLY B 728 15.49 11.42 31.82
C GLY B 728 15.10 10.06 32.37
N MET B 729 15.92 9.05 32.08
CA MET B 729 15.59 7.68 32.42
C MET B 729 15.63 7.45 33.92
N TYR B 730 16.57 8.11 34.60
CA TYR B 730 16.76 7.86 36.01
C TYR B 730 16.25 9.01 36.88
N GLY B 731 15.25 9.72 36.42
CA GLY B 731 14.67 10.77 37.23
C GLY B 731 13.24 11.01 36.84
N GLY B 732 12.46 11.53 37.79
CA GLY B 732 11.09 11.93 37.53
C GLY B 732 10.11 10.97 38.18
N ILE B 733 8.95 10.84 37.54
CA ILE B 733 7.84 10.08 38.12
C ILE B 733 7.88 8.62 37.67
N ALA B 734 8.28 8.37 36.43
CA ALA B 734 8.44 7.00 35.94
C ALA B 734 9.89 6.56 35.98
N ALA B 735 10.60 6.98 37.02
CA ALA B 735 12.04 6.88 37.06
C ALA B 735 12.52 5.44 37.24
N ALA B 736 13.56 5.10 36.51
CA ALA B 736 14.19 3.80 36.62
C ALA B 736 15.09 3.75 37.83
N SER B 737 15.42 2.55 38.24
CA SER B 737 16.31 2.33 39.37
C SER B 737 17.71 2.08 38.84
N VAL B 738 18.70 2.77 39.40
CA VAL B 738 20.07 2.56 38.97
C VAL B 738 20.66 1.36 39.69
N THR B 739 20.08 1.01 40.83
CA THR B 739 20.67 0.06 41.75
C THR B 739 20.01 -1.31 41.73
N LEU B 740 18.85 -1.46 41.11
CA LEU B 740 18.06 -2.68 41.24
C LEU B 740 18.71 -3.86 40.52
N GLY B 741 19.63 -3.61 39.61
CA GLY B 741 20.23 -4.69 38.86
C GLY B 741 21.51 -5.27 39.41
N ILE B 742 22.25 -4.48 40.18
CA ILE B 742 23.46 -4.99 40.80
C ILE B 742 23.39 -5.02 42.33
N PHE B 743 22.59 -4.18 42.98
CA PHE B 743 22.33 -4.39 44.39
C PHE B 743 21.18 -5.37 44.63
N GLY B 744 20.39 -5.65 43.61
CA GLY B 744 19.38 -6.67 43.70
C GLY B 744 18.16 -6.24 44.47
N GLY B 745 17.26 -7.21 44.67
CA GLY B 745 15.95 -6.91 45.23
C GLY B 745 15.93 -6.70 46.71
N GLN B 746 16.96 -7.10 47.43
CA GLN B 746 17.03 -6.93 48.87
C GLN B 746 18.17 -5.99 49.20
N ALA B 747 17.82 -4.75 49.51
CA ALA B 747 18.78 -3.66 49.64
C ALA B 747 19.59 -3.79 50.93
N GLY B 748 20.71 -3.09 50.97
CA GLY B 748 21.56 -3.15 52.14
C GLY B 748 23.06 -3.03 51.94
N MET B 749 23.61 -3.34 50.76
CA MET B 749 25.04 -3.15 50.55
C MET B 749 25.36 -1.66 50.47
N ALA B 750 26.53 -1.31 50.96
CA ALA B 750 26.78 0.08 51.30
C ALA B 750 27.24 0.90 50.10
N THR B 751 28.24 0.41 49.36
CA THR B 751 28.84 1.16 48.27
C THR B 751 28.81 0.34 47.00
N TRP B 752 29.21 0.95 45.89
CA TRP B 752 29.40 0.28 44.61
C TRP B 752 30.68 -0.54 44.55
N SER B 753 31.65 -0.27 45.41
CA SER B 753 32.84 -1.09 45.47
C SER B 753 32.55 -2.45 46.09
N VAL B 754 31.64 -2.49 47.06
CA VAL B 754 31.22 -3.74 47.68
C VAL B 754 30.37 -4.53 46.71
N ALA B 755 29.53 -3.83 45.94
CA ALA B 755 28.63 -4.49 45.02
C ALA B 755 29.39 -5.09 43.84
N MET B 756 30.30 -4.33 43.25
CA MET B 756 31.11 -4.81 42.13
C MET B 756 32.13 -5.84 42.56
N ALA B 757 32.44 -5.93 43.85
CA ALA B 757 33.33 -6.99 44.32
C ALA B 757 32.60 -8.32 44.37
N GLY B 758 31.32 -8.32 44.71
CA GLY B 758 30.58 -9.57 44.74
C GLY B 758 30.12 -10.00 43.36
N ARG B 759 30.00 -9.05 42.43
CA ARG B 759 29.70 -9.39 41.05
C ARG B 759 30.91 -10.04 40.38
N LEU B 760 32.12 -9.62 40.73
CA LEU B 760 33.30 -10.27 40.18
C LEU B 760 33.50 -11.66 40.75
N ASN B 761 32.98 -11.92 41.95
CA ASN B 761 33.03 -13.25 42.53
C ASN B 761 32.05 -14.17 41.85
N ALA B 762 30.85 -13.68 41.55
CA ALA B 762 29.84 -14.48 40.88
C ALA B 762 30.21 -14.76 39.43
N LEU B 763 30.99 -13.89 38.81
CA LEU B 763 31.46 -14.12 37.46
C LEU B 763 32.61 -15.11 37.41
N GLY B 764 33.21 -15.45 38.54
CA GLY B 764 34.29 -16.41 38.58
C GLY B 764 35.64 -15.89 38.18
N VAL B 765 35.94 -14.62 38.42
CA VAL B 765 37.22 -14.06 38.02
C VAL B 765 38.08 -13.67 39.21
N VAL B 766 37.50 -13.35 40.35
CA VAL B 766 38.26 -13.06 41.57
C VAL B 766 37.57 -13.78 42.71
N GLN B 767 38.33 -14.52 43.53
CA GLN B 767 37.74 -15.15 44.71
C GLN B 767 37.34 -14.12 45.75
N ASN B 768 38.27 -13.26 46.16
CA ASN B 768 37.93 -12.16 47.05
C ASN B 768 38.58 -10.92 46.46
N ALA B 769 37.78 -9.92 46.10
CA ALA B 769 38.31 -8.76 45.41
C ALA B 769 38.87 -7.76 46.40
N LEU B 770 40.10 -7.32 46.15
CA LEU B 770 40.70 -6.25 46.93
C LEU B 770 40.40 -4.91 46.27
N VAL B 771 41.01 -3.85 46.78
CA VAL B 771 40.73 -2.50 46.26
C VAL B 771 41.39 -2.26 44.91
N ASP B 772 42.47 -2.98 44.58
CA ASP B 772 43.11 -2.76 43.29
C ASP B 772 42.41 -3.52 42.18
N ASP B 773 41.68 -4.58 42.54
CA ASP B 773 40.91 -5.30 41.53
C ASP B 773 39.64 -4.56 41.17
N VAL B 774 39.08 -3.83 42.14
CA VAL B 774 37.88 -3.06 41.89
C VAL B 774 38.20 -1.74 41.22
N ASN B 775 39.33 -1.12 41.58
CA ASN B 775 39.72 0.13 40.94
C ASN B 775 40.11 -0.08 39.49
N LYS B 776 40.62 -1.27 39.17
CA LYS B 776 40.90 -1.60 37.79
C LYS B 776 39.61 -1.76 37.00
N LEU B 777 38.55 -2.19 37.67
CA LEU B 777 37.25 -2.27 37.04
C LEU B 777 36.59 -0.90 36.95
N ALA B 778 36.93 0.01 37.87
CA ALA B 778 36.32 1.33 37.85
C ALA B 778 36.97 2.22 36.81
N ASN B 779 38.27 2.04 36.57
CA ASN B 779 38.95 2.83 35.56
C ASN B 779 38.52 2.44 34.17
N GLY B 780 38.33 1.15 33.92
CA GLY B 780 37.86 0.71 32.63
C GLY B 780 36.46 1.17 32.35
N PHE B 781 35.61 1.16 33.38
CA PHE B 781 34.26 1.70 33.28
C PHE B 781 34.26 3.18 32.94
N ASN B 782 35.15 3.94 33.58
CA ASN B 782 35.14 5.39 33.39
C ASN B 782 35.68 5.78 32.03
N GLN B 783 36.70 5.07 31.53
CA GLN B 783 37.27 5.42 30.25
C GLN B 783 36.35 5.01 29.11
N LEU B 784 35.60 3.94 29.28
CA LEU B 784 34.71 3.50 28.22
C LEU B 784 33.46 4.36 28.14
N THR B 785 33.10 5.04 29.22
CA THR B 785 31.94 5.89 29.19
C THR B 785 32.30 7.29 28.73
N ALA B 786 33.51 7.75 29.04
CA ALA B 786 33.97 9.03 28.52
C ALA B 786 34.28 8.95 27.04
N SER B 787 34.52 7.75 26.52
CA SER B 787 34.72 7.55 25.09
C SER B 787 33.44 7.62 24.30
N VAL B 788 32.28 7.63 24.94
CA VAL B 788 31.01 7.82 24.25
C VAL B 788 30.93 9.23 23.67
N SER B 789 31.57 10.19 24.34
CA SER B 789 31.70 11.56 23.87
C SER B 789 32.42 11.71 22.54
N LYS B 790 33.20 10.71 22.13
CA LYS B 790 33.96 10.76 20.89
C LYS B 790 33.36 9.91 19.79
N LEU B 791 32.11 9.48 19.92
CA LEU B 791 31.50 8.69 18.87
C LEU B 791 31.22 9.55 17.66
N ALA B 792 31.47 8.99 16.49
CA ALA B 792 31.27 9.67 15.22
C ALA B 792 30.23 8.90 14.44
N LEU B 793 29.39 9.63 13.70
CA LEU B 793 28.26 9.01 13.04
C LEU B 793 28.68 8.23 11.81
N THR B 794 29.89 8.48 11.31
CA THR B 794 30.48 7.71 10.23
C THR B 794 31.05 6.38 10.67
N THR B 795 31.23 6.15 11.96
CA THR B 795 31.85 4.95 12.49
C THR B 795 30.97 4.16 13.44
N SER B 796 30.16 4.84 14.25
CA SER B 796 29.37 4.15 15.27
C SER B 796 28.11 3.57 14.64
N SER B 797 27.92 2.27 14.78
CA SER B 797 26.72 1.63 14.25
C SER B 797 25.50 1.89 15.11
N ALA B 798 25.67 2.44 16.32
CA ALA B 798 24.53 2.78 17.15
C ALA B 798 23.99 4.15 16.83
N LEU B 799 24.85 5.08 16.41
CA LEU B 799 24.35 6.38 15.97
C LEU B 799 23.72 6.30 14.59
N GLN B 800 24.18 5.38 13.74
CA GLN B 800 23.58 5.20 12.44
C GLN B 800 22.19 4.62 12.55
N ALA B 801 21.91 3.86 13.61
CA ALA B 801 20.56 3.35 13.79
C ALA B 801 19.62 4.44 14.27
N ILE B 802 20.11 5.39 15.06
CA ILE B 802 19.30 6.52 15.49
C ILE B 802 19.07 7.47 14.32
N GLN B 803 20.10 7.67 13.49
CA GLN B 803 19.99 8.55 12.34
C GLN B 803 19.09 7.97 11.27
N ALA B 804 19.04 6.64 11.17
CA ALA B 804 18.13 6.00 10.23
C ALA B 804 16.67 6.21 10.62
N VAL B 805 16.40 6.34 11.91
CA VAL B 805 15.04 6.59 12.37
C VAL B 805 14.67 8.05 12.15
N VAL B 806 15.62 8.95 12.39
CA VAL B 806 15.39 10.38 12.18
C VAL B 806 15.27 10.70 10.68
N ASN B 807 15.99 9.97 9.84
CA ASN B 807 15.88 10.25 8.41
C ASN B 807 14.60 9.69 7.80
N GLN B 808 14.05 8.63 8.38
CA GLN B 808 12.82 8.11 7.81
C GLN B 808 11.60 8.78 8.40
N ASN B 809 11.74 9.46 9.54
CA ASN B 809 10.64 10.27 10.05
C ASN B 809 10.49 11.53 9.23
N ALA B 810 11.60 12.12 8.80
CA ALA B 810 11.57 13.39 8.11
C ALA B 810 11.27 13.22 6.63
N ALA B 811 11.51 12.03 6.10
CA ALA B 811 11.15 11.77 4.72
C ALA B 811 9.69 11.43 4.59
N GLN B 812 9.04 11.10 5.70
CA GLN B 812 7.63 10.76 5.70
C GLN B 812 6.79 12.01 5.85
N VAL B 813 7.25 12.95 6.67
CA VAL B 813 6.59 14.24 6.80
C VAL B 813 6.69 15.02 5.51
N GLU B 814 7.83 14.91 4.83
CA GLU B 814 8.04 15.69 3.63
C GLU B 814 7.28 15.14 2.43
N SER B 815 6.94 13.86 2.42
CA SER B 815 6.04 13.35 1.38
C SER B 815 4.63 13.87 1.60
N LEU B 816 4.29 14.18 2.84
CA LEU B 816 2.94 14.57 3.16
C LEU B 816 2.74 16.07 2.95
N VAL B 817 3.84 16.82 2.85
CA VAL B 817 3.80 18.26 2.59
C VAL B 817 4.02 18.54 1.11
N SER B 818 4.80 17.70 0.45
CA SER B 818 4.91 17.75 -1.00
C SER B 818 3.64 17.31 -1.70
N GLY B 819 2.73 16.64 -1.02
CA GLY B 819 1.52 16.22 -1.67
C GLY B 819 0.47 17.27 -1.83
N ILE B 820 0.65 18.45 -1.25
CA ILE B 820 -0.35 19.51 -1.33
C ILE B 820 0.25 20.82 -1.79
N THR B 821 1.37 20.74 -2.51
CA THR B 821 1.89 21.89 -3.20
C THR B 821 1.93 21.66 -4.70
N GLU B 822 1.37 20.57 -5.18
CA GLU B 822 1.52 20.30 -6.60
C GLU B 822 0.26 19.71 -7.19
N ASN B 823 -0.10 20.22 -8.36
CA ASN B 823 -1.12 19.59 -9.18
C ASN B 823 -0.61 18.25 -9.68
N PHE B 824 -1.54 17.34 -9.92
CA PHE B 824 -1.18 15.99 -10.30
C PHE B 824 -1.53 15.75 -11.76
N GLY B 825 -1.33 16.78 -12.57
CA GLY B 825 -1.85 16.81 -13.92
C GLY B 825 -2.96 17.80 -14.09
N ALA B 826 -3.40 18.45 -13.03
CA ALA B 826 -4.44 19.47 -13.13
C ALA B 826 -3.82 20.79 -13.54
N ILE B 827 -4.65 21.82 -13.61
CA ILE B 827 -4.15 23.13 -14.02
C ILE B 827 -3.77 24.00 -12.83
N SER B 828 -4.31 23.72 -11.65
CA SER B 828 -4.06 24.50 -10.44
C SER B 828 -4.43 23.61 -9.26
N THR B 829 -4.36 24.20 -8.06
CA THR B 829 -4.72 23.49 -6.84
C THR B 829 -6.00 24.03 -6.21
N ASN B 830 -6.66 24.99 -6.83
CA ASN B 830 -7.89 25.56 -6.29
C ASN B 830 -9.07 24.96 -7.03
N PHE B 831 -10.04 24.44 -6.27
CA PHE B 831 -11.11 23.65 -6.86
C PHE B 831 -12.19 24.55 -7.45
N LYS B 832 -12.24 25.81 -7.03
CA LYS B 832 -13.20 26.74 -7.61
C LYS B 832 -12.71 27.22 -8.97
N VAL B 833 -11.41 27.50 -9.06
CA VAL B 833 -10.80 27.99 -10.30
C VAL B 833 -10.90 26.94 -11.41
N ILE B 834 -10.71 25.67 -11.06
CA ILE B 834 -10.78 24.60 -12.05
C ILE B 834 -12.20 24.48 -12.61
N SER B 835 -13.20 24.71 -11.78
CA SER B 835 -14.57 24.54 -12.25
C SER B 835 -15.16 25.82 -12.84
N GLN B 836 -14.51 26.98 -12.65
CA GLN B 836 -14.99 28.22 -13.25
C GLN B 836 -14.14 28.63 -14.45
N ARG B 837 -13.28 27.76 -14.94
CA ARG B 837 -12.46 28.06 -16.10
C ARG B 837 -12.65 27.06 -17.22
N LEU B 838 -13.12 25.85 -16.91
CA LEU B 838 -13.28 24.80 -17.90
C LEU B 838 -14.72 24.36 -17.97
N ASP B 839 -15.05 23.60 -19.01
CA ASP B 839 -16.36 22.99 -19.12
C ASP B 839 -16.47 21.79 -18.19
N LYS B 840 -17.70 21.30 -18.00
CA LYS B 840 -17.95 20.30 -16.97
C LYS B 840 -17.54 18.90 -17.37
N LEU B 841 -16.97 18.71 -18.56
CA LEU B 841 -16.27 17.47 -18.88
C LEU B 841 -14.79 17.54 -18.52
N GLU B 842 -14.16 18.70 -18.67
CA GLU B 842 -12.76 18.84 -18.28
C GLU B 842 -12.62 19.24 -16.83
N ALA B 843 -13.57 19.96 -16.28
CA ALA B 843 -13.47 20.30 -14.87
C ALA B 843 -13.92 19.19 -13.97
N ASP B 844 -14.23 18.00 -14.48
CA ASP B 844 -14.47 16.85 -13.63
C ASP B 844 -13.49 15.72 -13.85
N VAL B 845 -12.64 15.79 -14.88
CA VAL B 845 -11.54 14.86 -14.96
C VAL B 845 -10.28 15.48 -14.40
N GLN B 846 -10.25 16.80 -14.20
CA GLN B 846 -9.13 17.42 -13.54
C GLN B 846 -9.38 17.70 -12.08
N MET B 847 -10.62 17.54 -11.62
CA MET B 847 -10.83 17.44 -10.19
C MET B 847 -10.71 16.00 -9.72
N ASP B 848 -10.78 15.03 -10.63
CA ASP B 848 -10.39 13.67 -10.27
C ASP B 848 -8.90 13.43 -10.40
N ARG B 849 -8.09 14.46 -10.63
CA ARG B 849 -6.66 14.28 -10.59
C ARG B 849 -6.05 14.84 -9.32
N LEU B 850 -6.58 15.97 -8.85
CA LEU B 850 -6.19 16.46 -7.54
C LEU B 850 -6.65 15.50 -6.46
N ILE B 851 -7.88 15.01 -6.56
CA ILE B 851 -8.42 14.18 -5.50
C ILE B 851 -7.78 12.80 -5.51
N ASN B 852 -7.64 12.18 -6.68
CA ASN B 852 -6.97 10.89 -6.74
C ASN B 852 -5.49 11.02 -6.46
N GLY B 853 -4.91 12.17 -6.76
CA GLY B 853 -3.52 12.40 -6.40
C GLY B 853 -3.32 12.55 -4.90
N ARG B 854 -4.20 13.29 -4.24
CA ARG B 854 -4.02 13.54 -2.82
C ARG B 854 -4.45 12.35 -1.97
N MET B 855 -5.40 11.56 -2.46
CA MET B 855 -5.78 10.34 -1.75
C MET B 855 -4.64 9.33 -1.72
N ASN B 856 -3.75 9.34 -2.70
CA ASN B 856 -2.63 8.40 -2.69
C ASN B 856 -1.56 8.80 -1.69
N VAL B 857 -1.28 10.09 -1.56
CA VAL B 857 -0.26 10.55 -0.63
C VAL B 857 -0.70 10.31 0.79
N LEU B 858 -1.98 10.51 1.06
CA LEU B 858 -2.49 10.26 2.40
C LEU B 858 -2.58 8.77 2.69
N GLN B 859 -2.88 7.95 1.67
CA GLN B 859 -2.97 6.51 1.90
C GLN B 859 -1.60 5.87 2.06
N LEU B 860 -0.60 6.41 1.38
CA LEU B 860 0.76 5.88 1.53
C LEU B 860 1.33 6.24 2.89
N PHE B 861 0.88 7.37 3.47
CA PHE B 861 1.23 7.72 4.83
C PHE B 861 0.68 6.70 5.82
N VAL B 862 -0.58 6.31 5.66
CA VAL B 862 -1.25 5.46 6.63
C VAL B 862 -0.70 4.05 6.58
N THR B 863 -0.28 3.60 5.40
CA THR B 863 0.30 2.27 5.27
C THR B 863 1.69 2.21 5.89
N ASN B 864 2.51 3.24 5.66
CA ASN B 864 3.84 3.27 6.26
C ASN B 864 3.77 3.49 7.76
N TYR B 865 2.69 4.07 8.25
CA TYR B 865 2.55 4.31 9.67
C TYR B 865 2.12 3.03 10.39
N LYS B 866 1.24 2.26 9.76
CA LYS B 866 0.84 0.96 10.29
C LYS B 866 1.95 -0.07 10.12
N LEU B 867 2.83 0.13 9.16
CA LEU B 867 3.96 -0.75 8.99
C LEU B 867 4.97 -0.56 10.11
N LYS B 868 4.99 0.62 10.71
CA LYS B 868 5.92 0.85 11.81
C LYS B 868 5.33 0.38 13.14
N ILE B 869 4.02 0.50 13.31
CA ILE B 869 3.38 0.01 14.53
C ILE B 869 3.49 -1.49 14.62
N ALA B 870 3.25 -2.19 13.50
CA ALA B 870 3.33 -3.64 13.48
C ALA B 870 4.74 -4.15 13.69
N GLU B 871 5.74 -3.36 13.35
CA GLU B 871 7.11 -3.71 13.68
C GLU B 871 7.40 -3.52 15.16
N LEU B 872 6.91 -2.43 15.75
CA LEU B 872 7.22 -2.14 17.15
C LEU B 872 6.39 -2.95 18.14
N ARG B 873 5.45 -3.76 17.70
CA ARG B 873 4.72 -4.59 18.65
C ARG B 873 5.64 -5.65 19.23
N ASN B 874 6.54 -6.15 18.41
CA ASN B 874 7.47 -7.18 18.80
C ASN B 874 8.81 -6.64 19.23
N THR B 875 9.17 -5.43 18.80
CA THR B 875 10.36 -4.79 19.34
C THR B 875 10.16 -4.42 20.80
N HIS B 876 8.92 -4.14 21.21
CA HIS B 876 8.61 -3.89 22.61
C HIS B 876 8.72 -5.14 23.47
N ARG B 877 8.47 -6.32 22.91
CA ARG B 877 8.63 -7.54 23.68
C ARG B 877 10.10 -7.90 23.80
N TYR B 878 10.94 -7.28 23.00
CA TYR B 878 12.37 -7.49 23.12
C TYR B 878 12.99 -6.45 24.04
N VAL B 879 12.44 -5.25 24.09
CA VAL B 879 12.94 -4.23 25.01
C VAL B 879 12.57 -4.61 26.44
N GLN B 880 11.39 -5.17 26.65
CA GLN B 880 10.99 -5.55 28.01
C GLN B 880 11.76 -6.74 28.52
N SER B 881 12.34 -7.54 27.65
CA SER B 881 13.16 -8.64 28.11
C SER B 881 14.57 -8.15 28.49
N LEU B 882 15.08 -7.12 27.82
CA LEU B 882 16.40 -6.62 28.15
C LEU B 882 16.37 -5.75 29.39
N ILE B 883 15.21 -5.21 29.76
CA ILE B 883 15.13 -4.46 31.00
C ILE B 883 15.02 -5.40 32.19
N ASN B 884 14.30 -6.50 32.03
CA ASN B 884 14.05 -7.36 33.18
C ASN B 884 15.17 -8.35 33.45
N GLU B 885 16.01 -8.62 32.46
CA GLU B 885 16.98 -9.69 32.55
C GLU B 885 18.41 -9.21 32.44
N CYS B 886 18.65 -8.11 31.74
CA CYS B 886 19.96 -7.49 31.69
C CYS B 886 20.11 -6.32 32.63
N VAL B 887 19.08 -5.50 32.83
CA VAL B 887 19.23 -4.25 33.56
C VAL B 887 18.79 -4.42 35.00
N TYR B 888 17.76 -5.22 35.26
CA TYR B 888 17.20 -5.37 36.60
C TYR B 888 17.47 -6.74 37.18
N ALA B 889 18.33 -7.53 36.56
CA ALA B 889 18.70 -8.83 37.08
C ALA B 889 20.08 -9.17 36.54
N GLN B 890 20.55 -10.37 36.84
CA GLN B 890 21.77 -10.94 36.28
C GLN B 890 21.35 -12.16 35.48
N SER B 891 21.72 -12.18 34.20
CA SER B 891 21.16 -13.18 33.29
C SER B 891 22.14 -14.32 33.06
N LEU B 892 21.58 -15.47 32.71
CA LEU B 892 22.35 -16.67 32.45
C LEU B 892 22.31 -17.06 30.98
N ARG B 893 21.95 -16.14 30.10
CA ARG B 893 21.83 -16.40 28.68
C ARG B 893 23.06 -15.91 27.96
N ASN B 894 23.72 -16.81 27.24
CA ASN B 894 24.95 -16.48 26.51
C ASN B 894 24.68 -15.45 25.41
N GLY B 895 25.39 -14.35 25.46
CA GLY B 895 25.35 -13.37 24.41
C GLY B 895 24.14 -12.47 24.40
N PHE B 896 23.31 -12.51 25.42
CA PHE B 896 22.07 -11.77 25.40
C PHE B 896 22.30 -10.32 25.80
N CYS B 897 23.16 -10.09 26.78
CA CYS B 897 23.50 -8.76 27.23
C CYS B 897 24.86 -8.34 26.68
N GLY B 898 25.13 -8.63 25.42
CA GLY B 898 26.45 -8.47 24.86
C GLY B 898 27.28 -9.73 25.03
N GLN B 899 28.46 -9.73 24.41
CA GLN B 899 29.33 -10.88 24.47
C GLN B 899 30.19 -10.87 25.72
N GLY B 900 30.18 -11.97 26.45
CA GLY B 900 31.12 -12.13 27.54
C GLY B 900 30.44 -12.20 28.87
N LEU B 901 31.27 -12.11 29.91
CA LEU B 901 30.80 -12.21 31.29
C LEU B 901 30.19 -10.89 31.72
N HIS B 902 28.90 -10.88 31.97
CA HIS B 902 28.14 -9.64 32.08
C HIS B 902 28.34 -8.99 33.43
N VAL B 903 28.87 -7.78 33.42
CA VAL B 903 29.10 -7.03 34.65
C VAL B 903 27.90 -6.14 34.94
N LEU B 904 27.49 -5.34 33.97
CA LEU B 904 26.49 -4.31 34.24
C LEU B 904 25.83 -3.87 32.96
N SER B 905 24.54 -3.53 33.05
CA SER B 905 23.83 -2.86 31.99
C SER B 905 23.07 -1.68 32.55
N LEU B 906 23.19 -0.54 31.88
CA LEU B 906 22.51 0.71 32.19
C LEU B 906 21.74 1.15 30.94
N MET B 907 20.80 2.06 31.09
CA MET B 907 19.93 2.40 29.97
C MET B 907 19.62 3.88 29.96
N GLN B 908 19.65 4.45 28.75
CA GLN B 908 19.50 5.88 28.54
C GLN B 908 18.47 6.14 27.46
N ASN B 909 17.94 7.35 27.44
CA ASN B 909 17.02 7.76 26.39
C ASN B 909 17.81 8.18 25.17
N ALA B 910 17.30 7.85 24.01
CA ALA B 910 17.83 8.26 22.75
C ALA B 910 16.72 8.95 21.98
N PRO B 911 17.03 9.65 20.88
CA PRO B 911 15.94 10.16 20.04
C PRO B 911 15.12 9.03 19.44
N SER B 912 13.85 9.00 19.86
CA SER B 912 12.82 8.05 19.44
C SER B 912 13.16 6.61 19.80
N GLY B 913 13.62 6.38 21.02
CA GLY B 913 13.91 5.02 21.45
C GLY B 913 14.73 5.00 22.72
N ILE B 914 15.35 3.86 22.98
CA ILE B 914 16.08 3.61 24.20
C ILE B 914 17.44 3.03 23.83
N MET B 915 18.47 3.39 24.59
CA MET B 915 19.81 2.86 24.35
C MET B 915 20.34 2.16 25.58
N PHE B 916 20.81 0.93 25.39
CA PHE B 916 21.36 0.09 26.44
C PHE B 916 22.87 0.10 26.37
N PHE B 917 23.52 0.22 27.51
CA PHE B 917 24.97 0.20 27.58
C PHE B 917 25.35 -1.08 28.31
N HIS B 918 26.06 -1.97 27.64
CA HIS B 918 26.39 -3.26 28.21
C HIS B 918 27.89 -3.34 28.48
N TYR B 919 28.26 -3.77 29.67
CA TYR B 919 29.65 -3.88 30.09
C TYR B 919 29.98 -5.36 30.34
N SER B 920 31.02 -5.84 29.68
CA SER B 920 31.31 -7.27 29.73
C SER B 920 32.82 -7.50 29.73
N LEU B 921 33.22 -8.63 30.30
CA LEU B 921 34.61 -9.04 30.40
C LEU B 921 34.86 -10.13 29.36
N ILE B 922 35.70 -9.85 28.37
CA ILE B 922 36.05 -10.87 27.38
C ILE B 922 37.52 -11.23 27.57
N PRO B 923 37.93 -12.47 27.30
CA PRO B 923 39.32 -12.86 27.55
C PRO B 923 40.31 -12.27 26.57
N ASN B 924 41.54 -12.11 27.06
CA ASN B 924 42.57 -11.33 26.39
C ASN B 924 43.82 -12.17 26.10
N ASN B 925 44.48 -12.69 27.12
CA ASN B 925 45.59 -13.63 26.99
C ASN B 925 45.16 -14.97 27.57
N THR B 926 45.69 -16.06 27.02
CA THR B 926 45.32 -17.38 27.49
C THR B 926 46.56 -18.16 27.94
N ILE B 927 46.31 -19.33 28.50
CA ILE B 927 47.37 -20.21 29.00
C ILE B 927 46.84 -21.64 29.02
N THR B 928 47.68 -22.60 28.65
CA THR B 928 47.28 -23.99 28.65
C THR B 928 47.84 -24.67 29.90
N VAL B 929 46.96 -25.22 30.72
CA VAL B 929 47.31 -25.86 31.97
C VAL B 929 46.61 -27.21 32.03
N LYS B 930 47.04 -28.04 32.96
CA LYS B 930 46.43 -29.33 33.23
C LYS B 930 45.35 -29.11 34.28
N THR B 931 44.28 -29.90 34.23
CA THR B 931 43.14 -29.73 35.14
C THR B 931 42.51 -31.10 35.36
N THR B 932 41.78 -31.24 36.47
CA THR B 932 41.28 -32.54 36.88
C THR B 932 40.02 -32.33 37.70
N PRO B 933 39.10 -33.29 37.71
CA PRO B 933 37.91 -33.14 38.57
C PRO B 933 38.20 -33.22 40.04
N GLY B 934 39.27 -33.88 40.43
CA GLY B 934 39.59 -33.94 41.84
C GLY B 934 40.76 -34.87 42.06
N LEU B 935 41.21 -34.91 43.30
CA LEU B 935 42.46 -35.55 43.67
C LEU B 935 42.23 -36.58 44.76
N CYS B 936 42.82 -37.76 44.61
CA CYS B 936 42.74 -38.78 45.64
C CYS B 936 44.14 -39.21 46.06
N GLU B 937 44.26 -39.59 47.33
CA GLU B 937 45.54 -40.06 47.87
C GLU B 937 45.94 -41.40 47.27
N SER B 938 45.03 -42.36 47.24
CA SER B 938 45.36 -43.65 46.64
C SER B 938 44.20 -44.08 45.77
N ASP B 939 44.50 -44.99 44.85
CA ASP B 939 43.49 -45.48 43.91
C ASP B 939 42.65 -46.62 44.46
N GLU B 940 42.51 -46.74 45.78
CA GLU B 940 41.58 -47.71 46.35
C GLU B 940 40.29 -47.02 46.76
N LEU B 941 39.17 -47.72 46.65
CA LEU B 941 37.88 -47.18 47.08
C LEU B 941 37.84 -47.06 48.59
N GLY B 942 37.68 -45.83 49.08
CA GLY B 942 37.74 -45.54 50.49
C GLY B 942 38.86 -44.61 50.89
N SER B 943 39.67 -44.17 49.94
CA SER B 943 40.70 -43.18 50.20
C SER B 943 40.09 -41.79 50.34
N LYS B 944 40.82 -40.90 50.99
CA LYS B 944 40.38 -39.52 51.12
C LYS B 944 40.58 -38.80 49.80
N CYS B 945 39.54 -38.09 49.36
CA CYS B 945 39.60 -37.36 48.10
C CYS B 945 39.20 -35.91 48.34
N ILE B 946 39.72 -35.03 47.49
CA ILE B 946 39.35 -33.62 47.51
C ILE B 946 38.87 -33.23 46.13
N VAL B 947 38.07 -32.17 46.10
CA VAL B 947 37.71 -31.42 44.91
C VAL B 947 37.87 -29.96 45.28
N ALA B 948 37.78 -29.09 44.30
CA ALA B 948 37.98 -27.69 44.62
C ALA B 948 36.68 -27.05 45.08
N LYS B 949 36.83 -26.06 45.94
CA LYS B 949 35.72 -25.27 46.47
C LYS B 949 35.67 -23.96 45.71
N ASP B 950 34.58 -23.74 44.98
CA ASP B 950 34.23 -22.51 44.27
C ASP B 950 35.21 -22.22 43.13
N GLY B 951 35.97 -23.21 42.68
CA GLY B 951 36.90 -22.98 41.60
C GLY B 951 37.38 -24.27 41.00
N VAL B 952 38.48 -24.23 40.25
CA VAL B 952 38.97 -25.40 39.54
C VAL B 952 40.33 -25.78 40.10
N LEU B 953 40.74 -27.02 39.85
CA LEU B 953 42.05 -27.51 40.20
C LEU B 953 42.93 -27.45 38.96
N VAL B 954 44.07 -26.76 39.06
CA VAL B 954 44.97 -26.61 37.92
C VAL B 954 46.38 -26.95 38.36
N SER B 955 47.28 -27.12 37.40
CA SER B 955 48.66 -27.36 37.80
C SER B 955 49.69 -26.49 37.09
N ALA B 956 49.54 -26.25 35.78
CA ALA B 956 50.53 -25.57 34.91
C ALA B 956 51.87 -26.29 34.88
N ASN B 957 51.80 -27.59 34.58
CA ASN B 957 52.95 -28.44 34.28
C ASN B 957 53.94 -28.47 35.43
N LEU B 958 53.41 -28.53 36.65
CA LEU B 958 54.20 -28.55 37.86
C LEU B 958 54.08 -29.91 38.51
N SER B 959 54.91 -30.12 39.53
CA SER B 959 54.85 -31.35 40.29
C SER B 959 53.75 -31.36 41.33
N TYR B 960 53.05 -30.25 41.53
CA TYR B 960 52.02 -30.14 42.54
C TYR B 960 50.84 -29.37 41.99
N TRP B 961 49.68 -29.64 42.56
CA TRP B 961 48.43 -29.07 42.07
C TRP B 961 48.08 -27.76 42.79
N GLN B 962 47.23 -26.97 42.15
CA GLN B 962 46.90 -25.65 42.66
C GLN B 962 45.42 -25.35 42.41
N TRP B 963 44.95 -24.26 43.02
CA TRP B 963 43.57 -23.81 42.93
C TRP B 963 43.51 -22.51 42.14
N SER B 964 42.56 -22.39 41.23
CA SER B 964 42.34 -21.17 40.47
C SER B 964 40.86 -20.86 40.41
N PRO B 965 40.47 -19.58 40.27
CA PRO B 965 39.07 -19.28 39.95
C PRO B 965 38.69 -19.84 38.60
N ARG B 966 37.41 -20.12 38.41
CA ARG B 966 36.99 -20.93 37.28
C ARG B 966 37.05 -20.22 35.95
N ASN B 967 37.11 -18.88 35.91
CA ASN B 967 37.15 -18.16 34.64
C ASN B 967 38.37 -17.27 34.51
N LEU B 968 39.37 -17.46 35.35
CA LEU B 968 40.61 -16.69 35.26
C LEU B 968 41.70 -17.55 35.88
N TYR B 969 42.83 -17.66 35.22
CA TYR B 969 43.96 -18.38 35.78
C TYR B 969 44.68 -17.47 36.77
N LYS B 970 44.54 -17.76 38.05
CA LYS B 970 45.20 -17.00 39.11
C LYS B 970 45.48 -17.96 40.26
N PRO B 971 46.61 -18.66 40.21
CA PRO B 971 46.76 -19.85 41.05
C PRO B 971 47.11 -19.56 42.51
N GLU B 972 46.58 -20.44 43.37
CA GLU B 972 46.85 -20.46 44.80
C GLU B 972 47.20 -21.89 45.21
N ASN B 973 48.01 -22.02 46.26
CA ASN B 973 48.26 -23.33 46.86
C ASN B 973 47.02 -23.88 47.54
N LEU B 974 47.02 -25.18 47.77
CA LEU B 974 45.86 -25.84 48.34
C LEU B 974 45.91 -25.74 49.86
N THR B 975 44.75 -25.55 50.47
CA THR B 975 44.64 -25.19 51.87
C THR B 975 43.35 -25.83 52.38
N PHE B 976 43.27 -26.03 53.68
CA PHE B 976 41.97 -26.19 54.34
C PHE B 976 41.13 -24.95 54.06
N ALA B 977 39.82 -25.15 53.96
CA ALA B 977 38.85 -24.13 53.57
C ALA B 977 39.12 -23.54 52.19
N ASN B 978 39.75 -24.32 51.32
CA ASN B 978 39.94 -24.01 49.91
C ASN B 978 39.53 -25.18 49.05
N VAL B 979 39.54 -26.38 49.59
CA VAL B 979 39.07 -27.61 48.96
C VAL B 979 37.95 -28.16 49.82
N ILE B 980 37.30 -29.19 49.32
CA ILE B 980 36.20 -29.86 50.00
C ILE B 980 36.59 -31.32 50.12
N ALA B 981 36.39 -31.91 51.29
CA ALA B 981 36.65 -33.32 51.52
C ALA B 981 35.43 -34.11 51.06
N VAL B 982 35.61 -34.96 50.06
CA VAL B 982 34.51 -35.69 49.44
C VAL B 982 34.81 -37.17 49.41
N SER B 983 33.90 -37.95 48.84
CA SER B 983 34.18 -39.32 48.41
C SER B 983 34.83 -39.29 47.04
N ARG B 984 34.86 -40.43 46.35
CA ARG B 984 35.45 -40.43 45.02
C ARG B 984 34.44 -39.92 44.00
N GLY B 985 34.79 -40.05 42.74
CA GLY B 985 33.87 -39.76 41.65
C GLY B 985 34.38 -40.43 40.40
N ALA B 986 33.83 -40.03 39.27
CA ALA B 986 34.27 -40.55 37.99
C ALA B 986 35.64 -39.99 37.65
N ASN B 987 36.66 -40.83 37.81
CA ASN B 987 38.03 -40.61 37.33
C ASN B 987 38.73 -39.43 37.99
N TYR B 988 38.93 -39.52 39.30
CA TYR B 988 39.79 -38.55 39.95
C TYR B 988 41.25 -38.93 39.77
N THR B 989 42.13 -37.98 40.05
CA THR B 989 43.56 -38.13 39.80
C THR B 989 44.29 -38.52 41.07
N THR B 990 45.04 -39.62 41.01
CA THR B 990 45.74 -40.16 42.16
C THR B 990 47.12 -39.54 42.30
N LEU B 991 47.48 -39.18 43.52
CA LEU B 991 48.79 -38.61 43.78
C LEU B 991 49.81 -39.64 44.21
N ASN B 992 49.35 -40.75 44.81
CA ASN B 992 50.14 -41.71 45.59
C ASN B 992 50.97 -41.03 46.66
N LYS B 993 50.42 -39.99 47.28
CA LYS B 993 51.03 -39.26 48.37
C LYS B 993 49.95 -38.99 49.39
N THR B 994 50.24 -38.19 50.41
CA THR B 994 49.21 -37.67 51.30
C THR B 994 49.19 -36.16 51.17
N PHE B 995 48.01 -35.58 51.41
CA PHE B 995 47.85 -34.14 51.23
C PHE B 995 48.60 -33.40 52.32
N ASP B 996 49.19 -32.25 51.96
CA ASP B 996 49.89 -31.42 52.93
C ASP B 996 48.94 -30.68 53.87
N ILE B 997 47.65 -30.67 53.56
CA ILE B 997 46.61 -30.00 54.34
C ILE B 997 46.46 -30.71 55.68
N PRO B 998 46.76 -30.03 56.81
CA PRO B 998 46.67 -30.69 58.10
C PRO B 998 45.23 -30.86 58.59
N CYS C 19 -22.08 -33.80 -38.43
CA CYS C 19 -21.46 -34.73 -39.35
C CYS C 19 -20.99 -35.95 -38.58
N GLU C 20 -20.17 -36.78 -39.22
CA GLU C 20 -19.68 -38.00 -38.60
C GLU C 20 -18.17 -38.11 -38.58
N SER C 21 -17.48 -37.56 -39.57
CA SER C 21 -16.03 -37.70 -39.66
C SER C 21 -15.30 -36.38 -39.39
N VAL C 22 -15.84 -35.58 -38.45
CA VAL C 22 -15.18 -34.32 -38.09
C VAL C 22 -13.89 -34.64 -37.35
N ASP C 23 -12.76 -34.19 -37.90
CA ASP C 23 -11.48 -34.38 -37.25
C ASP C 23 -11.36 -33.32 -36.15
N PHE C 24 -11.31 -33.77 -34.90
CA PHE C 24 -11.10 -32.86 -33.80
C PHE C 24 -9.62 -32.62 -33.51
N ASN C 25 -8.72 -33.32 -34.17
CA ASN C 25 -7.30 -33.04 -34.03
C ASN C 25 -6.82 -31.99 -35.01
N LEU C 26 -7.69 -31.49 -35.87
CA LEU C 26 -7.35 -30.33 -36.69
C LEU C 26 -7.72 -29.03 -36.04
N PHE C 27 -8.30 -29.06 -34.83
CA PHE C 27 -8.66 -27.80 -34.20
C PHE C 27 -7.45 -27.10 -33.64
N ASN C 28 -6.34 -27.84 -33.46
CA ASN C 28 -5.12 -27.27 -32.91
C ASN C 28 -4.51 -26.21 -33.81
N THR C 29 -4.75 -26.28 -35.10
CA THR C 29 -4.07 -25.42 -36.05
C THR C 29 -4.67 -24.03 -36.15
N ILE C 30 -5.79 -23.76 -35.48
CA ILE C 30 -6.47 -22.49 -35.64
C ILE C 30 -6.40 -21.63 -34.40
N PHE C 31 -5.99 -22.16 -33.26
CA PHE C 31 -5.98 -21.38 -32.04
C PHE C 31 -4.72 -20.53 -31.96
N SER C 32 -4.88 -19.31 -31.46
CA SER C 32 -3.75 -18.41 -31.26
C SER C 32 -3.92 -17.69 -29.94
N THR C 33 -2.81 -17.51 -29.23
CA THR C 33 -2.81 -16.64 -28.07
C THR C 33 -2.54 -15.21 -28.53
N HIS C 34 -2.65 -14.26 -27.60
CA HIS C 34 -2.50 -12.87 -28.02
C HIS C 34 -1.05 -12.49 -28.22
N ARG C 35 -0.13 -13.16 -27.53
CA ARG C 35 1.30 -13.02 -27.73
C ARG C 35 1.85 -14.32 -28.27
N GLY C 36 3.16 -14.35 -28.50
CA GLY C 36 3.84 -15.60 -28.78
C GLY C 36 4.42 -16.16 -27.51
N LEU C 37 3.88 -17.28 -27.04
CA LEU C 37 4.25 -17.85 -25.75
C LEU C 37 4.83 -19.22 -25.98
N SER C 38 5.90 -19.55 -25.26
CA SER C 38 6.60 -20.81 -25.44
C SER C 38 6.42 -21.70 -24.20
N ASN C 39 6.09 -22.97 -24.44
CA ASN C 39 5.96 -24.01 -23.41
C ASN C 39 4.96 -23.64 -22.31
N THR C 40 3.76 -23.23 -22.70
CA THR C 40 2.88 -22.50 -21.78
C THR C 40 1.43 -22.94 -21.94
N THR C 41 0.74 -23.12 -20.82
CA THR C 41 -0.70 -23.35 -20.80
C THR C 41 -1.45 -22.05 -20.56
N SER C 42 -2.34 -21.68 -21.48
CA SER C 42 -3.00 -20.39 -21.45
C SER C 42 -4.50 -20.55 -21.65
N VAL C 43 -5.26 -19.54 -21.25
CA VAL C 43 -6.71 -19.52 -21.38
C VAL C 43 -7.08 -18.45 -22.40
N ILE C 44 -7.68 -18.85 -23.51
CA ILE C 44 -8.06 -17.91 -24.57
C ILE C 44 -9.58 -17.94 -24.74
N THR C 45 -10.12 -16.87 -25.30
CA THR C 45 -11.54 -16.77 -25.54
C THR C 45 -11.82 -16.07 -26.86
N GLY C 46 -13.02 -16.28 -27.37
CA GLY C 46 -13.42 -15.72 -28.64
C GLY C 46 -14.29 -16.70 -29.38
N ALA C 47 -14.49 -16.42 -30.67
CA ALA C 47 -15.40 -17.21 -31.49
C ALA C 47 -14.66 -18.39 -32.08
N TYR C 48 -14.89 -19.57 -31.51
CA TYR C 48 -14.15 -20.78 -31.82
C TYR C 48 -15.14 -21.89 -32.13
N PRO C 49 -14.76 -22.85 -32.98
CA PRO C 49 -15.76 -23.77 -33.54
C PRO C 49 -16.25 -24.81 -32.55
N SER C 50 -17.53 -25.12 -32.64
CA SER C 50 -18.18 -26.03 -31.70
C SER C 50 -17.68 -27.46 -31.86
N THR C 51 -17.39 -28.07 -30.73
CA THR C 51 -17.00 -29.47 -30.64
C THR C 51 -18.18 -30.44 -30.72
N ASN C 52 -19.40 -29.94 -30.65
CA ASN C 52 -20.58 -30.77 -30.85
C ASN C 52 -20.66 -31.21 -32.31
N LYS C 53 -20.81 -32.52 -32.54
CA LYS C 53 -20.96 -33.03 -33.89
C LYS C 53 -22.28 -32.65 -34.53
N SER C 54 -23.25 -32.19 -33.75
CA SER C 54 -24.54 -31.74 -34.26
C SER C 54 -24.53 -30.28 -34.67
N ASP C 55 -23.36 -29.73 -35.02
CA ASP C 55 -23.25 -28.38 -35.55
C ASP C 55 -22.48 -28.33 -36.86
N TRP C 56 -22.04 -29.46 -37.38
CA TRP C 56 -21.24 -29.54 -38.61
C TRP C 56 -22.13 -30.00 -39.76
N SER C 57 -22.65 -29.06 -40.53
CA SER C 57 -23.49 -29.35 -41.69
C SER C 57 -22.62 -29.94 -42.79
N CYS C 58 -22.71 -31.25 -42.95
CA CYS C 58 -21.68 -32.01 -43.65
C CYS C 58 -22.27 -32.93 -44.72
N ASN C 59 -23.43 -33.51 -44.46
CA ASN C 59 -23.97 -34.61 -45.24
C ASN C 59 -25.32 -34.29 -45.88
N THR C 60 -25.41 -33.14 -46.55
CA THR C 60 -26.65 -32.75 -47.22
C THR C 60 -26.57 -33.13 -48.69
N ARG C 61 -27.48 -34.00 -49.14
CA ARG C 61 -27.59 -34.37 -50.54
C ARG C 61 -28.83 -33.78 -51.21
N THR C 62 -29.49 -32.83 -50.56
CA THR C 62 -30.74 -32.26 -51.04
C THR C 62 -30.55 -31.07 -51.98
N GLY C 63 -29.32 -30.69 -52.29
CA GLY C 63 -29.08 -29.47 -53.04
C GLY C 63 -29.05 -28.22 -52.20
N HIS C 64 -29.27 -28.31 -50.89
CA HIS C 64 -29.21 -27.18 -49.98
C HIS C 64 -28.00 -27.30 -49.06
N LEU C 65 -26.87 -27.71 -49.63
CA LEU C 65 -25.56 -27.57 -48.99
C LEU C 65 -25.15 -26.11 -48.87
N SER C 66 -25.77 -25.22 -49.65
CA SER C 66 -25.58 -23.80 -49.49
C SER C 66 -25.99 -23.36 -48.10
N GLY C 67 -27.28 -23.37 -47.80
CA GLY C 67 -27.71 -22.91 -46.49
C GLY C 67 -27.38 -21.44 -46.20
N SER C 68 -27.40 -21.13 -44.91
CA SER C 68 -27.12 -19.80 -44.42
C SER C 68 -26.84 -19.91 -42.93
N GLY C 69 -26.54 -18.78 -42.31
CA GLY C 69 -26.32 -18.73 -40.89
C GLY C 69 -26.53 -17.33 -40.37
N PHE C 70 -26.82 -17.24 -39.07
CA PHE C 70 -27.00 -15.97 -38.36
C PHE C 70 -26.01 -15.89 -37.20
N GLY C 71 -24.77 -16.28 -37.46
CA GLY C 71 -23.77 -16.39 -36.43
C GLY C 71 -22.75 -15.27 -36.47
N ILE C 72 -21.60 -15.54 -35.86
CA ILE C 72 -20.51 -14.58 -35.77
C ILE C 72 -19.25 -15.05 -36.44
N GLY C 73 -19.29 -16.19 -37.10
CA GLY C 73 -18.13 -16.67 -37.84
C GLY C 73 -18.49 -18.00 -38.45
N LEU C 74 -17.54 -18.54 -39.21
CA LEU C 74 -17.77 -19.84 -39.81
C LEU C 74 -16.43 -20.53 -40.01
N TYR C 75 -16.41 -21.84 -39.81
CA TYR C 75 -15.21 -22.65 -39.92
C TYR C 75 -15.42 -23.76 -40.92
N VAL C 76 -14.43 -23.97 -41.78
CA VAL C 76 -14.50 -24.89 -42.90
C VAL C 76 -13.43 -25.94 -42.74
N GLN C 77 -13.76 -27.19 -43.03
CA GLN C 77 -12.81 -28.28 -42.86
C GLN C 77 -12.89 -29.20 -44.07
N THR C 78 -11.86 -29.19 -44.91
CA THR C 78 -11.83 -30.16 -45.99
C THR C 78 -11.42 -31.52 -45.44
N PRO C 79 -12.12 -32.60 -45.82
CA PRO C 79 -12.01 -33.88 -45.08
C PRO C 79 -10.65 -34.55 -45.06
N ARG C 80 -10.13 -34.95 -46.21
CA ARG C 80 -8.88 -35.69 -46.32
C ARG C 80 -8.54 -35.77 -47.80
N GLU C 81 -7.24 -35.75 -48.10
CA GLU C 81 -6.79 -35.75 -49.48
C GLU C 81 -5.85 -36.90 -49.83
N GLN C 82 -5.79 -37.96 -49.04
CA GLN C 82 -4.89 -39.08 -49.33
C GLN C 82 -5.67 -40.37 -49.58
N TYR C 83 -6.01 -40.59 -50.86
CA TYR C 83 -6.21 -41.93 -51.46
C TYR C 83 -7.36 -42.70 -50.82
N ASP C 86 -10.97 -39.69 -56.18
CA ASP C 86 -11.28 -38.43 -56.84
C ASP C 86 -10.02 -37.74 -57.34
N GLY C 87 -9.14 -37.33 -56.42
CA GLY C 87 -7.97 -36.60 -56.83
C GLY C 87 -8.22 -35.11 -56.96
N SER C 88 -8.56 -34.67 -58.17
CA SER C 88 -8.66 -33.26 -58.49
C SER C 88 -9.90 -32.59 -57.89
N GLY C 89 -10.84 -33.35 -57.34
CA GLY C 89 -12.02 -32.74 -56.76
C GLY C 89 -11.79 -32.16 -55.38
N ALA C 90 -11.66 -30.85 -55.31
CA ALA C 90 -11.43 -30.15 -54.04
C ALA C 90 -12.60 -29.24 -53.74
N GLY C 91 -12.50 -28.55 -52.60
CA GLY C 91 -13.62 -27.75 -52.13
C GLY C 91 -13.79 -26.47 -52.92
N GLY C 92 -15.00 -25.94 -52.86
CA GLY C 92 -15.28 -24.69 -53.54
C GLY C 92 -15.52 -23.56 -52.58
N TYR C 93 -16.30 -23.88 -51.53
CA TYR C 93 -16.62 -23.07 -50.35
C TYR C 93 -16.82 -21.57 -50.64
N THR C 94 -17.76 -21.28 -51.52
CA THR C 94 -18.09 -19.89 -51.79
C THR C 94 -18.83 -19.32 -50.59
N ILE C 95 -18.26 -18.28 -49.99
CA ILE C 95 -18.74 -17.69 -48.74
C ILE C 95 -19.00 -16.22 -49.00
N ALA C 96 -20.20 -15.74 -48.65
CA ALA C 96 -20.55 -14.36 -48.94
C ALA C 96 -21.17 -13.71 -47.70
N VAL C 97 -20.33 -13.22 -46.80
CA VAL C 97 -20.80 -12.79 -45.48
C VAL C 97 -21.45 -11.43 -45.60
N SER C 98 -22.68 -11.31 -45.10
CA SER C 98 -23.51 -10.16 -45.42
C SER C 98 -23.76 -9.29 -44.20
N PRO C 99 -23.74 -7.97 -44.39
CA PRO C 99 -24.13 -7.04 -43.32
C PRO C 99 -25.63 -6.83 -43.20
N ILE C 100 -26.33 -7.67 -42.43
CA ILE C 100 -27.71 -8.15 -42.64
C ILE C 100 -28.69 -7.18 -43.30
N HIS C 101 -28.66 -5.89 -42.96
CA HIS C 101 -29.43 -4.86 -43.66
C HIS C 101 -28.49 -4.10 -44.58
N VAL C 102 -28.46 -4.49 -45.85
CA VAL C 102 -27.42 -4.05 -46.77
C VAL C 102 -27.79 -2.70 -47.37
N THR C 103 -26.79 -1.81 -47.45
CA THR C 103 -26.90 -0.58 -48.22
C THR C 103 -25.75 -0.55 -49.23
N ASN C 104 -25.49 0.63 -49.79
CA ASN C 104 -24.44 0.78 -50.77
C ASN C 104 -23.06 0.97 -50.12
N LEU C 105 -23.00 1.51 -48.91
CA LEU C 105 -21.72 1.82 -48.29
C LEU C 105 -21.30 0.81 -47.23
N THR C 106 -22.01 -0.31 -47.11
CA THR C 106 -21.61 -1.38 -46.22
C THR C 106 -20.55 -2.26 -46.89
N TRP C 107 -20.03 -3.22 -46.13
CA TRP C 107 -18.92 -4.05 -46.58
C TRP C 107 -19.36 -5.50 -46.66
N GLU C 108 -18.99 -6.17 -47.75
CA GLU C 108 -19.20 -7.60 -47.88
C GLU C 108 -17.86 -8.30 -48.05
N LEU C 109 -17.87 -9.62 -47.84
CA LEU C 109 -16.72 -10.48 -48.05
C LEU C 109 -17.12 -11.57 -49.04
N TRP C 110 -16.20 -11.97 -49.92
CA TRP C 110 -16.53 -13.05 -50.85
C TRP C 110 -15.32 -13.95 -51.08
N ILE C 111 -15.19 -14.97 -50.28
CA ILE C 111 -14.10 -15.93 -50.40
C ILE C 111 -14.52 -17.02 -51.37
N HIS C 112 -13.67 -17.32 -52.33
CA HIS C 112 -14.05 -18.20 -53.42
C HIS C 112 -12.90 -19.13 -53.76
N ARG C 113 -13.26 -20.33 -54.16
CA ARG C 113 -12.32 -21.36 -54.57
C ARG C 113 -13.03 -22.23 -55.59
N LYS C 114 -12.26 -22.82 -56.50
CA LYS C 114 -12.79 -23.78 -57.46
C LYS C 114 -12.18 -25.14 -57.18
N TRP C 115 -12.40 -26.10 -58.08
CA TRP C 115 -11.95 -27.47 -57.89
C TRP C 115 -10.44 -27.61 -57.80
N GLY C 116 -9.68 -26.66 -58.34
CA GLY C 116 -8.25 -26.73 -58.24
C GLY C 116 -7.66 -27.67 -59.28
N VAL C 117 -6.84 -28.64 -58.87
CA VAL C 117 -6.55 -28.94 -57.46
C VAL C 117 -5.32 -28.12 -57.02
N ASN C 118 -4.92 -27.18 -57.85
CA ASN C 118 -3.86 -26.24 -57.48
C ASN C 118 -4.43 -25.19 -56.52
N SER C 119 -3.58 -24.23 -56.19
CA SER C 119 -3.65 -23.60 -54.88
C SER C 119 -4.67 -22.47 -54.79
N VAL C 120 -4.92 -21.79 -55.90
CA VAL C 120 -5.38 -20.41 -55.90
C VAL C 120 -6.76 -20.20 -55.29
N VAL C 121 -6.79 -19.49 -54.17
CA VAL C 121 -8.01 -19.06 -53.53
C VAL C 121 -8.06 -17.53 -53.69
N THR C 122 -9.16 -16.91 -53.27
CA THR C 122 -9.29 -15.46 -53.34
C THR C 122 -10.20 -14.99 -52.22
N VAL C 123 -9.96 -13.77 -51.74
CA VAL C 123 -10.62 -13.26 -50.55
C VAL C 123 -11.52 -12.07 -50.86
N ARG C 124 -10.94 -10.98 -51.37
CA ARG C 124 -11.62 -9.78 -51.89
C ARG C 124 -12.76 -9.25 -51.00
N LEU C 125 -12.37 -8.62 -49.90
CA LEU C 125 -13.33 -7.88 -49.08
C LEU C 125 -13.54 -6.52 -49.73
N CYS C 126 -14.59 -6.38 -50.51
CA CYS C 126 -14.81 -5.17 -51.29
C CYS C 126 -16.08 -4.48 -50.82
N ARG C 127 -16.45 -3.41 -51.51
CA ARG C 127 -17.67 -2.67 -51.24
C ARG C 127 -18.54 -2.68 -52.49
N TRP C 128 -19.52 -3.56 -52.51
CA TRP C 128 -20.38 -3.75 -53.67
C TRP C 128 -21.61 -2.85 -53.59
N TRP C 129 -22.48 -2.99 -54.58
CA TRP C 129 -23.65 -2.15 -54.74
C TRP C 129 -24.94 -2.93 -54.91
N GLN C 130 -24.89 -4.26 -54.92
CA GLN C 130 -26.06 -5.10 -55.00
C GLN C 130 -25.87 -6.27 -54.05
N PHE C 131 -26.94 -7.05 -53.86
CA PHE C 131 -26.93 -8.13 -52.89
C PHE C 131 -26.95 -9.52 -53.52
N MET C 132 -27.61 -9.68 -54.66
CA MET C 132 -27.76 -11.01 -55.25
C MET C 132 -26.45 -11.49 -55.86
N SER C 133 -26.25 -12.80 -55.83
CA SER C 133 -25.00 -13.40 -56.26
C SER C 133 -25.12 -14.08 -57.63
N GLY C 144 -20.98 -11.88 -56.99
CA GLY C 144 -19.55 -11.63 -57.11
C GLY C 144 -19.11 -11.34 -58.52
N PRO C 145 -19.17 -10.05 -58.94
CA PRO C 145 -18.86 -9.69 -60.32
C PRO C 145 -17.37 -9.76 -60.68
N THR C 146 -17.02 -9.17 -61.83
CA THR C 146 -15.63 -9.12 -62.23
C THR C 146 -14.84 -8.15 -61.35
N ASN C 147 -15.43 -7.01 -61.02
CA ASN C 147 -14.73 -5.99 -60.26
C ASN C 147 -15.76 -5.11 -59.54
N ALA C 148 -15.35 -4.59 -58.40
CA ALA C 148 -16.15 -3.69 -57.59
C ALA C 148 -15.31 -2.49 -57.19
N PHE C 149 -15.95 -1.53 -56.56
CA PHE C 149 -15.25 -0.34 -56.11
C PHE C 149 -14.89 -0.44 -54.64
N GLU C 150 -13.73 0.16 -54.30
CA GLU C 150 -13.31 0.45 -52.92
C GLU C 150 -13.14 -0.85 -52.13
N CYS C 151 -12.10 -1.62 -52.50
CA CYS C 151 -11.88 -2.95 -51.96
C CYS C 151 -10.65 -2.97 -51.05
N LEU C 152 -10.86 -3.34 -49.78
CA LEU C 152 -9.80 -3.26 -48.78
C LEU C 152 -8.68 -4.27 -48.99
N ILE C 153 -8.99 -5.55 -48.92
CA ILE C 153 -8.03 -6.60 -49.23
C ILE C 153 -8.46 -7.28 -50.51
N ASN C 154 -7.51 -7.58 -51.36
CA ASN C 154 -7.78 -8.18 -52.67
C ASN C 154 -6.54 -8.95 -53.06
N GLY C 155 -6.53 -10.24 -52.80
CA GLY C 155 -5.32 -10.99 -53.04
C GLY C 155 -5.63 -12.45 -53.29
N SER C 156 -4.58 -13.17 -53.67
CA SER C 156 -4.71 -14.60 -53.91
C SER C 156 -4.48 -15.39 -52.65
N TYR C 157 -3.28 -15.26 -52.05
CA TYR C 157 -2.81 -15.98 -50.87
C TYR C 157 -2.95 -17.49 -51.06
N PRO C 158 -2.11 -18.10 -51.89
CA PRO C 158 -2.32 -19.51 -52.26
C PRO C 158 -2.07 -20.47 -51.09
N THR C 159 -2.90 -21.51 -51.03
CA THR C 159 -2.81 -22.52 -49.98
C THR C 159 -2.61 -23.89 -50.61
N HIS C 160 -1.74 -24.68 -50.00
CA HIS C 160 -1.48 -26.03 -50.46
C HIS C 160 -2.31 -27.01 -49.65
N ARG C 161 -2.75 -28.08 -50.31
CA ARG C 161 -3.51 -29.11 -49.63
C ARG C 161 -2.60 -29.90 -48.70
N ASN C 162 -3.17 -30.38 -47.60
CA ASN C 162 -2.45 -31.14 -46.59
C ASN C 162 -3.05 -32.54 -46.51
N THR C 163 -2.67 -33.27 -45.46
CA THR C 163 -3.38 -34.46 -45.05
C THR C 163 -4.87 -34.18 -44.83
N GLY C 164 -5.16 -33.05 -44.19
CA GLY C 164 -6.50 -32.52 -44.04
C GLY C 164 -6.37 -31.08 -43.60
N TYR C 165 -7.21 -30.20 -44.12
CA TYR C 165 -7.04 -28.77 -43.90
C TYR C 165 -8.29 -28.19 -43.24
N MET C 166 -8.08 -27.16 -42.43
CA MET C 166 -9.17 -26.53 -41.70
C MET C 166 -8.89 -25.04 -41.59
N PHE C 167 -9.87 -24.21 -41.91
CA PHE C 167 -9.73 -22.77 -41.78
C PHE C 167 -11.03 -22.17 -41.28
N GLY C 168 -11.03 -20.85 -41.18
CA GLY C 168 -12.23 -20.14 -40.77
C GLY C 168 -12.03 -18.65 -40.69
N VAL C 169 -13.10 -17.90 -40.88
CA VAL C 169 -13.08 -16.45 -40.80
C VAL C 169 -14.06 -16.02 -39.73
N THR C 170 -13.77 -14.90 -39.08
CA THR C 170 -14.37 -14.58 -37.80
C THR C 170 -14.68 -13.08 -37.75
N TRP C 171 -15.91 -12.75 -37.40
CA TRP C 171 -16.33 -11.37 -37.21
C TRP C 171 -16.97 -11.30 -35.83
N TYR C 172 -16.17 -11.04 -34.82
CA TYR C 172 -16.73 -10.85 -33.48
C TYR C 172 -16.36 -9.48 -32.99
N ASN C 173 -17.38 -8.63 -32.83
CA ASN C 173 -17.27 -7.19 -32.59
C ASN C 173 -16.38 -6.55 -33.64
N ASP C 174 -16.62 -6.92 -34.89
CA ASP C 174 -16.10 -6.25 -36.08
C ASP C 174 -14.58 -6.37 -36.18
N LEU C 175 -14.03 -7.41 -35.58
CA LEU C 175 -12.60 -7.72 -35.68
C LEU C 175 -12.50 -8.89 -36.66
N VAL C 176 -12.16 -8.57 -37.90
CA VAL C 176 -12.11 -9.59 -38.94
C VAL C 176 -10.82 -10.38 -38.76
N ARG C 177 -10.94 -11.69 -38.62
CA ARG C 177 -9.78 -12.57 -38.51
C ARG C 177 -9.91 -13.67 -39.54
N ILE C 178 -9.14 -13.56 -40.61
CA ILE C 178 -9.05 -14.60 -41.63
C ILE C 178 -7.93 -15.54 -41.24
N VAL C 179 -8.27 -16.74 -40.79
CA VAL C 179 -7.27 -17.68 -40.30
C VAL C 179 -7.12 -18.75 -41.38
N PHE C 180 -6.04 -18.67 -42.13
CA PHE C 180 -5.59 -19.73 -43.02
C PHE C 180 -4.27 -20.17 -42.42
N PRO C 181 -4.20 -21.33 -41.78
CA PRO C 181 -2.93 -21.78 -41.17
C PRO C 181 -1.85 -21.99 -42.22
N PRO C 182 -0.61 -21.57 -41.93
CA PRO C 182 -0.10 -21.01 -40.68
C PRO C 182 -0.35 -19.53 -40.40
N THR C 183 -0.52 -18.70 -41.42
CA THR C 183 -0.59 -17.26 -41.20
C THR C 183 -1.95 -16.84 -40.69
N VAL C 184 -2.18 -15.53 -40.66
CA VAL C 184 -3.42 -14.94 -40.14
C VAL C 184 -3.50 -13.53 -40.72
N LEU C 185 -4.69 -12.94 -40.65
CA LEU C 185 -4.88 -11.57 -41.12
C LEU C 185 -5.94 -10.92 -40.25
N GLU C 186 -5.63 -9.77 -39.66
CA GLU C 186 -6.50 -9.14 -38.69
C GLU C 186 -6.76 -7.69 -39.07
N MET C 187 -8.04 -7.31 -39.11
CA MET C 187 -8.42 -5.93 -39.38
C MET C 187 -9.60 -5.54 -38.50
N GLN C 188 -9.39 -4.52 -37.67
CA GLN C 188 -10.44 -4.00 -36.79
C GLN C 188 -11.18 -2.91 -37.53
N LEU C 189 -12.34 -3.25 -38.07
CA LEU C 189 -13.19 -2.27 -38.73
C LEU C 189 -14.16 -1.72 -37.70
N ASP C 190 -14.64 -0.49 -37.95
CA ASP C 190 -15.40 0.22 -36.93
C ASP C 190 -16.81 -0.33 -36.81
N GLY C 191 -17.47 -0.58 -37.94
CA GLY C 191 -18.79 -1.16 -37.91
C GLY C 191 -19.08 -1.97 -39.16
N LEU C 192 -19.45 -3.23 -38.98
CA LEU C 192 -19.90 -4.07 -40.08
C LEU C 192 -21.30 -4.59 -39.87
N GLN C 193 -21.57 -5.12 -38.68
CA GLN C 193 -22.78 -5.85 -38.34
C GLN C 193 -23.05 -6.97 -39.35
N TRP C 194 -22.11 -7.90 -39.41
CA TRP C 194 -22.23 -9.09 -40.26
C TRP C 194 -22.98 -10.17 -39.48
N GLU C 195 -24.09 -10.63 -40.02
CA GLU C 195 -24.75 -11.83 -39.54
C GLU C 195 -24.92 -12.89 -40.62
N ARG C 196 -25.47 -12.54 -41.77
CA ARG C 196 -25.78 -13.53 -42.79
C ARG C 196 -24.52 -14.05 -43.45
N VAL C 197 -24.41 -15.37 -43.57
CA VAL C 197 -23.19 -16.02 -44.04
C VAL C 197 -23.28 -16.40 -45.52
N GLN C 198 -24.34 -17.11 -45.91
CA GLN C 198 -24.58 -17.54 -47.31
C GLN C 198 -23.43 -18.35 -47.89
N PHE C 199 -22.89 -19.25 -47.08
CA PHE C 199 -21.86 -20.18 -47.53
C PHE C 199 -22.45 -21.15 -48.56
N ASN C 200 -21.56 -21.79 -49.34
CA ASN C 200 -21.97 -22.75 -50.36
C ASN C 200 -20.79 -23.56 -50.88
N SER C 201 -20.95 -24.87 -50.97
CA SER C 201 -19.97 -25.78 -51.53
C SER C 201 -20.59 -26.49 -52.73
N PRO C 202 -19.78 -26.97 -53.70
CA PRO C 202 -20.35 -27.82 -54.75
C PRO C 202 -20.93 -29.11 -54.19
N VAL C 203 -22.27 -29.20 -54.28
CA VAL C 203 -22.99 -30.31 -53.68
C VAL C 203 -22.84 -31.54 -54.58
N ASN C 204 -22.98 -32.73 -53.98
CA ASN C 204 -22.88 -34.03 -54.64
C ASN C 204 -21.51 -34.22 -55.28
N ALA C 205 -20.48 -33.69 -54.64
CA ALA C 205 -19.14 -33.68 -55.20
C ALA C 205 -18.45 -35.02 -54.98
N GLY C 206 -17.13 -35.02 -55.20
CA GLY C 206 -16.35 -36.21 -54.92
C GLY C 206 -16.29 -36.52 -53.44
N HIS C 207 -16.29 -35.49 -52.61
CA HIS C 207 -16.40 -35.60 -51.16
C HIS C 207 -17.33 -34.49 -50.67
N ALA C 208 -17.48 -34.39 -49.36
CA ALA C 208 -18.39 -33.43 -48.75
C ALA C 208 -17.62 -32.63 -47.70
N THR C 209 -17.31 -31.37 -48.01
CA THR C 209 -16.64 -30.52 -47.05
C THR C 209 -17.62 -30.08 -45.97
N ARG C 210 -17.14 -30.02 -44.73
CA ARG C 210 -17.97 -29.74 -43.59
C ARG C 210 -17.77 -28.31 -43.10
N PHE C 211 -18.85 -27.73 -42.58
CA PHE C 211 -19.00 -26.32 -42.27
C PHE C 211 -19.54 -26.17 -40.87
N ASN C 212 -19.12 -25.13 -40.16
CA ASN C 212 -19.55 -24.93 -38.77
C ASN C 212 -19.80 -23.45 -38.54
N VAL C 213 -21.04 -23.08 -38.29
CA VAL C 213 -21.42 -21.68 -38.07
C VAL C 213 -21.41 -21.45 -36.57
N VAL C 214 -20.54 -20.57 -36.10
CA VAL C 214 -20.43 -20.36 -34.67
C VAL C 214 -21.41 -19.27 -34.24
N LYS C 215 -22.01 -19.45 -33.07
CA LYS C 215 -23.05 -18.56 -32.58
C LYS C 215 -22.61 -17.72 -31.40
N ASP C 216 -21.98 -18.32 -30.41
CA ASP C 216 -21.53 -17.62 -29.21
C ASP C 216 -20.04 -17.84 -29.06
N ILE C 217 -19.38 -16.94 -28.33
CA ILE C 217 -17.98 -17.13 -28.02
C ILE C 217 -17.83 -18.19 -26.94
N SER C 218 -16.66 -18.80 -26.90
CA SER C 218 -16.32 -19.85 -25.97
C SER C 218 -15.14 -19.39 -25.11
N THR C 219 -14.67 -20.29 -24.26
CA THR C 219 -13.42 -20.12 -23.54
C THR C 219 -12.69 -21.45 -23.59
N VAL C 220 -11.43 -21.43 -24.00
CA VAL C 220 -10.67 -22.64 -24.29
C VAL C 220 -9.39 -22.58 -23.48
N LEU C 221 -9.00 -23.73 -22.94
CA LEU C 221 -7.70 -23.89 -22.29
C LEU C 221 -6.76 -24.54 -23.30
N VAL C 222 -5.72 -23.83 -23.71
CA VAL C 222 -4.80 -24.33 -24.71
C VAL C 222 -3.43 -24.50 -24.09
N GLU C 223 -2.63 -25.37 -24.68
CA GLU C 223 -1.23 -25.56 -24.30
C GLU C 223 -0.37 -25.49 -25.55
N THR C 224 0.62 -24.61 -25.53
CA THR C 224 1.50 -24.37 -26.66
C THR C 224 2.79 -25.17 -26.52
N ASN C 225 3.42 -25.44 -27.65
CA ASN C 225 4.63 -26.24 -27.68
C ASN C 225 5.86 -25.35 -27.61
N SER C 226 7.00 -25.93 -28.02
CA SER C 226 8.29 -25.23 -28.05
C SER C 226 8.24 -23.90 -28.78
N GLY C 227 7.75 -23.90 -30.01
CA GLY C 227 7.71 -22.71 -30.84
C GLY C 227 6.46 -21.89 -30.77
N GLY C 228 5.45 -22.29 -30.00
CA GLY C 228 4.25 -21.50 -29.86
C GLY C 228 3.02 -22.08 -30.51
N SER C 229 3.04 -23.33 -30.92
CA SER C 229 1.92 -23.95 -31.60
C SER C 229 1.10 -24.75 -30.60
N VAL C 230 -0.21 -24.58 -30.66
CA VAL C 230 -1.12 -25.28 -29.79
C VAL C 230 -1.19 -26.75 -30.18
N PHE C 231 -1.12 -27.63 -29.19
CA PHE C 231 -1.24 -29.07 -29.46
C PHE C 231 -2.19 -29.78 -28.52
N ARG C 232 -2.79 -29.08 -27.55
CA ARG C 232 -3.82 -29.64 -26.68
C ARG C 232 -4.84 -28.54 -26.44
N TYR C 233 -6.11 -28.92 -26.36
CA TYR C 233 -7.14 -27.96 -26.00
C TYR C 233 -8.21 -28.64 -25.17
N SER C 234 -8.97 -27.84 -24.42
CA SER C 234 -10.20 -28.31 -23.79
C SER C 234 -11.11 -27.11 -23.64
N TYR C 235 -12.35 -27.24 -24.08
CA TYR C 235 -13.26 -26.10 -23.95
C TYR C 235 -13.81 -26.10 -22.54
N CYS C 236 -14.01 -24.91 -21.97
CA CYS C 236 -14.24 -24.83 -20.53
C CYS C 236 -15.66 -25.23 -20.15
N ALA C 237 -16.60 -25.18 -21.08
CA ALA C 237 -18.00 -25.41 -20.77
C ALA C 237 -18.49 -26.77 -21.26
N ASP C 238 -17.59 -27.69 -21.54
CA ASP C 238 -17.97 -29.01 -22.04
C ASP C 238 -17.94 -30.09 -20.97
N GLY C 239 -18.19 -29.71 -19.73
CA GLY C 239 -18.19 -30.68 -18.65
C GLY C 239 -17.82 -30.02 -17.34
N PHE C 240 -17.72 -30.84 -16.31
CA PHE C 240 -17.39 -30.37 -14.97
C PHE C 240 -15.88 -30.26 -14.77
N VAL C 241 -15.14 -31.27 -15.21
CA VAL C 241 -13.69 -31.29 -15.05
C VAL C 241 -13.04 -30.23 -15.91
N ASN C 242 -13.62 -29.95 -17.08
CA ASN C 242 -13.09 -28.95 -17.99
C ASN C 242 -13.18 -27.56 -17.40
N GLY C 243 -14.17 -27.31 -16.55
CA GLY C 243 -14.27 -26.02 -15.90
C GLY C 243 -13.30 -25.89 -14.75
N LEU C 244 -12.96 -27.01 -14.12
CA LEU C 244 -11.94 -26.99 -13.09
C LEU C 244 -10.56 -26.85 -13.71
N GLN C 245 -10.39 -27.33 -14.94
CA GLN C 245 -9.13 -27.16 -15.66
C GLN C 245 -8.89 -25.70 -16.00
N CYS C 246 -9.92 -24.98 -16.43
CA CYS C 246 -9.72 -23.59 -16.82
C CYS C 246 -9.55 -22.69 -15.62
N LYS C 247 -10.00 -23.12 -14.45
CA LYS C 247 -9.73 -22.35 -13.24
C LYS C 247 -8.31 -22.60 -12.75
N LEU C 248 -7.82 -23.83 -12.90
CA LEU C 248 -6.52 -24.21 -12.40
C LEU C 248 -5.41 -24.11 -13.43
N ARG C 249 -5.76 -23.97 -14.72
CA ARG C 249 -4.82 -23.86 -15.83
C ARG C 249 -3.91 -25.08 -15.93
N LEU C 250 -4.53 -26.26 -15.84
CA LEU C 250 -3.84 -27.53 -15.95
C LEU C 250 -4.67 -28.47 -16.79
N PHE C 251 -4.04 -29.50 -17.30
CA PHE C 251 -4.74 -30.55 -18.03
C PHE C 251 -4.83 -31.85 -17.24
N ASP C 252 -3.81 -32.16 -16.45
CA ASP C 252 -3.82 -33.31 -15.57
C ASP C 252 -3.83 -32.82 -14.12
N ILE C 253 -5.02 -32.77 -13.54
CA ILE C 253 -5.20 -32.19 -12.21
C ILE C 253 -4.79 -33.21 -11.16
N PRO C 254 -3.87 -32.88 -10.26
CA PRO C 254 -3.48 -33.82 -9.21
C PRO C 254 -4.51 -33.81 -8.09
N PRO C 255 -4.54 -34.83 -7.23
CA PRO C 255 -5.54 -34.87 -6.16
C PRO C 255 -5.31 -33.77 -5.13
N GLY C 256 -6.40 -33.11 -4.75
CA GLY C 256 -6.29 -32.01 -3.81
C GLY C 256 -7.65 -31.48 -3.46
N VAL C 257 -7.67 -30.32 -2.83
CA VAL C 257 -8.90 -29.63 -2.46
C VAL C 257 -8.85 -28.26 -3.11
N TYR C 258 -9.82 -27.97 -3.97
CA TYR C 258 -9.77 -26.82 -4.85
C TYR C 258 -11.00 -25.96 -4.57
N SER C 259 -10.78 -24.72 -4.16
CA SER C 259 -11.81 -23.96 -3.49
C SER C 259 -12.40 -22.87 -4.36
N ASN C 260 -13.59 -22.43 -3.92
CA ASN C 260 -14.28 -21.22 -4.39
C ASN C 260 -14.61 -21.29 -5.88
N SER C 261 -15.08 -22.45 -6.34
CA SER C 261 -15.68 -22.52 -7.66
C SER C 261 -17.11 -22.02 -7.57
N GLU C 262 -17.53 -21.25 -8.55
CA GLU C 262 -18.79 -20.53 -8.43
C GLU C 262 -19.84 -20.99 -9.43
N VAL C 263 -21.06 -20.51 -9.22
CA VAL C 263 -22.27 -20.93 -9.91
C VAL C 263 -22.93 -19.71 -10.51
N GLU C 264 -23.34 -19.81 -11.78
CA GLU C 264 -23.99 -18.70 -12.46
C GLU C 264 -25.48 -18.64 -12.19
N TYR C 265 -26.04 -17.44 -12.32
CA TYR C 265 -27.44 -17.18 -12.03
C TYR C 265 -27.94 -16.12 -13.00
N PRO C 266 -29.29 -16.03 -13.21
CA PRO C 266 -29.82 -15.03 -14.16
C PRO C 266 -29.64 -13.57 -13.77
N THR C 267 -30.12 -12.66 -14.60
CA THR C 267 -30.00 -11.22 -14.41
C THR C 267 -31.37 -10.55 -14.55
N ALA C 268 -31.68 -9.66 -13.61
CA ALA C 268 -32.94 -8.90 -13.64
C ALA C 268 -32.62 -7.43 -13.42
N LEU C 269 -32.82 -6.61 -14.44
CA LEU C 269 -32.52 -5.17 -14.38
C LEU C 269 -33.80 -4.36 -14.25
N TYR C 270 -33.91 -3.60 -13.16
CA TYR C 270 -35.05 -2.72 -12.93
C TYR C 270 -34.55 -1.28 -12.93
N THR C 271 -35.03 -0.49 -13.87
CA THR C 271 -34.72 0.94 -13.85
C THR C 271 -35.69 1.68 -12.95
N VAL C 272 -36.96 1.26 -12.94
CA VAL C 272 -37.99 1.81 -12.07
C VAL C 272 -38.76 0.64 -11.47
N VAL C 273 -39.29 0.85 -10.28
CA VAL C 273 -39.85 -0.24 -9.49
C VAL C 273 -41.36 -0.17 -9.40
N HIS C 274 -41.98 0.82 -10.05
CA HIS C 274 -43.43 0.97 -10.02
C HIS C 274 -43.94 1.10 -11.44
N ASN C 275 -45.21 0.72 -11.64
CA ASN C 275 -45.80 0.83 -12.96
C ASN C 275 -46.14 2.29 -13.29
N MET C 276 -46.36 2.54 -14.56
CA MET C 276 -46.51 3.87 -15.09
C MET C 276 -47.76 3.94 -15.96
N SER C 277 -47.96 5.10 -16.58
CA SER C 277 -49.04 5.31 -17.53
C SER C 277 -48.51 5.22 -18.95
N ALA C 278 -49.35 5.57 -19.92
CA ALA C 278 -48.93 5.58 -21.31
C ALA C 278 -48.52 6.99 -21.75
N CYS C 279 -47.62 7.04 -22.73
CA CYS C 279 -47.11 8.31 -23.21
C CYS C 279 -48.10 9.00 -24.15
N PRO C 280 -47.94 10.30 -24.37
CA PRO C 280 -48.64 10.96 -25.48
C PRO C 280 -48.07 10.54 -26.83
N GLU C 281 -48.74 11.00 -27.88
CA GLU C 281 -48.38 10.67 -29.25
C GLU C 281 -47.48 11.75 -29.83
N ARG C 282 -47.27 11.72 -31.14
CA ARG C 282 -46.58 12.83 -31.77
C ARG C 282 -47.61 13.78 -32.39
N PRO C 283 -47.30 15.08 -32.50
CA PRO C 283 -48.28 16.05 -33.00
C PRO C 283 -48.38 16.20 -34.51
N ASP C 284 -47.90 15.23 -35.30
CA ASP C 284 -48.09 15.08 -36.75
C ASP C 284 -47.33 16.09 -37.61
N SER C 285 -46.82 17.16 -37.00
CA SER C 285 -46.02 18.21 -37.65
C SER C 285 -46.73 18.83 -38.85
N TYR C 286 -48.05 18.96 -38.76
CA TYR C 286 -48.85 19.64 -39.78
C TYR C 286 -49.55 20.85 -39.17
N CYS C 287 -49.59 21.94 -39.93
CA CYS C 287 -50.14 23.20 -39.45
C CYS C 287 -51.37 23.57 -40.26
N GLY C 288 -52.25 24.39 -39.66
CA GLY C 288 -53.55 24.64 -40.27
C GLY C 288 -53.53 25.67 -41.38
N SER C 289 -53.22 26.92 -41.06
CA SER C 289 -53.42 27.99 -42.04
C SER C 289 -52.24 28.12 -43.00
N ASN C 290 -51.11 28.61 -42.51
CA ASN C 290 -49.89 28.68 -43.34
C ASN C 290 -48.68 28.18 -42.58
N SER C 291 -48.57 28.58 -41.31
CA SER C 291 -47.41 28.32 -40.46
C SER C 291 -47.78 28.72 -39.03
N CYS C 292 -47.52 27.83 -38.09
CA CYS C 292 -47.85 28.01 -36.68
C CYS C 292 -46.73 27.38 -35.86
N PRO C 293 -46.60 27.76 -34.57
CA PRO C 293 -45.60 27.09 -33.72
C PRO C 293 -45.89 25.62 -33.53
N PHE C 294 -44.88 24.80 -33.82
CA PHE C 294 -45.02 23.35 -33.83
C PHE C 294 -45.26 22.83 -32.42
N LYS C 295 -46.21 21.92 -32.30
CA LYS C 295 -46.66 21.45 -31.00
C LYS C 295 -45.61 20.49 -30.45
N ARG C 296 -45.38 20.57 -29.15
CA ARG C 296 -44.39 19.77 -28.47
C ARG C 296 -45.08 18.74 -27.58
N ALA C 297 -44.30 17.78 -27.10
CA ALA C 297 -44.79 16.79 -26.15
C ALA C 297 -43.71 16.52 -25.10
N VAL C 298 -44.12 16.46 -23.84
CA VAL C 298 -43.24 16.11 -22.73
C VAL C 298 -43.41 14.62 -22.45
N PHE C 299 -42.30 13.88 -22.55
CA PHE C 299 -42.25 12.45 -22.28
C PHE C 299 -41.52 12.23 -20.96
N SER C 300 -42.25 11.75 -19.95
CA SER C 300 -41.67 11.42 -18.66
C SER C 300 -42.59 10.47 -17.93
N ASN C 301 -42.00 9.42 -17.33
CA ASN C 301 -42.70 8.45 -16.47
C ASN C 301 -43.83 7.73 -17.21
N CYS C 302 -43.55 7.31 -18.45
CA CYS C 302 -44.56 6.68 -19.28
C CYS C 302 -43.90 5.66 -20.19
N ILE C 303 -44.70 5.08 -21.08
CA ILE C 303 -44.36 3.89 -21.85
C ILE C 303 -44.47 4.26 -23.33
N VAL C 304 -43.34 4.49 -23.99
CA VAL C 304 -43.39 4.75 -25.41
C VAL C 304 -43.70 3.44 -26.14
N ASN C 305 -44.32 3.54 -27.31
CA ASN C 305 -44.86 2.36 -27.98
C ASN C 305 -44.18 2.21 -29.34
N TYR C 306 -44.37 1.03 -29.93
CA TYR C 306 -43.54 0.64 -31.08
C TYR C 306 -44.00 1.35 -32.33
N THR C 307 -43.06 2.12 -32.92
CA THR C 307 -43.14 2.66 -34.29
C THR C 307 -44.40 3.48 -34.55
N THR C 308 -44.96 4.04 -33.48
CA THR C 308 -46.13 4.88 -33.56
C THR C 308 -45.73 6.34 -33.70
N TRP C 309 -44.53 6.59 -34.21
CA TRP C 309 -44.11 7.91 -34.62
C TRP C 309 -43.91 8.01 -36.13
N VAL C 310 -44.24 6.97 -36.87
CA VAL C 310 -44.16 6.97 -38.33
C VAL C 310 -45.49 6.52 -38.91
N ASN C 311 -45.63 6.71 -40.21
CA ASN C 311 -46.82 6.24 -40.91
C ASN C 311 -46.75 4.73 -41.09
N PRO C 312 -47.89 4.04 -41.09
CA PRO C 312 -47.88 2.56 -41.11
C PRO C 312 -47.37 1.92 -42.41
N ASP C 313 -47.02 2.69 -43.43
CA ASP C 313 -46.38 2.12 -44.60
C ASP C 313 -44.92 1.79 -44.30
N GLN C 314 -44.46 0.64 -44.81
CA GLN C 314 -43.17 0.07 -44.43
C GLN C 314 -42.18 0.19 -45.58
N ARG C 315 -42.19 1.35 -46.26
CA ARG C 315 -41.19 1.65 -47.28
C ARG C 315 -40.49 2.96 -46.95
N ASP C 316 -41.23 3.91 -46.39
CA ASP C 316 -40.72 5.27 -46.27
C ASP C 316 -39.72 5.39 -45.12
N PHE C 317 -40.07 4.89 -43.92
CA PHE C 317 -39.24 5.17 -42.75
C PHE C 317 -37.99 4.33 -42.67
N GLN C 318 -37.71 3.50 -43.67
CA GLN C 318 -36.72 2.44 -43.51
C GLN C 318 -35.27 2.90 -43.58
N HIS C 319 -35.05 4.21 -43.70
CA HIS C 319 -33.70 4.74 -43.57
C HIS C 319 -33.24 4.83 -42.12
N LEU C 320 -34.15 4.63 -41.16
CA LEU C 320 -33.80 4.55 -39.74
C LEU C 320 -33.72 3.10 -39.27
N ILE C 321 -33.46 2.17 -40.17
CA ILE C 321 -33.33 0.76 -39.84
C ILE C 321 -31.85 0.39 -39.85
N LEU C 322 -31.42 -0.31 -38.80
CA LEU C 322 -30.02 -0.68 -38.62
C LEU C 322 -29.78 -2.18 -38.81
N SER C 323 -30.54 -3.00 -38.08
CA SER C 323 -30.31 -4.43 -37.92
C SER C 323 -31.65 -5.07 -37.59
N ASN C 324 -31.62 -6.29 -37.03
CA ASN C 324 -32.86 -6.91 -36.55
C ASN C 324 -33.48 -6.11 -35.42
N GLY C 325 -32.65 -5.52 -34.56
CA GLY C 325 -33.10 -4.48 -33.68
C GLY C 325 -33.04 -3.16 -34.42
N LYS C 326 -34.21 -2.63 -34.79
CA LYS C 326 -34.29 -1.58 -35.79
C LYS C 326 -35.13 -0.38 -35.35
N PHE C 327 -35.66 -0.38 -34.14
CA PHE C 327 -36.59 0.65 -33.68
C PHE C 327 -35.78 1.81 -33.12
N ASN C 328 -35.13 2.56 -34.00
CA ASN C 328 -34.19 3.61 -33.57
C ASN C 328 -34.60 4.95 -34.19
N PRO C 329 -35.16 5.85 -33.41
CA PRO C 329 -35.66 7.11 -33.98
C PRO C 329 -34.64 8.23 -34.07
N PHE C 330 -33.36 7.94 -33.93
CA PHE C 330 -32.33 8.98 -33.92
C PHE C 330 -31.29 8.68 -34.98
N THR C 331 -30.67 9.75 -35.49
CA THR C 331 -29.71 9.65 -36.58
C THR C 331 -28.31 10.04 -36.15
N GLU C 332 -28.11 11.24 -35.63
CA GLU C 332 -26.83 11.67 -35.09
C GLU C 332 -27.07 12.27 -33.71
N CYS C 333 -26.30 11.82 -32.73
CA CYS C 333 -26.61 12.09 -31.33
C CYS C 333 -25.49 12.90 -30.70
N ASN C 334 -25.87 13.77 -29.77
CA ASN C 334 -24.94 14.71 -29.16
C ASN C 334 -25.36 14.90 -27.71
N GLY C 335 -24.52 14.46 -26.77
CA GLY C 335 -23.33 13.68 -27.02
C GLY C 335 -23.50 12.30 -26.45
N LEU C 336 -24.77 11.97 -26.14
CA LEU C 336 -25.15 10.71 -25.56
C LEU C 336 -24.99 9.58 -26.58
N ASN C 337 -25.04 8.34 -26.08
CA ASN C 337 -24.82 7.18 -26.93
C ASN C 337 -26.07 6.92 -27.78
N ARG C 338 -25.86 6.73 -29.08
CA ARG C 338 -26.91 6.94 -30.08
C ARG C 338 -28.01 5.89 -30.02
N ILE C 339 -27.66 4.62 -29.80
CA ILE C 339 -28.65 3.56 -29.85
C ILE C 339 -29.56 3.64 -28.64
N VAL C 340 -30.87 3.58 -28.88
CA VAL C 340 -31.85 3.60 -27.81
C VAL C 340 -32.39 2.20 -27.61
N ASP C 341 -31.92 1.55 -26.56
CA ASP C 341 -32.43 0.24 -26.16
C ASP C 341 -32.64 0.27 -24.65
N GLY C 342 -33.87 0.03 -24.21
CA GLY C 342 -34.13 0.04 -22.78
C GLY C 342 -34.87 1.27 -22.28
N CYS C 343 -34.15 2.21 -21.69
CA CYS C 343 -34.74 3.40 -21.08
C CYS C 343 -33.89 4.63 -21.37
N VAL C 344 -34.55 5.78 -21.40
CA VAL C 344 -33.93 7.08 -21.68
C VAL C 344 -34.44 8.09 -20.65
N PRO C 345 -33.67 9.13 -20.35
CA PRO C 345 -33.95 9.92 -19.13
C PRO C 345 -35.12 10.88 -19.20
N GLY C 346 -36.02 10.82 -20.17
CA GLY C 346 -37.18 11.70 -20.06
C GLY C 346 -37.12 13.03 -20.81
N PHE C 347 -36.92 12.94 -22.11
CA PHE C 347 -36.77 14.10 -22.99
C PHE C 347 -38.05 14.90 -23.15
N VAL C 348 -37.93 16.04 -23.83
CA VAL C 348 -39.06 16.76 -24.41
C VAL C 348 -38.88 16.75 -25.93
N LEU C 349 -39.97 16.53 -26.64
CA LEU C 349 -39.94 16.25 -28.08
C LEU C 349 -40.63 17.37 -28.86
N ARG C 350 -39.94 17.91 -29.86
CA ARG C 350 -40.57 18.83 -30.80
C ARG C 350 -40.37 18.31 -32.22
N VAL C 351 -41.39 18.45 -33.04
CA VAL C 351 -41.44 17.85 -34.36
C VAL C 351 -41.43 18.95 -35.41
N GLY C 352 -41.33 18.54 -36.67
CA GLY C 352 -41.29 19.51 -37.75
C GLY C 352 -41.43 18.83 -39.09
N ARG C 353 -41.39 19.65 -40.14
CA ARG C 353 -41.70 19.20 -41.49
C ARG C 353 -41.08 20.18 -42.49
N GLY C 354 -40.55 19.64 -43.58
CA GLY C 354 -39.96 20.47 -44.61
C GLY C 354 -39.97 19.75 -45.95
N LYS C 355 -39.84 20.53 -47.02
CA LYS C 355 -39.76 19.99 -48.36
C LYS C 355 -38.38 19.36 -48.59
N ALA C 356 -38.36 18.24 -49.31
CA ALA C 356 -37.13 17.50 -49.57
C ALA C 356 -36.69 17.72 -51.00
N VAL C 357 -35.57 18.42 -51.18
CA VAL C 357 -34.92 18.59 -52.47
C VAL C 357 -33.59 17.88 -52.34
N ASN C 358 -33.08 17.36 -53.47
CA ASN C 358 -31.77 16.71 -53.70
C ASN C 358 -31.76 15.29 -53.12
N ARG C 359 -32.86 14.85 -52.48
CA ARG C 359 -33.00 13.59 -51.74
C ARG C 359 -31.95 13.44 -50.64
N THR C 360 -31.44 14.56 -50.13
CA THR C 360 -30.39 14.59 -49.11
C THR C 360 -30.86 15.47 -47.96
N ILE C 361 -30.82 14.94 -46.75
CA ILE C 361 -31.38 15.61 -45.58
C ILE C 361 -30.26 16.02 -44.64
N VAL C 362 -30.23 17.31 -44.31
CA VAL C 362 -29.09 17.94 -43.66
C VAL C 362 -29.21 17.80 -42.14
N THR C 363 -28.08 18.01 -41.45
CA THR C 363 -28.01 17.89 -40.01
C THR C 363 -27.88 19.27 -39.40
N PRO C 364 -28.87 19.75 -38.64
CA PRO C 364 -28.65 20.97 -37.84
C PRO C 364 -27.70 20.68 -36.69
N TYR C 365 -26.97 21.71 -36.28
CA TYR C 365 -26.04 21.57 -35.18
C TYR C 365 -26.79 21.33 -33.87
N LEU C 366 -26.18 20.57 -32.98
CA LEU C 366 -26.82 20.08 -31.78
C LEU C 366 -26.07 20.58 -30.56
N LYS C 367 -26.79 21.12 -29.60
CA LYS C 367 -26.30 21.22 -28.25
C LYS C 367 -26.25 19.81 -27.67
N PRO C 368 -25.37 19.53 -26.69
CA PRO C 368 -25.44 18.26 -25.98
C PRO C 368 -26.79 17.99 -25.34
N TYR C 369 -27.10 16.70 -25.19
CA TYR C 369 -28.42 16.17 -24.81
C TYR C 369 -29.51 16.61 -25.77
N GLU C 370 -29.17 16.72 -27.06
CA GLU C 370 -30.14 16.92 -28.14
C GLU C 370 -29.78 15.97 -29.27
N CYS C 371 -30.67 15.02 -29.54
CA CYS C 371 -30.42 14.06 -30.61
C CYS C 371 -31.69 13.97 -31.45
N PHE C 372 -31.52 13.84 -32.77
CA PHE C 372 -32.66 13.97 -33.66
C PHE C 372 -32.60 12.90 -34.74
N GLY C 373 -33.75 12.68 -35.36
CA GLY C 373 -33.85 11.87 -36.56
C GLY C 373 -34.79 12.50 -37.56
N TRP C 374 -35.15 11.78 -38.63
CA TRP C 374 -36.15 12.23 -39.58
C TRP C 374 -36.74 11.02 -40.27
N SER C 375 -38.05 11.05 -40.50
CA SER C 375 -38.76 10.03 -41.26
C SER C 375 -39.31 10.65 -42.53
N TRP C 376 -40.08 9.89 -43.29
CA TRP C 376 -40.82 10.43 -44.42
C TRP C 376 -42.31 10.48 -44.10
N ASN C 377 -42.91 11.66 -44.28
CA ASN C 377 -44.35 11.74 -44.41
C ASN C 377 -44.82 10.93 -45.62
N ASP C 378 -44.27 11.27 -46.79
CA ASP C 378 -44.52 10.53 -48.00
C ASP C 378 -43.29 10.62 -48.91
N ASN C 379 -42.85 9.47 -49.40
CA ASN C 379 -41.53 9.37 -50.02
C ASN C 379 -41.54 9.72 -51.50
N GLN C 380 -42.60 9.35 -52.22
CA GLN C 380 -42.64 9.67 -53.65
C GLN C 380 -42.96 11.13 -53.88
N ASP C 381 -43.49 11.82 -52.87
CA ASP C 381 -43.71 13.26 -52.97
C ASP C 381 -42.55 14.04 -52.36
N SER C 382 -41.67 13.37 -51.62
CA SER C 382 -40.49 13.93 -50.96
C SER C 382 -40.85 15.06 -49.98
N ILE C 383 -41.59 14.68 -48.95
CA ILE C 383 -41.80 15.52 -47.77
C ILE C 383 -41.44 14.69 -46.55
N TYR C 384 -40.50 15.19 -45.76
CA TYR C 384 -39.97 14.48 -44.62
C TYR C 384 -40.42 15.17 -43.34
N ASP C 385 -40.81 14.38 -42.33
CA ASP C 385 -41.01 14.88 -40.99
C ASP C 385 -39.88 14.42 -40.07
N TRP C 386 -39.58 15.23 -39.07
CA TRP C 386 -38.46 15.00 -38.20
C TRP C 386 -38.89 15.28 -36.76
N TRP C 387 -37.99 14.95 -35.83
CA TRP C 387 -38.20 15.21 -34.42
C TRP C 387 -36.86 15.20 -33.71
N ILE C 388 -36.69 16.14 -32.78
CA ILE C 388 -35.50 16.21 -31.94
C ILE C 388 -35.93 16.05 -30.49
N ALA C 389 -35.16 15.26 -29.73
CA ALA C 389 -35.42 15.02 -28.33
C ALA C 389 -34.43 15.80 -27.48
N ASP C 390 -34.95 16.56 -26.51
CA ASP C 390 -34.15 17.40 -25.63
C ASP C 390 -34.30 16.82 -24.23
N PHE C 391 -33.26 16.12 -23.76
CA PHE C 391 -33.31 15.50 -22.44
C PHE C 391 -33.14 16.56 -21.36
N VAL C 392 -34.26 17.12 -20.90
CA VAL C 392 -34.22 18.23 -19.96
C VAL C 392 -33.82 17.75 -18.56
N SER C 393 -34.15 16.52 -18.20
CA SER C 393 -33.83 16.00 -16.89
C SER C 393 -33.10 14.69 -17.05
N THR C 394 -32.24 14.38 -16.10
CA THR C 394 -31.72 13.04 -15.95
C THR C 394 -32.50 12.34 -14.85
N GLY C 395 -33.05 11.18 -15.19
CA GLY C 395 -33.79 10.40 -14.22
C GLY C 395 -35.29 10.57 -14.21
N ALA C 396 -35.91 10.78 -15.36
CA ALA C 396 -37.36 10.70 -15.44
C ALA C 396 -37.84 9.33 -15.88
N PHE C 397 -37.05 8.67 -16.73
CA PHE C 397 -37.15 7.24 -17.04
C PHE C 397 -38.48 6.89 -17.70
N VAL C 398 -38.61 7.34 -18.95
CA VAL C 398 -39.58 6.74 -19.87
C VAL C 398 -39.07 5.37 -20.29
N CYS C 399 -39.92 4.35 -20.10
CA CYS C 399 -39.53 2.96 -20.28
C CYS C 399 -40.69 2.16 -20.84
N GLU C 400 -40.39 1.31 -21.83
CA GLU C 400 -41.38 0.36 -22.31
C GLU C 400 -41.60 -0.72 -21.25
N SER C 401 -42.82 -1.28 -21.25
CA SER C 401 -43.14 -2.56 -20.61
C SER C 401 -42.88 -2.53 -19.10
N ASN C 402 -43.82 -1.90 -18.36
CA ASN C 402 -43.86 -1.79 -16.91
C ASN C 402 -43.41 -3.06 -16.20
N PRO C 403 -42.54 -2.94 -15.18
CA PRO C 403 -41.92 -4.13 -14.61
C PRO C 403 -42.90 -4.95 -13.78
N GLU C 404 -42.59 -6.22 -13.65
CA GLU C 404 -43.48 -7.21 -13.07
C GLU C 404 -42.84 -7.85 -11.84
N ALA C 405 -43.66 -8.55 -11.08
CA ALA C 405 -43.27 -9.07 -9.77
C ALA C 405 -42.18 -10.12 -9.95
N PRO C 406 -41.12 -10.07 -9.16
CA PRO C 406 -39.98 -10.97 -9.36
C PRO C 406 -40.30 -12.36 -8.79
N LYS C 407 -39.39 -13.28 -9.07
CA LYS C 407 -39.57 -14.68 -8.69
C LYS C 407 -38.92 -14.90 -7.33
N THR C 408 -39.72 -15.28 -6.35
CA THR C 408 -39.25 -15.41 -4.98
C THR C 408 -38.78 -16.83 -4.72
N GLY C 409 -37.48 -17.01 -4.53
CA GLY C 409 -36.94 -18.30 -4.17
C GLY C 409 -35.93 -18.83 -5.15
N VAL C 410 -35.21 -17.93 -5.83
CA VAL C 410 -34.15 -18.34 -6.74
C VAL C 410 -33.08 -17.25 -6.71
N CYS C 411 -31.83 -17.67 -6.70
CA CYS C 411 -30.74 -16.70 -6.73
C CYS C 411 -30.63 -16.11 -8.13
N VAL C 412 -30.46 -14.79 -8.18
CA VAL C 412 -30.43 -14.01 -9.41
C VAL C 412 -29.78 -12.67 -9.07
N THR C 413 -28.90 -12.18 -9.94
CA THR C 413 -28.25 -10.91 -9.68
C THR C 413 -29.17 -9.76 -10.12
N TYR C 414 -29.83 -9.13 -9.15
CA TYR C 414 -30.73 -8.03 -9.45
C TYR C 414 -29.96 -6.76 -9.74
N THR C 415 -30.70 -5.77 -10.23
CA THR C 415 -30.20 -4.40 -10.33
C THR C 415 -31.38 -3.48 -10.15
N VAL C 416 -31.52 -2.93 -8.94
CA VAL C 416 -32.68 -2.16 -8.54
C VAL C 416 -32.20 -0.80 -8.10
N GLU C 417 -32.51 0.24 -8.89
CA GLU C 417 -32.25 1.65 -8.58
C GLU C 417 -30.76 1.91 -8.35
N LYS C 418 -29.99 1.75 -9.43
CA LYS C 418 -28.54 1.98 -9.52
C LYS C 418 -27.70 1.09 -8.61
N VAL C 419 -28.28 0.08 -7.96
CA VAL C 419 -27.59 -0.76 -7.01
C VAL C 419 -27.76 -2.21 -7.46
N THR C 420 -26.69 -2.81 -7.97
CA THR C 420 -26.73 -4.20 -8.35
C THR C 420 -26.28 -5.10 -7.20
N PHE C 421 -26.96 -6.22 -7.04
CA PHE C 421 -26.75 -7.12 -5.91
C PHE C 421 -27.25 -8.50 -6.30
N GLN C 422 -26.88 -9.50 -5.51
CA GLN C 422 -27.21 -10.88 -5.81
C GLN C 422 -27.86 -11.54 -4.60
N GLY C 423 -28.93 -12.28 -4.83
CA GLY C 423 -29.53 -13.04 -3.74
C GLY C 423 -30.89 -13.56 -4.13
N VAL C 424 -31.62 -14.02 -3.12
CA VAL C 424 -33.00 -14.46 -3.31
C VAL C 424 -33.91 -13.48 -2.60
N LEU C 425 -35.19 -13.51 -2.94
CA LEU C 425 -36.18 -12.65 -2.33
C LEU C 425 -37.31 -13.48 -1.75
N TYR C 426 -38.00 -12.92 -0.77
CA TYR C 426 -39.16 -13.55 -0.17
C TYR C 426 -40.13 -12.47 0.26
N GLU C 427 -41.41 -12.81 0.34
CA GLU C 427 -42.41 -11.86 0.80
C GLU C 427 -42.23 -11.57 2.28
N SER C 428 -42.38 -10.31 2.66
CA SER C 428 -42.25 -9.90 4.05
C SER C 428 -43.45 -9.07 4.49
N ASN C 429 -43.68 -9.05 5.80
CA ASN C 429 -44.62 -8.11 6.41
C ASN C 429 -43.89 -6.95 7.07
N PHE C 430 -42.72 -6.60 6.56
CA PHE C 430 -41.96 -5.50 7.11
C PHE C 430 -42.23 -4.26 6.28
N THR C 431 -42.52 -3.15 6.96
CA THR C 431 -42.84 -1.89 6.31
C THR C 431 -41.84 -0.84 6.75
N PHE C 432 -41.32 -0.08 5.78
CA PHE C 432 -40.38 0.99 6.08
C PHE C 432 -40.79 2.23 5.31
N ALA C 433 -39.94 3.26 5.38
CA ALA C 433 -40.33 4.61 5.02
C ALA C 433 -40.54 4.75 3.52
N GLN C 434 -41.56 5.52 3.15
CA GLN C 434 -41.97 5.68 1.77
C GLN C 434 -40.99 6.53 0.96
N TYR C 435 -40.03 7.21 1.60
CA TYR C 435 -39.02 7.93 0.85
C TYR C 435 -38.09 7.00 0.11
N TYR C 436 -37.97 5.75 0.57
CA TYR C 436 -36.90 4.85 0.18
C TYR C 436 -37.48 3.56 -0.37
N ASN C 437 -36.85 3.05 -1.42
CA ASN C 437 -37.16 1.70 -1.90
C ASN C 437 -36.19 0.65 -1.39
N LEU C 438 -34.92 1.00 -1.26
CA LEU C 438 -33.90 0.13 -0.71
C LEU C 438 -33.79 0.36 0.80
N LEU C 439 -33.30 -0.65 1.52
CA LEU C 439 -33.10 -0.51 2.96
C LEU C 439 -31.82 -1.22 3.39
N TYR C 440 -31.05 -0.57 4.24
CA TYR C 440 -29.77 -1.09 4.72
C TYR C 440 -29.83 -1.31 6.22
N VAL C 441 -29.38 -2.47 6.67
CA VAL C 441 -29.13 -2.72 8.08
C VAL C 441 -27.61 -2.77 8.23
N GLY C 442 -27.04 -1.69 8.72
CA GLY C 442 -25.60 -1.53 8.61
C GLY C 442 -25.19 -1.16 7.20
N SER C 443 -24.53 -2.09 6.51
CA SER C 443 -24.06 -1.84 5.16
C SER C 443 -24.54 -2.89 4.17
N GLN C 444 -25.34 -3.85 4.58
CA GLN C 444 -25.87 -4.86 3.69
C GLN C 444 -27.31 -4.54 3.33
N LEU C 445 -27.67 -4.83 2.09
CA LEU C 445 -29.03 -4.63 1.63
C LEU C 445 -29.93 -5.67 2.25
N ARG C 446 -30.97 -5.23 2.93
CA ARG C 446 -31.84 -6.14 3.66
C ARG C 446 -33.24 -6.23 3.08
N TYR C 447 -33.78 -5.14 2.55
CA TYR C 447 -35.11 -5.12 1.97
C TYR C 447 -35.10 -4.36 0.65
N VAL C 448 -35.91 -4.81 -0.30
CA VAL C 448 -36.25 -4.01 -1.46
C VAL C 448 -37.76 -3.91 -1.53
N ARG C 449 -38.23 -2.89 -2.26
CA ARG C 449 -39.66 -2.63 -2.43
C ARG C 449 -39.93 -2.55 -3.92
N ILE C 450 -40.60 -3.56 -4.47
CA ILE C 450 -40.88 -3.65 -5.90
C ILE C 450 -42.39 -3.74 -6.09
N LEU C 451 -42.94 -2.77 -6.84
CA LEU C 451 -44.37 -2.65 -7.13
C LEU C 451 -45.21 -2.62 -5.86
N GLY C 452 -44.71 -1.95 -4.84
CA GLY C 452 -45.39 -1.85 -3.57
C GLY C 452 -45.26 -3.05 -2.66
N LYS C 453 -44.53 -4.09 -3.06
CA LYS C 453 -44.33 -5.27 -2.25
C LYS C 453 -42.92 -5.25 -1.69
N VAL C 454 -42.78 -5.48 -0.39
CA VAL C 454 -41.49 -5.47 0.28
C VAL C 454 -40.91 -6.88 0.28
N TYR C 455 -39.70 -7.03 -0.24
CA TYR C 455 -39.02 -8.32 -0.28
C TYR C 455 -37.74 -8.28 0.55
N GLU C 456 -37.61 -9.19 1.51
CA GLU C 456 -36.38 -9.31 2.29
C GLU C 456 -35.31 -10.05 1.51
N VAL C 457 -34.15 -9.43 1.36
CA VAL C 457 -33.05 -9.96 0.55
C VAL C 457 -32.26 -10.94 1.42
N SER C 458 -32.04 -12.13 0.88
CA SER C 458 -31.21 -13.13 1.55
C SER C 458 -30.07 -13.47 0.62
N SER C 459 -28.94 -13.85 1.21
CA SER C 459 -27.81 -14.28 0.40
C SER C 459 -28.05 -15.70 -0.07
N CYS C 460 -27.82 -15.94 -1.35
CA CYS C 460 -27.95 -17.29 -1.87
C CYS C 460 -26.72 -18.09 -1.48
N PHE C 461 -26.95 -19.19 -0.76
CA PHE C 461 -25.90 -19.91 -0.06
C PHE C 461 -25.21 -20.95 -0.90
N GLU C 462 -25.64 -21.17 -2.13
CA GLU C 462 -25.06 -22.19 -2.98
C GLU C 462 -24.22 -21.63 -4.09
N ALA C 463 -23.71 -20.41 -3.93
CA ALA C 463 -22.96 -19.79 -5.00
C ALA C 463 -21.52 -20.25 -5.08
N SER C 464 -21.06 -21.06 -4.15
CA SER C 464 -19.64 -21.38 -4.07
C SER C 464 -19.45 -22.76 -3.48
N TYR C 465 -18.46 -23.49 -3.97
CA TYR C 465 -18.22 -24.84 -3.48
C TYR C 465 -16.76 -25.20 -3.63
N ASP C 466 -16.31 -26.16 -2.84
CA ASP C 466 -15.00 -26.75 -3.00
C ASP C 466 -15.14 -28.12 -3.64
N VAL C 467 -14.08 -28.57 -4.30
CA VAL C 467 -14.03 -29.90 -4.89
C VAL C 467 -12.97 -30.69 -4.15
N LEU C 468 -13.36 -31.87 -3.67
CA LEU C 468 -12.45 -32.82 -3.03
C LEU C 468 -12.01 -33.79 -4.11
N TYR C 469 -11.02 -33.38 -4.90
CA TYR C 469 -10.73 -34.02 -6.18
C TYR C 469 -9.80 -35.21 -6.00
N ARG C 470 -10.15 -36.33 -6.60
CA ARG C 470 -9.31 -37.51 -6.64
C ARG C 470 -8.93 -37.95 -8.05
N ASN C 471 -9.90 -38.13 -8.95
CA ASN C 471 -9.62 -38.37 -10.36
C ASN C 471 -10.82 -37.89 -11.18
N ASN C 472 -10.89 -38.33 -12.44
CA ASN C 472 -11.97 -37.91 -13.33
C ASN C 472 -13.33 -38.43 -12.89
N GLN C 473 -13.38 -39.59 -12.27
CA GLN C 473 -14.65 -40.22 -11.95
C GLN C 473 -14.95 -40.28 -10.47
N SER C 474 -14.11 -39.69 -9.64
CA SER C 474 -14.32 -39.69 -8.20
C SER C 474 -13.86 -38.36 -7.63
N PHE C 475 -14.83 -37.54 -7.24
CA PHE C 475 -14.56 -36.31 -6.52
C PHE C 475 -15.72 -36.08 -5.57
N GLY C 476 -15.51 -35.21 -4.59
CA GLY C 476 -16.54 -34.84 -3.66
C GLY C 476 -16.74 -33.33 -3.64
N LEU C 477 -17.92 -32.91 -3.23
CA LEU C 477 -18.28 -31.50 -3.21
C LEU C 477 -18.63 -31.06 -1.80
N LEU C 478 -18.18 -29.85 -1.45
CA LEU C 478 -18.39 -29.27 -0.14
C LEU C 478 -18.86 -27.84 -0.32
N TYR C 479 -20.03 -27.52 0.18
CA TYR C 479 -20.55 -26.17 0.05
C TYR C 479 -20.35 -25.48 1.38
N ARG C 480 -19.30 -24.68 1.50
CA ARG C 480 -18.85 -24.21 2.80
C ARG C 480 -19.79 -23.21 3.45
N SER C 481 -20.72 -22.63 2.71
CA SER C 481 -21.58 -21.61 3.31
C SER C 481 -23.04 -21.97 3.28
N PHE C 482 -23.38 -23.21 2.99
CA PHE C 482 -24.77 -23.63 2.88
C PHE C 482 -25.13 -24.54 4.04
N ASP C 483 -26.30 -24.30 4.62
CA ASP C 483 -26.81 -25.05 5.75
C ASP C 483 -27.91 -25.99 5.25
N CYS C 484 -27.59 -27.27 5.12
CA CYS C 484 -28.54 -28.26 4.61
C CYS C 484 -29.17 -29.09 5.72
N ASN C 485 -29.58 -28.42 6.79
CA ASN C 485 -30.33 -29.06 7.86
C ASN C 485 -31.66 -29.59 7.35
N GLN C 486 -32.34 -28.82 6.52
CA GLN C 486 -33.69 -29.17 6.08
C GLN C 486 -33.83 -29.34 4.58
N LEU C 487 -33.38 -28.37 3.80
CA LEU C 487 -33.74 -28.33 2.39
C LEU C 487 -32.53 -28.27 1.49
N SER C 491 -31.28 -27.75 -7.02
CA SER C 491 -30.62 -29.03 -6.82
C SER C 491 -30.27 -29.71 -8.12
N ALA C 492 -30.71 -29.13 -9.24
CA ALA C 492 -30.48 -29.76 -10.54
C ALA C 492 -29.03 -29.67 -10.99
N ARG C 493 -28.23 -28.81 -10.35
CA ARG C 493 -26.80 -28.74 -10.64
C ARG C 493 -26.08 -30.01 -10.21
N PHE C 494 -26.61 -30.71 -9.20
CA PHE C 494 -25.93 -31.87 -8.65
C PHE C 494 -26.58 -33.18 -9.07
N VAL C 495 -27.79 -33.14 -9.65
CA VAL C 495 -28.41 -34.37 -10.13
C VAL C 495 -27.74 -34.86 -11.40
N ASP C 496 -27.05 -33.97 -12.13
CA ASP C 496 -26.40 -34.35 -13.37
C ASP C 496 -24.88 -34.38 -13.23
N ARG C 497 -24.42 -34.68 -12.02
CA ARG C 497 -23.01 -34.94 -11.74
C ARG C 497 -22.85 -36.22 -10.92
N LEU C 498 -23.76 -36.47 -9.99
CA LEU C 498 -23.60 -37.55 -9.02
C LEU C 498 -24.99 -37.99 -8.57
N LEU C 499 -25.06 -39.15 -7.92
CA LEU C 499 -26.29 -39.92 -7.82
C LEU C 499 -27.40 -39.31 -6.96
N PRO C 500 -27.19 -38.89 -5.67
CA PRO C 500 -28.35 -38.38 -4.92
C PRO C 500 -28.68 -36.93 -5.23
N SER C 501 -29.95 -36.62 -5.44
CA SER C 501 -30.37 -35.22 -5.52
C SER C 501 -30.14 -34.53 -4.18
N HIS C 502 -30.84 -35.00 -3.18
CA HIS C 502 -30.69 -34.67 -1.77
C HIS C 502 -29.50 -35.41 -1.19
N ASN C 503 -29.53 -35.61 0.13
CA ASN C 503 -28.56 -36.41 0.87
C ASN C 503 -27.22 -35.69 0.88
N GLY C 504 -27.28 -34.40 1.16
CA GLY C 504 -26.14 -33.68 1.63
C GLY C 504 -26.04 -33.82 3.13
N THR C 505 -24.85 -34.13 3.59
CA THR C 505 -24.58 -34.23 5.02
C THR C 505 -24.35 -32.84 5.58
N ALA C 506 -24.97 -32.52 6.69
CA ALA C 506 -24.76 -31.24 7.36
C ALA C 506 -23.59 -31.37 8.32
N THR C 507 -22.52 -30.65 8.04
CA THR C 507 -21.31 -30.68 8.84
C THR C 507 -21.07 -29.29 9.42
N VAL C 508 -20.02 -29.15 10.22
CA VAL C 508 -19.62 -27.84 10.70
C VAL C 508 -18.83 -27.10 9.64
N LEU C 509 -18.34 -27.79 8.62
CA LEU C 509 -17.65 -27.17 7.52
C LEU C 509 -18.58 -26.66 6.43
N GLY C 510 -19.79 -27.18 6.35
CA GLY C 510 -20.70 -26.87 5.28
C GLY C 510 -21.48 -28.11 4.92
N CYS C 511 -22.08 -28.09 3.74
CA CYS C 511 -22.89 -29.22 3.26
C CYS C 511 -22.03 -30.09 2.35
N LEU C 512 -21.95 -31.36 2.69
CA LEU C 512 -21.04 -32.28 2.03
C LEU C 512 -21.82 -33.15 1.06
N PHE C 513 -21.24 -33.41 -0.11
CA PHE C 513 -21.91 -34.17 -1.14
C PHE C 513 -21.00 -35.24 -1.70
N ASN C 514 -21.47 -36.48 -1.65
CA ASN C 514 -20.85 -37.64 -2.27
C ASN C 514 -19.45 -37.84 -1.72
N ALA C 515 -19.35 -37.67 -0.41
CA ALA C 515 -18.15 -37.83 0.37
C ALA C 515 -18.56 -38.42 1.70
N SER C 516 -17.67 -39.17 2.31
CA SER C 516 -17.96 -39.78 3.59
C SER C 516 -17.57 -38.83 4.72
N TYR C 517 -18.41 -38.76 5.74
CA TYR C 517 -18.15 -37.90 6.89
C TYR C 517 -17.94 -38.80 8.09
N ALA C 518 -16.69 -38.92 8.53
CA ALA C 518 -16.31 -39.78 9.65
C ALA C 518 -15.64 -38.91 10.71
N PRO C 519 -16.44 -38.26 11.55
CA PRO C 519 -15.85 -37.42 12.60
C PRO C 519 -15.17 -38.18 13.71
N ASN C 520 -15.37 -39.50 13.80
CA ASN C 520 -14.68 -40.30 14.80
C ASN C 520 -13.21 -40.48 14.44
N ASP C 521 -12.95 -40.85 13.19
CA ASP C 521 -11.62 -41.30 12.78
C ASP C 521 -10.66 -40.13 12.69
N THR C 522 -9.40 -40.40 12.98
CA THR C 522 -8.38 -39.37 13.02
C THR C 522 -7.25 -39.71 12.06
N MET C 523 -6.55 -38.67 11.62
CA MET C 523 -5.37 -38.77 10.79
C MET C 523 -4.26 -38.00 11.47
N VAL C 524 -3.03 -38.51 11.39
CA VAL C 524 -1.92 -37.82 12.03
C VAL C 524 -1.09 -37.00 11.03
N ASN C 525 -1.02 -37.41 9.77
CA ASN C 525 -0.40 -36.61 8.72
C ASN C 525 -1.51 -36.15 7.79
N CYS C 526 -1.89 -34.90 7.91
CA CYS C 526 -2.93 -34.32 7.08
C CYS C 526 -2.24 -33.55 5.97
N THR C 527 -2.24 -34.12 4.77
CA THR C 527 -1.70 -33.44 3.60
C THR C 527 -2.76 -32.67 2.83
N ASN C 528 -4.01 -32.78 3.25
CA ASN C 528 -5.13 -32.06 2.64
C ASN C 528 -6.04 -31.54 3.74
N PRO C 529 -5.73 -30.41 4.34
CA PRO C 529 -6.60 -29.87 5.40
C PRO C 529 -7.84 -29.19 4.84
N LEU C 530 -8.95 -29.34 5.56
CA LEU C 530 -10.18 -28.67 5.19
C LEU C 530 -10.47 -27.43 6.01
N GLY C 531 -9.89 -27.32 7.19
CA GLY C 531 -10.18 -26.25 8.10
C GLY C 531 -10.90 -26.79 9.32
N ASP C 532 -10.75 -26.07 10.44
CA ASP C 532 -11.50 -26.27 11.68
C ASP C 532 -11.25 -27.65 12.30
N GLY C 533 -10.11 -28.27 11.99
CA GLY C 533 -9.74 -29.52 12.60
C GLY C 533 -9.92 -30.75 11.74
N PHE C 534 -10.27 -30.59 10.47
CA PHE C 534 -10.66 -31.68 9.59
C PHE C 534 -9.64 -31.88 8.48
N CYS C 535 -9.76 -33.03 7.81
CA CYS C 535 -8.80 -33.44 6.81
C CYS C 535 -9.55 -34.16 5.70
N ALA C 536 -9.08 -34.00 4.48
CA ALA C 536 -9.64 -34.68 3.33
C ALA C 536 -8.75 -35.87 2.99
N ASP C 537 -9.29 -37.08 3.16
CA ASP C 537 -8.59 -38.30 2.80
C ASP C 537 -8.96 -38.68 1.37
N LEU C 538 -7.97 -38.71 0.49
CA LEU C 538 -8.21 -38.83 -0.95
C LEU C 538 -7.38 -39.97 -1.53
N LEU C 539 -7.39 -41.13 -0.88
CA LEU C 539 -6.48 -42.20 -1.24
C LEU C 539 -7.19 -43.49 -1.67
N GLY C 540 -8.21 -43.92 -0.95
CA GLY C 540 -9.05 -45.00 -1.43
C GLY C 540 -10.30 -44.49 -2.10
N ASN C 541 -11.02 -43.63 -1.39
CA ASN C 541 -12.10 -42.84 -1.93
C ASN C 541 -12.15 -41.53 -1.15
N VAL C 542 -13.27 -40.84 -1.23
CA VAL C 542 -13.37 -39.50 -0.67
C VAL C 542 -13.99 -39.60 0.72
N ALA C 543 -13.28 -39.06 1.72
CA ALA C 543 -13.70 -39.17 3.12
C ALA C 543 -13.18 -37.97 3.89
N VAL C 544 -13.97 -37.51 4.85
CA VAL C 544 -13.62 -36.35 5.67
C VAL C 544 -13.41 -36.83 7.09
N ARG C 545 -12.18 -36.74 7.58
CA ARG C 545 -11.78 -37.24 8.88
C ARG C 545 -11.33 -36.09 9.77
N ARG C 546 -10.86 -36.41 10.97
CA ARG C 546 -10.47 -35.45 11.98
C ARG C 546 -8.94 -35.37 12.04
N MET C 547 -8.41 -34.17 12.29
CA MET C 547 -6.97 -34.01 12.46
C MET C 547 -6.55 -34.20 13.91
N THR C 548 -5.39 -34.82 14.10
CA THR C 548 -4.81 -34.96 15.44
C THR C 548 -3.31 -34.65 15.39
N PHE C 549 -2.75 -34.42 16.58
CA PHE C 549 -1.36 -34.02 16.74
C PHE C 549 -0.69 -34.99 17.70
N GLU C 550 0.59 -35.23 17.45
CA GLU C 550 1.42 -36.03 18.35
C GLU C 550 1.78 -35.23 19.59
N LYS C 551 1.60 -35.83 20.77
CA LYS C 551 1.82 -35.15 22.04
C LYS C 551 3.27 -35.22 22.49
N HIS C 552 3.75 -34.12 23.06
CA HIS C 552 5.11 -34.03 23.53
C HIS C 552 5.13 -33.99 25.06
N ASP C 553 6.31 -33.87 25.62
CA ASP C 553 6.55 -33.84 27.05
C ASP C 553 7.39 -32.61 27.37
N THR C 554 7.92 -32.54 28.58
CA THR C 554 8.71 -31.42 29.04
C THR C 554 9.97 -31.92 29.73
N THR C 555 11.00 -31.08 29.76
CA THR C 555 12.20 -31.41 30.51
C THR C 555 12.13 -30.93 31.94
N TYR C 556 11.05 -30.32 32.34
CA TYR C 556 10.86 -29.96 33.73
C TYR C 556 10.55 -31.18 34.56
N VAL C 557 11.27 -31.34 35.66
CA VAL C 557 11.05 -32.42 36.60
C VAL C 557 10.78 -31.79 37.96
N ALA C 558 9.63 -32.08 38.52
CA ALA C 558 9.31 -31.54 39.82
C ALA C 558 10.13 -32.25 40.89
N PRO C 559 10.72 -31.51 41.81
CA PRO C 559 11.60 -32.14 42.81
C PRO C 559 10.83 -32.92 43.85
N VAL C 560 11.46 -33.98 44.35
CA VAL C 560 10.81 -34.96 45.21
C VAL C 560 11.01 -34.56 46.65
N THR C 561 9.91 -34.28 47.36
CA THR C 561 9.98 -33.84 48.74
C THR C 561 9.43 -34.85 49.72
N ASN C 562 8.84 -35.95 49.25
CA ASN C 562 8.43 -37.03 50.12
C ASN C 562 8.47 -38.33 49.34
N GLU C 563 8.26 -39.44 50.03
CA GLU C 563 8.29 -40.73 49.35
C GLU C 563 7.01 -40.94 48.55
N ARG C 564 7.16 -41.18 47.26
CA ARG C 564 6.02 -41.44 46.40
C ARG C 564 6.47 -42.21 45.18
N TYR C 565 5.53 -42.47 44.28
CA TYR C 565 5.82 -43.06 42.98
C TYR C 565 6.13 -41.98 41.96
N THR C 566 7.05 -42.31 41.05
CA THR C 566 7.44 -41.45 39.96
C THR C 566 7.46 -42.29 38.70
N GLU C 567 7.26 -41.65 37.56
CA GLU C 567 7.27 -42.36 36.28
C GLU C 567 8.51 -41.93 35.51
N MET C 568 9.50 -42.74 35.54
CA MET C 568 10.79 -42.51 34.95
C MET C 568 10.92 -43.22 33.61
N PRO C 569 11.66 -42.64 32.67
CA PRO C 569 11.86 -43.31 31.37
C PRO C 569 12.85 -44.47 31.42
N LEU C 570 12.55 -45.50 30.62
CA LEU C 570 13.47 -46.63 30.44
C LEU C 570 14.51 -46.42 29.35
N ASP C 571 14.16 -45.73 28.26
CA ASP C 571 15.15 -45.38 27.25
C ASP C 571 14.69 -44.13 26.52
N HIS C 572 15.57 -43.66 25.65
CA HIS C 572 15.35 -42.42 24.92
C HIS C 572 15.42 -42.67 23.43
N GLN C 573 14.78 -41.76 22.70
CA GLN C 573 14.85 -41.70 21.26
C GLN C 573 15.56 -40.43 20.87
N LEU C 574 16.54 -40.54 19.97
CA LEU C 574 17.16 -39.34 19.41
C LEU C 574 16.30 -38.86 18.24
N ILE C 575 15.91 -37.61 18.27
CA ILE C 575 15.15 -37.02 17.17
C ILE C 575 15.98 -35.92 16.55
N LEU C 576 15.57 -35.50 15.36
CA LEU C 576 16.18 -34.37 14.66
C LEU C 576 15.10 -33.39 14.25
N THR C 577 15.30 -32.13 14.59
CA THR C 577 14.37 -31.05 14.28
C THR C 577 15.07 -30.03 13.40
N GLU C 578 14.62 -29.89 12.16
CA GLU C 578 15.08 -28.83 11.28
C GLU C 578 14.20 -27.61 11.45
N GLN C 579 14.82 -26.44 11.59
CA GLN C 579 14.10 -25.18 11.77
C GLN C 579 14.65 -24.17 10.79
N PHE C 580 13.81 -23.72 9.85
CA PHE C 580 14.25 -22.76 8.86
C PHE C 580 13.82 -21.36 9.21
N LEU C 581 14.73 -20.41 9.03
CA LEU C 581 14.49 -19.01 9.33
C LEU C 581 15.10 -18.16 8.22
N GLN C 582 14.33 -17.20 7.73
CA GLN C 582 14.79 -16.39 6.62
C GLN C 582 15.60 -15.22 7.12
N THR C 583 16.79 -15.03 6.56
CA THR C 583 17.64 -13.95 7.03
C THR C 583 17.98 -12.89 5.99
N THR C 584 17.69 -13.11 4.71
CA THR C 584 18.22 -12.18 3.75
C THR C 584 17.27 -12.07 2.55
N MET C 585 17.44 -10.97 1.83
CA MET C 585 16.84 -10.71 0.53
C MET C 585 17.91 -10.16 -0.39
N PRO C 586 17.67 -10.15 -1.70
CA PRO C 586 18.60 -9.43 -2.58
C PRO C 586 18.32 -7.93 -2.55
N LYS C 587 19.38 -7.15 -2.48
CA LYS C 587 19.24 -5.70 -2.55
C LYS C 587 18.81 -5.29 -3.95
N PHE C 588 18.12 -4.17 -4.04
CA PHE C 588 17.69 -3.64 -5.32
C PHE C 588 18.18 -2.22 -5.44
N SER C 589 18.35 -1.77 -6.67
CA SER C 589 18.64 -0.39 -6.97
C SER C 589 17.71 0.01 -8.08
N VAL C 590 16.84 0.98 -7.83
CA VAL C 590 15.76 1.32 -8.74
C VAL C 590 15.94 2.75 -9.22
N SER C 591 16.03 2.92 -10.53
CA SER C 591 15.95 4.22 -11.17
C SER C 591 14.49 4.39 -11.59
N CYS C 592 13.80 5.33 -10.95
CA CYS C 592 12.36 5.44 -11.12
C CYS C 592 11.97 5.96 -12.48
N GLU C 593 12.80 6.85 -13.04
CA GLU C 593 12.44 7.48 -14.30
C GLU C 593 12.55 6.49 -15.45
N THR C 594 13.56 5.63 -15.43
CA THR C 594 13.76 4.69 -16.52
C THR C 594 12.70 3.59 -16.52
N TYR C 595 12.20 3.23 -15.34
CA TYR C 595 11.12 2.25 -15.28
C TYR C 595 9.84 2.81 -15.87
N ILE C 596 9.51 4.04 -15.53
CA ILE C 596 8.23 4.61 -15.90
C ILE C 596 8.31 5.29 -17.25
N CYS C 597 9.24 6.23 -17.40
CA CYS C 597 9.35 7.08 -18.58
C CYS C 597 10.67 6.78 -19.25
N ASP C 598 10.73 5.71 -20.04
CA ASP C 598 11.98 5.06 -20.43
C ASP C 598 13.03 5.98 -21.06
N VAL C 599 12.75 6.58 -22.21
CA VAL C 599 13.63 7.54 -22.85
C VAL C 599 12.84 8.78 -23.24
N SER C 600 11.53 8.73 -23.03
CA SER C 600 10.66 9.80 -23.50
C SER C 600 10.82 11.05 -22.64
N LYS C 601 11.26 12.13 -23.25
CA LYS C 601 11.30 13.41 -22.55
C LYS C 601 9.90 13.97 -22.39
N ALA C 602 8.98 13.59 -23.25
CA ALA C 602 7.58 13.96 -23.09
C ALA C 602 6.96 13.34 -21.86
N CYS C 603 7.42 12.14 -21.47
CA CYS C 603 6.95 11.48 -20.26
C CYS C 603 7.61 12.04 -19.02
N LYS C 604 8.90 12.37 -19.11
CA LYS C 604 9.64 12.83 -17.94
C LYS C 604 9.18 14.21 -17.47
N ASN C 605 8.50 14.95 -18.33
CA ASN C 605 7.93 16.22 -17.89
C ASN C 605 6.67 16.01 -17.07
N LEU C 606 5.97 14.91 -17.27
CA LEU C 606 4.72 14.70 -16.57
C LEU C 606 4.92 14.00 -15.22
N LEU C 607 6.00 13.21 -15.08
CA LEU C 607 6.39 12.74 -13.76
C LEU C 607 6.75 13.87 -12.82
N PHE C 608 7.20 15.00 -13.36
CA PHE C 608 7.56 16.14 -12.55
C PHE C 608 6.35 16.74 -11.83
N ARG C 609 5.14 16.55 -12.37
CA ARG C 609 3.95 17.11 -11.76
C ARG C 609 3.42 16.28 -10.60
N TYR C 610 3.85 15.04 -10.45
CA TYR C 610 3.40 14.23 -9.32
C TYR C 610 4.21 14.58 -8.08
N GLY C 611 3.59 14.38 -6.92
CA GLY C 611 4.09 15.05 -5.75
C GLY C 611 5.23 14.28 -5.12
N GLY C 612 6.45 14.60 -5.59
CA GLY C 612 7.67 13.94 -5.16
C GLY C 612 7.63 12.43 -5.24
N PHE C 613 7.29 11.87 -6.39
CA PHE C 613 7.18 10.42 -6.48
C PHE C 613 8.55 9.78 -6.67
N CYS C 614 9.34 10.30 -7.59
CA CYS C 614 10.61 9.68 -7.93
C CYS C 614 11.64 9.84 -6.82
N GLN C 615 11.55 10.90 -6.04
CA GLN C 615 12.40 11.04 -4.88
C GLN C 615 12.02 10.05 -3.80
N LYS C 616 10.73 9.77 -3.67
CA LYS C 616 10.24 8.96 -2.58
C LYS C 616 10.54 7.47 -2.79
N VAL C 617 10.53 7.02 -4.05
CA VAL C 617 10.77 5.61 -4.33
C VAL C 617 12.22 5.27 -4.11
N GLU C 618 13.11 6.18 -4.49
CA GLU C 618 14.53 5.89 -4.34
C GLU C 618 14.98 6.04 -2.90
N ALA C 619 14.30 6.85 -2.10
CA ALA C 619 14.69 7.00 -0.71
C ALA C 619 14.24 5.82 0.12
N ASP C 620 13.21 5.11 -0.33
CA ASP C 620 12.72 3.97 0.42
C ASP C 620 13.46 2.70 0.08
N ILE C 621 13.90 2.57 -1.17
CA ILE C 621 14.71 1.42 -1.54
C ILE C 621 16.09 1.53 -0.91
N ARG C 622 16.66 2.73 -0.92
CA ARG C 622 17.99 2.92 -0.34
C ARG C 622 17.91 2.88 1.18
N GLY C 623 16.79 3.27 1.75
CA GLY C 623 16.64 3.19 3.19
C GLY C 623 16.42 1.77 3.67
N ALA C 624 15.72 0.96 2.88
CA ALA C 624 15.50 -0.43 3.27
C ALA C 624 16.71 -1.29 2.93
N GLY C 625 17.55 -0.84 2.01
CA GLY C 625 18.78 -1.54 1.76
C GLY C 625 19.84 -1.26 2.80
N ILE C 626 19.71 -0.14 3.51
CA ILE C 626 20.58 0.15 4.64
C ILE C 626 20.24 -0.73 5.83
N LEU C 627 18.95 -0.86 6.13
CA LEU C 627 18.54 -1.63 7.32
C LEU C 627 18.85 -3.10 7.16
N LEU C 628 18.74 -3.61 5.95
CA LEU C 628 19.08 -5.00 5.70
C LEU C 628 20.58 -5.22 5.79
N ASP C 629 21.39 -4.25 5.34
CA ASP C 629 22.83 -4.38 5.51
C ASP C 629 23.25 -4.21 6.96
N GLY C 630 22.43 -3.56 7.78
CA GLY C 630 22.75 -3.45 9.18
C GLY C 630 22.50 -4.74 9.93
N ASP C 631 21.47 -5.48 9.53
CA ASP C 631 21.10 -6.70 10.21
C ASP C 631 21.97 -7.87 9.80
N VAL C 632 22.37 -7.91 8.54
CA VAL C 632 23.22 -9.00 8.09
C VAL C 632 24.62 -8.83 8.65
N SER C 633 25.04 -7.59 8.89
CA SER C 633 26.36 -7.33 9.44
C SER C 633 26.44 -7.70 10.90
N SER C 634 25.37 -7.49 11.67
CA SER C 634 25.38 -7.90 13.06
C SER C 634 25.21 -9.41 13.18
N LEU C 635 24.60 -10.03 12.18
CA LEU C 635 24.44 -11.48 12.18
C LEU C 635 25.75 -12.18 11.96
N TYR C 636 26.57 -11.69 11.04
CA TYR C 636 27.84 -12.32 10.76
C TYR C 636 28.92 -11.93 11.75
N SER C 637 28.62 -11.00 12.62
CA SER C 637 29.46 -10.77 13.78
C SER C 637 29.12 -11.72 14.92
N THR C 638 28.03 -12.47 14.77
CA THR C 638 27.64 -13.46 15.75
C THR C 638 28.01 -14.87 15.28
N ILE C 639 27.96 -15.09 13.97
CA ILE C 639 28.38 -16.36 13.38
C ILE C 639 29.88 -16.55 13.56
N ALA C 640 30.65 -15.48 13.38
CA ALA C 640 32.11 -15.52 13.45
C ALA C 640 32.60 -15.84 14.85
N ALA C 641 33.12 -17.04 15.04
CA ALA C 641 33.47 -17.52 16.35
C ALA C 641 34.89 -18.05 16.34
N LYS C 642 35.49 -18.11 17.53
CA LYS C 642 36.84 -18.62 17.68
C LYS C 642 36.87 -20.13 17.62
N THR C 643 37.86 -20.66 16.91
CA THR C 643 38.03 -22.10 16.83
C THR C 643 39.35 -22.49 17.46
N SER C 644 39.45 -23.76 17.84
CA SER C 644 40.68 -24.28 18.41
C SER C 644 41.76 -24.34 17.33
N SER C 645 43.01 -24.22 17.76
CA SER C 645 44.11 -24.52 16.86
C SER C 645 44.28 -26.02 16.69
N VAL C 646 44.00 -26.80 17.73
CA VAL C 646 44.05 -28.25 17.65
C VAL C 646 42.62 -28.75 17.42
N VAL C 647 42.34 -29.21 16.21
CA VAL C 647 40.99 -29.62 15.84
C VAL C 647 40.72 -31.02 16.42
N PRO C 648 39.67 -31.20 17.21
CA PRO C 648 39.37 -32.54 17.71
C PRO C 648 38.89 -33.46 16.60
N THR C 649 39.20 -34.72 16.77
CA THR C 649 38.81 -35.72 15.79
C THR C 649 37.37 -36.13 16.03
N THR C 650 36.64 -36.29 14.94
CA THR C 650 35.27 -36.81 14.99
C THR C 650 35.40 -38.32 14.83
N ASP C 651 35.19 -39.06 15.91
CA ASP C 651 35.47 -40.49 15.92
C ASP C 651 34.56 -41.29 15.00
N ARG C 652 33.30 -41.41 15.37
CA ARG C 652 32.33 -42.10 14.53
C ARG C 652 31.15 -41.21 14.19
N PHE C 653 31.18 -39.96 14.61
CA PHE C 653 30.22 -38.96 14.18
C PHE C 653 30.66 -38.47 12.82
N ASN C 654 29.80 -38.55 11.81
CA ASN C 654 30.20 -38.18 10.47
C ASN C 654 29.89 -36.70 10.24
N VAL C 655 30.59 -35.85 10.99
CA VAL C 655 30.39 -34.41 10.90
C VAL C 655 30.98 -33.85 9.61
N SER C 656 32.24 -34.17 9.33
CA SER C 656 32.93 -33.59 8.19
C SER C 656 32.37 -34.06 6.85
N GLN C 657 31.68 -35.19 6.83
CA GLN C 657 30.99 -35.66 5.65
C GLN C 657 29.74 -34.84 5.33
N PHE C 658 28.98 -34.45 6.34
CA PHE C 658 27.69 -33.81 6.15
C PHE C 658 27.70 -32.30 6.30
N PHE C 659 28.46 -31.77 7.24
CA PHE C 659 28.42 -30.34 7.50
C PHE C 659 29.60 -29.48 7.05
N LEU C 660 30.80 -30.02 7.13
CA LEU C 660 31.97 -29.25 6.73
C LEU C 660 32.09 -29.16 5.21
N PRO C 661 32.64 -28.05 4.74
CA PRO C 661 32.82 -27.85 3.29
C PRO C 661 33.61 -28.95 2.62
N LYS C 662 33.21 -29.28 1.40
CA LYS C 662 33.75 -30.43 0.71
C LYS C 662 35.16 -30.15 0.27
N THR C 663 36.07 -31.09 0.58
CA THR C 663 37.51 -30.85 0.61
C THR C 663 38.05 -30.52 -0.77
N GLN C 664 38.61 -29.32 -0.89
CA GLN C 664 38.91 -28.76 -2.19
C GLN C 664 40.06 -29.51 -2.85
N SER C 665 39.88 -29.80 -4.14
CA SER C 665 40.90 -30.50 -4.88
C SER C 665 41.99 -29.53 -5.31
N SER C 666 43.00 -30.08 -6.00
CA SER C 666 44.04 -29.27 -6.60
C SER C 666 43.68 -28.88 -8.03
N ALA C 667 42.51 -28.25 -8.18
CA ALA C 667 41.94 -27.94 -9.48
C ALA C 667 41.03 -26.73 -9.35
N ASN C 668 40.30 -26.44 -10.42
CA ASN C 668 39.35 -25.32 -10.46
C ASN C 668 37.94 -25.74 -10.08
N LYS C 669 37.82 -26.40 -8.92
CA LYS C 669 36.52 -26.79 -8.34
C LYS C 669 36.58 -26.42 -6.86
N TYR C 670 36.20 -25.18 -6.53
CA TYR C 670 36.08 -24.76 -5.14
C TYR C 670 34.61 -24.81 -4.74
N GLU C 671 34.16 -26.00 -4.40
CA GLU C 671 32.82 -26.17 -3.85
C GLU C 671 32.86 -25.74 -2.39
N SER C 672 32.40 -24.53 -2.14
CA SER C 672 32.43 -23.98 -0.80
C SER C 672 31.29 -24.48 0.07
N ARG C 673 30.27 -25.11 -0.50
CA ARG C 673 29.18 -25.61 0.31
C ARG C 673 29.54 -26.98 0.87
N SER C 674 28.76 -27.40 1.85
CA SER C 674 28.87 -28.72 2.42
C SER C 674 28.03 -29.70 1.61
N ALA C 675 27.80 -30.89 2.15
CA ALA C 675 26.96 -31.86 1.46
C ALA C 675 25.48 -31.62 1.74
N ILE C 676 25.15 -31.14 2.94
CA ILE C 676 23.78 -30.77 3.25
C ILE C 676 23.38 -29.49 2.52
N GLU C 677 24.28 -28.50 2.47
CA GLU C 677 24.00 -27.23 1.80
C GLU C 677 23.78 -27.42 0.30
N ASP C 678 24.42 -28.43 -0.30
CA ASP C 678 24.13 -28.74 -1.70
C ASP C 678 22.81 -29.47 -1.85
N LEU C 679 22.41 -30.27 -0.87
CA LEU C 679 21.11 -30.94 -0.95
C LEU C 679 19.97 -29.97 -0.76
N LEU C 680 20.19 -28.88 -0.04
CA LEU C 680 19.10 -27.94 0.20
C LEU C 680 18.88 -27.05 -1.00
N PHE C 681 19.89 -26.86 -1.85
CA PHE C 681 19.66 -26.02 -3.03
C PHE C 681 19.08 -26.83 -4.17
N SER C 682 19.32 -28.13 -4.20
CA SER C 682 18.84 -28.95 -5.29
C SER C 682 17.40 -29.42 -5.10
N LYS C 683 16.97 -29.64 -3.87
CA LYS C 683 15.59 -30.03 -3.63
C LYS C 683 14.61 -28.87 -3.75
N ILE C 684 15.10 -27.65 -3.73
CA ILE C 684 14.23 -26.49 -3.92
C ILE C 684 14.17 -26.20 -5.41
N GLU C 685 12.98 -26.35 -5.97
CA GLU C 685 12.78 -26.10 -7.39
C GLU C 685 12.59 -24.61 -7.65
N THR C 686 13.04 -24.18 -8.83
CA THR C 686 12.71 -22.83 -9.24
C THR C 686 11.37 -22.85 -9.99
N THR C 687 10.77 -21.67 -10.08
CA THR C 687 9.35 -21.60 -10.41
C THR C 687 9.09 -21.84 -11.89
N GLY C 688 10.01 -21.38 -12.73
CA GLY C 688 9.87 -21.49 -14.16
C GLY C 688 10.90 -20.61 -14.80
N PRO C 689 10.88 -20.49 -16.13
CA PRO C 689 11.79 -19.57 -16.79
C PRO C 689 11.41 -18.13 -16.50
N GLY C 690 12.41 -17.26 -16.47
CA GLY C 690 12.17 -15.89 -16.07
C GLY C 690 13.44 -15.25 -15.58
N PHE C 691 13.28 -14.14 -14.87
CA PHE C 691 14.41 -13.36 -14.41
C PHE C 691 14.85 -13.72 -13.01
N TYR C 692 13.96 -14.25 -12.18
CA TYR C 692 14.39 -14.77 -10.90
C TYR C 692 14.96 -16.17 -11.05
N GLY C 693 14.50 -16.92 -12.05
CA GLY C 693 15.03 -18.24 -12.27
C GLY C 693 16.44 -18.20 -12.81
N ASP C 694 16.76 -17.16 -13.59
CA ASP C 694 18.13 -16.97 -14.04
C ASP C 694 19.03 -16.54 -12.89
N TYR C 695 18.48 -15.76 -11.95
CA TYR C 695 19.26 -15.30 -10.82
C TYR C 695 19.50 -16.42 -9.83
N TYR C 696 18.49 -17.27 -9.63
CA TYR C 696 18.58 -18.34 -8.67
C TYR C 696 19.54 -19.42 -9.15
N ASN C 697 19.55 -19.70 -10.45
CA ASN C 697 20.41 -20.74 -10.99
C ASN C 697 21.86 -20.30 -11.06
N CYS C 698 22.12 -18.99 -11.05
CA CYS C 698 23.50 -18.53 -10.98
C CYS C 698 24.07 -18.79 -9.59
N LYS C 699 23.25 -18.63 -8.57
CA LYS C 699 23.68 -18.92 -7.20
C LYS C 699 23.79 -20.41 -6.96
N LYS C 700 22.89 -21.20 -7.52
CA LYS C 700 22.92 -22.64 -7.32
C LYS C 700 24.10 -23.28 -8.02
N ASN C 701 24.50 -22.77 -9.18
CA ASN C 701 25.62 -23.35 -9.91
C ASN C 701 26.95 -22.98 -9.26
N ALA C 702 27.11 -21.73 -8.86
CA ALA C 702 28.30 -21.18 -8.18
C ALA C 702 29.59 -21.39 -8.98
N ILE C 703 29.61 -20.80 -10.15
CA ILE C 703 30.78 -20.82 -11.01
C ILE C 703 31.72 -19.70 -10.58
N GLN C 704 33.01 -20.01 -10.54
CA GLN C 704 34.02 -19.15 -9.94
C GLN C 704 34.26 -17.91 -10.79
N ASP C 705 34.26 -16.74 -10.13
CA ASP C 705 34.45 -15.42 -10.74
C ASP C 705 33.42 -15.11 -11.82
N LEU C 706 32.16 -15.41 -11.51
CA LEU C 706 31.06 -15.17 -12.44
C LEU C 706 30.00 -14.34 -11.75
N THR C 707 29.61 -13.24 -12.36
CA THR C 707 28.66 -12.33 -11.76
C THR C 707 27.25 -12.90 -11.84
N CYS C 708 26.45 -12.62 -10.81
CA CYS C 708 25.06 -13.02 -10.80
C CYS C 708 24.12 -11.83 -10.81
N ALA C 709 24.65 -10.62 -10.76
CA ALA C 709 23.85 -9.41 -10.80
C ALA C 709 23.20 -9.26 -12.15
N GLN C 710 22.02 -8.64 -12.17
CA GLN C 710 21.25 -8.49 -13.38
C GLN C 710 20.60 -7.13 -13.44
N TYR C 711 20.46 -6.62 -14.66
CA TYR C 711 19.87 -5.31 -14.93
C TYR C 711 18.78 -5.47 -15.95
N HIS C 712 17.57 -5.00 -15.63
CA HIS C 712 16.51 -4.89 -16.61
C HIS C 712 15.70 -3.64 -16.28
N ASN C 713 15.62 -2.72 -17.25
CA ASN C 713 14.66 -1.63 -17.26
C ASN C 713 14.83 -0.65 -16.11
N GLY C 714 16.07 -0.49 -15.68
CA GLY C 714 16.34 0.38 -14.56
C GLY C 714 16.29 -0.28 -13.20
N ILE C 715 16.36 -1.60 -13.12
CA ILE C 715 16.26 -2.32 -11.85
C ILE C 715 17.42 -3.30 -11.77
N LEU C 716 18.35 -3.02 -10.87
CA LEU C 716 19.57 -3.80 -10.68
C LEU C 716 19.40 -4.70 -9.48
N VAL C 717 19.92 -5.92 -9.55
CA VAL C 717 19.88 -6.86 -8.43
C VAL C 717 21.28 -6.98 -7.87
N ILE C 718 21.49 -6.39 -6.70
CA ILE C 718 22.81 -6.27 -6.07
C ILE C 718 22.89 -7.32 -4.97
N PRO C 719 24.02 -8.02 -4.81
CA PRO C 719 24.13 -8.95 -3.69
C PRO C 719 24.20 -8.19 -2.38
N PRO C 720 23.82 -8.82 -1.27
CA PRO C 720 23.90 -8.11 0.00
C PRO C 720 25.33 -8.10 0.53
N ILE C 721 25.53 -7.59 1.75
CA ILE C 721 26.86 -7.35 2.28
C ILE C 721 27.64 -8.64 2.51
N MET C 722 26.98 -9.76 2.76
CA MET C 722 27.74 -10.98 2.95
C MET C 722 27.31 -12.11 2.03
N ASP C 723 26.02 -12.20 1.69
CA ASP C 723 25.48 -13.10 0.67
C ASP C 723 25.74 -14.57 1.01
N ALA C 724 24.97 -15.03 2.00
CA ALA C 724 25.01 -16.41 2.48
C ALA C 724 24.83 -17.47 1.40
N GLU C 725 24.16 -17.16 0.30
CA GLU C 725 23.88 -18.16 -0.72
C GLU C 725 25.11 -18.56 -1.53
N THR C 726 26.21 -17.84 -1.39
CA THR C 726 27.47 -18.25 -2.01
C THR C 726 28.40 -18.95 -1.04
N LEU C 727 28.15 -18.85 0.27
CA LEU C 727 29.09 -19.27 1.30
C LEU C 727 28.81 -20.67 1.81
N GLY C 728 29.77 -21.18 2.59
CA GLY C 728 29.55 -22.30 3.48
C GLY C 728 29.65 -21.79 4.90
N MET C 729 28.84 -22.36 5.79
CA MET C 729 28.70 -21.86 7.16
C MET C 729 29.97 -22.11 7.95
N TYR C 730 30.62 -23.24 7.71
CA TYR C 730 31.78 -23.63 8.50
C TYR C 730 33.08 -23.48 7.74
N GLY C 731 33.16 -22.54 6.82
CA GLY C 731 34.39 -22.30 6.11
C GLY C 731 34.45 -20.88 5.61
N GLY C 732 35.66 -20.37 5.43
CA GLY C 732 35.87 -19.06 4.85
C GLY C 732 36.33 -18.05 5.88
N ILE C 733 35.97 -16.80 5.64
CA ILE C 733 36.45 -15.69 6.45
C ILE C 733 35.51 -15.40 7.61
N ALA C 734 34.20 -15.54 7.40
CA ALA C 734 33.22 -15.38 8.48
C ALA C 734 32.78 -16.72 9.02
N ALA C 735 33.73 -17.65 9.12
CA ALA C 735 33.40 -19.06 9.36
C ALA C 735 32.93 -19.28 10.80
N ALA C 736 31.92 -20.12 10.93
CA ALA C 736 31.41 -20.52 12.21
C ALA C 736 32.29 -21.59 12.81
N SER C 737 32.16 -21.78 14.10
CA SER C 737 32.90 -22.78 14.84
C SER C 737 32.01 -24.02 14.99
N VAL C 738 32.56 -25.19 14.67
CA VAL C 738 31.79 -26.41 14.83
C VAL C 738 31.88 -26.90 16.26
N THR C 739 32.90 -26.46 16.98
CA THR C 739 33.27 -27.03 18.26
C THR C 739 32.89 -26.15 19.44
N LEU C 740 32.52 -24.90 19.23
CA LEU C 740 32.37 -23.94 20.32
C LEU C 740 31.15 -24.25 21.18
N GLY C 741 30.21 -25.03 20.69
CA GLY C 741 29.02 -25.30 21.43
C GLY C 741 29.02 -26.53 22.31
N ILE C 742 29.84 -27.51 21.96
CA ILE C 742 29.95 -28.71 22.78
C ILE C 742 31.34 -28.90 23.40
N PHE C 743 32.40 -28.37 22.81
CA PHE C 743 33.67 -28.31 23.53
C PHE C 743 33.78 -27.07 24.41
N GLY C 744 32.92 -26.08 24.19
CA GLY C 744 32.86 -24.94 25.06
C GLY C 744 33.99 -23.96 24.85
N GLY C 745 34.01 -22.95 25.73
CA GLY C 745 34.90 -21.83 25.55
C GLY C 745 36.33 -22.08 25.95
N GLN C 746 36.61 -23.14 26.70
CA GLN C 746 37.96 -23.47 27.11
C GLN C 746 38.35 -24.80 26.48
N ALA C 747 39.16 -24.72 25.43
CA ALA C 747 39.46 -25.87 24.58
C ALA C 747 40.40 -26.85 25.28
N GLY C 748 40.45 -28.06 24.76
CA GLY C 748 41.30 -29.07 25.36
C GLY C 748 40.83 -30.52 25.31
N MET C 749 39.54 -30.79 25.19
CA MET C 749 39.10 -32.18 25.06
C MET C 749 39.50 -32.73 23.71
N ALA C 750 39.82 -34.02 23.68
CA ALA C 750 40.58 -34.56 22.57
C ALA C 750 39.68 -34.94 21.40
N THR C 751 38.62 -35.70 21.65
CA THR C 751 37.77 -36.24 20.59
C THR C 751 36.32 -35.86 20.84
N TRP C 752 35.46 -36.17 19.88
CA TRP C 752 34.02 -36.02 20.01
C TRP C 752 33.38 -37.10 20.87
N SER C 753 34.04 -38.24 21.04
CA SER C 753 33.53 -39.27 21.94
C SER C 753 33.67 -38.86 23.39
N VAL C 754 34.74 -38.13 23.71
CA VAL C 754 34.93 -37.61 25.06
C VAL C 754 33.95 -36.47 25.33
N ALA C 755 33.68 -35.67 24.30
CA ALA C 755 32.81 -34.52 24.47
C ALA C 755 31.36 -34.95 24.63
N MET C 756 30.90 -35.87 23.78
CA MET C 756 29.54 -36.39 23.85
C MET C 756 29.32 -37.28 25.07
N ALA C 757 30.39 -37.77 25.69
CA ALA C 757 30.25 -38.53 26.92
C ALA C 757 29.95 -37.61 28.10
N GLY C 758 30.55 -36.42 28.11
CA GLY C 758 30.28 -35.48 29.19
C GLY C 758 28.98 -34.74 29.00
N ARG C 759 28.51 -34.64 27.75
CA ARG C 759 27.21 -34.05 27.50
C ARG C 759 26.09 -35.00 27.94
N LEU C 760 26.30 -36.31 27.81
CA LEU C 760 25.30 -37.25 28.30
C LEU C 760 25.27 -37.30 29.82
N ASN C 761 26.37 -36.96 30.48
CA ASN C 761 26.41 -36.87 31.92
C ASN C 761 25.67 -35.64 32.41
N ALA C 762 25.84 -34.51 31.73
CA ALA C 762 25.16 -33.28 32.10
C ALA C 762 23.67 -33.36 31.83
N LEU C 763 23.26 -34.16 30.86
CA LEU C 763 21.84 -34.35 30.59
C LEU C 763 21.18 -35.28 31.59
N GLY C 764 21.95 -36.00 32.39
CA GLY C 764 21.41 -36.89 33.39
C GLY C 764 20.93 -38.23 32.89
N VAL C 765 21.54 -38.77 31.85
CA VAL C 765 21.11 -40.04 31.30
C VAL C 765 22.13 -41.15 31.49
N VAL C 766 23.42 -40.83 31.59
CA VAL C 766 24.45 -41.82 31.87
C VAL C 766 25.37 -41.21 32.92
N GLN C 767 25.68 -41.96 33.98
CA GLN C 767 26.65 -41.47 34.96
C GLN C 767 28.05 -41.44 34.39
N ASN C 768 28.54 -42.55 33.86
CA ASN C 768 29.82 -42.56 33.16
C ASN C 768 29.58 -43.31 31.86
N ALA C 769 29.81 -42.65 30.73
CA ALA C 769 29.48 -43.24 29.45
C ALA C 769 30.62 -44.13 28.97
N LEU C 770 30.28 -45.36 28.58
CA LEU C 770 31.25 -46.26 27.97
C LEU C 770 31.20 -46.08 26.46
N VAL C 771 31.92 -46.95 25.74
CA VAL C 771 32.01 -46.81 24.28
C VAL C 771 30.73 -47.27 23.59
N ASP C 772 29.94 -48.13 24.23
CA ASP C 772 28.71 -48.59 23.58
C ASP C 772 27.58 -47.59 23.78
N ASP C 773 27.67 -46.76 24.82
CA ASP C 773 26.66 -45.72 25.01
C ASP C 773 26.89 -44.56 24.07
N VAL C 774 28.15 -44.30 23.72
CA VAL C 774 28.47 -43.22 22.81
C VAL C 774 28.27 -43.66 21.36
N ASN C 775 28.59 -44.92 21.04
CA ASN C 775 28.38 -45.40 19.69
C ASN C 775 26.90 -45.50 19.36
N LYS C 776 26.07 -45.74 20.36
CA LYS C 776 24.63 -45.72 20.15
C LYS C 776 24.14 -44.32 19.87
N LEU C 777 24.82 -43.32 20.43
CA LEU C 777 24.51 -41.93 20.12
C LEU C 777 25.07 -41.52 18.78
N ALA C 778 26.16 -42.16 18.34
CA ALA C 778 26.76 -41.80 17.06
C ALA C 778 26.00 -42.41 15.90
N ASN C 779 25.43 -43.59 16.10
CA ASN C 779 24.66 -44.23 15.04
C ASN C 779 23.35 -43.51 14.81
N GLY C 780 22.70 -43.06 15.88
CA GLY C 780 21.47 -42.32 15.73
C GLY C 780 21.69 -40.99 15.07
N PHE C 781 22.81 -40.34 15.39
CA PHE C 781 23.21 -39.09 14.74
C PHE C 781 23.45 -39.29 13.25
N ASN C 782 24.11 -40.40 12.89
CA ASN C 782 24.46 -40.60 11.49
C ASN C 782 23.26 -40.97 10.64
N GLN C 783 22.33 -41.75 11.20
CA GLN C 783 21.16 -42.15 10.43
C GLN C 783 20.20 -41.00 10.27
N LEU C 784 20.11 -40.11 11.25
CA LEU C 784 19.19 -38.99 11.15
C LEU C 784 19.71 -37.93 10.22
N THR C 785 21.01 -37.87 9.99
CA THR C 785 21.55 -36.88 9.08
C THR C 785 21.56 -37.40 7.65
N ALA C 786 21.75 -38.70 7.47
CA ALA C 786 21.65 -39.28 6.14
C ALA C 786 20.20 -39.33 5.66
N SER C 787 19.25 -39.26 6.58
CA SER C 787 17.83 -39.19 6.22
C SER C 787 17.42 -37.83 5.72
N VAL C 788 18.26 -36.80 5.86
CA VAL C 788 17.98 -35.49 5.29
C VAL C 788 17.99 -35.56 3.77
N SER C 789 18.81 -36.46 3.21
CA SER C 789 18.86 -36.74 1.78
C SER C 789 17.54 -37.25 1.19
N LYS C 790 16.63 -37.76 2.03
CA LYS C 790 15.37 -38.30 1.56
C LYS C 790 14.19 -37.39 1.86
N LEU C 791 14.43 -36.13 2.18
CA LEU C 791 13.33 -35.21 2.44
C LEU C 791 12.61 -34.90 1.14
N ALA C 792 11.29 -34.85 1.22
CA ALA C 792 10.44 -34.56 0.09
C ALA C 792 9.67 -33.29 0.38
N LEU C 793 9.45 -32.47 -0.65
CA LEU C 793 8.87 -31.16 -0.45
C LEU C 793 7.39 -31.24 -0.18
N THR C 794 6.76 -32.36 -0.49
CA THR C 794 5.37 -32.62 -0.15
C THR C 794 5.16 -33.03 1.29
N THR C 795 6.22 -33.37 2.02
CA THR C 795 6.11 -33.85 3.39
C THR C 795 6.88 -33.02 4.40
N SER C 796 8.04 -32.49 4.02
CA SER C 796 8.88 -31.77 4.97
C SER C 796 8.38 -30.35 5.13
N SER C 797 8.07 -29.96 6.37
CA SER C 797 7.63 -28.60 6.63
C SER C 797 8.76 -27.59 6.61
N ALA C 798 10.01 -28.06 6.60
CA ALA C 798 11.14 -27.14 6.51
C ALA C 798 11.47 -26.81 5.07
N LEU C 799 11.24 -27.73 4.14
CA LEU C 799 11.43 -27.40 2.73
C LEU C 799 10.29 -26.54 2.20
N GLN C 800 9.10 -26.69 2.76
CA GLN C 800 7.98 -25.86 2.35
C GLN C 800 8.17 -24.43 2.80
N ALA C 801 8.91 -24.20 3.88
CA ALA C 801 9.18 -22.84 4.29
C ALA C 801 10.23 -22.19 3.39
N ILE C 802 11.18 -22.97 2.87
CA ILE C 802 12.15 -22.45 1.93
C ILE C 802 11.50 -22.18 0.59
N GLN C 803 10.59 -23.08 0.17
CA GLN C 803 9.90 -22.94 -1.10
C GLN C 803 8.91 -21.79 -1.07
N ALA C 804 8.35 -21.49 0.10
CA ALA C 804 7.47 -20.34 0.23
C ALA C 804 8.22 -19.02 0.05
N VAL C 805 9.49 -19.00 0.42
CA VAL C 805 10.29 -17.79 0.25
C VAL C 805 10.71 -17.65 -1.21
N VAL C 806 11.04 -18.77 -1.86
CA VAL C 806 11.42 -18.76 -3.27
C VAL C 806 10.22 -18.44 -4.15
N ASN C 807 9.02 -18.88 -3.75
CA ASN C 807 7.86 -18.58 -4.57
C ASN C 807 7.39 -17.14 -4.43
N GLN C 808 7.64 -16.52 -3.28
CA GLN C 808 7.21 -15.14 -3.15
C GLN C 808 8.26 -14.17 -3.64
N ASN C 809 9.51 -14.61 -3.81
CA ASN C 809 10.50 -13.77 -4.45
C ASN C 809 10.26 -13.71 -5.95
N ALA C 810 9.83 -14.82 -6.54
CA ALA C 810 9.69 -14.89 -7.98
C ALA C 810 8.35 -14.32 -8.43
N ALA C 811 7.38 -14.26 -7.52
CA ALA C 811 6.11 -13.64 -7.86
C ALA C 811 6.20 -12.13 -7.73
N GLN C 812 7.22 -11.65 -7.07
CA GLN C 812 7.40 -10.21 -6.90
C GLN C 812 8.18 -9.63 -8.06
N VAL C 813 9.17 -10.38 -8.55
CA VAL C 813 9.90 -9.98 -9.74
C VAL C 813 8.99 -10.00 -10.95
N GLU C 814 8.09 -10.96 -11.01
CA GLU C 814 7.25 -11.11 -12.18
C GLU C 814 6.13 -10.08 -12.22
N SER C 815 5.73 -9.53 -11.08
CA SER C 815 4.80 -8.40 -11.11
C SER C 815 5.49 -7.16 -11.63
N LEU C 816 6.80 -7.08 -11.46
CA LEU C 816 7.54 -5.89 -11.82
C LEU C 816 7.92 -5.92 -13.29
N VAL C 817 7.87 -7.10 -13.91
CA VAL C 817 8.17 -7.26 -15.33
C VAL C 817 6.89 -7.27 -16.15
N SER C 818 5.81 -7.79 -15.57
CA SER C 818 4.49 -7.66 -16.17
C SER C 818 3.97 -6.23 -16.17
N GLY C 819 4.56 -5.35 -15.37
CA GLY C 819 4.07 -3.99 -15.35
C GLY C 819 4.55 -3.12 -16.48
N ILE C 820 5.45 -3.59 -17.31
CA ILE C 820 5.99 -2.79 -18.41
C ILE C 820 5.91 -3.53 -19.73
N THR C 821 5.00 -4.49 -19.83
CA THR C 821 4.67 -5.07 -21.12
C THR C 821 3.22 -4.82 -21.48
N GLU C 822 2.51 -4.01 -20.73
CA GLU C 822 1.10 -3.88 -21.02
C GLU C 822 0.62 -2.45 -20.82
N ASN C 823 -0.17 -1.99 -21.79
CA ASN C 823 -0.92 -0.76 -21.63
C ASN C 823 -1.97 -0.93 -20.55
N PHE C 824 -2.31 0.16 -19.91
CA PHE C 824 -3.23 0.10 -18.78
C PHE C 824 -4.56 0.73 -19.17
N GLY C 825 -4.97 0.49 -20.41
CA GLY C 825 -6.05 1.21 -21.02
C GLY C 825 -5.61 2.16 -22.10
N ALA C 826 -4.31 2.30 -22.32
CA ALA C 826 -3.81 3.14 -23.38
C ALA C 826 -3.83 2.38 -24.70
N ILE C 827 -3.33 3.01 -25.75
CA ILE C 827 -3.33 2.38 -27.05
C ILE C 827 -2.03 1.66 -27.35
N SER C 828 -0.95 2.03 -26.68
CA SER C 828 0.37 1.47 -26.90
C SER C 828 1.21 1.77 -25.67
N THR C 829 2.49 1.41 -25.72
CA THR C 829 3.41 1.68 -24.64
C THR C 829 4.46 2.72 -24.99
N ASN C 830 4.39 3.30 -26.18
CA ASN C 830 5.36 4.30 -26.61
C ASN C 830 4.73 5.68 -26.46
N PHE C 831 5.44 6.57 -25.78
CA PHE C 831 4.86 7.86 -25.40
C PHE C 831 4.88 8.85 -26.54
N LYS C 832 5.74 8.61 -27.53
CA LYS C 832 5.77 9.47 -28.71
C LYS C 832 4.60 9.14 -29.63
N VAL C 833 4.34 7.85 -29.80
CA VAL C 833 3.27 7.38 -30.68
C VAL C 833 1.90 7.83 -30.17
N ILE C 834 1.71 7.82 -28.85
CA ILE C 834 0.43 8.23 -28.26
C ILE C 834 0.19 9.73 -28.51
N SER C 835 1.25 10.53 -28.48
CA SER C 835 1.07 11.96 -28.64
C SER C 835 1.13 12.41 -30.10
N GLN C 836 1.58 11.55 -31.03
CA GLN C 836 1.59 11.89 -32.45
C GLN C 836 0.48 11.20 -33.22
N ARG C 837 -0.48 10.60 -32.53
CA ARG C 837 -1.60 9.95 -33.18
C ARG C 837 -2.94 10.49 -32.71
N LEU C 838 -2.99 11.11 -31.53
CA LEU C 838 -4.24 11.59 -30.98
C LEU C 838 -4.15 13.09 -30.74
N ASP C 839 -5.30 13.71 -30.48
CA ASP C 839 -5.32 15.11 -30.09
C ASP C 839 -4.89 15.27 -28.64
N LYS C 840 -4.63 16.51 -28.23
CA LYS C 840 -4.01 16.76 -26.94
C LYS C 840 -4.98 16.66 -25.77
N LEU C 841 -6.25 16.35 -26.00
CA LEU C 841 -7.13 15.93 -24.94
C LEU C 841 -7.11 14.42 -24.72
N GLU C 842 -6.97 13.64 -25.78
CA GLU C 842 -6.87 12.19 -25.62
C GLU C 842 -5.44 11.74 -25.40
N ALA C 843 -4.47 12.45 -25.94
CA ALA C 843 -3.09 12.06 -25.68
C ALA C 843 -2.59 12.53 -24.36
N ASP C 844 -3.41 13.12 -23.50
CA ASP C 844 -3.01 13.41 -22.14
C ASP C 844 -3.84 12.70 -21.10
N VAL C 845 -4.92 12.03 -21.49
CA VAL C 845 -5.58 11.14 -20.56
C VAL C 845 -5.12 9.71 -20.79
N GLN C 846 -4.47 9.42 -21.91
CA GLN C 846 -3.90 8.12 -22.11
C GLN C 846 -2.41 8.07 -21.82
N MET C 847 -1.77 9.22 -21.63
CA MET C 847 -0.47 9.22 -20.98
C MET C 847 -0.61 9.25 -19.47
N ASP C 848 -1.77 9.64 -18.95
CA ASP C 848 -2.03 9.44 -17.52
C ASP C 848 -2.56 8.05 -17.21
N ARG C 849 -2.57 7.14 -18.16
CA ARG C 849 -2.92 5.76 -17.86
C ARG C 849 -1.69 4.87 -17.82
N LEU C 850 -0.73 5.11 -18.71
CA LEU C 850 0.54 4.43 -18.60
C LEU C 850 1.27 4.86 -17.35
N ILE C 851 1.26 6.16 -17.06
CA ILE C 851 2.04 6.65 -15.93
C ILE C 851 1.38 6.27 -14.62
N ASN C 852 0.07 6.43 -14.49
CA ASN C 852 -0.59 6.01 -13.27
C ASN C 852 -0.62 4.51 -13.13
N GLY C 853 -0.60 3.79 -14.25
CA GLY C 853 -0.50 2.35 -14.19
C GLY C 853 0.87 1.88 -13.72
N ARG C 854 1.93 2.50 -14.23
CA ARG C 854 3.28 2.05 -13.88
C ARG C 854 3.70 2.52 -12.49
N MET C 855 3.18 3.66 -12.06
CA MET C 855 3.46 4.12 -10.70
C MET C 855 2.87 3.18 -9.66
N ASN C 856 1.79 2.48 -9.97
CA ASN C 856 1.21 1.55 -9.00
C ASN C 856 2.03 0.28 -8.87
N VAL C 857 2.55 -0.24 -9.97
CA VAL C 857 3.33 -1.47 -9.93
C VAL C 857 4.63 -1.23 -9.19
N LEU C 858 5.23 -0.06 -9.39
CA LEU C 858 6.46 0.25 -8.68
C LEU C 858 6.19 0.54 -7.22
N GLN C 859 5.04 1.14 -6.90
CA GLN C 859 4.75 1.45 -5.50
C GLN C 859 4.36 0.20 -4.73
N LEU C 860 3.72 -0.75 -5.39
CA LEU C 860 3.37 -2.00 -4.71
C LEU C 860 4.61 -2.85 -4.46
N PHE C 861 5.63 -2.70 -5.30
CA PHE C 861 6.92 -3.32 -5.05
C PHE C 861 7.56 -2.79 -3.79
N VAL C 862 7.55 -1.47 -3.62
CA VAL C 862 8.27 -0.83 -2.53
C VAL C 862 7.58 -1.11 -1.19
N THR C 863 6.26 -1.25 -1.21
CA THR C 863 5.53 -1.56 0.01
C THR C 863 5.77 -3.00 0.44
N ASN C 864 5.75 -3.94 -0.51
CA ASN C 864 6.02 -5.34 -0.18
C ASN C 864 7.46 -5.56 0.21
N TYR C 865 8.36 -4.69 -0.23
CA TYR C 865 9.77 -4.82 0.09
C TYR C 865 10.04 -4.31 1.49
N LYS C 866 9.39 -3.22 1.87
CA LYS C 866 9.48 -2.70 3.22
C LYS C 866 8.72 -3.56 4.21
N LEU C 867 7.72 -4.29 3.74
CA LEU C 867 6.99 -5.21 4.59
C LEU C 867 7.86 -6.41 4.95
N LYS C 868 8.83 -6.74 4.10
CA LYS C 868 9.70 -7.86 4.41
C LYS C 868 10.86 -7.44 5.30
N ILE C 869 11.35 -6.21 5.14
CA ILE C 869 12.41 -5.70 6.00
C ILE C 869 11.91 -5.57 7.43
N ALA C 870 10.70 -5.03 7.60
CA ALA C 870 10.14 -4.85 8.93
C ALA C 870 9.83 -6.17 9.61
N GLU C 871 9.60 -7.22 8.85
CA GLU C 871 9.46 -8.54 9.44
C GLU C 871 10.81 -9.10 9.87
N LEU C 872 11.85 -8.91 9.05
CA LEU C 872 13.15 -9.50 9.36
C LEU C 872 13.94 -8.72 10.41
N ARG C 873 13.44 -7.58 10.89
CA ARG C 873 14.16 -6.90 11.96
C ARG C 873 14.11 -7.71 13.23
N ASN C 874 12.98 -8.35 13.46
CA ASN C 874 12.75 -9.15 14.64
C ASN C 874 13.05 -10.62 14.44
N THR C 875 13.03 -11.10 13.20
CA THR C 875 13.48 -12.46 12.94
C THR C 875 14.98 -12.57 13.16
N HIS C 876 15.73 -11.48 12.94
CA HIS C 876 17.16 -11.45 13.24
C HIS C 876 17.45 -11.49 14.72
N ARG C 877 16.57 -10.95 15.56
CA ARG C 877 16.80 -11.03 16.99
C ARG C 877 16.44 -12.41 17.51
N TYR C 878 15.76 -13.20 16.71
CA TYR C 878 15.47 -14.57 17.09
C TYR C 878 16.54 -15.51 16.55
N VAL C 879 17.16 -15.18 15.42
CA VAL C 879 18.25 -15.99 14.90
C VAL C 879 19.48 -15.82 15.77
N GLN C 880 19.74 -14.60 16.25
CA GLN C 880 20.91 -14.38 17.09
C GLN C 880 20.77 -15.01 18.46
N SER C 881 19.56 -15.28 18.91
CA SER C 881 19.41 -15.97 20.17
C SER C 881 19.61 -17.48 20.01
N LEU C 882 19.27 -18.04 18.85
CA LEU C 882 19.46 -19.47 18.64
C LEU C 882 20.91 -19.79 18.33
N ILE C 883 21.69 -18.83 17.87
CA ILE C 883 23.10 -19.09 17.66
C ILE C 883 23.86 -19.02 18.98
N ASN C 884 23.48 -18.10 19.85
CA ASN C 884 24.26 -17.89 21.07
C ASN C 884 23.90 -18.86 22.18
N GLU C 885 22.72 -19.46 22.13
CA GLU C 885 22.19 -20.24 23.23
C GLU C 885 21.96 -21.69 22.88
N CYS C 886 21.67 -22.00 21.63
CA CYS C 886 21.57 -23.37 21.16
C CYS C 886 22.81 -23.87 20.47
N VAL C 887 23.50 -23.05 19.72
CA VAL C 887 24.59 -23.53 18.87
C VAL C 887 25.94 -23.31 19.54
N TYR C 888 26.10 -22.22 20.28
CA TYR C 888 27.38 -21.87 20.89
C TYR C 888 27.36 -21.99 22.40
N ALA C 889 26.31 -22.58 22.96
CA ALA C 889 26.22 -22.82 24.39
C ALA C 889 25.32 -24.01 24.61
N GLN C 890 25.04 -24.30 25.87
CA GLN C 890 24.06 -25.29 26.29
C GLN C 890 22.98 -24.54 27.05
N SER C 891 21.74 -24.68 26.61
CA SER C 891 20.67 -23.82 27.11
C SER C 891 19.84 -24.53 28.16
N LEU C 892 19.22 -23.74 29.02
CA LEU C 892 18.38 -24.23 30.09
C LEU C 892 16.91 -23.88 29.87
N ARG C 893 16.54 -23.55 28.65
CA ARG C 893 15.18 -23.14 28.32
C ARG C 893 14.43 -24.32 27.70
N ASN C 894 13.31 -24.68 28.31
CA ASN C 894 12.50 -25.80 27.83
C ASN C 894 11.95 -25.53 26.44
N GLY C 895 12.24 -26.43 25.51
CA GLY C 895 11.65 -26.38 24.20
C GLY C 895 12.23 -25.36 23.26
N PHE C 896 13.32 -24.71 23.63
CA PHE C 896 13.85 -23.63 22.82
C PHE C 896 14.69 -24.17 21.67
N CYS C 897 15.47 -25.20 21.93
CA CYS C 897 16.29 -25.84 20.91
C CYS C 897 15.65 -27.14 20.44
N GLY C 898 14.34 -27.14 20.24
CA GLY C 898 13.60 -28.36 20.01
C GLY C 898 13.11 -28.97 21.30
N GLN C 899 12.29 -30.01 21.17
CA GLN C 899 11.74 -30.68 22.33
C GLN C 899 12.68 -31.72 22.90
N GLY C 900 12.94 -31.65 24.18
CA GLY C 900 13.65 -32.71 24.85
C GLY C 900 15.00 -32.27 25.37
N LEU C 901 15.78 -33.25 25.77
CA LEU C 901 17.10 -33.02 26.35
C LEU C 901 18.10 -32.72 25.26
N HIS C 902 18.62 -31.50 25.22
CA HIS C 902 19.33 -31.00 24.06
C HIS C 902 20.75 -31.53 24.01
N VAL C 903 21.07 -32.26 22.95
CA VAL C 903 22.40 -32.82 22.78
C VAL C 903 23.25 -31.85 21.96
N LEU C 904 22.77 -31.42 20.81
CA LEU C 904 23.60 -30.68 19.87
C LEU C 904 22.75 -29.89 18.91
N SER C 905 23.24 -28.71 18.52
CA SER C 905 22.67 -27.97 17.42
C SER C 905 23.78 -27.53 16.48
N LEU C 906 23.56 -27.74 15.18
CA LEU C 906 24.44 -27.33 14.10
C LEU C 906 23.64 -26.46 13.14
N MET C 907 24.31 -25.72 12.27
CA MET C 907 23.62 -24.75 11.45
C MET C 907 24.21 -24.71 10.05
N GLN C 908 23.32 -24.64 9.06
CA GLN C 908 23.68 -24.70 7.65
C GLN C 908 23.03 -23.55 6.90
N ASN C 909 23.57 -23.25 5.73
CA ASN C 909 22.97 -22.25 4.85
C ASN C 909 21.85 -22.89 4.06
N ALA C 910 20.79 -22.15 3.87
CA ALA C 910 19.68 -22.52 3.05
C ALA C 910 19.47 -21.44 2.01
N PRO C 911 18.68 -21.67 0.96
CA PRO C 911 18.34 -20.57 0.07
C PRO C 911 17.56 -19.47 0.78
N SER C 912 18.22 -18.30 0.86
CA SER C 912 17.72 -17.07 1.46
C SER C 912 17.45 -17.21 2.95
N GLY C 913 18.36 -17.82 3.70
CA GLY C 913 18.18 -17.94 5.14
C GLY C 913 19.15 -18.95 5.72
N ILE C 914 18.83 -19.39 6.93
CA ILE C 914 19.69 -20.26 7.71
C ILE C 914 18.85 -21.42 8.21
N MET C 915 19.43 -22.61 8.28
CA MET C 915 18.73 -23.77 8.80
C MET C 915 19.48 -24.38 9.97
N PHE C 916 18.75 -24.59 11.07
CA PHE C 916 19.27 -25.15 12.30
C PHE C 916 18.88 -26.62 12.41
N PHE C 917 19.82 -27.46 12.80
CA PHE C 917 19.55 -28.88 12.99
C PHE C 917 19.65 -29.14 14.48
N HIS C 918 18.57 -29.56 15.11
CA HIS C 918 18.55 -29.76 16.54
C HIS C 918 18.43 -31.24 16.86
N TYR C 919 19.27 -31.72 17.76
CA TYR C 919 19.31 -33.13 18.16
C TYR C 919 18.92 -33.24 19.63
N SER C 920 17.91 -34.05 19.92
CA SER C 920 17.38 -34.10 21.27
C SER C 920 16.97 -35.52 21.63
N LEU C 921 16.98 -35.81 22.92
CA LEU C 921 16.60 -37.11 23.48
C LEU C 921 15.22 -36.99 24.08
N ILE C 922 14.24 -37.69 23.51
CA ILE C 922 12.90 -37.69 24.09
C ILE C 922 12.61 -39.08 24.64
N PRO C 923 11.83 -39.23 25.71
CA PRO C 923 11.61 -40.55 26.30
C PRO C 923 10.72 -41.45 25.48
N ASN C 924 10.95 -42.75 25.63
CA ASN C 924 10.40 -43.77 24.76
C ASN C 924 9.56 -44.79 25.52
N ASN C 925 10.15 -45.51 26.47
CA ASN C 925 9.44 -46.41 27.38
C ASN C 925 9.57 -45.86 28.79
N THR C 926 8.56 -46.10 29.63
CA THR C 926 8.59 -45.59 30.98
C THR C 926 8.43 -46.73 31.99
N ILE C 927 8.58 -46.38 33.26
CA ILE C 927 8.47 -47.34 34.36
C ILE C 927 8.09 -46.59 35.62
N THR C 928 7.22 -47.17 36.43
CA THR C 928 6.79 -46.55 37.67
C THR C 928 7.56 -47.18 38.83
N VAL C 929 8.29 -46.36 39.58
CA VAL C 929 9.12 -46.81 40.68
C VAL C 929 8.83 -45.90 41.88
N LYS C 930 9.27 -46.33 43.04
CA LYS C 930 9.19 -45.56 44.27
C LYS C 930 10.46 -44.72 44.38
N THR C 931 10.36 -43.54 44.98
CA THR C 931 11.47 -42.63 45.08
C THR C 931 11.33 -41.81 46.35
N THR C 932 12.44 -41.26 46.84
CA THR C 932 12.44 -40.63 48.15
C THR C 932 13.54 -39.58 48.16
N PRO C 933 13.40 -38.51 48.95
CA PRO C 933 14.49 -37.53 49.03
C PRO C 933 15.73 -38.04 49.72
N GLY C 934 15.61 -39.03 50.58
CA GLY C 934 16.79 -39.57 51.21
C GLY C 934 16.40 -40.58 52.26
N LEU C 935 17.40 -41.21 52.83
CA LEU C 935 17.23 -42.37 53.68
C LEU C 935 17.89 -42.15 55.02
N CYS C 936 17.19 -42.50 56.10
CA CYS C 936 17.77 -42.42 57.43
C CYS C 936 17.69 -43.78 58.12
N GLU C 937 18.67 -44.04 58.98
CA GLU C 937 18.71 -45.29 59.74
C GLU C 937 17.60 -45.35 60.77
N SER C 938 17.41 -44.30 61.55
CA SER C 938 16.34 -44.29 62.52
C SER C 938 15.64 -42.94 62.47
N ASP C 939 14.41 -42.93 62.98
CA ASP C 939 13.60 -41.71 62.96
C ASP C 939 13.87 -40.78 64.14
N GLU C 940 15.04 -40.85 64.75
CA GLU C 940 15.42 -39.88 65.77
C GLU C 940 16.33 -38.81 65.17
N LEU C 941 16.21 -37.58 65.66
CA LEU C 941 17.08 -36.50 65.22
C LEU C 941 18.51 -36.73 65.70
N GLY C 942 19.42 -36.87 64.75
CA GLY C 942 20.80 -37.21 65.04
C GLY C 942 21.25 -38.52 64.46
N SER C 943 20.38 -39.23 63.75
CA SER C 943 20.75 -40.44 63.04
C SER C 943 21.52 -40.11 61.78
N LYS C 944 22.26 -41.08 61.29
CA LYS C 944 22.99 -40.91 60.02
C LYS C 944 22.02 -41.00 58.86
N CYS C 945 22.09 -40.04 57.96
CA CYS C 945 21.21 -40.03 56.80
C CYS C 945 22.04 -39.93 55.52
N ILE C 946 21.48 -40.44 54.44
CA ILE C 946 22.09 -40.33 53.12
C ILE C 946 21.09 -39.70 52.17
N VAL C 947 21.63 -39.10 51.12
CA VAL C 947 20.90 -38.68 49.93
C VAL C 947 21.74 -39.16 48.76
N ALA C 948 21.19 -39.06 47.57
CA ALA C 948 21.94 -39.54 46.43
C ALA C 948 22.88 -38.47 45.90
N LYS C 949 23.99 -38.91 45.34
CA LYS C 949 24.99 -38.06 44.73
C LYS C 949 24.79 -38.12 43.22
N ASP C 950 24.46 -36.97 42.63
CA ASP C 950 24.34 -36.73 41.19
C ASP C 950 23.20 -37.54 40.58
N GLY C 951 22.26 -38.03 41.37
CA GLY C 951 21.17 -38.80 40.83
C GLY C 951 20.05 -38.93 41.82
N VAL C 952 19.14 -39.89 41.60
CA VAL C 952 17.96 -40.05 42.43
C VAL C 952 18.04 -41.39 43.13
N LEU C 953 17.27 -41.53 44.21
CA LEU C 953 17.12 -42.79 44.92
C LEU C 953 15.83 -43.44 44.46
N VAL C 954 15.90 -44.68 43.98
CA VAL C 954 14.74 -45.39 43.48
C VAL C 954 14.70 -46.78 44.10
N SER C 955 13.57 -47.46 43.97
CA SER C 955 13.55 -48.83 44.47
C SER C 955 13.00 -49.86 43.50
N ALA C 956 11.93 -49.54 42.74
CA ALA C 956 11.18 -50.46 41.88
C ALA C 956 10.58 -51.65 42.65
N ASN C 957 9.86 -51.30 43.72
CA ASN C 957 9.02 -52.21 44.49
C ASN C 957 9.84 -53.37 45.06
N LEU C 958 11.03 -53.04 45.55
CA LEU C 958 11.94 -54.02 46.10
C LEU C 958 12.07 -53.77 47.60
N SER C 959 12.73 -54.70 48.27
CA SER C 959 12.98 -54.57 49.69
C SER C 959 14.17 -53.67 50.00
N TYR C 960 14.90 -53.22 48.99
CA TYR C 960 16.08 -52.40 49.20
C TYR C 960 16.12 -51.29 48.16
N TRP C 961 16.80 -50.21 48.52
CA TRP C 961 16.84 -49.02 47.69
C TRP C 961 18.04 -49.03 46.74
N GLN C 962 17.94 -48.23 45.68
CA GLN C 962 18.95 -48.22 44.64
C GLN C 962 19.16 -46.79 44.13
N TRP C 963 20.20 -46.62 43.34
CA TRP C 963 20.60 -45.36 42.74
C TRP C 963 20.37 -45.39 41.24
N SER C 964 19.81 -44.32 40.69
CA SER C 964 19.60 -44.20 39.26
C SER C 964 19.99 -42.81 38.80
N PRO C 965 20.41 -42.62 37.54
CA PRO C 965 20.54 -41.27 37.00
C PRO C 965 19.20 -40.57 36.96
N ARG C 966 19.21 -39.25 37.01
CA ARG C 966 17.99 -38.52 37.28
C ARG C 966 17.02 -38.47 36.11
N ASN C 967 17.46 -38.76 34.87
CA ASN C 967 16.57 -38.71 33.72
C ASN C 967 16.51 -40.03 32.96
N LEU C 968 16.98 -41.11 33.56
CA LEU C 968 16.90 -42.43 32.95
C LEU C 968 16.92 -43.44 34.08
N TYR C 969 16.02 -44.41 34.02
CA TYR C 969 16.02 -45.47 35.02
C TYR C 969 17.09 -46.50 34.64
N LYS C 970 18.18 -46.52 35.39
CA LYS C 970 19.27 -47.47 35.17
C LYS C 970 19.89 -47.76 36.53
N PRO C 971 19.35 -48.73 37.26
CA PRO C 971 19.65 -48.81 38.69
C PRO C 971 20.99 -49.45 39.03
N GLU C 972 21.57 -48.93 40.12
CA GLU C 972 22.79 -49.42 40.73
C GLU C 972 22.57 -49.59 42.23
N ASN C 973 23.29 -50.52 42.83
CA ASN C 973 23.30 -50.64 44.29
C ASN C 973 23.99 -49.45 44.95
N LEU C 974 23.72 -49.28 46.23
CA LEU C 974 24.25 -48.12 46.94
C LEU C 974 25.65 -48.44 47.45
N THR C 975 26.53 -47.45 47.41
CA THR C 975 27.95 -47.64 47.61
C THR C 975 28.46 -46.37 48.28
N PHE C 976 29.58 -46.46 48.97
CA PHE C 976 30.39 -45.29 49.25
C PHE C 976 30.78 -44.64 47.92
N ALA C 977 30.92 -43.32 47.93
CA ALA C 977 31.15 -42.48 46.75
C ALA C 977 30.05 -42.62 45.70
N ASN C 978 28.85 -42.95 46.14
CA ASN C 978 27.64 -42.95 45.32
C ASN C 978 26.52 -42.21 46.01
N VAL C 979 26.58 -42.10 47.33
CA VAL C 979 25.66 -41.34 48.15
C VAL C 979 26.49 -40.29 48.89
N ILE C 980 25.80 -39.39 49.58
CA ILE C 980 26.41 -38.33 50.35
C ILE C 980 25.90 -38.47 51.78
N ALA C 981 26.79 -38.38 52.75
CA ALA C 981 26.41 -38.42 54.16
C ALA C 981 25.99 -37.03 54.59
N VAL C 982 24.74 -36.89 54.98
CA VAL C 982 24.16 -35.59 55.31
C VAL C 982 23.51 -35.62 56.68
N SER C 983 22.91 -34.51 57.09
CA SER C 983 21.98 -34.47 58.19
C SER C 983 20.60 -34.88 57.69
N ARG C 984 19.55 -34.61 58.47
CA ARG C 984 18.22 -34.95 58.00
C ARG C 984 17.70 -33.89 57.04
N GLY C 985 16.43 -34.00 56.70
CA GLY C 985 15.75 -32.99 55.92
C GLY C 985 14.26 -33.15 56.09
N ALA C 986 13.51 -32.49 55.23
CA ALA C 986 12.07 -32.62 55.25
C ALA C 986 11.66 -33.99 54.73
N ASN C 987 11.28 -34.86 55.67
CA ASN C 987 10.63 -36.15 55.40
C ASN C 987 11.51 -37.13 54.64
N TYR C 988 12.61 -37.53 55.26
CA TYR C 988 13.36 -38.65 54.71
C TYR C 988 12.73 -39.98 55.12
N THR C 989 13.14 -41.04 54.44
CA THR C 989 12.55 -42.36 54.62
C THR C 989 13.40 -43.21 55.55
N THR C 990 12.78 -43.73 56.61
CA THR C 990 13.47 -44.51 57.61
C THR C 990 13.51 -45.98 57.23
N LEU C 991 14.67 -46.60 57.41
CA LEU C 991 14.83 -48.01 57.12
C LEU C 991 14.61 -48.90 58.33
N ASN C 992 14.86 -48.36 59.53
CA ASN C 992 15.04 -49.09 60.79
C ASN C 992 16.07 -50.19 60.67
N LYS C 993 17.13 -49.94 59.91
CA LYS C 993 18.25 -50.84 59.72
C LYS C 993 19.51 -50.01 59.78
N THR C 994 20.66 -50.59 59.47
CA THR C 994 21.88 -49.83 59.24
C THR C 994 22.32 -50.05 57.82
N PHE C 995 23.00 -49.05 57.26
CA PHE C 995 23.41 -49.11 55.86
C PHE C 995 24.50 -50.15 55.68
N ASP C 996 24.46 -50.85 54.55
CA ASP C 996 25.48 -51.84 54.23
C ASP C 996 26.81 -51.20 53.84
N ILE C 997 26.82 -49.90 53.58
CA ILE C 997 28.00 -49.13 53.18
C ILE C 997 28.99 -49.10 54.32
N PRO C 998 30.18 -49.69 54.18
CA PRO C 998 31.14 -49.69 55.29
C PRO C 998 31.84 -48.35 55.49
C1 NAG D . -33.73 -1.70 14.89
C2 NAG D . -33.67 -3.21 14.60
C3 NAG D . -34.85 -3.96 15.24
C4 NAG D . -34.88 -3.66 16.74
C5 NAG D . -34.94 -2.15 16.98
C6 NAG D . -34.83 -1.77 18.44
C7 NAG D . -34.03 -3.55 12.04
C8 NAG D . -35.33 -2.80 11.98
N2 NAG D . -33.37 -3.65 13.22
O3 NAG D . -34.73 -5.35 15.00
O4 NAG D . -36.02 -4.27 17.34
O5 NAG D . -33.84 -1.49 16.32
O6 NAG D . -33.56 -2.11 18.97
O7 NAG D . -33.55 -4.03 11.03
C1 NAG D . -35.59 -5.39 18.17
C2 NAG D . -36.57 -5.57 19.33
C3 NAG D . -36.21 -6.80 20.14
C4 NAG D . -36.07 -8.04 19.24
C5 NAG D . -35.08 -7.74 18.12
C6 NAG D . -34.94 -8.87 17.13
C7 NAG D . -37.55 -3.46 20.14
C8 NAG D . -37.40 -2.33 21.11
N2 NAG D . -36.59 -4.39 20.18
O3 NAG D . -37.21 -7.04 21.13
O4 NAG D . -35.63 -9.15 20.00
O5 NAG D . -35.53 -6.59 17.38
O6 NAG D . -33.63 -8.89 16.57
O7 NAG D . -38.48 -3.53 19.37
C1 NAG E . -14.36 -22.90 45.30
C2 NAG E . -15.32 -21.74 45.53
C3 NAG E . -16.17 -21.98 46.79
C4 NAG E . -16.84 -23.34 46.77
C5 NAG E . -15.79 -24.43 46.53
C6 NAG E . -16.35 -25.81 46.36
C7 NAG E . -14.70 -19.47 44.79
C8 NAG E . -13.93 -18.24 45.12
N2 NAG E . -14.61 -20.48 45.66
O3 NAG E . -17.16 -20.97 46.89
O4 NAG E . -17.44 -23.56 48.04
O5 NAG E . -15.10 -24.13 45.30
O6 NAG E . -17.35 -25.84 45.35
O7 NAG E . -15.38 -19.55 43.77
C1 NAG E . -18.87 -23.78 47.94
C2 NAG E . -19.32 -24.44 49.26
C3 NAG E . -20.82 -24.69 49.24
C4 NAG E . -21.59 -23.43 48.86
C5 NAG E . -21.03 -22.83 47.58
C6 NAG E . -21.67 -21.52 47.20
C7 NAG E . -17.53 -25.76 50.27
C8 NAG E . -16.89 -27.11 50.38
N2 NAG E . -18.59 -25.68 49.48
O3 NAG E . -21.24 -25.13 50.53
O4 NAG E . -22.96 -23.73 48.69
O5 NAG E . -19.62 -22.57 47.72
O6 NAG E . -22.50 -21.67 46.05
O7 NAG E . -17.09 -24.78 50.87
C1 NAG F . 15.52 -19.95 70.49
C2 NAG F . 14.48 -20.22 71.57
C3 NAG F . 14.47 -19.07 72.58
C4 NAG F . 15.88 -18.87 73.16
C5 NAG F . 16.87 -18.66 72.04
C6 NAG F . 18.30 -18.58 72.54
C7 NAG F . 12.63 -21.60 70.80
C8 NAG F . 11.26 -21.61 70.19
N2 NAG F . 13.17 -20.39 71.01
O3 NAG F . 13.52 -19.35 73.60
O4 NAG F . 15.92 -17.72 73.99
O5 NAG F . 16.82 -19.75 71.10
O6 NAG F . 19.10 -19.65 72.04
O7 NAG F . 13.23 -22.63 71.07
C1 NAG F . 15.94 -18.11 75.38
C2 NAG F . 16.65 -17.06 76.21
C3 NAG F . 16.58 -17.43 77.69
C4 NAG F . 15.14 -17.62 78.12
C5 NAG F . 14.42 -18.62 77.20
C6 NAG F . 12.92 -18.67 77.44
C7 NAG F . 18.48 -15.75 75.24
C8 NAG F . 19.92 -15.73 74.86
N2 NAG F . 18.02 -16.89 75.79
O3 NAG F . 17.20 -16.42 78.47
O4 NAG F . 15.08 -18.09 79.46
O5 NAG F . 14.58 -18.23 75.83
O6 NAG F . 12.22 -18.86 76.23
O7 NAG F . 17.75 -14.79 75.07
C1 NAG G . 17.91 -3.43 63.23
C2 NAG G . 16.53 -2.85 62.96
C3 NAG G . 16.57 -1.90 61.78
C4 NAG G . 17.66 -0.85 61.94
C5 NAG G . 18.99 -1.53 62.26
C6 NAG G . 20.11 -0.58 62.59
C7 NAG G . 14.75 -4.37 63.70
C8 NAG G . 13.84 -5.49 63.31
N2 NAG G . 15.57 -3.92 62.75
O3 NAG G . 15.31 -1.27 61.65
O4 NAG G . 17.78 -0.14 60.70
O5 NAG G . 18.84 -2.38 63.40
O6 NAG G . 19.80 0.19 63.74
O7 NAG G . 14.74 -3.89 64.82
C1 NAG G . 17.63 1.29 60.79
C2 NAG G . 18.12 1.85 59.45
C3 NAG G . 17.92 3.37 59.41
C4 NAG G . 16.50 3.76 59.81
C5 NAG G . 16.08 3.07 61.11
C6 NAG G . 14.63 3.23 61.45
C7 NAG G . 19.96 0.84 58.20
C8 NAG G . 21.44 0.57 58.17
N2 NAG G . 19.51 1.51 59.26
O3 NAG G . 18.20 3.84 58.10
O4 NAG G . 16.49 5.18 60.00
O5 NAG G . 16.30 1.65 60.99
O6 NAG G . 13.83 3.16 60.28
O7 NAG G . 19.22 0.45 57.31
C1 BMA G . 15.52 5.91 59.21
C2 BMA G . 15.14 7.17 60.03
C3 BMA G . 14.02 7.90 59.31
C4 BMA G . 14.41 8.22 57.84
C5 BMA G . 14.92 6.94 57.11
C6 BMA G . 15.51 7.25 55.75
O2 BMA G . 16.24 8.06 60.07
O3 BMA G . 13.63 9.08 59.99
O4 BMA G . 13.29 8.77 57.16
O5 BMA G . 15.95 6.31 57.91
O6 BMA G . 16.77 7.84 55.97
C1 NAG H . 20.26 30.57 4.19
C2 NAG H . 19.43 30.81 5.47
C3 NAG H . 20.00 31.98 6.28
C4 NAG H . 21.48 31.71 6.59
C5 NAG H . 22.25 31.47 5.29
C6 NAG H . 23.68 31.05 5.53
C7 NAG H . 17.07 31.65 4.73
C8 NAG H . 17.57 32.79 3.90
N2 NAG H . 17.97 30.83 5.35
O3 NAG H . 19.25 32.14 7.47
O4 NAG H . 22.05 32.82 7.28
O5 NAG H . 21.65 30.40 4.54
O6 NAG H . 23.76 29.79 6.18
O7 NAG H . 15.87 31.43 4.83
C1 NAG H . 22.29 32.46 8.66
C2 NAG H . 23.49 33.25 9.19
C3 NAG H . 23.69 32.97 10.68
C4 NAG H . 22.40 33.20 11.46
C5 NAG H . 21.28 32.38 10.85
C6 NAG H . 19.94 32.59 11.51
C7 NAG H . 25.20 33.70 7.49
C8 NAG H . 26.46 33.19 6.84
N2 NAG H . 24.70 32.92 8.45
O3 NAG H . 24.72 33.82 11.19
O4 NAG H . 22.58 32.84 12.83
O5 NAG H . 21.13 32.74 9.47
O6 NAG H . 19.14 31.42 11.43
O7 NAG H . 24.68 34.75 7.17
C1 NAG I . 35.79 10.35 37.35
C2 NAG I . 36.64 11.04 36.28
C3 NAG I . 37.87 11.70 36.90
C4 NAG I . 37.50 12.58 38.08
C5 NAG I . 36.67 11.79 39.08
C6 NAG I . 36.14 12.61 40.23
C7 NAG I . 36.66 10.17 33.97
C8 NAG I . 37.24 9.15 33.04
N2 NAG I . 37.06 10.10 35.24
O3 NAG I . 38.55 12.46 35.92
O4 NAG I . 38.71 13.00 38.72
O5 NAG I . 35.51 11.27 38.40
O6 NAG I . 35.42 13.75 39.77
O7 NAG I . 35.86 11.01 33.58
C1 NAG I . 38.86 14.44 38.75
C2 NAG I . 39.90 14.77 39.83
C3 NAG I . 40.12 16.28 39.91
C4 NAG I . 40.41 16.86 38.53
C5 NAG I . 39.35 16.43 37.53
C6 NAG I . 39.62 16.88 36.12
C7 NAG I . 39.95 13.09 41.60
C8 NAG I . 39.42 12.68 42.94
N2 NAG I . 39.49 14.24 41.12
O3 NAG I . 41.22 16.54 40.78
O4 NAG I . 40.45 18.28 38.61
O5 NAG I . 39.27 15.00 37.49
O6 NAG I . 38.71 17.91 35.74
O7 NAG I . 40.75 12.40 40.98
C1 NAG J . 53.10 -23.36 47.35
C2 NAG J . 54.21 -22.49 47.92
C3 NAG J . 55.54 -22.85 47.26
C4 NAG J . 55.84 -24.34 47.44
C5 NAG J . 54.68 -25.16 46.91
C6 NAG J . 54.84 -26.64 47.16
C7 NAG J . 53.41 -20.33 48.71
C8 NAG J . 53.16 -18.89 48.35
N2 NAG J . 53.92 -21.09 47.74
O3 NAG J . 56.57 -22.04 47.82
O4 NAG J . 57.00 -24.72 46.71
O5 NAG J . 53.44 -24.76 47.53
O6 NAG J . 53.82 -27.15 48.02
O7 NAG J . 53.15 -20.78 49.81
C1 NAG J . 58.11 -24.89 47.62
C2 NAG J . 59.09 -25.91 47.05
C3 NAG J . 60.29 -26.03 47.97
C4 NAG J . 60.94 -24.66 48.17
C5 NAG J . 59.91 -23.64 48.65
C6 NAG J . 60.43 -22.22 48.65
C7 NAG J . 58.28 -27.75 45.65
C8 NAG J . 57.63 -29.09 45.62
N2 NAG J . 58.46 -27.21 46.86
O3 NAG J . 61.24 -26.93 47.40
O4 NAG J . 62.00 -24.75 49.12
O5 NAG J . 58.76 -23.63 47.79
O6 NAG J . 59.41 -21.30 48.29
O7 NAG J . 58.64 -27.17 44.63
C1 NAG K . 52.03 -27.32 29.61
C2 NAG K . 52.30 -26.04 28.85
C3 NAG K . 51.56 -26.04 27.52
C4 NAG K . 51.85 -27.30 26.72
C5 NAG K . 51.60 -28.54 27.60
C6 NAG K . 52.00 -29.85 26.97
C7 NAG K . 52.80 -24.17 30.36
C8 NAG K . 52.25 -23.03 31.14
N2 NAG K . 51.92 -24.89 29.65
O3 NAG K . 51.97 -24.90 26.77
O4 NAG K . 50.96 -27.34 25.60
O5 NAG K . 52.36 -28.44 28.81
O6 NAG K . 53.39 -29.87 26.68
O7 NAG K . 54.00 -24.43 30.35
C1 NAG K . 51.60 -27.46 24.31
C2 NAG K . 50.49 -27.80 23.32
C3 NAG K . 51.04 -27.85 21.90
C4 NAG K . 51.86 -26.63 21.55
C5 NAG K . 52.88 -26.31 22.67
C6 NAG K . 53.57 -24.99 22.51
C7 NAG K . 48.57 -29.22 23.94
C8 NAG K . 48.14 -30.60 24.31
N2 NAG K . 49.88 -29.07 23.68
O3 NAG K . 49.97 -28.00 20.97
O4 NAG K . 52.55 -26.89 20.33
O5 NAG K . 52.20 -26.26 23.93
O6 NAG K . 52.66 -24.00 22.04
O7 NAG K . 47.80 -28.27 23.87
C1 BMA K . 52.33 -25.93 19.26
C2 BMA K . 53.60 -25.93 18.39
C3 BMA K . 53.46 -24.84 17.34
C4 BMA K . 52.17 -25.03 16.50
C5 BMA K . 50.93 -25.19 17.44
C6 BMA K . 49.69 -25.58 16.69
O2 BMA K . 53.72 -27.15 17.70
O3 BMA K . 54.60 -24.79 16.49
O4 BMA K . 52.00 -23.92 15.63
O5 BMA K . 51.19 -26.21 18.43
O6 BMA K . 49.81 -26.95 16.35
C1 NAG L . 10.48 -25.63 -24.41
C2 NAG L . 11.92 -25.08 -24.22
C3 NAG L . 12.95 -25.97 -24.91
C4 NAG L . 12.81 -27.40 -24.40
C5 NAG L . 11.38 -27.90 -24.61
C6 NAG L . 11.13 -29.26 -24.00
C7 NAG L . 12.06 -22.81 -25.49
C8 NAG L . 11.62 -23.36 -26.82
N2 NAG L . 12.14 -23.64 -24.41
O3 NAG L . 14.26 -25.47 -24.66
O4 NAG L . 13.71 -28.27 -25.09
O5 NAG L . 10.44 -27.01 -23.99
O6 NAG L . 11.23 -29.23 -22.59
O7 NAG L . 12.35 -21.62 -25.37
C1 NAG L . 14.78 -28.67 -24.20
C2 NAG L . 15.28 -30.06 -24.60
C3 NAG L . 16.49 -30.46 -23.75
C4 NAG L . 17.57 -29.37 -23.77
C5 NAG L . 16.95 -28.04 -23.36
C6 NAG L . 17.92 -26.89 -23.43
C7 NAG L . 13.53 -31.52 -25.51
C8 NAG L . 12.48 -32.55 -25.18
N2 NAG L . 14.22 -31.05 -24.47
O3 NAG L . 17.03 -31.69 -24.23
O4 NAG L . 18.62 -29.71 -22.88
O5 NAG L . 15.86 -27.73 -24.24
O6 NAG L . 17.59 -25.90 -22.46
O7 NAG L . 13.74 -31.14 -26.65
C1 NAG M . 29.70 -42.74 8.56
C2 NAG M . 28.80 -43.51 7.59
C3 NAG M . 29.34 -44.93 7.35
C4 NAG M . 30.81 -44.92 6.97
C5 NAG M . 31.61 -44.13 8.00
C6 NAG M . 33.06 -43.95 7.66
C7 NAG M . 26.40 -43.00 7.49
C8 NAG M . 25.06 -43.24 8.10
N2 NAG M . 27.43 -43.58 8.08
O3 NAG M . 28.59 -45.56 6.33
O4 NAG M . 31.28 -46.26 6.96
O5 NAG M . 31.06 -42.80 8.10
O6 NAG M . 33.22 -43.38 6.36
O7 NAG M . 26.53 -42.30 6.49
C1 NAG M . 31.79 -46.66 5.66
C2 NAG M . 32.66 -47.91 5.88
C3 NAG M . 33.23 -48.41 4.55
C4 NAG M . 32.14 -48.56 3.50
C5 NAG M . 31.31 -47.28 3.40
C6 NAG M . 30.14 -47.39 2.46
C7 NAG M . 33.64 -47.96 8.12
C8 NAG M . 34.82 -47.60 8.96
N2 NAG M . 33.73 -47.63 6.83
O3 NAG M . 33.88 -49.65 4.76
O4 NAG M . 32.71 -48.85 2.24
O5 NAG M . 30.78 -46.94 4.69
O6 NAG M . 30.37 -46.62 1.29
O7 NAG M . 32.65 -48.52 8.58
C1 NAG N . 22.66 -55.43 44.97
C2 NAG N . 23.26 -56.74 44.50
C3 NAG N . 22.24 -57.86 44.71
C4 NAG N . 21.80 -57.92 46.16
C5 NAG N . 21.27 -56.56 46.60
C6 NAG N . 20.92 -56.51 48.06
C7 NAG N . 24.93 -56.47 42.76
C8 NAG N . 25.19 -56.41 41.28
N2 NAG N . 23.67 -56.67 43.12
O3 NAG N . 22.81 -59.10 44.28
O4 NAG N . 20.74 -58.87 46.34
O5 NAG N . 22.24 -55.54 46.36
O6 NAG N . 21.74 -55.58 48.77
O7 NAG N . 25.83 -56.32 43.58
C1 NAG N . 21.25 -60.06 46.96
C2 NAG N . 20.16 -60.74 47.76
C3 NAG N . 20.68 -62.05 48.33
C4 NAG N . 21.21 -62.94 47.23
C5 NAG N . 22.25 -62.19 46.39
C6 NAG N . 22.66 -62.94 45.14
C7 NAG N . 18.39 -59.41 48.82
C8 NAG N . 18.02 -58.53 49.97
N2 NAG N . 19.65 -59.88 48.81
O3 NAG N . 19.63 -62.71 49.03
O4 NAG N . 21.81 -64.11 47.78
O5 NAG N . 21.72 -60.94 45.93
O6 NAG N . 22.88 -62.06 44.06
O7 NAG N . 17.60 -59.69 47.93
C1 NAG O . 5.41 -50.74 41.55
C2 NAG O . 5.13 -51.10 40.10
C3 NAG O . 4.09 -50.16 39.51
C4 NAG O . 2.84 -50.10 40.38
C5 NAG O . 3.23 -49.78 41.83
C6 NAG O . 2.09 -49.85 42.82
C7 NAG O . 7.06 -52.16 39.03
C8 NAG O . 8.31 -51.95 38.24
N2 NAG O . 6.36 -51.07 39.32
O3 NAG O . 3.74 -50.62 38.21
O4 NAG O . 2.01 -49.04 39.89
O5 NAG O . 4.21 -50.74 42.28
O6 NAG O . 1.53 -51.14 42.86
O7 NAG O . 6.70 -53.28 39.38
C1 NAG O . 0.65 -49.42 39.55
C2 NAG O . -0.12 -48.13 39.37
C3 NAG O . -1.55 -48.41 38.92
C4 NAG O . -1.59 -49.36 37.74
C5 NAG O . -0.70 -50.59 37.99
C6 NAG O . -0.50 -51.46 36.77
C7 NAG O . 0.34 -46.12 40.73
C8 NAG O . 0.27 -45.52 42.10
N2 NAG O . -0.12 -47.37 40.62
O3 NAG O . -2.20 -47.19 38.59
O4 NAG O . -2.95 -49.78 37.57
O5 NAG O . 0.61 -50.15 38.37
O6 NAG O . -0.38 -50.66 35.60
O7 NAG O . 0.79 -45.52 39.77
C1 BMA O . -3.51 -49.55 36.24
C2 BMA O . -4.58 -50.65 36.03
C3 BMA O . -5.10 -50.52 34.61
C4 BMA O . -5.65 -49.09 34.33
C5 BMA O . -4.59 -48.02 34.72
C6 BMA O . -5.13 -46.61 34.67
O2 BMA O . -5.68 -50.44 36.89
O3 BMA O . -6.11 -51.50 34.33
O4 BMA O . -5.99 -48.97 32.95
O5 BMA O . -4.12 -48.27 36.07
O6 BMA O . -5.97 -46.45 35.80
C1 NAG P . -31.46 35.40 16.51
C2 NAG P . -30.49 34.48 15.76
C3 NAG P . -29.63 35.30 14.78
C4 NAG P . -30.50 36.15 13.87
C5 NAG P . -31.46 37.00 14.70
C6 NAG P . -32.44 37.79 13.86
C7 NAG P . -30.03 32.62 17.29
C8 NAG P . -29.03 31.99 18.22
N2 NAG P . -29.65 33.75 16.68
O3 NAG P . -28.83 34.41 14.02
O4 NAG P . -29.69 37.00 13.08
O5 NAG P . -32.24 36.15 15.56
O6 NAG P . -31.79 38.48 12.81
O7 NAG P . -31.13 32.12 17.09
C1 NAG Q . -45.85 33.56 -28.65
C2 NAG Q . -46.68 33.87 -27.40
C3 NAG Q . -46.32 35.25 -26.84
C4 NAG Q . -44.82 35.38 -26.63
C5 NAG Q . -44.06 35.01 -27.90
C6 NAG Q . -42.56 34.97 -27.71
C7 NAG Q . -48.90 32.77 -27.33
C8 NAG Q . -48.25 31.62 -26.60
N2 NAG Q . -48.11 33.78 -27.68
O3 NAG Q . -47.02 35.46 -25.62
O4 NAG Q . -44.50 36.72 -26.27
O5 NAG Q . -44.45 33.70 -28.34
O6 NAG Q . -42.05 33.67 -27.98
O7 NAG Q . -50.10 32.76 -27.60
C1 NAG R . -52.71 19.21 -16.74
C2 NAG R . -53.00 19.30 -18.23
C3 NAG R . -54.41 19.83 -18.47
C4 NAG R . -55.43 18.97 -17.72
C5 NAG R . -55.08 18.89 -16.24
C6 NAG R . -55.97 17.96 -15.46
C7 NAG R . -51.00 19.61 -19.59
C8 NAG R . -50.08 20.61 -20.23
N2 NAG R . -52.03 20.13 -18.91
O3 NAG R . -54.70 19.82 -19.85
O4 NAG R . -56.74 19.51 -17.86
O5 NAG R . -53.73 18.40 -16.09
O6 NAG R . -55.90 16.64 -15.96
O7 NAG R . -50.82 18.41 -19.70
C1 NAG S . -0.46 52.79 -7.47
C2 NAG S . -1.40 53.43 -6.46
C3 NAG S . -0.61 54.01 -5.29
C4 NAG S . 0.35 52.97 -4.70
C5 NAG S . 1.18 52.32 -5.81
C6 NAG S . 2.02 51.17 -5.32
C7 NAG S . -3.25 54.25 -7.88
C8 NAG S . -3.92 55.45 -8.44
N2 NAG S . -2.19 54.49 -7.10
O3 NAG S . -1.51 54.45 -4.28
O4 NAG S . 1.22 53.59 -3.76
O5 NAG S . 0.32 51.79 -6.82
O6 NAG S . 2.07 50.12 -6.28
O7 NAG S . -3.65 53.11 -8.10
C1 NAG T . -28.91 19.20 25.85
C2 NAG T . -28.96 20.59 26.49
C3 NAG T . -29.06 20.49 28.01
C4 NAG T . -30.15 19.53 28.45
C5 NAG T . -29.96 18.19 27.76
C6 NAG T . -31.04 17.19 28.08
C7 NAG T . -27.83 22.47 25.34
C8 NAG T . -29.19 22.90 24.85
N2 NAG T . -27.80 21.37 26.11
O3 NAG T . -29.29 21.78 28.57
O4 NAG T . -30.09 19.34 29.85
O5 NAG T . -29.99 18.39 26.35
O6 NAG T . -30.74 15.91 27.55
O7 NAG T . -26.81 23.09 25.06
C1 NAG U . -15.99 28.24 32.12
C2 NAG U . -16.67 27.00 32.69
C3 NAG U . -17.79 27.37 33.69
C4 NAG U . -18.29 28.81 33.56
C5 NAG U . -17.16 29.84 33.38
C6 NAG U . -16.97 30.70 34.61
C7 NAG U . -18.03 26.34 30.68
C8 NAG U . -18.28 25.22 29.74
N2 NAG U . -17.13 26.08 31.65
O3 NAG U . -17.33 27.17 35.02
O4 NAG U . -19.20 28.92 32.46
O5 NAG U . -15.89 29.20 33.11
O6 NAG U . -18.19 31.33 35.00
O7 NAG U . -18.61 27.42 30.57
C1 NAG V . 4.52 21.99 42.71
C2 NAG V . 5.78 21.77 43.55
C3 NAG V . 6.53 23.09 43.73
C4 NAG V . 6.81 23.75 42.38
C5 NAG V . 5.49 23.90 41.62
C6 NAG V . 5.68 24.49 40.23
C7 NAG V . 5.61 19.89 45.13
C8 NAG V . 5.18 19.47 46.50
N2 NAG V . 5.44 21.19 44.84
O3 NAG V . 7.76 22.85 44.42
O4 NAG V . 7.39 25.03 42.57
O5 NAG V . 4.87 22.62 41.46
O6 NAG V . 5.66 23.49 39.22
O7 NAG V . 6.07 19.09 44.32
C1 NAG W . -6.76 3.47 42.49
C2 NAG W . -8.23 3.13 42.28
C3 NAG W . -8.48 1.64 42.52
C4 NAG W . -7.52 0.78 41.70
C5 NAG W . -6.08 1.22 41.95
C6 NAG W . -5.09 0.48 41.08
C7 NAG W . -9.70 5.04 42.75
C8 NAG W . -10.53 5.74 43.79
N2 NAG W . -9.08 3.93 43.15
O3 NAG W . -9.82 1.34 42.15
O4 NAG W . -7.67 -0.59 42.06
O5 NAG W . -5.95 2.61 41.66
O6 NAG W . -5.25 -0.93 41.17
O7 NAG W . -9.61 5.47 41.61
C1 NAG X . -1.75 -8.93 53.45
C2 NAG X . -2.77 -9.06 54.60
C3 NAG X . -3.51 -7.74 54.82
C4 NAG X . -2.53 -6.57 54.95
C5 NAG X . -1.59 -6.56 53.75
C6 NAG X . -0.56 -5.47 53.82
C7 NAG X . -3.71 -11.35 54.85
C8 NAG X . -2.63 -11.62 55.86
N2 NAG X . -3.72 -10.12 54.30
O3 NAG X . -4.31 -7.83 55.99
O4 NAG X . -3.24 -5.34 54.99
O5 NAG X . -0.90 -7.81 53.70
O6 NAG X . 0.70 -5.98 54.24
O7 NAG X . -4.54 -12.20 54.56
C1 NAG Y . 36.70 -8.06 55.01
C2 NAG Y . 38.07 -7.73 54.44
C3 NAG Y . 38.51 -6.33 54.88
C4 NAG Y . 37.42 -5.30 54.57
C5 NAG Y . 36.10 -5.76 55.17
C6 NAG Y . 34.93 -4.85 54.84
C7 NAG Y . 39.54 -9.67 54.06
C8 NAG Y . 40.53 -10.59 54.68
N2 NAG Y . 39.06 -8.72 54.87
O3 NAG Y . 39.73 -5.96 54.23
O4 NAG Y . 37.77 -4.03 55.11
O5 NAG Y . 35.77 -7.05 54.63
O6 NAG Y . 33.76 -5.24 55.55
O7 NAG Y . 39.20 -9.77 52.90
C1 NAG Z . 36.70 -12.55 68.98
C2 NAG Z . 36.50 -11.02 68.86
C3 NAG Z . 37.69 -10.38 68.17
C4 NAG Z . 39.00 -10.78 68.84
C5 NAG Z . 39.10 -12.30 68.89
C6 NAG Z . 40.33 -12.79 69.60
C7 NAG Z . 34.09 -10.52 68.75
C8 NAG Z . 32.94 -10.20 67.85
N2 NAG Z . 35.26 -10.71 68.15
O3 NAG Z . 37.54 -8.96 68.23
O4 NAG Z . 40.10 -10.23 68.13
O5 NAG Z . 37.97 -12.82 69.60
O6 NAG Z . 40.41 -12.23 70.91
O7 NAG Z . 33.96 -10.61 69.98
C1 NAG AA . 34.75 21.70 -28.92
C2 NAG AA . 33.52 21.04 -28.28
C3 NAG AA . 32.75 20.23 -29.32
C4 NAG AA . 32.43 21.09 -30.55
C5 NAG AA . 33.69 21.73 -31.09
C6 NAG AA . 33.44 22.69 -32.23
C7 NAG AA . 34.13 20.67 -25.93
C8 NAG AA . 34.52 19.65 -24.90
N2 NAG AA . 33.91 20.20 -27.17
O3 NAG AA . 31.55 19.73 -28.74
O4 NAG AA . 31.84 20.28 -31.56
O5 NAG AA . 34.33 22.49 -30.05
O6 NAG AA . 32.59 22.12 -33.22
O7 NAG AA . 34.01 21.86 -25.66
C1 NAG BA . -3.62 43.50 -46.30
C2 NAG BA . -2.20 44.05 -46.17
C3 NAG BA . -1.26 43.38 -47.18
C4 NAG BA . -1.36 41.86 -47.07
C5 NAG BA . -2.81 41.39 -47.16
C6 NAG BA . -2.98 39.92 -46.90
C7 NAG BA . -2.05 46.39 -45.34
C8 NAG BA . -1.95 45.83 -43.95
N2 NAG BA . -2.17 45.49 -46.33
O3 NAG BA . 0.07 43.81 -46.96
O4 NAG BA . -0.62 41.26 -48.12
O5 NAG BA . -3.60 42.08 -46.16
O6 NAG BA . -3.81 39.69 -45.77
O7 NAG BA . -2.03 47.59 -45.55
C1 NAG CA . 3.43 50.66 -29.14
C2 NAG CA . 2.18 51.17 -29.84
C3 NAG CA . 2.47 52.50 -30.55
C4 NAG CA . 3.05 53.50 -29.57
C5 NAG CA . 4.28 52.92 -28.88
C6 NAG CA . 4.85 53.83 -27.81
C7 NAG CA . 0.62 49.40 -30.47
C8 NAG CA . 0.20 48.43 -31.55
N2 NAG CA . 1.65 50.20 -30.77
O3 NAG CA . 1.26 53.00 -31.11
O4 NAG CA . 3.40 54.70 -30.24
O5 NAG CA . 3.95 51.68 -28.24
O6 NAG CA . 3.90 54.08 -26.79
O7 NAG CA . 0.05 49.45 -29.39
C1 NAG DA . 12.58 -7.40 -51.28
C2 NAG DA . 13.94 -6.76 -51.57
C3 NAG DA . 15.03 -7.83 -51.55
C4 NAG DA . 14.98 -8.67 -50.29
C5 NAG DA . 13.55 -9.19 -50.04
C6 NAG DA . 13.39 -9.89 -48.72
C7 NAG DA . 13.36 -4.87 -53.04
C8 NAG DA . 13.43 -4.33 -54.43
N2 NAG DA . 13.92 -6.08 -52.85
O3 NAG DA . 16.31 -7.19 -51.65
O4 NAG DA . 15.86 -9.79 -50.40
O5 NAG DA . 12.63 -8.09 -50.04
O6 NAG DA . 12.13 -9.59 -48.13
O7 NAG DA . 12.83 -4.25 -52.12
C1 NAG EA . 36.74 20.47 -10.19
C2 NAG EA . 37.84 20.17 -11.22
C3 NAG EA . 39.20 20.03 -10.54
C4 NAG EA . 39.49 21.18 -9.60
C5 NAG EA . 38.32 21.34 -8.62
C6 NAG EA . 38.49 22.51 -7.68
C7 NAG EA . 37.23 18.94 -13.28
C8 NAG EA . 37.25 20.26 -14.00
N2 NAG EA . 37.52 18.97 -11.98
O3 NAG EA . 40.22 19.94 -11.52
O4 NAG EA . 40.67 20.92 -8.86
O5 NAG EA . 37.13 21.57 -9.36
O6 NAG EA . 37.48 22.52 -6.69
O7 NAG EA . 36.99 17.89 -13.86
C1 NAG FA . 42.87 5.32 -14.78
C2 NAG FA . 43.08 6.09 -13.49
C3 NAG FA . 44.37 6.96 -13.54
C4 NAG FA . 44.88 7.21 -14.96
C5 NAG FA . 44.86 5.97 -15.87
C6 NAG FA . 46.24 5.43 -16.15
C7 NAG FA . 41.33 7.86 -13.80
C8 NAG FA . 40.12 8.46 -13.17
N2 NAG FA . 41.92 6.88 -13.10
O3 NAG FA . 45.39 6.32 -12.79
O4 NAG FA . 44.13 8.26 -15.57
O5 NAG FA . 44.10 4.89 -15.27
O6 NAG FA . 47.07 6.45 -16.68
O7 NAG FA . 41.74 8.26 -14.88
C1 NAG GA . 45.67 -15.28 -2.96
C2 NAG GA . 46.07 -16.60 -2.31
C3 NAG GA . 46.55 -17.59 -3.37
C4 NAG GA . 45.51 -17.74 -4.48
C5 NAG GA . 45.16 -16.37 -5.05
C6 NAG GA . 44.08 -16.43 -6.11
C7 NAG GA . 46.85 -16.37 0.01
C8 NAG GA . 48.03 -16.12 0.89
N2 NAG GA . 47.10 -16.39 -1.31
O3 NAG GA . 46.81 -18.86 -2.77
O4 NAG GA . 46.02 -18.57 -5.52
O5 NAG GA . 44.68 -15.52 -3.99
O6 NAG GA . 42.81 -16.06 -5.59
O7 NAG GA . 45.73 -16.56 0.46
C1 NAG HA . 41.19 -1.11 12.83
C2 NAG HA . 41.21 0.41 12.91
C3 NAG HA . 40.93 0.88 14.35
C4 NAG HA . 39.67 0.23 14.91
C5 NAG HA . 39.74 -1.29 14.74
C6 NAG HA . 38.46 -1.98 15.16
C7 NAG HA . 42.65 1.44 11.21
C8 NAG HA . 44.03 1.96 10.90
N2 NAG HA . 42.47 0.95 12.44
O3 NAG HA . 40.78 2.29 14.36
O4 NAG HA . 39.52 0.55 16.29
O5 NAG HA . 39.95 -1.61 13.36
O6 NAG HA . 38.08 -1.59 16.47
O7 NAG HA . 41.75 1.47 10.38
C1 NAG IA . 45.50 -5.66 28.95
C2 NAG IA . 46.71 -4.83 29.42
C3 NAG IA . 47.55 -4.39 28.23
C4 NAG IA . 47.88 -5.56 27.30
C5 NAG IA . 46.60 -6.26 26.92
C6 NAG IA . 46.82 -7.47 26.03
C7 NAG IA . 46.31 -3.57 31.52
C8 NAG IA . 46.88 -4.74 32.27
N2 NAG IA . 46.25 -3.68 30.18
O3 NAG IA . 48.76 -3.78 28.69
O4 NAG IA . 48.52 -5.08 26.13
O5 NAG IA . 45.93 -6.72 28.10
O6 NAG IA . 46.74 -8.67 26.79
O7 NAG IA . 45.92 -2.57 32.11
C1 NAG JA . 38.77 -43.40 32.42
C2 NAG JA . 38.08 -44.70 32.02
C3 NAG JA . 38.89 -45.43 30.95
C4 NAG JA . 39.22 -44.50 29.78
C5 NAG JA . 39.88 -43.24 30.32
C6 NAG JA . 40.18 -42.21 29.25
C7 NAG JA . 36.70 -45.73 33.78
C8 NAG JA . 36.71 -46.63 34.97
N2 NAG JA . 37.89 -45.55 33.18
O3 NAG JA . 38.17 -46.57 30.48
O4 NAG JA . 40.09 -45.16 28.87
O5 NAG JA . 39.00 -42.61 31.27
O6 NAG JA . 40.93 -41.12 29.77
O7 NAG JA . 35.69 -45.18 33.39
C1 NAG KA . 49.78 -44.95 41.99
C2 NAG KA . 50.27 -45.00 40.54
C3 NAG KA . 49.62 -46.16 39.78
C4 NAG KA . 49.80 -47.47 40.54
C5 NAG KA . 49.26 -47.31 41.96
C6 NAG KA . 49.46 -48.54 42.80
C7 NAG KA . 50.89 -42.72 39.81
C8 NAG KA . 50.45 -41.52 39.05
N2 NAG KA . 50.01 -43.73 39.85
O3 NAG KA . 50.23 -46.26 38.50
O4 NAG KA . 49.10 -48.51 39.87
O5 NAG KA . 49.96 -46.24 42.61
O6 NAG KA . 50.82 -48.93 42.81
O7 NAG KA . 51.99 -42.79 40.36
C1 NAG LA . -25.89 -32.66 -27.89
C2 NAG LA . -25.28 -31.47 -27.15
C3 NAG LA . -26.35 -30.40 -26.90
C4 NAG LA . -27.08 -30.03 -28.18
C5 NAG LA . -27.61 -31.28 -28.86
C6 NAG LA . -28.24 -31.01 -30.21
C7 NAG LA . -23.43 -32.38 -25.83
C8 NAG LA . -22.95 -32.76 -24.46
N2 NAG LA . -24.66 -31.88 -25.91
O3 NAG LA . -25.73 -29.26 -26.32
O4 NAG LA . -28.16 -29.16 -27.90
O5 NAG LA . -26.53 -32.21 -29.09
O6 NAG LA . -29.15 -29.93 -30.16
O7 NAG LA . -22.72 -32.51 -26.83
C1 NAG MA . -25.24 3.72 -58.30
C2 NAG MA . -25.23 2.23 -58.61
C3 NAG MA . -26.60 1.61 -58.30
C4 NAG MA . -27.04 1.95 -56.88
C5 NAG MA . -26.96 3.46 -56.63
C6 NAG MA . -27.23 3.83 -55.19
C7 NAG MA . -23.67 1.55 -60.41
C8 NAG MA . -22.63 1.31 -59.34
N2 NAG MA . -24.86 1.98 -60.00
O3 NAG MA . -26.53 0.21 -58.49
O4 NAG MA . -28.37 1.50 -56.67
O5 NAG MA . -25.64 3.93 -56.94
O6 NAG MA . -26.11 4.48 -54.62
O7 NAG MA . -23.42 1.36 -61.60
C1 NAG NA . -8.66 -7.21 -57.45
C2 NAG NA . -8.82 -5.96 -58.32
C3 NAG NA . -9.04 -6.35 -59.78
C4 NAG NA . -7.91 -7.26 -60.26
C5 NAG NA . -7.78 -8.47 -59.34
C6 NAG NA . -6.61 -9.35 -59.69
C7 NAG NA . -9.70 -4.04 -57.09
C8 NAG NA . -10.93 -3.28 -56.67
N2 NAG NA . -9.91 -5.12 -57.84
O3 NAG NA . -9.11 -5.18 -60.57
O4 NAG NA . -8.17 -7.69 -61.58
O5 NAG NA . -7.59 -8.03 -57.99
O6 NAG NA . -5.38 -8.63 -59.61
O7 NAG NA . -8.58 -3.67 -56.77
C1 NAG OA . -51.86 -2.42 -12.13
C2 NAG OA . -52.19 -3.79 -12.69
C3 NAG OA . -52.80 -4.68 -11.61
C4 NAG OA . -51.95 -4.68 -10.34
C5 NAG OA . -51.61 -3.25 -9.91
C6 NAG OA . -50.63 -3.20 -8.77
C7 NAG OA . -52.71 -3.31 -15.05
C8 NAG OA . -53.78 -3.24 -16.08
N2 NAG OA . -53.09 -3.68 -13.82
O3 NAG OA . -52.93 -6.01 -12.11
O4 NAG OA . -52.65 -5.33 -9.29
O5 NAG OA . -51.00 -2.55 -11.01
O6 NAG OA . -49.71 -2.12 -8.93
O7 NAG OA . -51.52 -3.06 -15.32
C1 NAG PA . -9.83 -37.50 -19.23
C2 NAG PA . -11.10 -38.35 -19.26
C3 NAG PA . -10.84 -39.75 -18.73
C4 NAG PA . -9.63 -40.39 -19.40
C5 NAG PA . -8.44 -39.45 -19.26
C6 NAG PA . -7.20 -39.98 -19.95
C7 NAG PA . -13.29 -37.20 -19.00
C8 NAG PA . -13.46 -37.33 -20.49
N2 NAG PA . -12.16 -37.71 -18.49
O3 NAG PA . -11.99 -40.57 -18.95
O4 NAG PA . -9.32 -41.62 -18.75
O5 NAG PA . -8.76 -38.21 -19.88
O6 NAG PA . -6.07 -39.15 -19.67
O7 NAG PA . -14.15 -36.68 -18.29
C1 NAG QA . -20.85 -40.08 -6.59
C2 NAG QA . -19.44 -40.64 -6.77
C3 NAG QA . -19.46 -42.03 -7.46
C4 NAG QA . -20.76 -42.33 -8.20
C5 NAG QA . -22.03 -41.94 -7.42
C6 NAG QA . -22.79 -43.14 -6.90
C7 NAG QA . -18.70 -39.18 -8.67
C8 NAG QA . -17.64 -38.22 -9.09
N2 NAG QA . -18.54 -39.70 -7.44
O3 NAG QA . -19.24 -43.03 -6.48
O4 NAG QA . -20.77 -41.68 -9.47
O5 NAG QA . -21.72 -41.13 -6.27
O6 NAG QA . -23.08 -44.04 -7.96
O7 NAG QA . -19.63 -39.48 -9.43
C1 NAG RA . -18.28 -41.22 17.17
C2 NAG RA . -18.26 -41.49 18.67
C3 NAG RA . -19.69 -41.61 19.20
C4 NAG RA . -20.52 -40.40 18.81
C5 NAG RA . -20.45 -40.19 17.30
C6 NAG RA . -21.19 -38.96 16.83
C7 NAG RA . -16.25 -42.68 19.44
C8 NAG RA . -15.62 -44.01 19.66
N2 NAG RA . -17.50 -42.69 18.96
O3 NAG RA . -19.67 -41.75 20.62
O4 NAG RA . -21.88 -40.57 19.20
O5 NAG RA . -19.08 -40.06 16.88
O6 NAG RA . -20.31 -37.86 16.58
O7 NAG RA . -15.66 -41.63 19.68
C1 NAG SA . 2.16 -41.94 9.95
C2 NAG SA . 2.79 -42.23 8.60
C3 NAG SA . 4.32 -42.29 8.70
C4 NAG SA . 4.86 -41.04 9.40
C5 NAG SA . 4.15 -40.82 10.73
C6 NAG SA . 4.55 -39.53 11.41
C7 NAG SA . 1.30 -43.53 7.13
C8 NAG SA . 0.91 -44.90 6.67
N2 NAG SA . 2.28 -43.47 8.04
O3 NAG SA . 4.88 -42.38 7.40
O4 NAG SA . 6.26 -41.18 9.63
O5 NAG SA . 2.73 -40.73 10.51
O6 NAG SA . 5.97 -39.44 11.52
O7 NAG SA . 0.76 -42.51 6.69
C1 NAG TA . 14.14 -48.02 20.84
C2 NAG TA . 14.61 -49.42 20.38
C3 NAG TA . 13.50 -50.12 19.59
C4 NAG TA . 12.17 -50.08 20.33
C5 NAG TA . 11.84 -48.64 20.71
C6 NAG TA . 10.55 -48.51 21.48
C7 NAG TA . 17.06 -49.60 20.02
C8 NAG TA . 17.17 -50.08 21.44
N2 NAG TA . 15.81 -49.30 19.58
O3 NAG TA . 13.87 -51.47 19.33
O4 NAG TA . 11.13 -50.59 19.49
O5 NAG TA . 12.88 -48.12 21.53
O6 NAG TA . 10.82 -48.35 22.87
O7 NAG TA . 18.03 -49.48 19.29
C1 NAG UA . 5.00 -35.57 56.10
C2 NAG UA . 4.32 -34.60 57.07
C3 NAG UA . 2.90 -35.09 57.40
C4 NAG UA . 2.12 -35.38 56.12
C5 NAG UA . 2.92 -36.33 55.23
C6 NAG UA . 2.26 -36.62 53.90
C7 NAG UA . 5.83 -33.39 58.57
C8 NAG UA . 6.58 -33.44 59.86
N2 NAG UA . 5.11 -34.47 58.29
O3 NAG UA . 2.22 -34.12 58.18
O4 NAG UA . 0.86 -35.97 56.44
O5 NAG UA . 4.19 -35.74 54.94
O6 NAG UA . 2.96 -37.63 53.18
O7 NAG UA . 5.90 -32.43 57.82
C1 NAG VA . 10.68 -47.59 62.32
C2 NAG VA . 9.24 -47.82 61.83
C3 NAG VA . 8.27 -46.86 62.54
C4 NAG VA . 8.44 -46.92 64.05
C5 NAG VA . 9.90 -46.67 64.41
C6 NAG VA . 10.18 -46.79 65.89
C7 NAG VA . 9.27 -48.68 59.53
C8 NAG VA . 9.12 -48.34 58.08
N2 NAG VA . 9.14 -47.66 60.39
O3 NAG VA . 6.94 -47.22 62.19
O4 NAG VA . 7.60 -45.96 64.68
O5 NAG VA . 10.73 -47.64 63.75
O6 NAG VA . 9.75 -48.05 66.37
O7 NAG VA . 9.50 -49.82 59.91
#